data_8YVY
#
_entry.id   8YVY
#
_cell.length_a   1.00
_cell.length_b   1.00
_cell.length_c   1.00
_cell.angle_alpha   90.00
_cell.angle_beta   90.00
_cell.angle_gamma   90.00
#
_symmetry.space_group_name_H-M   'P 1'
#
loop_
_entity.id
_entity.type
_entity.pdbx_description
1 polymer 'Spike glycoprotein E1'
2 polymer 'Spike glycoprotein E2'
3 polymer 'Spike glycoprotein E3'
4 polymer 'capsid protein'
5 branched beta-D-mannopyranose-(1-4)-2-acetamido-2-deoxy-beta-D-glucopyranose-(1-4)-2-acetamido-2-deoxy-beta-D-glucopyranose
#
loop_
_entity_poly.entity_id
_entity_poly.type
_entity_poly.pdbx_seq_one_letter_code
_entity_poly.pdbx_strand_id
1 'polypeptide(L)'
;YEHSTVMPNVVGFPYKAHIERPGYSPLTLQMQVVETSLEPTLNLEYITCEYKTVVPSPYVKCCGASECSTKEKPDYQCKV
YTGVYPFMWGGAYCFCDSENTQLSEAYVDRSDVCRHDHASAYKAHTASLKAKVRVMYGNVNQTVDVYVNGDHAVTIGGTQ
FIFGPLSSAWTPFDNKIVVYKDEVFNQDFPPYGSGQPGRFGDIQSRTVESNDLYANTALKLARPSPGMVHVPYTQTPSGF
KYWLKEKGTALNTKAPFGCQIKTNPVRAMNCAVGNIPVSMNLPDSAFTRIVEAPTIIDLTCTVATCTHSSDFGGVLTLTY
KTDKNGDCSVHSHSNVATLQEATAKVKTAGKVTLHFSTASASPSFVVSLCSARATCSASCEPPKDHIVPYAASHSNVVFP
DMSGTALSWVQKISGGLGAFAIGAILVLVVVTCIGLRR
;
A,F,G,H
2 'polypeptide(L)'
;HFNVYKATRPYIAYCADCGAGHSCHSPVAIEAVRSEATDGMLKIQFSAQIGIDKSDNHDYTKIRYADGHAIENAVRSSLK
VATSGDCFVHGTMGHFILAKCPPGEFLQVSIQDTRNAVRACRIQYHHDPQPVGREKFTIRPHYGKEIPCTTYQQTTAKTV
EEIDMHMPPDTPDRTLLSQQSGNVKITVGGKKVKYNCTCGTGNVGTTNSDMTINTCLIEQCHVSVTDHKKWQFNSPFVPR
ADEPARKGKVHIPFPLDNITCRVPMAREPTVIHGKREVTLHLHPDHPTLFSYRTLGEDPQYHEEWVTAAVERTIPVPVDG
MEYHWGNNDPVRLWSQLTTEGKPHGWPHQIVQYYYGLYPAATVSAVVGMSLLALISIFASCYMLVAARSKCLTPYALTPG
AAVPWTLGILCCAPRAHA
;
B,I,J,K
3 'polypeptide(L)' MCVLANATFPCFQPPCVPCCYENNAEATLRMLEDNVDRPGYYDLLQAALTCR C,L,M,N
4 'polypeptide(L)'
;KRERMCMKIENDCIFEVKHEGKVTGYACLVGDKVMKPAHVKGVIDNADLAKLAFKKSSKYDLECAQIPVHMRSDASKYTH
EKPEGHYNWHHGAVQYSGGRFTIPTGAGKPGDSGRPIFDNKGRVVAIVLGGANEGSRTALSVVTWNKDMVTRVTPEGSEE
W
;
D,O,P,Q
#
# COMPACT_ATOMS: atom_id res chain seq x y z
N TYR A 1 13.37 -18.42 53.06
CA TYR A 1 13.86 -19.30 52.00
C TYR A 1 13.59 -18.71 50.64
N GLU A 2 14.65 -18.30 49.95
CA GLU A 2 14.49 -17.61 48.68
C GLU A 2 14.43 -18.59 47.51
N HIS A 3 13.52 -18.31 46.58
CA HIS A 3 13.28 -19.15 45.42
C HIS A 3 13.08 -18.25 44.20
N SER A 4 13.35 -18.81 43.02
CA SER A 4 13.30 -18.01 41.80
C SER A 4 12.78 -18.87 40.66
N THR A 5 11.92 -18.28 39.83
CA THR A 5 11.37 -18.99 38.68
C THR A 5 10.94 -17.98 37.64
N VAL A 6 10.30 -18.47 36.57
CA VAL A 6 9.81 -17.63 35.48
C VAL A 6 8.37 -18.02 35.18
N MET A 7 7.60 -17.06 34.66
CA MET A 7 6.20 -17.20 34.30
C MET A 7 6.02 -16.84 32.83
N PRO A 8 5.13 -17.51 32.11
CA PRO A 8 4.70 -16.97 30.82
C PRO A 8 3.88 -15.72 31.04
N ASN A 9 4.04 -14.76 30.13
CA ASN A 9 3.25 -13.53 30.16
C ASN A 9 1.99 -13.69 29.32
N VAL A 10 1.13 -14.62 29.73
CA VAL A 10 -0.16 -14.83 29.08
C VAL A 10 -1.24 -14.78 30.15
N VAL A 11 -2.31 -14.05 29.87
CA VAL A 11 -3.35 -13.82 30.86
C VAL A 11 -4.22 -15.05 31.01
N GLY A 12 -4.45 -15.46 32.26
CA GLY A 12 -5.31 -16.57 32.54
C GLY A 12 -4.62 -17.92 32.61
N PHE A 13 -3.35 -17.99 32.31
CA PHE A 13 -2.62 -19.25 32.33
C PHE A 13 -2.36 -19.66 33.77
N PRO A 14 -2.69 -20.89 34.17
CA PRO A 14 -2.47 -21.34 35.56
C PRO A 14 -1.04 -21.80 35.83
N TYR A 15 -0.16 -20.88 36.19
CA TYR A 15 1.20 -21.29 36.46
C TYR A 15 1.28 -21.95 37.83
N LYS A 16 2.05 -23.04 37.92
CA LYS A 16 2.25 -23.74 39.18
C LYS A 16 3.75 -23.94 39.39
N ALA A 17 4.24 -23.51 40.55
CA ALA A 17 5.65 -23.59 40.92
C ALA A 17 5.83 -24.53 42.09
N HIS A 18 6.90 -25.31 42.06
CA HIS A 18 7.17 -26.33 43.06
C HIS A 18 8.40 -25.93 43.85
N ILE A 19 8.26 -25.79 45.16
CA ILE A 19 9.37 -25.48 46.06
C ILE A 19 9.63 -26.68 46.93
N GLU A 20 10.88 -27.13 46.95
CA GLU A 20 11.25 -28.39 47.60
C GLU A 20 12.40 -28.12 48.56
N ARG A 21 12.04 -27.76 49.79
CA ARG A 21 13.02 -27.48 50.83
C ARG A 21 13.57 -28.79 51.38
N PRO A 22 14.88 -28.89 51.64
CA PRO A 22 15.43 -30.16 52.13
C PRO A 22 14.84 -30.66 53.44
N GLY A 23 14.51 -29.78 54.38
CA GLY A 23 14.00 -30.30 55.63
C GLY A 23 12.49 -30.39 55.75
N TYR A 24 11.76 -30.16 54.67
CA TYR A 24 10.31 -29.99 54.73
C TYR A 24 9.64 -30.73 53.58
N SER A 25 8.31 -30.82 53.66
CA SER A 25 7.51 -31.36 52.59
C SER A 25 7.33 -30.33 51.47
N PRO A 26 7.22 -30.76 50.22
CA PRO A 26 7.16 -29.81 49.11
C PRO A 26 5.93 -28.93 49.11
N LEU A 27 6.09 -27.74 48.54
CA LEU A 27 5.07 -26.71 48.42
C LEU A 27 4.76 -26.45 46.96
N THR A 28 3.53 -26.05 46.67
CA THR A 28 3.10 -25.70 45.33
C THR A 28 2.35 -24.37 45.36
N LEU A 29 2.91 -23.36 44.71
CA LEU A 29 2.25 -22.08 44.51
C LEU A 29 1.57 -22.02 43.15
N GLN A 30 0.41 -21.36 43.12
CA GLN A 30 -0.29 -21.08 41.88
C GLN A 30 -0.27 -19.58 41.66
N MET A 31 0.17 -19.17 40.48
CA MET A 31 0.18 -17.77 40.10
C MET A 31 -0.52 -17.61 38.77
N GLN A 32 -1.39 -16.61 38.67
CA GLN A 32 -1.92 -16.20 37.37
C GLN A 32 -1.75 -14.71 37.17
N VAL A 33 -1.71 -14.30 35.91
CA VAL A 33 -1.74 -12.90 35.53
C VAL A 33 -3.21 -12.59 35.24
N VAL A 34 -3.80 -11.68 36.00
CA VAL A 34 -5.19 -11.32 35.77
C VAL A 34 -5.29 -10.24 34.71
N GLU A 35 -4.30 -9.36 34.64
CA GLU A 35 -4.37 -8.16 33.80
C GLU A 35 -2.97 -7.57 33.65
N THR A 36 -2.72 -6.90 32.52
CA THR A 36 -1.49 -6.14 32.30
C THR A 36 -1.82 -4.82 31.61
N SER A 37 -0.87 -3.89 31.62
CA SER A 37 -1.02 -2.65 30.85
C SER A 37 0.36 -2.11 30.56
N LEU A 38 0.66 -1.92 29.27
CA LEU A 38 1.96 -1.42 28.83
C LEU A 38 1.83 0.06 28.51
N GLU A 39 2.52 0.90 29.28
CA GLU A 39 2.34 2.34 29.33
C GLU A 39 3.52 3.06 28.66
N PRO A 40 3.34 3.76 27.54
CA PRO A 40 4.44 4.53 26.97
C PRO A 40 4.62 5.85 27.69
N THR A 41 5.77 6.47 27.48
CA THR A 41 6.06 7.80 27.99
C THR A 41 5.92 8.79 26.85
N LEU A 42 5.14 9.84 27.06
CA LEU A 42 4.70 10.71 25.98
C LEU A 42 5.23 12.13 26.17
N ASN A 43 5.63 12.76 25.07
CA ASN A 43 5.95 14.18 25.04
C ASN A 43 5.02 14.86 24.06
N LEU A 44 4.18 15.77 24.56
CA LEU A 44 3.25 16.47 23.67
C LEU A 44 4.02 17.35 22.71
N GLU A 45 3.74 17.20 21.42
CA GLU A 45 4.33 18.05 20.40
C GLU A 45 3.41 19.20 20.03
N TYR A 46 2.16 18.93 19.68
CA TYR A 46 1.18 20.00 19.52
C TYR A 46 -0.23 19.44 19.41
N ILE A 47 -1.17 20.36 19.22
CA ILE A 47 -2.61 20.14 19.20
C ILE A 47 -3.14 20.64 17.87
N THR A 48 -4.03 19.89 17.23
CA THR A 48 -4.61 20.28 15.97
C THR A 48 -6.12 20.30 16.12
N CYS A 49 -6.77 21.23 15.41
CA CYS A 49 -8.21 21.29 15.37
C CYS A 49 -8.67 22.08 14.16
N GLU A 50 -9.97 22.09 13.94
CA GLU A 50 -10.55 22.87 12.85
C GLU A 50 -10.36 24.36 13.12
N TYR A 51 -10.17 25.14 12.07
CA TYR A 51 -9.94 26.55 12.31
C TYR A 51 -11.24 27.34 12.19
N LYS A 52 -11.09 28.66 12.20
CA LYS A 52 -12.21 29.56 12.02
C LYS A 52 -11.70 30.84 11.39
N THR A 53 -12.20 31.17 10.21
CA THR A 53 -11.80 32.39 9.53
C THR A 53 -12.66 33.55 10.01
N VAL A 54 -12.01 34.60 10.51
CA VAL A 54 -12.69 35.79 10.97
C VAL A 54 -12.51 36.90 9.95
N VAL A 55 -13.62 37.50 9.56
CA VAL A 55 -13.68 38.51 8.52
C VAL A 55 -14.51 39.68 9.05
N PRO A 56 -13.87 40.78 9.43
CA PRO A 56 -14.63 41.94 9.90
C PRO A 56 -15.39 42.60 8.76
N SER A 57 -16.26 43.54 9.12
CA SER A 57 -16.96 44.31 8.11
C SER A 57 -15.97 45.19 7.35
N PRO A 58 -16.18 45.41 6.05
CA PRO A 58 -15.24 46.21 5.29
C PRO A 58 -15.35 47.68 5.64
N TYR A 59 -14.29 48.42 5.32
CA TYR A 59 -14.23 49.86 5.54
C TYR A 59 -14.25 50.53 4.17
N VAL A 60 -15.22 51.42 3.97
CA VAL A 60 -15.33 52.16 2.71
C VAL A 60 -15.14 53.64 3.00
N LYS A 61 -14.20 54.28 2.29
CA LYS A 61 -13.98 55.72 2.38
C LYS A 61 -14.49 56.38 1.12
N CYS A 62 -15.30 57.42 1.27
CA CYS A 62 -15.83 58.20 0.16
C CYS A 62 -14.94 59.43 -0.07
N CYS A 63 -14.45 59.61 -1.30
CA CYS A 63 -13.34 60.52 -1.56
C CYS A 63 -12.26 60.43 -0.50
N GLY A 64 -11.62 59.28 -0.44
CA GLY A 64 -10.43 59.15 0.36
C GLY A 64 -9.66 57.93 -0.08
N ALA A 65 -8.50 57.72 0.52
CA ALA A 65 -7.80 56.47 0.31
C ALA A 65 -7.48 55.91 1.67
N SER A 66 -7.58 54.59 1.79
CA SER A 66 -7.24 53.92 3.02
C SER A 66 -5.89 53.26 2.82
N GLU A 67 -5.01 53.46 3.79
CA GLU A 67 -3.66 52.94 3.72
C GLU A 67 -3.58 51.64 4.50
N CYS A 68 -3.09 50.61 3.82
CA CYS A 68 -3.06 49.27 4.40
C CYS A 68 -2.17 49.23 5.64
N SER A 69 -2.70 48.68 6.72
CA SER A 69 -1.99 48.59 7.98
C SER A 69 -1.72 47.13 8.29
N THR A 70 -0.45 46.81 8.52
CA THR A 70 -0.08 45.44 8.87
C THR A 70 -0.24 45.21 10.36
N LYS A 71 -0.47 43.95 10.73
CA LYS A 71 -0.54 43.58 12.13
C LYS A 71 -0.24 42.10 12.30
N GLU A 72 -0.01 41.71 13.55
CA GLU A 72 0.46 40.36 13.89
C GLU A 72 -0.73 39.50 14.29
N LYS A 73 -1.31 38.85 13.30
CA LYS A 73 -2.38 37.88 13.45
C LYS A 73 -1.96 36.62 12.70
N PRO A 74 -2.49 35.45 13.08
CA PRO A 74 -2.15 34.24 12.32
C PRO A 74 -2.74 34.28 10.92
N ASP A 75 -1.86 34.21 9.93
CA ASP A 75 -2.25 34.14 8.51
C ASP A 75 -3.08 35.34 8.10
N TYR A 76 -2.65 36.53 8.52
CA TYR A 76 -3.36 37.78 8.30
C TYR A 76 -3.28 38.21 6.85
N GLN A 77 -4.36 38.81 6.35
CA GLN A 77 -4.44 39.27 4.97
C GLN A 77 -5.18 40.60 4.92
N CYS A 78 -4.64 41.55 4.15
CA CYS A 78 -5.26 42.86 3.99
C CYS A 78 -4.96 43.42 2.60
N LYS A 79 -5.96 44.05 1.99
CA LYS A 79 -5.83 44.71 0.70
C LYS A 79 -6.70 45.95 0.67
N VAL A 80 -6.41 46.84 -0.28
CA VAL A 80 -7.22 48.02 -0.52
C VAL A 80 -7.54 48.07 -2.01
N TYR A 81 -8.82 48.23 -2.34
CA TYR A 81 -9.31 48.26 -3.71
C TYR A 81 -9.91 49.62 -4.00
N THR A 82 -9.73 50.06 -5.24
CA THR A 82 -9.97 51.43 -5.65
C THR A 82 -11.10 51.50 -6.66
N GLY A 83 -11.96 52.50 -6.52
CA GLY A 83 -13.01 52.72 -7.48
C GLY A 83 -14.32 52.05 -7.18
N VAL A 84 -14.61 51.74 -5.93
CA VAL A 84 -15.82 51.01 -5.58
C VAL A 84 -16.99 51.98 -5.56
N TYR A 85 -18.17 51.49 -5.92
CA TYR A 85 -19.41 52.27 -5.83
C TYR A 85 -20.51 51.41 -5.22
N PRO A 86 -20.42 51.10 -3.93
CA PRO A 86 -21.36 50.17 -3.33
C PRO A 86 -22.77 50.75 -3.27
N PHE A 87 -23.75 49.83 -3.27
CA PHE A 87 -25.15 50.17 -3.06
C PHE A 87 -25.65 49.46 -1.81
N MET A 88 -26.55 50.12 -1.09
CA MET A 88 -27.25 49.52 0.04
C MET A 88 -28.74 49.55 -0.26
N TRP A 89 -29.56 49.09 0.68
CA TRP A 89 -30.98 48.91 0.36
C TRP A 89 -31.65 50.23 0.03
N GLY A 90 -31.30 51.30 0.75
CA GLY A 90 -31.92 52.60 0.49
C GLY A 90 -31.39 53.32 -0.72
N GLY A 91 -30.22 52.93 -1.21
CA GLY A 91 -29.62 53.60 -2.34
C GLY A 91 -28.12 53.41 -2.31
N ALA A 92 -27.42 54.26 -3.05
CA ALA A 92 -25.97 54.21 -3.13
C ALA A 92 -25.41 55.42 -2.42
N TYR A 93 -24.55 55.19 -1.42
CA TYR A 93 -23.89 56.31 -0.78
C TYR A 93 -22.55 56.56 -1.49
N CYS A 94 -21.70 57.38 -0.90
CA CYS A 94 -20.51 57.88 -1.59
C CYS A 94 -20.90 58.68 -2.83
N PHE A 95 -21.48 59.86 -2.60
CA PHE A 95 -21.62 60.88 -3.64
C PHE A 95 -20.47 60.82 -4.63
N CYS A 96 -19.28 60.71 -4.06
CA CYS A 96 -18.04 60.74 -4.80
C CYS A 96 -18.09 59.66 -5.88
N ASP A 97 -17.91 60.07 -7.14
CA ASP A 97 -18.31 59.19 -8.23
C ASP A 97 -17.40 57.98 -8.37
N SER A 98 -16.09 58.18 -8.31
CA SER A 98 -15.20 57.03 -8.50
C SER A 98 -14.05 56.98 -7.50
N GLU A 99 -13.61 58.13 -7.02
CA GLU A 99 -12.36 58.23 -6.27
C GLU A 99 -12.60 57.93 -4.79
N ASN A 100 -12.89 56.67 -4.51
CA ASN A 100 -13.14 56.20 -3.16
C ASN A 100 -12.84 54.71 -3.06
N THR A 101 -12.51 54.23 -1.86
CA THR A 101 -11.87 52.91 -1.74
C THR A 101 -12.51 52.02 -0.69
N GLN A 102 -12.17 50.74 -0.74
CA GLN A 102 -12.58 49.73 0.23
C GLN A 102 -11.38 48.97 0.76
N LEU A 103 -11.40 48.66 2.05
CA LEU A 103 -10.30 47.99 2.72
C LEU A 103 -10.78 46.63 3.21
N SER A 104 -10.16 45.57 2.70
CA SER A 104 -10.56 44.20 2.99
C SER A 104 -9.52 43.54 3.89
N GLU A 105 -10.01 42.74 4.84
CA GLU A 105 -9.19 42.23 5.92
C GLU A 105 -9.71 40.88 6.35
N ALA A 106 -8.81 39.96 6.72
CA ALA A 106 -9.25 38.64 7.17
C ALA A 106 -8.10 37.95 7.89
N TYR A 107 -8.44 37.04 8.79
CA TYR A 107 -7.40 36.22 9.40
C TYR A 107 -8.01 34.93 9.96
N VAL A 108 -7.15 34.11 10.56
CA VAL A 108 -7.50 32.77 11.00
C VAL A 108 -7.47 32.74 12.52
N ASP A 109 -8.22 31.81 13.09
CA ASP A 109 -8.23 31.65 14.54
C ASP A 109 -8.53 30.20 14.88
N ARG A 110 -8.15 29.81 16.09
CA ARG A 110 -8.52 28.51 16.61
C ARG A 110 -10.02 28.46 16.87
N SER A 111 -10.64 27.33 16.54
CA SER A 111 -12.11 27.28 16.57
C SER A 111 -12.63 27.30 18.00
N ASP A 112 -13.91 27.62 18.12
CA ASP A 112 -14.53 27.84 19.43
C ASP A 112 -14.52 26.60 20.30
N VAL A 113 -14.59 25.41 19.70
CA VAL A 113 -14.65 24.18 20.46
C VAL A 113 -13.35 23.38 20.33
N CYS A 114 -12.23 24.04 20.09
CA CYS A 114 -10.96 23.33 20.00
C CYS A 114 -10.57 22.72 21.33
N ARG A 115 -11.07 23.26 22.43
CA ARG A 115 -10.88 22.69 23.76
C ARG A 115 -11.53 21.32 23.90
N HIS A 116 -12.56 21.03 23.10
CA HIS A 116 -13.35 19.82 23.22
C HIS A 116 -13.11 18.80 22.13
N ASP A 117 -12.63 19.22 20.95
CA ASP A 117 -12.50 18.32 19.81
C ASP A 117 -11.19 18.67 19.11
N HIS A 118 -10.14 17.94 19.45
CA HIS A 118 -8.82 18.19 18.88
C HIS A 118 -8.07 16.87 18.83
N ALA A 119 -6.94 16.88 18.15
CA ALA A 119 -6.07 15.70 18.06
C ALA A 119 -4.69 16.07 18.59
N SER A 120 -4.06 15.15 19.30
CA SER A 120 -2.78 15.42 19.93
C SER A 120 -1.68 14.64 19.26
N ALA A 121 -0.56 15.30 18.97
CA ALA A 121 0.59 14.66 18.34
C ALA A 121 1.67 14.44 19.38
N TYR A 122 2.01 13.18 19.63
CA TYR A 122 2.90 12.76 20.71
C TYR A 122 4.14 12.08 20.16
N LYS A 123 5.19 12.08 20.98
CA LYS A 123 6.36 11.23 20.79
C LYS A 123 6.39 10.22 21.92
N ALA A 124 6.45 8.94 21.58
CA ALA A 124 6.31 7.86 22.54
C ALA A 124 7.60 7.08 22.66
N HIS A 125 8.00 6.77 23.89
CA HIS A 125 9.21 6.00 24.12
C HIS A 125 9.20 5.39 25.51
N THR A 126 9.99 4.32 25.69
CA THR A 126 10.34 3.76 26.99
C THR A 126 9.09 3.39 27.80
N ALA A 127 8.42 2.35 27.32
CA ALA A 127 7.22 1.85 27.96
C ALA A 127 7.54 1.12 29.26
N SER A 128 6.54 1.09 30.16
CA SER A 128 6.65 0.42 31.45
C SER A 128 5.46 -0.51 31.63
N LEU A 129 5.72 -1.71 32.14
CA LEU A 129 4.71 -2.75 32.28
C LEU A 129 4.21 -2.79 33.72
N LYS A 130 2.92 -3.00 33.89
CA LYS A 130 2.28 -3.09 35.19
C LYS A 130 1.23 -4.18 35.14
N ALA A 131 1.04 -4.92 36.23
CA ALA A 131 0.23 -6.13 36.20
C ALA A 131 -0.58 -6.29 37.48
N LYS A 132 -1.58 -7.16 37.41
CA LYS A 132 -2.30 -7.67 38.57
C LYS A 132 -2.06 -9.17 38.61
N VAL A 133 -1.54 -9.67 39.72
CA VAL A 133 -1.18 -11.08 39.80
C VAL A 133 -1.92 -11.71 40.97
N ARG A 134 -2.53 -12.87 40.71
CA ARG A 134 -3.25 -13.62 41.73
C ARG A 134 -2.36 -14.76 42.21
N VAL A 135 -2.04 -14.73 43.50
CA VAL A 135 -1.09 -15.66 44.12
C VAL A 135 -1.85 -16.49 45.14
N MET A 136 -1.66 -17.81 45.10
CA MET A 136 -2.36 -18.68 46.00
C MET A 136 -1.54 -19.90 46.39
N TYR A 137 -1.49 -20.15 47.68
CA TYR A 137 -0.78 -21.27 48.27
C TYR A 137 -1.23 -21.36 49.73
N GLY A 138 -1.37 -22.59 50.21
CA GLY A 138 -1.94 -22.82 51.52
C GLY A 138 -3.42 -22.47 51.57
N ASN A 139 -3.76 -21.38 52.24
CA ASN A 139 -5.16 -21.04 52.48
C ASN A 139 -5.52 -19.59 52.18
N VAL A 140 -4.87 -18.96 51.20
CA VAL A 140 -5.20 -17.59 50.83
C VAL A 140 -5.30 -17.49 49.31
N ASN A 141 -6.28 -16.73 48.82
CA ASN A 141 -5.93 -16.00 47.63
C ASN A 141 -5.56 -14.58 48.06
N GLN A 142 -5.09 -13.77 47.10
CA GLN A 142 -5.06 -12.31 46.96
C GLN A 142 -4.67 -11.94 45.54
N THR A 143 -5.02 -10.73 45.10
CA THR A 143 -4.46 -10.21 43.85
C THR A 143 -3.75 -8.91 44.19
N VAL A 144 -2.53 -8.77 43.68
CA VAL A 144 -1.70 -7.61 43.98
C VAL A 144 -1.37 -6.85 42.70
N ASP A 145 -1.32 -5.53 42.85
CA ASP A 145 -0.88 -4.61 41.80
C ASP A 145 0.62 -4.51 41.88
N VAL A 146 1.30 -4.81 40.77
CA VAL A 146 2.76 -4.88 40.73
C VAL A 146 3.25 -4.04 39.56
N TYR A 147 4.30 -3.26 39.78
CA TYR A 147 5.12 -2.82 38.67
C TYR A 147 6.08 -3.91 38.26
N VAL A 148 6.02 -4.34 37.00
CA VAL A 148 6.82 -5.47 36.53
C VAL A 148 8.15 -4.87 36.07
N ASN A 149 9.01 -4.62 37.04
CA ASN A 149 10.43 -4.31 36.87
C ASN A 149 11.10 -4.79 38.14
N GLY A 150 12.42 -4.79 38.15
CA GLY A 150 13.11 -5.36 39.29
C GLY A 150 13.12 -4.47 40.53
N ASP A 151 12.21 -3.51 40.61
CA ASP A 151 12.26 -2.47 41.61
C ASP A 151 10.88 -2.26 42.26
N HIS A 152 10.23 -3.35 42.66
CA HIS A 152 8.98 -3.24 43.41
C HIS A 152 8.78 -4.54 44.15
N ALA A 153 8.91 -4.50 45.48
CA ALA A 153 8.73 -5.66 46.32
C ALA A 153 7.39 -5.57 47.03
N VAL A 154 6.58 -6.60 46.91
CA VAL A 154 5.23 -6.59 47.45
C VAL A 154 5.02 -7.84 48.30
N THR A 155 4.41 -7.67 49.47
CA THR A 155 4.28 -8.74 50.45
C THR A 155 2.86 -9.29 50.48
N ILE A 156 2.76 -10.62 50.32
CA ILE A 156 1.51 -11.36 50.37
C ILE A 156 1.67 -12.38 51.49
N GLY A 157 0.89 -12.21 52.56
CA GLY A 157 0.88 -13.19 53.64
C GLY A 157 2.22 -13.48 54.26
N GLY A 158 3.11 -12.50 54.29
CA GLY A 158 4.43 -12.68 54.85
C GLY A 158 5.51 -13.08 53.86
N THR A 159 5.15 -13.36 52.62
CA THR A 159 6.12 -13.71 51.58
C THR A 159 6.24 -12.53 50.63
N GLN A 160 7.46 -12.08 50.37
CA GLN A 160 7.63 -10.87 49.56
C GLN A 160 8.15 -11.25 48.18
N PHE A 161 7.56 -10.66 47.15
CA PHE A 161 7.76 -11.02 45.75
C PHE A 161 8.34 -9.82 45.02
N ILE A 162 9.25 -10.09 44.08
CA ILE A 162 9.70 -9.12 43.08
C ILE A 162 9.49 -9.74 41.71
N PHE A 163 8.68 -9.09 40.87
CA PHE A 163 8.37 -9.60 39.54
C PHE A 163 9.31 -8.94 38.54
N GLY A 164 10.23 -9.71 37.99
CA GLY A 164 11.37 -9.18 37.28
C GLY A 164 11.01 -8.55 35.96
N PRO A 165 11.98 -7.89 35.34
CA PRO A 165 11.71 -7.19 34.08
C PRO A 165 11.34 -8.17 32.97
N LEU A 166 10.43 -7.74 32.11
CA LEU A 166 9.99 -8.60 31.02
C LEU A 166 11.15 -8.93 30.10
N SER A 167 11.13 -10.15 29.55
CA SER A 167 12.27 -10.61 28.76
C SER A 167 12.42 -9.81 27.48
N SER A 168 11.31 -9.43 26.86
CA SER A 168 11.34 -8.71 25.59
C SER A 168 11.18 -7.21 25.82
N ALA A 169 11.63 -6.43 24.84
CA ALA A 169 11.51 -4.98 24.88
C ALA A 169 10.64 -4.52 23.72
N TRP A 170 9.58 -5.26 23.45
CA TRP A 170 8.70 -5.02 22.32
C TRP A 170 7.57 -4.08 22.74
N THR A 171 7.30 -3.07 21.92
CA THR A 171 6.19 -2.16 22.14
C THR A 171 5.41 -1.98 20.84
N PRO A 172 4.10 -1.78 20.90
CA PRO A 172 3.31 -1.61 19.67
C PRO A 172 3.27 -0.19 19.14
N PHE A 173 3.95 0.74 19.79
CA PHE A 173 3.91 2.16 19.48
C PHE A 173 5.18 2.57 18.74
N ASP A 174 5.03 3.35 17.69
CA ASP A 174 6.20 3.89 16.99
C ASP A 174 6.73 5.10 17.75
N ASN A 175 7.70 5.79 17.15
CA ASN A 175 8.22 7.00 17.77
C ASN A 175 7.17 8.10 17.82
N LYS A 176 6.34 8.20 16.79
CA LYS A 176 5.38 9.28 16.64
C LYS A 176 3.97 8.71 16.65
N ILE A 177 3.09 9.34 17.42
CA ILE A 177 1.75 8.85 17.70
C ILE A 177 0.78 10.01 17.51
N VAL A 178 -0.41 9.72 17.01
CA VAL A 178 -1.48 10.70 17.03
C VAL A 178 -2.66 10.10 17.78
N VAL A 179 -3.13 10.81 18.80
CA VAL A 179 -4.21 10.34 19.65
C VAL A 179 -5.43 11.20 19.37
N TYR A 180 -6.55 10.56 19.03
CA TYR A 180 -7.81 11.27 18.82
C TYR A 180 -8.88 10.55 19.61
N LYS A 181 -9.40 11.22 20.64
CA LYS A 181 -10.47 10.68 21.46
C LYS A 181 -10.09 9.34 22.04
N ASP A 182 -10.53 8.25 21.41
CA ASP A 182 -10.25 6.93 21.97
C ASP A 182 -9.51 6.05 20.98
N GLU A 183 -8.76 6.65 20.05
CA GLU A 183 -7.99 5.90 19.06
C GLU A 183 -6.58 6.44 18.96
N VAL A 184 -5.67 5.55 18.57
CA VAL A 184 -4.25 5.83 18.43
C VAL A 184 -3.84 5.46 17.02
N PHE A 185 -3.06 6.32 16.37
CA PHE A 185 -2.57 6.10 15.01
C PHE A 185 -1.06 6.23 14.99
N ASN A 186 -0.40 5.28 14.33
CA ASN A 186 1.05 5.33 14.10
C ASN A 186 1.29 6.18 12.86
N GLN A 187 1.66 7.44 13.07
CA GLN A 187 1.68 8.43 12.01
C GLN A 187 2.80 9.42 12.20
N ASP A 188 3.46 9.79 11.10
CA ASP A 188 4.45 10.87 11.09
C ASP A 188 3.75 12.18 10.77
N PHE A 189 3.79 13.09 11.70
CA PHE A 189 3.22 14.42 11.52
C PHE A 189 4.29 15.42 11.12
N PRO A 190 3.91 16.54 10.50
CA PRO A 190 4.90 17.51 10.10
C PRO A 190 5.52 18.21 11.30
N PRO A 191 6.71 18.76 11.16
CA PRO A 191 7.31 19.51 12.26
C PRO A 191 6.48 20.72 12.64
N TYR A 192 6.55 21.10 13.92
CA TYR A 192 5.89 22.34 14.33
C TYR A 192 6.47 23.52 13.59
N GLY A 193 5.59 24.40 13.12
CA GLY A 193 6.00 25.52 12.30
C GLY A 193 6.21 25.20 10.85
N SER A 194 5.85 24.00 10.41
CA SER A 194 6.06 23.58 9.03
C SER A 194 4.88 22.75 8.54
N GLY A 195 3.66 23.15 8.90
CA GLY A 195 2.47 22.46 8.44
C GLY A 195 1.97 23.04 7.14
N GLN A 196 1.34 22.20 6.34
CA GLN A 196 0.95 22.51 4.98
C GLN A 196 -0.55 22.65 4.87
N PRO A 197 -1.05 23.45 3.93
CA PRO A 197 -2.49 23.70 3.85
C PRO A 197 -3.25 22.49 3.34
N GLY A 198 -4.44 22.27 3.89
CA GLY A 198 -5.31 21.23 3.44
C GLY A 198 -5.04 19.85 3.99
N ARG A 199 -4.03 19.69 4.86
CA ARG A 199 -3.60 18.40 5.38
C ARG A 199 -3.57 18.46 6.89
N PHE A 200 -3.28 17.33 7.52
CA PHE A 200 -3.20 17.30 8.98
C PHE A 200 -2.13 18.25 9.47
N GLY A 201 -2.51 19.15 10.38
CA GLY A 201 -1.57 20.11 10.89
C GLY A 201 -1.44 21.37 10.07
N ASP A 202 -2.48 21.80 9.37
CA ASP A 202 -2.41 23.10 8.71
C ASP A 202 -2.35 24.23 9.73
N ILE A 203 -3.05 24.08 10.84
CA ILE A 203 -2.86 24.97 11.99
C ILE A 203 -2.35 24.14 13.15
N GLN A 204 -1.37 24.67 13.85
CA GLN A 204 -0.71 23.97 14.96
C GLN A 204 -0.67 24.89 16.17
N SER A 205 -0.91 24.31 17.32
CA SER A 205 -0.84 25.03 18.59
C SER A 205 -0.11 24.16 19.58
N ARG A 206 0.79 24.76 20.36
CA ARG A 206 1.67 23.95 21.20
C ARG A 206 0.92 23.31 22.36
N THR A 207 -0.19 23.90 22.78
CA THR A 207 -1.01 23.35 23.84
C THR A 207 -2.41 23.94 23.69
N VAL A 208 -3.40 23.32 24.33
CA VAL A 208 -4.77 23.81 24.22
C VAL A 208 -4.86 25.27 24.67
N GLU A 209 -4.17 25.63 25.75
CA GLU A 209 -4.23 26.99 26.29
C GLU A 209 -3.25 27.94 25.64
N SER A 210 -2.36 27.46 24.77
CA SER A 210 -1.26 28.28 24.29
C SER A 210 -1.78 29.47 23.50
N ASN A 211 -1.17 30.63 23.74
CA ASN A 211 -1.61 31.86 23.10
C ASN A 211 -1.19 31.97 21.64
N ASP A 212 -0.04 31.39 21.30
CA ASP A 212 0.43 31.47 19.92
C ASP A 212 -0.14 30.35 19.05
N LEU A 213 -0.30 30.63 17.77
CA LEU A 213 -0.89 29.70 16.81
C LEU A 213 -0.17 29.84 15.48
N TYR A 214 0.13 28.71 14.85
CA TYR A 214 0.68 28.65 13.51
C TYR A 214 -0.45 28.29 12.56
N ALA A 215 -0.63 29.08 11.52
CA ALA A 215 -1.69 28.83 10.55
C ALA A 215 -1.15 28.99 9.14
N ASN A 216 -1.32 27.96 8.33
CA ASN A 216 -0.91 28.00 6.92
C ASN A 216 -2.06 27.38 6.12
N THR A 217 -3.02 28.22 5.72
CA THR A 217 -4.26 27.76 5.11
C THR A 217 -4.50 28.36 3.73
N ALA A 218 -3.56 29.13 3.22
CA ALA A 218 -3.64 29.71 1.87
C ALA A 218 -4.85 30.62 1.71
N LEU A 219 -5.00 31.57 2.61
CA LEU A 219 -6.11 32.51 2.53
C LEU A 219 -5.77 33.65 1.59
N LYS A 220 -6.69 33.99 0.69
CA LYS A 220 -6.48 35.04 -0.29
C LYS A 220 -7.73 35.90 -0.37
N LEU A 221 -7.57 37.14 -0.77
CA LEU A 221 -8.68 38.04 -0.95
C LEU A 221 -8.88 38.36 -2.44
N ALA A 222 -10.06 38.86 -2.77
CA ALA A 222 -10.40 39.21 -4.15
C ALA A 222 -11.17 40.52 -4.17
N ARG A 223 -11.24 41.15 -5.33
CA ARG A 223 -11.98 42.42 -5.42
C ARG A 223 -13.46 42.18 -5.24
N PRO A 224 -14.18 43.10 -4.61
CA PRO A 224 -15.64 43.00 -4.61
C PRO A 224 -16.22 43.21 -6.00
N SER A 225 -17.35 42.57 -6.25
CA SER A 225 -18.07 42.80 -7.50
C SER A 225 -18.65 44.21 -7.52
N PRO A 226 -18.81 44.81 -8.70
CA PRO A 226 -19.25 46.20 -8.76
C PRO A 226 -20.62 46.43 -8.14
N GLY A 227 -20.76 47.57 -7.47
CA GLY A 227 -22.01 47.90 -6.82
C GLY A 227 -22.41 46.98 -5.70
N MET A 228 -21.48 46.64 -4.82
CA MET A 228 -21.69 45.56 -3.87
C MET A 228 -20.65 45.64 -2.76
N VAL A 229 -21.01 45.11 -1.59
CA VAL A 229 -20.19 45.21 -0.37
C VAL A 229 -20.18 43.83 0.31
N HIS A 230 -19.12 43.05 0.07
CA HIS A 230 -19.18 41.68 0.57
C HIS A 230 -17.88 40.97 0.92
N VAL A 231 -16.71 41.54 0.68
CA VAL A 231 -15.43 40.94 1.09
C VAL A 231 -15.30 39.49 0.62
N PRO A 232 -15.00 39.24 -0.65
CA PRO A 232 -14.78 37.87 -1.11
C PRO A 232 -13.45 37.30 -0.62
N TYR A 233 -13.36 35.98 -0.60
CA TYR A 233 -12.10 35.32 -0.34
C TYR A 233 -12.19 33.86 -0.74
N THR A 234 -11.02 33.26 -1.00
CA THR A 234 -10.88 31.85 -1.29
C THR A 234 -9.80 31.29 -0.38
N GLN A 235 -10.01 30.08 0.12
CA GLN A 235 -9.19 29.63 1.23
C GLN A 235 -9.35 28.14 1.41
N THR A 236 -8.25 27.43 1.46
CA THR A 236 -8.27 25.96 1.37
C THR A 236 -8.97 25.35 2.58
N PRO A 237 -9.88 24.39 2.38
CA PRO A 237 -10.64 23.86 3.50
C PRO A 237 -9.75 23.14 4.50
N SER A 238 -10.35 22.85 5.66
CA SER A 238 -9.60 22.47 6.83
C SER A 238 -8.89 21.15 6.63
N GLY A 239 -7.77 20.97 7.33
CA GLY A 239 -7.05 19.72 7.24
C GLY A 239 -7.37 18.76 8.35
N PHE A 240 -7.90 19.25 9.46
CA PHE A 240 -8.41 18.36 10.49
C PHE A 240 -9.66 17.65 10.01
N LYS A 241 -10.59 18.40 9.42
CA LYS A 241 -11.74 17.78 8.75
C LYS A 241 -11.31 16.83 7.65
N TYR A 242 -10.32 17.19 6.85
CA TYR A 242 -9.88 16.30 5.79
C TYR A 242 -9.30 15.02 6.37
N TRP A 243 -8.47 15.13 7.41
CA TRP A 243 -7.89 13.98 8.07
C TRP A 243 -8.96 13.09 8.70
N LEU A 244 -10.03 13.68 9.22
CA LEU A 244 -11.03 12.90 9.94
C LEU A 244 -11.63 11.81 9.07
N LYS A 245 -11.83 12.10 7.79
CA LYS A 245 -12.40 11.11 6.89
C LYS A 245 -11.36 10.39 6.04
N GLU A 246 -10.08 10.58 6.29
CA GLU A 246 -9.04 9.99 5.46
C GLU A 246 -7.85 9.52 6.30
N LYS A 247 -8.07 9.26 7.59
CA LYS A 247 -6.95 8.87 8.45
C LYS A 247 -6.52 7.43 8.18
N GLY A 248 -7.47 6.51 8.02
CA GLY A 248 -7.13 5.18 7.58
C GLY A 248 -6.77 4.22 8.69
N THR A 249 -7.60 3.17 8.85
CA THR A 249 -7.47 2.20 9.92
C THR A 249 -7.31 2.88 11.28
N ALA A 250 -6.68 2.18 12.21
CA ALA A 250 -6.20 2.72 13.47
C ALA A 250 -5.19 1.71 14.00
N LEU A 251 -4.76 1.90 15.24
CA LEU A 251 -3.96 0.89 15.88
C LEU A 251 -4.81 -0.06 16.70
N ASN A 252 -6.03 0.36 17.04
CA ASN A 252 -6.91 -0.47 17.84
C ASN A 252 -7.32 -1.74 17.09
N THR A 253 -7.33 -1.68 15.76
CA THR A 253 -7.83 -2.76 14.93
C THR A 253 -6.72 -3.49 14.20
N LYS A 254 -5.48 -3.34 14.66
CA LYS A 254 -4.32 -3.67 13.87
C LYS A 254 -3.17 -4.26 14.67
N ALA A 255 -3.17 -4.12 16.00
CA ALA A 255 -1.97 -4.33 16.79
C ALA A 255 -1.62 -5.82 16.91
N PRO A 256 -0.34 -6.15 16.89
CA PRO A 256 0.05 -7.56 17.02
C PRO A 256 -0.16 -8.07 18.43
N PHE A 257 -0.14 -9.39 18.54
CA PHE A 257 -0.16 -10.12 19.80
C PHE A 257 -1.48 -9.96 20.53
N GLY A 258 -2.49 -9.40 19.88
CA GLY A 258 -3.83 -9.40 20.43
C GLY A 258 -4.02 -8.58 21.68
N CYS A 259 -3.62 -7.31 21.64
CA CYS A 259 -3.70 -6.44 22.79
C CYS A 259 -4.52 -5.19 22.55
N GLN A 260 -5.32 -4.82 23.56
CA GLN A 260 -6.33 -3.80 23.40
C GLN A 260 -5.74 -2.42 23.64
N ILE A 261 -5.88 -1.53 22.70
CA ILE A 261 -5.33 -0.19 22.84
C ILE A 261 -6.38 0.69 23.50
N LYS A 262 -6.00 1.38 24.57
CA LYS A 262 -6.92 2.24 25.30
C LYS A 262 -6.25 3.59 25.51
N THR A 263 -7.02 4.57 25.96
CA THR A 263 -6.58 5.96 25.93
C THR A 263 -6.86 6.61 27.28
N ASN A 264 -6.16 7.73 27.54
CA ASN A 264 -6.06 8.58 28.73
C ASN A 264 -6.12 7.79 30.04
N PRO A 265 -5.01 7.17 30.44
CA PRO A 265 -3.74 7.24 29.73
C PRO A 265 -3.63 6.23 28.60
N VAL A 266 -2.91 6.56 27.53
CA VAL A 266 -2.79 5.65 26.42
C VAL A 266 -1.95 4.45 26.83
N ARG A 267 -2.47 3.25 26.57
CA ARG A 267 -1.86 2.04 27.07
C ARG A 267 -2.27 0.88 26.20
N ALA A 268 -1.52 -0.22 26.29
CA ALA A 268 -1.85 -1.46 25.60
C ALA A 268 -2.09 -2.54 26.64
N MET A 269 -3.28 -3.11 26.62
CA MET A 269 -3.78 -4.01 27.64
C MET A 269 -3.67 -5.46 27.17
N ASN A 270 -3.17 -6.32 28.06
CA ASN A 270 -3.25 -7.77 27.91
C ASN A 270 -2.56 -8.25 26.64
N CYS A 271 -1.26 -7.93 26.54
CA CYS A 271 -0.60 -7.98 25.24
C CYS A 271 0.47 -9.07 25.32
N ALA A 272 0.06 -10.29 25.03
CA ALA A 272 0.76 -11.50 25.49
C ALA A 272 2.05 -11.71 24.71
N VAL A 273 3.18 -11.38 25.32
CA VAL A 273 4.48 -11.58 24.72
C VAL A 273 5.51 -11.62 25.84
N GLY A 274 6.51 -12.50 25.69
CA GLY A 274 7.63 -12.53 26.61
C GLY A 274 7.38 -13.36 27.85
N ASN A 275 8.37 -13.34 28.74
CA ASN A 275 8.37 -14.10 29.98
C ASN A 275 8.69 -13.14 31.12
N ILE A 276 8.22 -13.47 32.33
CA ILE A 276 8.51 -12.60 33.47
C ILE A 276 9.14 -13.41 34.60
N PRO A 277 10.37 -13.09 35.01
CA PRO A 277 10.96 -13.74 36.17
C PRO A 277 10.32 -13.25 37.45
N VAL A 278 10.24 -14.14 38.44
CA VAL A 278 9.72 -13.81 39.75
C VAL A 278 10.62 -14.44 40.82
N SER A 279 10.92 -13.67 41.86
CA SER A 279 11.72 -14.13 42.98
C SER A 279 10.95 -13.91 44.27
N MET A 280 10.89 -14.95 45.10
CA MET A 280 10.13 -14.90 46.34
C MET A 280 11.06 -15.17 47.50
N ASN A 281 10.57 -14.89 48.72
CA ASN A 281 11.35 -15.09 49.93
C ASN A 281 10.39 -15.57 51.01
N LEU A 282 10.21 -16.89 51.10
CA LEU A 282 9.12 -17.41 51.91
C LEU A 282 9.53 -17.55 53.37
N PRO A 283 8.61 -17.34 54.30
CA PRO A 283 8.91 -17.62 55.70
C PRO A 283 8.84 -19.12 55.97
N ASP A 284 9.19 -19.47 57.20
CA ASP A 284 9.15 -20.88 57.60
C ASP A 284 7.75 -21.33 58.00
N SER A 285 6.83 -20.41 58.24
CA SER A 285 5.46 -20.78 58.52
C SER A 285 4.74 -21.30 57.29
N ALA A 286 5.30 -21.08 56.09
CA ALA A 286 4.65 -21.52 54.88
C ALA A 286 4.77 -23.02 54.67
N PHE A 287 5.87 -23.61 55.11
CA PHE A 287 6.13 -25.03 54.88
C PHE A 287 5.57 -25.88 56.02
N THR A 288 5.53 -27.19 55.79
CA THR A 288 5.18 -28.16 56.80
C THR A 288 6.33 -29.13 57.02
N ARG A 289 6.58 -29.46 58.28
CA ARG A 289 7.69 -30.34 58.61
C ARG A 289 7.44 -31.73 58.03
N ILE A 290 8.52 -32.40 57.62
CA ILE A 290 8.38 -33.66 56.91
C ILE A 290 7.78 -34.73 57.80
N VAL A 291 7.84 -34.54 59.13
CA VAL A 291 7.22 -35.50 60.04
C VAL A 291 5.71 -35.48 59.92
N GLU A 292 5.11 -34.28 59.80
CA GLU A 292 3.66 -34.20 59.66
C GLU A 292 3.17 -34.74 58.32
N ALA A 293 3.94 -34.59 57.27
CA ALA A 293 3.49 -35.02 55.96
C ALA A 293 3.39 -36.55 55.90
N PRO A 294 2.35 -37.10 55.30
CA PRO A 294 2.27 -38.56 55.13
C PRO A 294 3.41 -39.07 54.27
N THR A 295 3.82 -40.30 54.56
CA THR A 295 4.89 -40.95 53.82
C THR A 295 4.30 -41.81 52.72
N ILE A 296 4.64 -41.52 51.48
CA ILE A 296 4.07 -42.18 50.31
C ILE A 296 5.14 -43.06 49.69
N ILE A 297 4.82 -44.33 49.49
CA ILE A 297 5.77 -45.27 48.91
C ILE A 297 5.02 -46.16 47.91
N ASP A 298 5.77 -46.72 46.97
CA ASP A 298 5.24 -47.58 45.92
C ASP A 298 4.19 -46.83 45.08
N LEU A 299 4.67 -45.79 44.40
CA LEU A 299 3.80 -44.93 43.61
C LEU A 299 3.86 -45.36 42.15
N THR A 300 2.70 -45.59 41.55
CA THR A 300 2.61 -45.90 40.13
C THR A 300 1.55 -45.04 39.47
N CYS A 301 1.71 -44.84 38.17
CA CYS A 301 0.85 -43.95 37.37
C CYS A 301 0.29 -44.71 36.18
N THR A 302 -1.01 -44.64 36.01
CA THR A 302 -1.69 -45.17 34.83
C THR A 302 -2.73 -44.16 34.37
N VAL A 303 -2.86 -44.01 33.06
CA VAL A 303 -3.76 -43.05 32.46
C VAL A 303 -5.01 -43.79 32.00
N ALA A 304 -6.17 -43.19 32.27
CA ALA A 304 -7.42 -43.79 31.80
C ALA A 304 -7.73 -43.35 30.38
N THR A 305 -7.88 -42.04 30.17
CA THR A 305 -8.24 -41.49 28.87
C THR A 305 -7.36 -40.30 28.54
N CYS A 306 -7.19 -40.06 27.24
CA CYS A 306 -6.56 -38.88 26.68
C CYS A 306 -7.39 -38.29 25.55
N THR A 307 -7.23 -36.99 25.37
CA THR A 307 -7.56 -36.32 24.12
C THR A 307 -6.78 -35.01 24.13
N HIS A 308 -5.77 -34.89 23.27
CA HIS A 308 -4.88 -33.73 23.38
C HIS A 308 -5.59 -32.51 22.82
N SER A 309 -6.53 -32.00 23.61
CA SER A 309 -7.35 -30.85 23.28
C SER A 309 -6.96 -29.66 24.14
N SER A 310 -7.62 -28.53 23.87
CA SER A 310 -7.26 -27.29 24.55
C SER A 310 -7.53 -27.37 26.05
N ASP A 311 -8.67 -27.92 26.44
CA ASP A 311 -8.99 -27.97 27.85
C ASP A 311 -8.26 -29.15 28.50
N PHE A 312 -8.71 -29.54 29.69
CA PHE A 312 -8.06 -30.62 30.41
C PHE A 312 -8.60 -31.96 29.96
N GLY A 313 -8.02 -32.52 28.90
CA GLY A 313 -8.59 -33.69 28.26
C GLY A 313 -7.95 -35.02 28.58
N GLY A 314 -7.17 -35.08 29.65
CA GLY A 314 -6.55 -36.33 30.05
C GLY A 314 -6.81 -36.60 31.51
N VAL A 315 -7.08 -37.86 31.83
CA VAL A 315 -7.38 -38.29 33.19
C VAL A 315 -6.29 -39.27 33.63
N LEU A 316 -5.86 -39.15 34.88
CA LEU A 316 -4.74 -39.89 35.42
C LEU A 316 -5.12 -40.48 36.76
N THR A 317 -4.93 -41.78 36.94
CA THR A 317 -5.21 -42.42 38.21
C THR A 317 -3.90 -42.91 38.80
N LEU A 318 -3.72 -42.66 40.08
CA LEU A 318 -2.42 -42.74 40.73
C LEU A 318 -2.56 -43.57 42.00
N THR A 319 -1.70 -44.59 42.15
CA THR A 319 -1.78 -45.56 43.23
C THR A 319 -0.56 -45.47 44.13
N TYR A 320 -0.75 -45.76 45.40
CA TYR A 320 0.30 -45.59 46.40
C TYR A 320 -0.04 -46.46 47.60
N LYS A 321 0.64 -46.21 48.72
CA LYS A 321 0.21 -46.67 50.02
C LYS A 321 0.82 -45.78 51.10
N THR A 322 0.01 -45.40 52.07
CA THR A 322 0.37 -44.37 53.03
C THR A 322 0.18 -44.88 54.45
N ASP A 323 0.89 -44.27 55.39
CA ASP A 323 0.74 -44.60 56.80
C ASP A 323 -0.27 -43.73 57.51
N LYS A 324 -0.39 -42.45 57.15
CA LYS A 324 -1.44 -41.59 57.64
C LYS A 324 -2.14 -40.94 56.45
N ASN A 325 -3.24 -40.25 56.73
CA ASN A 325 -4.00 -39.55 55.71
C ASN A 325 -3.91 -38.05 55.92
N GLY A 326 -3.79 -37.31 54.82
CA GLY A 326 -3.59 -35.87 54.91
C GLY A 326 -3.63 -35.19 53.56
N ASP A 327 -2.70 -34.26 53.34
CA ASP A 327 -2.62 -33.52 52.08
C ASP A 327 -1.23 -33.70 51.48
N CYS A 328 -1.19 -33.91 50.17
CA CYS A 328 0.08 -33.90 49.44
C CYS A 328 0.06 -32.81 48.38
N SER A 329 1.26 -32.42 47.96
CA SER A 329 1.47 -31.47 46.90
C SER A 329 1.87 -32.21 45.63
N VAL A 330 0.99 -32.20 44.65
CA VAL A 330 1.19 -32.89 43.38
C VAL A 330 1.83 -31.93 42.41
N HIS A 331 2.75 -32.44 41.58
CA HIS A 331 3.36 -31.60 40.57
C HIS A 331 3.81 -32.44 39.38
N SER A 332 3.71 -31.86 38.19
CA SER A 332 4.15 -32.48 36.96
C SER A 332 5.44 -31.83 36.50
N HIS A 333 6.52 -32.60 36.44
CA HIS A 333 7.86 -32.04 36.31
C HIS A 333 8.27 -31.78 34.87
N SER A 334 7.32 -31.69 33.94
CA SER A 334 7.59 -31.35 32.56
C SER A 334 6.45 -30.49 32.03
N ASN A 335 6.76 -29.61 31.10
CA ASN A 335 5.72 -28.76 30.51
C ASN A 335 4.98 -29.43 29.38
N VAL A 336 5.31 -30.69 29.08
CA VAL A 336 4.55 -31.42 28.07
C VAL A 336 3.12 -31.66 28.54
N ALA A 337 2.90 -31.74 29.85
CA ALA A 337 1.56 -31.88 30.40
C ALA A 337 1.39 -30.95 31.58
N THR A 338 0.18 -30.40 31.72
CA THR A 338 -0.15 -29.42 32.76
C THR A 338 -1.23 -29.98 33.66
N LEU A 339 -0.98 -30.00 34.96
CA LEU A 339 -2.00 -30.52 35.88
C LEU A 339 -2.98 -29.43 36.26
N GLN A 340 -4.23 -29.84 36.51
CA GLN A 340 -5.27 -28.90 36.85
C GLN A 340 -5.14 -28.38 38.28
N GLU A 341 -4.81 -29.24 39.23
CA GLU A 341 -4.85 -28.90 40.65
C GLU A 341 -3.49 -29.06 41.31
N ALA A 342 -3.34 -28.41 42.45
CA ALA A 342 -2.07 -28.30 43.13
C ALA A 342 -1.93 -29.19 44.36
N THR A 343 -3.01 -29.54 45.03
CA THR A 343 -2.95 -30.41 46.19
C THR A 343 -3.90 -31.57 46.01
N ALA A 344 -3.55 -32.70 46.64
CA ALA A 344 -4.36 -33.90 46.58
C ALA A 344 -4.62 -34.38 48.00
N LYS A 345 -5.86 -34.82 48.23
CA LYS A 345 -6.31 -35.27 49.54
C LYS A 345 -5.99 -36.76 49.65
N VAL A 346 -4.91 -37.10 50.34
CA VAL A 346 -4.40 -38.47 50.38
C VAL A 346 -5.06 -39.22 51.53
N LYS A 347 -5.50 -40.45 51.25
CA LYS A 347 -6.23 -41.28 52.19
C LYS A 347 -5.67 -42.69 52.14
N THR A 348 -6.12 -43.53 53.07
CA THR A 348 -5.59 -44.89 53.17
C THR A 348 -6.13 -45.83 52.12
N ALA A 349 -7.19 -45.46 51.39
CA ALA A 349 -7.72 -46.32 50.34
C ALA A 349 -6.71 -46.54 49.23
N GLY A 350 -6.00 -45.49 48.80
CA GLY A 350 -4.91 -45.64 47.86
C GLY A 350 -5.20 -45.30 46.42
N LYS A 351 -6.01 -44.26 46.16
CA LYS A 351 -6.30 -43.83 44.80
C LYS A 351 -6.44 -42.32 44.78
N VAL A 352 -5.75 -41.66 43.83
CA VAL A 352 -6.02 -40.26 43.54
C VAL A 352 -6.16 -40.08 42.04
N THR A 353 -7.12 -39.25 41.65
CA THR A 353 -7.38 -38.93 40.26
C THR A 353 -7.00 -37.48 39.99
N LEU A 354 -6.25 -37.28 38.91
CA LEU A 354 -5.74 -35.97 38.54
C LEU A 354 -6.12 -35.71 37.10
N HIS A 355 -6.34 -34.44 36.76
CA HIS A 355 -6.71 -34.04 35.43
C HIS A 355 -5.60 -33.23 34.81
N PHE A 356 -5.18 -33.59 33.60
CA PHE A 356 -4.07 -32.92 32.96
C PHE A 356 -4.40 -32.62 31.51
N SER A 357 -3.72 -31.62 30.98
CA SER A 357 -3.91 -31.18 29.61
C SER A 357 -2.60 -31.24 28.85
N THR A 358 -2.65 -31.73 27.62
CA THR A 358 -1.48 -31.88 26.79
C THR A 358 -1.84 -31.64 25.33
N ALA A 359 -0.82 -31.45 24.51
CA ALA A 359 -1.02 -31.28 23.07
C ALA A 359 -0.10 -32.18 22.26
N SER A 360 0.41 -33.24 22.87
CA SER A 360 1.30 -34.18 22.20
C SER A 360 0.59 -35.52 22.05
N ALA A 361 0.95 -36.23 20.98
CA ALA A 361 0.33 -37.52 20.72
C ALA A 361 0.67 -38.53 21.80
N SER A 362 1.93 -38.56 22.22
CA SER A 362 2.40 -39.51 23.23
C SER A 362 3.19 -38.76 24.30
N PRO A 363 2.53 -38.23 25.32
CA PRO A 363 3.24 -37.56 26.40
C PRO A 363 3.97 -38.56 27.29
N SER A 364 5.02 -38.08 27.94
CA SER A 364 5.73 -38.86 28.95
C SER A 364 6.31 -37.88 29.96
N PHE A 365 5.87 -37.98 31.21
CA PHE A 365 6.22 -36.95 32.17
C PHE A 365 6.22 -37.55 33.57
N VAL A 366 7.07 -36.99 34.44
CA VAL A 366 7.23 -37.50 35.80
C VAL A 366 6.44 -36.61 36.76
N VAL A 367 5.61 -37.24 37.59
CA VAL A 367 4.71 -36.56 38.51
C VAL A 367 5.04 -37.00 39.92
N SER A 368 4.95 -36.07 40.87
CA SER A 368 5.27 -36.33 42.26
C SER A 368 4.07 -36.05 43.15
N LEU A 369 3.82 -36.97 44.08
CA LEU A 369 2.80 -36.85 45.13
C LEU A 369 3.55 -36.81 46.46
N CYS A 370 3.34 -35.75 47.24
CA CYS A 370 4.23 -35.43 48.35
C CYS A 370 5.69 -35.54 47.91
N SER A 371 6.38 -36.58 48.36
CA SER A 371 7.79 -36.73 48.05
C SER A 371 8.11 -37.91 47.15
N ALA A 372 7.11 -38.72 46.79
CA ALA A 372 7.32 -39.83 45.87
C ALA A 372 7.37 -39.30 44.43
N ARG A 373 7.67 -40.19 43.49
CA ARG A 373 7.75 -39.84 42.08
C ARG A 373 7.30 -41.02 41.24
N ALA A 374 6.80 -40.73 40.04
CA ALA A 374 6.42 -41.78 39.11
C ALA A 374 6.46 -41.23 37.70
N THR A 375 6.65 -42.10 36.72
CA THR A 375 6.67 -41.71 35.32
C THR A 375 5.37 -42.14 34.67
N CYS A 376 4.70 -41.20 34.02
CA CYS A 376 3.41 -41.42 33.37
C CYS A 376 3.64 -41.41 31.87
N SER A 377 3.16 -42.44 31.20
CA SER A 377 3.19 -42.54 29.75
C SER A 377 1.77 -42.74 29.24
N ALA A 378 1.46 -42.13 28.11
CA ALA A 378 0.09 -42.17 27.62
C ALA A 378 0.11 -42.15 26.10
N SER A 379 -0.99 -42.63 25.51
CA SER A 379 -1.21 -42.57 24.09
C SER A 379 -2.52 -41.84 23.84
N CYS A 380 -2.44 -40.61 23.33
CA CYS A 380 -3.57 -39.69 23.32
C CYS A 380 -4.00 -39.40 21.89
N GLU A 381 -5.36 -39.35 21.66
CA GLU A 381 -6.04 -39.22 20.38
C GLU A 381 -6.48 -37.78 20.12
N PRO A 382 -6.49 -37.34 18.87
CA PRO A 382 -6.82 -35.95 18.57
C PRO A 382 -8.28 -35.65 18.80
N PRO A 383 -8.66 -34.39 18.94
CA PRO A 383 -10.04 -34.02 19.20
C PRO A 383 -10.90 -34.16 17.94
N LYS A 384 -12.17 -33.80 18.08
CA LYS A 384 -13.07 -33.74 16.94
C LYS A 384 -13.51 -32.33 16.60
N ASP A 385 -13.74 -31.49 17.59
CA ASP A 385 -14.16 -30.11 17.35
C ASP A 385 -13.04 -29.33 16.68
N HIS A 386 -13.39 -28.50 15.72
CA HIS A 386 -12.37 -27.77 14.98
C HIS A 386 -11.97 -26.50 15.70
N ILE A 387 -12.91 -25.83 16.35
CA ILE A 387 -12.73 -24.49 16.89
C ILE A 387 -13.41 -24.39 18.24
N VAL A 388 -12.72 -23.76 19.19
CA VAL A 388 -13.21 -23.60 20.56
C VAL A 388 -13.13 -22.14 20.97
N PRO A 389 -13.98 -21.67 21.87
CA PRO A 389 -13.98 -20.25 22.21
C PRO A 389 -13.09 -19.85 23.37
N TYR A 390 -12.10 -20.66 23.73
CA TYR A 390 -11.22 -20.40 24.86
C TYR A 390 -9.77 -20.71 24.49
N ALA A 391 -8.84 -20.10 25.22
CA ALA A 391 -7.44 -20.23 24.90
C ALA A 391 -6.91 -21.60 25.35
N ALA A 392 -5.76 -21.97 24.80
CA ALA A 392 -5.16 -23.25 25.11
C ALA A 392 -4.71 -23.30 26.55
N SER A 393 -4.91 -24.45 27.19
CA SER A 393 -4.53 -24.64 28.59
C SER A 393 -3.27 -25.47 28.73
N HIS A 394 -2.52 -25.67 27.66
CA HIS A 394 -1.22 -26.33 27.70
C HIS A 394 -0.16 -25.36 27.19
N SER A 395 1.04 -25.88 26.96
CA SER A 395 2.16 -25.07 26.53
C SER A 395 2.52 -25.27 25.06
N ASN A 396 1.67 -25.93 24.28
CA ASN A 396 1.89 -26.12 22.85
C ASN A 396 3.21 -26.82 22.56
N VAL A 397 3.43 -27.93 23.25
CA VAL A 397 4.57 -28.80 23.03
C VAL A 397 4.08 -30.05 22.31
N VAL A 398 4.68 -30.35 21.16
CA VAL A 398 4.13 -31.35 20.26
C VAL A 398 5.07 -32.54 20.06
N PHE A 399 6.38 -32.35 20.17
CA PHE A 399 7.32 -33.44 19.87
C PHE A 399 7.06 -34.63 20.78
N PRO A 400 6.91 -35.83 20.23
CA PRO A 400 6.48 -36.98 21.04
C PRO A 400 7.61 -37.53 21.90
N ASP A 401 7.25 -38.52 22.71
CA ASP A 401 8.21 -39.24 23.51
C ASP A 401 9.04 -40.18 22.63
N MET A 402 10.26 -40.46 23.09
CA MET A 402 11.12 -41.37 22.35
C MET A 402 10.62 -42.81 22.43
N SER A 403 9.70 -43.10 23.35
CA SER A 403 9.10 -44.42 23.47
C SER A 403 7.72 -44.50 22.82
N GLY A 404 7.28 -43.46 22.14
CA GLY A 404 5.99 -43.46 21.49
C GLY A 404 5.99 -44.34 20.27
N THR A 405 4.79 -44.54 19.71
CA THR A 405 4.64 -45.46 18.59
C THR A 405 5.48 -45.06 17.40
N ALA A 406 5.40 -43.78 17.00
CA ALA A 406 6.15 -43.33 15.83
C ALA A 406 7.64 -43.43 16.06
N LEU A 407 8.11 -42.94 17.20
CA LEU A 407 9.54 -42.97 17.45
C LEU A 407 10.01 -44.39 17.74
N SER A 408 9.13 -45.26 18.24
CA SER A 408 9.49 -46.67 18.37
C SER A 408 9.72 -47.32 17.01
N TRP A 409 8.85 -47.05 16.05
CA TRP A 409 9.06 -47.57 14.70
C TRP A 409 10.36 -47.05 14.11
N VAL A 410 10.60 -45.75 14.25
CA VAL A 410 11.84 -45.17 13.72
C VAL A 410 13.04 -45.84 14.37
N GLN A 411 12.96 -46.05 15.69
CA GLN A 411 14.06 -46.63 16.44
C GLN A 411 14.35 -48.06 15.99
N LYS A 412 13.31 -48.87 15.79
CA LYS A 412 13.50 -50.24 15.32
C LYS A 412 14.13 -50.27 13.93
N ILE A 413 13.61 -49.46 13.01
CA ILE A 413 14.13 -49.50 11.64
C ILE A 413 15.59 -49.03 11.60
N SER A 414 15.89 -47.95 12.31
CA SER A 414 17.26 -47.47 12.35
C SER A 414 18.19 -48.49 12.99
N GLY A 415 17.71 -49.20 14.02
CA GLY A 415 18.52 -50.25 14.61
C GLY A 415 18.81 -51.37 13.64
N GLY A 416 17.81 -51.76 12.85
CA GLY A 416 18.05 -52.79 11.85
C GLY A 416 19.09 -52.38 10.81
N LEU A 417 18.96 -51.15 10.29
CA LEU A 417 19.93 -50.67 9.32
C LEU A 417 21.32 -50.58 9.93
N GLY A 418 21.40 -50.13 11.19
CA GLY A 418 22.70 -50.06 11.85
C GLY A 418 23.32 -51.43 12.06
N ALA A 419 22.48 -52.43 12.34
CA ALA A 419 22.99 -53.80 12.45
C ALA A 419 23.56 -54.29 11.13
N PHE A 420 22.85 -54.02 10.03
CA PHE A 420 23.39 -54.38 8.72
C PHE A 420 24.73 -53.70 8.47
N ALA A 421 24.82 -52.41 8.79
CA ALA A 421 26.07 -51.69 8.57
C ALA A 421 27.21 -52.25 9.43
N ILE A 422 26.90 -52.59 10.68
CA ILE A 422 27.92 -53.13 11.57
C ILE A 422 28.41 -54.48 11.06
N GLY A 423 27.50 -55.33 10.59
CA GLY A 423 27.92 -56.60 10.02
C GLY A 423 28.80 -56.41 8.80
N ALA A 424 28.45 -55.47 7.93
CA ALA A 424 29.28 -55.17 6.77
C ALA A 424 30.68 -54.73 7.19
N ILE A 425 30.74 -53.83 8.16
CA ILE A 425 32.02 -53.32 8.63
C ILE A 425 32.86 -54.45 9.22
N LEU A 426 32.23 -55.32 10.00
CA LEU A 426 32.97 -56.43 10.61
C LEU A 426 33.52 -57.39 9.58
N VAL A 427 32.70 -57.74 8.57
CA VAL A 427 33.19 -58.67 7.55
C VAL A 427 34.33 -58.05 6.76
N LEU A 428 34.20 -56.77 6.39
CA LEU A 428 35.29 -56.12 5.67
C LEU A 428 36.56 -56.09 6.51
N VAL A 429 36.44 -55.78 7.80
CA VAL A 429 37.62 -55.76 8.67
C VAL A 429 38.26 -57.14 8.74
N VAL A 430 37.44 -58.19 8.86
CA VAL A 430 37.97 -59.54 8.98
C VAL A 430 38.73 -59.92 7.72
N VAL A 431 38.14 -59.66 6.55
CA VAL A 431 38.79 -60.05 5.30
C VAL A 431 40.06 -59.24 5.09
N THR A 432 40.02 -57.94 5.39
CA THR A 432 41.23 -57.13 5.23
C THR A 432 42.33 -57.60 6.18
N CYS A 433 41.98 -57.96 7.41
CA CYS A 433 42.98 -58.44 8.35
C CYS A 433 43.57 -59.77 7.90
N ILE A 434 42.74 -60.68 7.39
CA ILE A 434 43.27 -61.95 6.90
C ILE A 434 44.21 -61.71 5.72
N GLY A 435 43.81 -60.85 4.80
CA GLY A 435 44.69 -60.55 3.67
C GLY A 435 45.99 -59.91 4.09
N LEU A 436 45.93 -58.98 5.05
CA LEU A 436 47.13 -58.32 5.53
C LEU A 436 48.05 -59.29 6.26
N ARG A 437 47.48 -60.23 7.00
CA ARG A 437 48.28 -61.25 7.68
C ARG A 437 49.01 -62.17 6.71
N ARG A 438 48.56 -62.27 5.46
CA ARG A 438 49.26 -63.09 4.47
C ARG A 438 50.64 -62.52 4.18
N HIS B 1 -34.46 43.05 34.90
CA HIS B 1 -33.53 41.94 34.99
C HIS B 1 -32.17 42.33 34.41
N PHE B 2 -31.71 41.60 33.40
CA PHE B 2 -30.45 41.88 32.74
C PHE B 2 -30.63 42.41 31.32
N ASN B 3 -31.27 41.64 30.43
CA ASN B 3 -31.75 42.13 29.14
C ASN B 3 -30.63 42.79 28.33
N VAL B 4 -29.71 41.94 27.86
CA VAL B 4 -28.66 42.42 26.97
C VAL B 4 -29.25 42.86 25.63
N TYR B 5 -30.42 42.37 25.29
CA TYR B 5 -30.99 42.64 23.97
C TYR B 5 -31.61 43.99 23.86
N LYS B 6 -31.38 44.89 24.81
CA LYS B 6 -31.86 46.26 24.66
C LYS B 6 -30.81 47.19 24.07
N ALA B 7 -29.61 46.71 23.83
CA ALA B 7 -28.58 47.48 23.14
C ALA B 7 -28.27 46.95 21.75
N THR B 8 -29.06 45.99 21.26
CA THR B 8 -28.80 45.32 20.01
C THR B 8 -30.02 45.42 19.11
N ARG B 9 -29.78 45.46 17.80
CA ARG B 9 -30.82 45.74 16.84
C ARG B 9 -30.73 44.77 15.66
N PRO B 10 -31.85 44.36 15.09
CA PRO B 10 -31.80 43.57 13.85
C PRO B 10 -31.38 44.41 12.67
N TYR B 11 -30.85 43.75 11.65
CA TYR B 11 -30.27 44.46 10.52
C TYR B 11 -30.67 43.80 9.20
N ILE B 12 -30.36 44.49 8.11
CA ILE B 12 -30.68 44.06 6.75
C ILE B 12 -29.37 43.78 6.03
N ALA B 13 -29.22 42.57 5.52
CA ALA B 13 -28.03 42.18 4.76
C ALA B 13 -28.43 41.65 3.39
N TYR B 14 -27.46 41.09 2.69
CA TYR B 14 -27.63 40.58 1.34
C TYR B 14 -27.82 39.06 1.38
N CYS B 15 -28.83 38.59 0.66
CA CYS B 15 -29.04 37.16 0.45
C CYS B 15 -28.92 36.89 -1.04
N ALA B 16 -28.12 35.88 -1.41
CA ALA B 16 -27.81 35.61 -2.80
C ALA B 16 -29.03 35.21 -3.60
N ASP B 17 -29.88 34.35 -3.03
CA ASP B 17 -31.18 34.12 -3.62
C ASP B 17 -32.20 33.89 -2.53
N CYS B 18 -33.37 34.49 -2.69
CA CYS B 18 -34.39 34.55 -1.65
C CYS B 18 -35.49 33.54 -1.85
N GLY B 19 -35.15 32.33 -2.26
CA GLY B 19 -36.13 31.30 -2.49
C GLY B 19 -36.66 31.24 -3.90
N ALA B 20 -36.37 32.24 -4.73
CA ALA B 20 -36.86 32.30 -6.10
C ALA B 20 -35.73 32.38 -7.12
N GLY B 21 -34.48 32.31 -6.69
CA GLY B 21 -33.35 32.47 -7.58
C GLY B 21 -32.89 33.89 -7.78
N HIS B 22 -33.61 34.87 -7.24
CA HIS B 22 -33.25 36.27 -7.31
C HIS B 22 -32.68 36.72 -5.99
N SER B 23 -31.87 37.78 -6.05
CA SER B 23 -31.19 38.34 -4.88
C SER B 23 -31.89 39.60 -4.43
N CYS B 24 -31.97 39.82 -3.13
CA CYS B 24 -32.39 41.11 -2.61
C CYS B 24 -31.85 41.25 -1.19
N HIS B 25 -31.86 42.49 -0.70
CA HIS B 25 -31.47 42.75 0.68
C HIS B 25 -32.59 42.30 1.60
N SER B 26 -32.36 41.22 2.34
CA SER B 26 -33.45 40.60 3.06
C SER B 26 -33.22 40.70 4.56
N PRO B 27 -34.28 40.70 5.36
CA PRO B 27 -34.14 40.77 6.82
C PRO B 27 -33.97 39.43 7.50
N VAL B 28 -33.75 38.34 6.77
CA VAL B 28 -33.68 37.01 7.36
C VAL B 28 -32.39 36.35 6.90
N ALA B 29 -31.40 37.17 6.55
CA ALA B 29 -30.18 36.65 5.92
C ALA B 29 -29.46 35.68 6.84
N ILE B 30 -28.84 34.66 6.24
CA ILE B 30 -28.20 33.59 7.00
C ILE B 30 -26.71 33.85 7.08
N GLU B 31 -26.19 33.94 8.30
CA GLU B 31 -24.77 33.96 8.57
C GLU B 31 -24.33 32.52 8.80
N ALA B 32 -23.16 32.30 9.41
CA ALA B 32 -22.59 30.96 9.50
C ALA B 32 -23.58 29.94 10.06
N VAL B 33 -23.48 28.72 9.55
CA VAL B 33 -24.16 27.55 10.12
C VAL B 33 -23.09 26.69 10.79
N ARG B 34 -23.31 26.35 12.05
CA ARG B 34 -22.34 25.60 12.85
C ARG B 34 -22.90 24.21 13.12
N SER B 35 -22.10 23.19 12.85
CA SER B 35 -22.57 21.82 12.94
C SER B 35 -21.55 20.96 13.67
N GLU B 36 -21.06 21.46 14.80
CA GLU B 36 -20.00 20.82 15.56
C GLU B 36 -20.52 19.99 16.73
N ALA B 37 -21.75 19.50 16.65
CA ALA B 37 -22.33 18.60 17.64
C ALA B 37 -22.49 17.23 17.02
N THR B 38 -22.24 16.19 17.81
CA THR B 38 -22.18 14.84 17.26
C THR B 38 -23.56 14.30 16.90
N ASP B 39 -24.60 14.62 17.68
CA ASP B 39 -25.92 14.14 17.30
C ASP B 39 -26.45 14.73 16.00
N GLY B 40 -25.89 15.84 15.52
CA GLY B 40 -26.30 16.36 14.25
C GLY B 40 -27.33 17.46 14.36
N MET B 41 -27.10 18.41 15.26
CA MET B 41 -27.94 19.59 15.40
C MET B 41 -27.18 20.76 14.80
N LEU B 42 -27.91 21.71 14.24
CA LEU B 42 -27.31 22.88 13.63
C LEU B 42 -27.60 24.15 14.44
N LYS B 43 -26.72 25.14 14.33
CA LYS B 43 -26.95 26.49 14.83
C LYS B 43 -26.87 27.45 13.66
N ILE B 44 -28.04 27.94 13.23
CA ILE B 44 -28.07 28.97 12.21
C ILE B 44 -28.15 30.35 12.86
N GLN B 45 -27.47 31.33 12.26
CA GLN B 45 -27.64 32.74 12.63
C GLN B 45 -28.59 33.40 11.66
N PHE B 46 -29.65 33.99 12.18
CA PHE B 46 -30.46 34.94 11.42
C PHE B 46 -29.68 36.25 11.27
N SER B 47 -30.36 37.23 10.68
CA SER B 47 -30.12 38.63 10.97
C SER B 47 -31.29 39.26 11.70
N ALA B 48 -32.36 38.49 11.92
CA ALA B 48 -33.54 38.95 12.64
C ALA B 48 -33.62 38.16 13.93
N GLN B 49 -33.50 38.86 15.06
CA GLN B 49 -33.48 38.19 16.34
C GLN B 49 -34.87 37.92 16.88
N ILE B 50 -35.05 36.72 17.43
CA ILE B 50 -36.34 36.08 17.61
C ILE B 50 -36.54 35.71 19.07
N GLY B 51 -37.63 36.21 19.66
CA GLY B 51 -37.90 36.07 21.08
C GLY B 51 -38.08 37.38 21.82
N ILE B 52 -38.03 38.51 21.15
CA ILE B 52 -38.17 39.82 21.77
C ILE B 52 -39.14 40.63 20.93
N ASP B 53 -39.80 41.61 21.53
CA ASP B 53 -40.80 42.43 20.85
C ASP B 53 -40.18 43.71 20.30
N LYS B 54 -40.94 44.45 19.47
CA LYS B 54 -40.52 45.80 19.10
C LYS B 54 -40.17 46.63 20.31
N SER B 55 -41.06 46.64 21.30
CA SER B 55 -40.89 47.41 22.52
C SER B 55 -39.98 46.73 23.50
N ASP B 56 -39.11 45.85 23.03
CA ASP B 56 -37.91 45.39 23.71
C ASP B 56 -38.24 44.40 24.83
N ASN B 57 -39.52 44.12 25.06
CA ASN B 57 -39.94 43.20 26.09
C ASN B 57 -39.80 41.75 25.60
N HIS B 58 -39.41 40.86 26.50
CA HIS B 58 -39.35 39.44 26.15
C HIS B 58 -40.74 38.92 25.80
N ASP B 59 -40.77 38.00 24.85
CA ASP B 59 -42.01 37.37 24.39
C ASP B 59 -41.66 36.12 23.63
N TYR B 60 -42.45 35.06 23.81
CA TYR B 60 -42.20 33.83 23.08
C TYR B 60 -42.90 33.80 21.73
N THR B 61 -43.72 34.80 21.43
CA THR B 61 -44.54 34.82 20.24
C THR B 61 -44.07 35.85 19.23
N LYS B 62 -43.45 36.93 19.68
CA LYS B 62 -43.00 37.99 18.82
C LYS B 62 -41.54 37.79 18.45
N ILE B 63 -41.19 38.19 17.23
CA ILE B 63 -39.80 38.21 16.77
C ILE B 63 -39.53 39.55 16.11
N ARG B 64 -38.30 40.03 16.27
CA ARG B 64 -37.88 41.35 15.85
C ARG B 64 -37.28 41.27 14.47
N TYR B 65 -37.64 42.19 13.58
CA TYR B 65 -36.92 42.20 12.31
C TYR B 65 -36.91 43.61 11.74
N ALA B 66 -35.85 43.90 10.99
CA ALA B 66 -35.66 45.23 10.42
C ALA B 66 -36.60 45.46 9.25
N ASP B 67 -37.05 46.69 9.11
CA ASP B 67 -37.88 47.06 7.96
C ASP B 67 -37.54 48.51 7.62
N GLY B 68 -36.51 48.70 6.81
CA GLY B 68 -36.17 50.01 6.31
C GLY B 68 -35.88 51.04 7.39
N HIS B 69 -34.76 50.88 8.10
CA HIS B 69 -34.48 51.64 9.32
C HIS B 69 -35.74 51.90 10.13
N ALA B 70 -36.47 50.83 10.38
CA ALA B 70 -37.58 50.83 11.33
C ALA B 70 -37.81 49.38 11.73
N ILE B 71 -37.90 49.12 13.04
CA ILE B 71 -37.98 47.77 13.58
C ILE B 71 -39.45 47.35 13.62
N GLU B 72 -39.74 46.18 13.06
CA GLU B 72 -41.09 45.64 13.00
C GLU B 72 -41.12 44.30 13.73
N ASN B 73 -42.33 43.75 13.84
CA ASN B 73 -42.58 42.60 14.69
C ASN B 73 -43.35 41.56 13.89
N ALA B 74 -43.03 40.29 14.12
CA ALA B 74 -43.67 39.18 13.43
C ALA B 74 -43.99 38.07 14.41
N VAL B 75 -44.92 37.19 14.04
CA VAL B 75 -45.36 36.12 14.93
C VAL B 75 -44.38 34.95 14.88
N ARG B 76 -44.19 34.29 16.02
CA ARG B 76 -43.23 33.18 16.10
C ARG B 76 -43.68 31.98 15.28
N SER B 77 -44.98 31.74 15.16
CA SER B 77 -45.42 30.76 14.18
C SER B 77 -44.92 31.19 12.80
N SER B 78 -45.01 30.28 11.84
CA SER B 78 -44.58 30.51 10.47
C SER B 78 -43.08 30.63 10.32
N LEU B 79 -42.30 30.52 11.39
CA LEU B 79 -40.86 30.38 11.24
C LEU B 79 -40.58 28.98 10.72
N LYS B 80 -40.10 28.88 9.48
CA LYS B 80 -39.84 27.59 8.86
C LYS B 80 -38.36 27.48 8.51
N VAL B 81 -37.75 26.36 8.87
CA VAL B 81 -36.41 26.00 8.43
C VAL B 81 -36.47 24.66 7.72
N ALA B 82 -35.82 24.56 6.57
CA ALA B 82 -35.94 23.34 5.78
C ALA B 82 -34.68 23.07 4.96
N THR B 83 -34.57 21.81 4.55
CA THR B 83 -33.53 21.32 3.63
C THR B 83 -34.35 20.55 2.60
N SER B 84 -33.73 19.55 1.98
CA SER B 84 -34.49 18.67 1.08
C SER B 84 -35.85 18.33 1.64
N GLY B 85 -35.92 18.05 2.94
CA GLY B 85 -37.19 17.74 3.59
C GLY B 85 -37.73 18.88 4.43
N ASP B 86 -37.90 18.66 5.73
CA ASP B 86 -38.45 19.66 6.63
C ASP B 86 -37.89 19.43 8.02
N CYS B 87 -37.47 20.50 8.68
CA CYS B 87 -36.70 20.40 9.91
C CYS B 87 -37.57 20.66 11.14
N PHE B 88 -37.07 20.19 12.27
CA PHE B 88 -37.74 20.35 13.56
C PHE B 88 -36.95 21.38 14.37
N VAL B 89 -37.61 22.46 14.77
CA VAL B 89 -36.93 23.52 15.49
C VAL B 89 -36.93 23.19 16.97
N HIS B 90 -35.73 23.08 17.55
CA HIS B 90 -35.58 22.70 18.95
C HIS B 90 -35.43 23.93 19.84
N GLY B 91 -34.56 24.85 19.46
CA GLY B 91 -34.26 26.02 20.26
C GLY B 91 -34.51 27.32 19.51
N THR B 92 -34.52 28.40 20.27
CA THR B 92 -34.88 29.72 19.76
C THR B 92 -34.45 30.83 20.69
N MET B 93 -33.43 31.61 20.32
CA MET B 93 -33.04 32.76 21.14
C MET B 93 -32.16 33.72 20.37
N GLY B 94 -32.57 34.98 20.28
CA GLY B 94 -31.73 35.97 19.63
C GLY B 94 -31.58 35.68 18.16
N HIS B 95 -30.34 35.79 17.67
CA HIS B 95 -30.07 35.50 16.27
C HIS B 95 -30.05 34.02 15.96
N PHE B 96 -30.01 33.17 16.98
CA PHE B 96 -29.64 31.79 16.80
C PHE B 96 -30.85 30.86 16.85
N ILE B 97 -30.76 29.78 16.10
CA ILE B 97 -31.82 28.78 15.99
C ILE B 97 -31.19 27.41 15.92
N LEU B 98 -31.86 26.44 16.53
CA LEU B 98 -31.45 25.05 16.57
C LEU B 98 -32.44 24.18 15.82
N ALA B 99 -31.94 23.24 15.04
CA ALA B 99 -32.82 22.41 14.25
C ALA B 99 -32.13 21.10 13.93
N LYS B 100 -32.93 20.07 13.64
CA LYS B 100 -32.45 18.79 13.17
C LYS B 100 -33.09 18.53 11.82
N CYS B 101 -32.27 18.27 10.82
CA CYS B 101 -32.77 18.29 9.46
C CYS B 101 -32.44 16.99 8.73
N PRO B 102 -33.23 16.61 7.74
CA PRO B 102 -32.88 15.51 6.87
C PRO B 102 -31.72 15.89 5.96
N PRO B 103 -30.96 14.93 5.45
CA PRO B 103 -29.85 15.27 4.56
C PRO B 103 -30.32 15.99 3.32
N GLY B 104 -29.48 16.89 2.82
CA GLY B 104 -29.87 17.73 1.70
C GLY B 104 -28.66 18.44 1.15
N GLU B 105 -28.92 19.40 0.25
CA GLU B 105 -27.86 20.13 -0.41
C GLU B 105 -27.98 21.63 -0.19
N PHE B 106 -28.96 22.09 0.57
CA PHE B 106 -29.11 23.50 0.87
C PHE B 106 -29.89 23.59 2.16
N LEU B 107 -30.15 24.82 2.62
CA LEU B 107 -31.20 25.02 3.59
C LEU B 107 -31.69 26.45 3.52
N GLN B 108 -32.99 26.63 3.79
CA GLN B 108 -33.55 27.96 3.82
C GLN B 108 -34.39 28.17 5.06
N VAL B 109 -34.46 29.43 5.48
CA VAL B 109 -35.26 29.86 6.60
C VAL B 109 -36.21 30.94 6.11
N SER B 110 -37.40 31.00 6.70
CA SER B 110 -38.40 31.97 6.25
C SER B 110 -39.34 32.33 7.39
N ILE B 111 -39.89 33.54 7.30
CA ILE B 111 -40.85 34.05 8.28
C ILE B 111 -41.93 34.81 7.53
N GLN B 112 -43.04 35.10 8.21
CA GLN B 112 -44.03 36.01 7.66
C GLN B 112 -43.57 37.46 7.82
N ASP B 113 -44.21 38.33 7.06
CA ASP B 113 -44.02 39.77 7.18
C ASP B 113 -45.12 40.32 8.07
N THR B 114 -45.13 41.64 8.30
CA THR B 114 -46.30 42.25 8.89
C THR B 114 -47.47 42.25 7.91
N ARG B 115 -47.18 42.38 6.62
CA ARG B 115 -48.19 42.24 5.58
C ARG B 115 -48.38 40.79 5.13
N ASN B 116 -48.02 39.83 5.99
CA ASN B 116 -48.27 38.41 5.73
C ASN B 116 -47.62 37.94 4.42
N ALA B 117 -46.43 38.43 4.16
CA ALA B 117 -45.64 38.01 3.00
C ALA B 117 -44.49 37.16 3.49
N VAL B 118 -44.16 36.11 2.74
CA VAL B 118 -43.07 35.22 3.13
C VAL B 118 -41.74 35.85 2.75
N ARG B 119 -40.84 35.96 3.73
CA ARG B 119 -39.48 36.44 3.50
C ARG B 119 -38.53 35.33 3.88
N ALA B 120 -37.62 34.97 2.96
CA ALA B 120 -36.84 33.75 3.08
C ALA B 120 -35.41 33.98 2.65
N CYS B 121 -34.57 32.98 2.88
CA CYS B 121 -33.21 32.97 2.36
C CYS B 121 -32.70 31.55 2.38
N ARG B 122 -32.13 31.08 1.25
CA ARG B 122 -31.54 29.76 1.18
C ARG B 122 -30.07 29.87 0.81
N ILE B 123 -29.27 28.96 1.36
CA ILE B 123 -27.85 28.88 1.08
C ILE B 123 -27.50 27.45 0.73
N GLN B 124 -26.45 27.29 -0.05
CA GLN B 124 -25.92 25.97 -0.34
C GLN B 124 -25.11 25.46 0.85
N TYR B 125 -25.52 24.30 1.36
CA TYR B 125 -24.92 23.73 2.56
C TYR B 125 -25.09 22.22 2.48
N HIS B 126 -23.98 21.49 2.51
CA HIS B 126 -24.04 20.03 2.35
C HIS B 126 -24.16 19.39 3.72
N HIS B 127 -25.36 18.90 4.03
CA HIS B 127 -25.65 18.30 5.31
C HIS B 127 -25.79 16.79 5.14
N ASP B 128 -24.93 16.04 5.82
CA ASP B 128 -24.98 14.58 5.78
C ASP B 128 -24.54 14.03 7.14
N PRO B 129 -25.42 14.00 8.13
CA PRO B 129 -25.01 13.55 9.46
C PRO B 129 -24.80 12.05 9.51
N GLN B 130 -23.88 11.65 10.38
CA GLN B 130 -23.59 10.24 10.61
C GLN B 130 -23.56 9.97 12.11
N PRO B 131 -24.38 9.06 12.61
CA PRO B 131 -24.44 8.83 14.05
C PRO B 131 -23.17 8.22 14.59
N VAL B 132 -22.96 8.40 15.90
CA VAL B 132 -21.75 7.89 16.53
C VAL B 132 -21.88 6.39 16.75
N GLY B 133 -20.78 5.67 16.56
CA GLY B 133 -20.76 4.24 16.72
C GLY B 133 -20.23 3.57 15.47
N ARG B 134 -20.58 2.30 15.29
CA ARG B 134 -20.17 1.54 14.13
C ARG B 134 -21.35 1.10 13.27
N GLU B 135 -22.52 1.69 13.44
CA GLU B 135 -23.68 1.42 12.62
C GLU B 135 -24.32 2.73 12.18
N LYS B 136 -24.78 2.78 10.94
CA LYS B 136 -25.36 3.99 10.38
C LYS B 136 -26.89 3.94 10.42
N PHE B 137 -27.42 3.84 11.64
CA PHE B 137 -28.86 3.78 11.84
C PHE B 137 -29.50 5.15 11.64
N THR B 138 -30.82 5.15 11.52
CA THR B 138 -31.57 6.39 11.35
C THR B 138 -32.34 6.80 12.60
N ILE B 139 -33.00 5.85 13.27
CA ILE B 139 -33.80 6.12 14.46
C ILE B 139 -33.39 5.21 15.60
N ARG B 140 -33.46 5.75 16.81
CA ARG B 140 -33.01 5.05 17.99
C ARG B 140 -33.92 3.86 18.30
N PRO B 141 -33.37 2.78 18.82
CA PRO B 141 -34.18 1.60 19.10
C PRO B 141 -34.87 1.66 20.44
N HIS B 142 -35.67 0.64 20.76
CA HIS B 142 -36.18 0.48 22.12
C HIS B 142 -35.24 -0.38 22.96
N TYR B 143 -34.22 -0.96 22.35
CA TYR B 143 -33.24 -1.79 23.05
C TYR B 143 -31.89 -1.58 22.39
N GLY B 144 -30.93 -1.07 23.13
CA GLY B 144 -29.61 -0.86 22.58
C GLY B 144 -28.64 -0.41 23.65
N LYS B 145 -27.46 0.01 23.22
CA LYS B 145 -26.43 0.52 24.10
C LYS B 145 -26.53 2.03 24.24
N GLU B 146 -25.78 2.57 25.19
CA GLU B 146 -25.59 4.00 25.36
C GLU B 146 -24.14 4.34 25.02
N ILE B 147 -23.96 5.32 24.16
CA ILE B 147 -22.63 5.76 23.71
C ILE B 147 -22.56 7.27 23.94
N PRO B 148 -21.47 7.80 24.48
CA PRO B 148 -21.39 9.24 24.70
C PRO B 148 -21.33 10.05 23.41
N CYS B 149 -21.93 11.24 23.47
CA CYS B 149 -22.00 12.15 22.33
C CYS B 149 -22.22 13.56 22.88
N THR B 150 -22.37 14.54 21.99
CA THR B 150 -22.46 15.94 22.40
C THR B 150 -23.57 16.65 21.62
N THR B 151 -24.17 17.66 22.24
CA THR B 151 -25.16 18.49 21.56
C THR B 151 -25.06 19.93 22.02
N TYR B 152 -26.03 20.73 21.59
CA TYR B 152 -26.24 22.08 22.10
C TYR B 152 -27.39 22.08 23.09
N GLN B 153 -27.16 22.63 24.26
CA GLN B 153 -28.19 22.67 25.27
C GLN B 153 -29.00 23.95 25.15
N GLN B 154 -30.15 23.96 25.81
CA GLN B 154 -31.05 25.10 25.74
C GLN B 154 -30.80 26.13 26.83
N THR B 155 -29.75 25.98 27.64
CA THR B 155 -29.45 26.98 28.63
C THR B 155 -28.98 28.27 27.97
N THR B 156 -29.47 29.40 28.48
CA THR B 156 -29.10 30.73 28.01
C THR B 156 -28.37 31.50 29.11
N ALA B 157 -27.57 30.79 29.89
CA ALA B 157 -26.77 31.40 30.96
C ALA B 157 -25.45 31.94 30.41
N LYS B 158 -24.53 32.30 31.30
CA LYS B 158 -23.20 32.72 30.86
C LYS B 158 -22.54 31.57 30.13
N THR B 159 -21.96 31.87 28.96
CA THR B 159 -21.62 30.85 27.98
C THR B 159 -20.15 30.79 27.60
N VAL B 160 -19.41 31.89 27.72
CA VAL B 160 -18.02 32.00 27.28
C VAL B 160 -17.99 31.79 25.77
N GLU B 161 -18.61 32.72 25.05
CA GLU B 161 -18.57 32.81 23.59
C GLU B 161 -18.73 34.26 23.22
N GLU B 162 -18.40 34.60 21.98
CA GLU B 162 -18.38 35.99 21.56
C GLU B 162 -19.18 36.22 20.29
N ILE B 163 -19.74 37.42 20.22
CA ILE B 163 -20.09 38.09 18.97
C ILE B 163 -19.52 39.49 19.04
N ASP B 164 -18.92 39.96 17.96
CA ASP B 164 -18.52 41.35 17.85
C ASP B 164 -19.71 42.18 17.38
N MET B 165 -19.97 43.29 18.05
CA MET B 165 -20.99 44.24 17.65
C MET B 165 -20.33 45.58 17.38
N HIS B 166 -21.02 46.43 16.61
CA HIS B 166 -20.51 47.78 16.38
C HIS B 166 -21.68 48.68 15.99
N MET B 167 -21.42 49.97 16.00
CA MET B 167 -22.44 50.94 15.60
C MET B 167 -22.77 50.78 14.12
N PRO B 168 -24.04 50.83 13.74
CA PRO B 168 -24.38 50.72 12.33
C PRO B 168 -23.85 51.89 11.54
N PRO B 169 -23.54 51.70 10.27
CA PRO B 169 -23.13 52.82 9.42
C PRO B 169 -24.32 53.73 9.13
N ASP B 170 -24.01 54.89 8.58
CA ASP B 170 -25.05 55.84 8.21
C ASP B 170 -25.78 55.33 6.97
N THR B 171 -27.01 54.90 7.16
CA THR B 171 -27.77 54.27 6.09
C THR B 171 -28.28 55.32 5.11
N PRO B 172 -27.96 55.21 3.83
CA PRO B 172 -28.47 56.20 2.87
C PRO B 172 -29.91 55.90 2.50
N ASP B 173 -30.64 56.96 2.19
CA ASP B 173 -32.01 56.84 1.71
C ASP B 173 -32.36 58.06 0.88
N ARG B 174 -33.14 57.83 -0.18
CA ARG B 174 -33.49 58.88 -1.11
C ARG B 174 -34.98 59.21 -1.11
N THR B 175 -35.77 58.59 -0.23
CA THR B 175 -37.19 58.87 -0.17
C THR B 175 -37.50 60.11 0.66
N LEU B 176 -36.48 60.72 1.27
CA LEU B 176 -36.72 61.85 2.16
C LEU B 176 -36.59 63.20 1.46
N LEU B 177 -36.27 63.22 0.17
CA LEU B 177 -36.15 64.47 -0.58
C LEU B 177 -37.43 64.75 -1.35
N SER B 178 -37.96 65.97 -1.21
CA SER B 178 -39.13 66.40 -1.98
C SER B 178 -38.80 67.74 -2.65
N GLN B 179 -38.99 67.80 -3.97
CA GLN B 179 -38.79 69.04 -4.71
C GLN B 179 -40.14 69.67 -5.04
N GLN B 180 -40.38 70.86 -4.52
CA GLN B 180 -41.65 71.55 -4.77
C GLN B 180 -41.55 72.53 -5.94
N SER B 181 -40.78 73.59 -5.78
CA SER B 181 -40.49 74.50 -6.89
C SER B 181 -39.17 75.20 -6.57
N GLY B 182 -38.09 74.73 -7.18
CA GLY B 182 -36.79 75.32 -6.93
C GLY B 182 -36.32 75.23 -5.50
N ASN B 183 -36.93 74.37 -4.70
CA ASN B 183 -36.54 74.23 -3.30
C ASN B 183 -36.76 72.78 -2.88
N VAL B 184 -35.95 72.34 -1.92
CA VAL B 184 -35.98 70.95 -1.48
C VAL B 184 -36.47 70.92 -0.04
N LYS B 185 -37.12 69.82 0.32
CA LYS B 185 -37.64 69.61 1.66
C LYS B 185 -37.24 68.23 2.13
N ILE B 186 -36.81 68.14 3.38
CA ILE B 186 -36.30 66.91 3.98
C ILE B 186 -37.22 66.55 5.14
N THR B 187 -37.70 65.31 5.17
CA THR B 187 -38.69 64.93 6.16
C THR B 187 -38.04 64.58 7.50
N VAL B 188 -38.87 64.57 8.54
CA VAL B 188 -38.42 64.43 9.93
C VAL B 188 -39.28 63.40 10.63
N GLY B 189 -39.15 63.32 11.96
CA GLY B 189 -39.89 62.34 12.73
C GLY B 189 -39.11 61.74 13.87
N GLY B 190 -37.91 62.25 14.13
CA GLY B 190 -37.13 61.81 15.26
C GLY B 190 -35.81 61.19 14.83
N LYS B 191 -35.50 61.33 13.55
CA LYS B 191 -34.27 60.77 12.98
C LYS B 191 -33.42 61.92 12.47
N LYS B 192 -32.21 62.05 13.02
CA LYS B 192 -31.30 63.10 12.58
C LYS B 192 -30.57 62.60 11.35
N VAL B 193 -30.58 63.38 10.29
CA VAL B 193 -30.02 62.93 9.03
C VAL B 193 -28.90 63.86 8.60
N LYS B 194 -27.94 63.31 7.88
CA LYS B 194 -26.85 64.10 7.33
C LYS B 194 -27.15 64.47 5.89
N TYR B 195 -26.65 65.63 5.47
CA TYR B 195 -26.88 66.08 4.11
C TYR B 195 -25.61 66.73 3.56
N ASN B 196 -25.46 66.59 2.24
CA ASN B 196 -24.29 67.13 1.53
C ASN B 196 -24.78 67.58 0.16
N CYS B 197 -25.03 68.88 0.00
CA CYS B 197 -25.52 69.44 -1.24
C CYS B 197 -24.48 70.38 -1.81
N THR B 198 -24.18 70.21 -3.11
CA THR B 198 -23.23 71.09 -3.80
C THR B 198 -23.97 72.26 -4.45
N CYS B 199 -24.59 73.08 -3.62
CA CYS B 199 -25.37 74.23 -4.07
C CYS B 199 -24.94 75.45 -3.26
N GLY B 200 -24.14 76.32 -3.88
CA GLY B 200 -23.74 77.56 -3.26
C GLY B 200 -22.66 77.42 -2.21
N THR B 201 -22.83 78.13 -1.10
CA THR B 201 -21.84 78.15 -0.02
C THR B 201 -21.96 76.86 0.81
N GLY B 202 -21.29 76.86 1.96
CA GLY B 202 -21.30 75.71 2.84
C GLY B 202 -22.67 75.37 3.39
N ASN B 203 -23.23 74.26 2.92
CA ASN B 203 -24.55 73.76 3.34
C ASN B 203 -24.50 72.26 3.57
N VAL B 204 -23.56 71.81 4.39
CA VAL B 204 -23.51 70.43 4.81
C VAL B 204 -23.76 70.38 6.31
N GLY B 205 -24.01 69.17 6.80
CA GLY B 205 -24.20 68.95 8.22
C GLY B 205 -25.37 68.05 8.50
N THR B 206 -25.66 67.92 9.78
CA THR B 206 -26.77 67.09 10.24
C THR B 206 -27.96 67.97 10.65
N THR B 207 -29.14 67.37 10.62
CA THR B 207 -30.34 68.14 10.93
C THR B 207 -31.39 67.25 11.55
N ASN B 208 -32.31 67.90 12.29
CA ASN B 208 -33.49 67.27 12.87
C ASN B 208 -34.76 68.01 12.48
N SER B 209 -34.69 68.85 11.44
CA SER B 209 -35.81 69.70 11.08
C SER B 209 -35.83 69.88 9.57
N ASP B 210 -36.99 70.23 9.05
CA ASP B 210 -37.12 70.54 7.63
C ASP B 210 -36.38 71.84 7.32
N MET B 211 -35.94 71.97 6.06
CA MET B 211 -35.47 73.23 5.53
C MET B 211 -35.74 73.28 4.04
N THR B 212 -35.57 74.48 3.48
CA THR B 212 -35.65 74.69 2.05
C THR B 212 -34.36 75.33 1.58
N ILE B 213 -33.74 74.75 0.56
CA ILE B 213 -32.50 75.30 0.04
C ILE B 213 -32.82 76.49 -0.85
N ASN B 214 -33.99 76.46 -1.49
CA ASN B 214 -34.51 77.49 -2.37
C ASN B 214 -33.61 77.75 -3.57
N THR B 215 -32.60 76.91 -3.80
CA THR B 215 -31.59 77.15 -4.83
C THR B 215 -31.62 76.09 -5.92
N CYS B 216 -31.42 74.83 -5.56
CA CYS B 216 -31.13 73.76 -6.51
C CYS B 216 -32.16 72.65 -6.38
N LEU B 217 -32.06 71.67 -7.27
CA LEU B 217 -32.97 70.54 -7.29
C LEU B 217 -32.39 69.40 -6.45
N ILE B 218 -33.02 68.22 -6.51
CA ILE B 218 -32.62 67.09 -5.66
C ILE B 218 -31.45 66.32 -6.22
N GLU B 219 -30.91 66.73 -7.36
CA GLU B 219 -29.79 66.00 -7.96
C GLU B 219 -28.50 66.20 -7.18
N GLN B 220 -28.50 67.10 -6.20
CA GLN B 220 -27.30 67.44 -5.46
C GLN B 220 -27.33 67.00 -4.00
N CYS B 221 -28.50 66.85 -3.40
CA CYS B 221 -28.60 66.53 -1.99
C CYS B 221 -28.77 65.02 -1.78
N HIS B 222 -28.45 64.55 -0.58
CA HIS B 222 -28.85 63.21 -0.16
C HIS B 222 -29.03 63.16 1.35
N VAL B 223 -29.62 62.07 1.79
CA VAL B 223 -29.92 61.84 3.20
C VAL B 223 -29.28 60.53 3.64
N SER B 224 -28.60 60.58 4.78
CA SER B 224 -28.02 59.40 5.40
C SER B 224 -28.47 59.39 6.86
N VAL B 225 -29.40 58.52 7.20
CA VAL B 225 -29.82 58.40 8.59
C VAL B 225 -28.65 57.88 9.41
N THR B 226 -28.41 58.51 10.56
CA THR B 226 -27.29 58.16 11.41
C THR B 226 -27.76 57.64 12.77
N ASP B 227 -28.71 56.72 12.77
CA ASP B 227 -29.08 56.03 14.00
C ASP B 227 -27.85 55.41 14.64
N HIS B 228 -27.52 55.90 15.82
CA HIS B 228 -26.19 55.69 16.38
C HIS B 228 -26.32 55.37 17.85
N LYS B 229 -27.46 54.83 18.26
CA LYS B 229 -27.72 54.61 19.67
C LYS B 229 -27.65 53.16 20.12
N LYS B 230 -27.49 52.21 19.19
CA LYS B 230 -27.53 50.81 19.60
C LYS B 230 -26.82 49.87 18.63
N TRP B 231 -26.16 48.84 19.19
CA TRP B 231 -25.24 47.98 18.46
C TRP B 231 -26.01 47.10 17.46
N GLN B 232 -25.33 46.71 16.37
CA GLN B 232 -26.01 45.90 15.36
C GLN B 232 -25.37 44.53 15.12
N PHE B 233 -24.18 44.44 14.52
CA PHE B 233 -23.39 43.22 14.33
C PHE B 233 -22.18 43.50 13.46
N ASN B 234 -21.17 42.62 13.52
CA ASN B 234 -19.94 42.80 12.75
C ASN B 234 -20.03 41.88 11.55
N SER B 235 -20.86 42.26 10.59
CA SER B 235 -21.18 41.38 9.49
C SER B 235 -20.43 41.81 8.24
N PRO B 236 -19.91 40.86 7.45
CA PRO B 236 -19.16 41.25 6.26
C PRO B 236 -20.01 41.88 5.18
N PHE B 237 -21.32 41.91 5.33
CA PHE B 237 -22.20 42.47 4.32
C PHE B 237 -22.69 43.89 4.64
N VAL B 238 -22.24 44.50 5.73
CA VAL B 238 -22.61 45.88 6.04
C VAL B 238 -21.33 46.64 6.41
N PRO B 239 -21.14 47.86 5.91
CA PRO B 239 -19.84 48.53 6.08
C PRO B 239 -19.57 48.96 7.50
N ARG B 240 -18.32 49.31 7.80
CA ARG B 240 -17.96 49.88 9.10
C ARG B 240 -18.07 51.39 9.03
N ALA B 241 -17.98 52.01 10.20
CA ALA B 241 -18.14 53.45 10.34
C ALA B 241 -16.82 54.20 10.43
N ASP B 242 -15.89 53.75 11.25
CA ASP B 242 -14.64 54.46 11.47
C ASP B 242 -13.43 53.55 11.27
N GLU B 243 -12.31 54.19 10.93
CA GLU B 243 -11.13 53.46 10.45
C GLU B 243 -10.48 52.52 11.46
N PRO B 244 -10.35 52.83 12.76
CA PRO B 244 -9.70 51.88 13.66
C PRO B 244 -10.65 50.90 14.34
N ALA B 245 -11.92 50.86 13.94
CA ALA B 245 -12.95 50.01 14.52
C ALA B 245 -13.27 50.37 15.96
N ARG B 246 -14.45 49.97 16.42
CA ARG B 246 -14.89 50.23 17.78
C ARG B 246 -15.16 48.95 18.56
N LYS B 247 -16.02 48.06 18.04
CA LYS B 247 -16.17 46.71 18.57
C LYS B 247 -16.87 46.62 19.91
N GLY B 248 -17.33 45.42 20.22
CA GLY B 248 -18.01 45.12 21.46
C GLY B 248 -18.09 43.61 21.58
N LYS B 249 -18.83 43.14 22.60
CA LYS B 249 -19.00 41.71 22.78
C LYS B 249 -20.38 41.41 23.33
N VAL B 250 -20.92 40.27 22.92
CA VAL B 250 -22.16 39.71 23.44
C VAL B 250 -22.02 38.19 23.44
N HIS B 251 -22.45 37.54 24.52
CA HIS B 251 -22.43 36.09 24.57
C HIS B 251 -23.53 35.50 23.70
N ILE B 252 -23.31 34.28 23.21
CA ILE B 252 -24.31 33.61 22.40
C ILE B 252 -24.89 32.46 23.21
N PRO B 253 -26.14 32.09 23.00
CA PRO B 253 -26.74 31.01 23.79
C PRO B 253 -26.34 29.64 23.24
N PHE B 254 -26.87 28.61 23.87
CA PHE B 254 -26.82 27.22 23.45
C PHE B 254 -25.39 26.69 23.42
N PRO B 255 -24.74 26.49 24.55
CA PRO B 255 -23.38 25.96 24.57
C PRO B 255 -23.34 24.46 24.31
N LEU B 256 -22.15 23.97 23.96
CA LEU B 256 -21.95 22.58 23.61
C LEU B 256 -21.75 21.76 24.88
N ASP B 257 -22.32 20.55 24.91
CA ASP B 257 -22.43 19.81 26.16
C ASP B 257 -22.46 18.32 25.89
N ASN B 258 -22.22 17.55 26.95
CA ASN B 258 -22.06 16.10 26.89
C ASN B 258 -23.36 15.40 27.23
N ILE B 259 -23.75 14.43 26.41
CA ILE B 259 -24.89 13.57 26.68
C ILE B 259 -24.55 12.15 26.25
N THR B 260 -25.53 11.25 26.29
CA THR B 260 -25.41 9.90 25.74
C THR B 260 -26.57 9.61 24.81
N CYS B 261 -26.29 8.88 23.73
CA CYS B 261 -27.31 8.47 22.79
C CYS B 261 -27.38 6.96 22.72
N ARG B 262 -28.57 6.46 22.37
CA ARG B 262 -28.85 5.02 22.33
C ARG B 262 -28.63 4.52 20.91
N VAL B 263 -27.83 3.47 20.78
CA VAL B 263 -27.45 2.94 19.47
C VAL B 263 -27.85 1.47 19.40
N PRO B 264 -28.27 0.97 18.25
CA PRO B 264 -28.61 -0.45 18.14
C PRO B 264 -27.36 -1.31 18.15
N MET B 265 -27.56 -2.61 18.34
CA MET B 265 -26.48 -3.59 18.26
C MET B 265 -26.83 -4.62 17.20
N ALA B 266 -25.91 -4.85 16.28
CA ALA B 266 -26.17 -5.74 15.17
C ALA B 266 -26.44 -7.15 15.65
N ARG B 267 -27.30 -7.86 14.91
CA ARG B 267 -27.63 -9.22 15.29
C ARG B 267 -26.46 -10.16 15.03
N GLU B 268 -26.41 -11.21 15.80
CA GLU B 268 -25.26 -12.10 15.87
C GLU B 268 -25.11 -12.91 14.58
N PRO B 269 -23.94 -12.93 13.96
CA PRO B 269 -23.79 -13.62 12.68
C PRO B 269 -23.83 -15.13 12.83
N THR B 270 -23.97 -15.81 11.69
CA THR B 270 -23.99 -17.26 11.69
C THR B 270 -22.60 -17.81 11.45
N VAL B 271 -22.10 -18.61 12.39
CA VAL B 271 -20.72 -19.08 12.39
C VAL B 271 -20.68 -20.56 12.01
N ILE B 272 -19.78 -20.89 11.09
CA ILE B 272 -19.64 -22.25 10.57
C ILE B 272 -18.18 -22.64 10.69
N HIS B 273 -17.91 -23.73 11.40
CA HIS B 273 -16.55 -24.11 11.73
C HIS B 273 -15.94 -24.97 10.64
N GLY B 274 -14.66 -24.75 10.36
CA GLY B 274 -13.95 -25.51 9.35
C GLY B 274 -12.55 -25.84 9.80
N LYS B 275 -11.70 -26.30 8.90
CA LYS B 275 -10.32 -26.66 9.27
C LYS B 275 -9.46 -25.41 9.21
N ARG B 276 -9.20 -24.82 10.38
CA ARG B 276 -8.44 -23.58 10.50
C ARG B 276 -9.10 -22.44 9.72
N GLU B 277 -10.42 -22.34 9.81
CA GLU B 277 -11.12 -21.22 9.22
C GLU B 277 -12.52 -21.17 9.79
N VAL B 278 -13.19 -20.04 9.54
CA VAL B 278 -14.58 -19.85 9.92
C VAL B 278 -15.30 -19.20 8.74
N THR B 279 -16.49 -19.69 8.41
CA THR B 279 -17.34 -19.03 7.44
C THR B 279 -18.48 -18.35 8.17
N LEU B 280 -18.74 -17.09 7.83
CA LEU B 280 -19.49 -16.20 8.70
C LEU B 280 -20.55 -15.51 7.86
N HIS B 281 -21.82 -15.66 8.25
CA HIS B 281 -22.94 -15.09 7.50
C HIS B 281 -23.42 -13.84 8.19
N LEU B 282 -23.51 -12.76 7.43
CA LEU B 282 -23.75 -11.40 7.94
C LEU B 282 -25.04 -10.85 7.35
N HIS B 283 -25.95 -10.42 8.22
CA HIS B 283 -27.28 -9.93 7.84
C HIS B 283 -27.54 -8.58 8.49
N PRO B 284 -27.21 -7.48 7.83
CA PRO B 284 -27.44 -6.16 8.42
C PRO B 284 -28.76 -5.52 8.01
N ASP B 285 -29.30 -4.69 8.92
CA ASP B 285 -30.43 -3.84 8.62
C ASP B 285 -30.03 -2.53 7.97
N HIS B 286 -28.76 -2.17 8.09
CA HIS B 286 -28.22 -0.88 7.73
C HIS B 286 -26.71 -0.97 7.79
N PRO B 287 -25.98 -0.09 7.11
CA PRO B 287 -24.52 -0.25 7.02
C PRO B 287 -23.83 -0.44 8.36
N THR B 288 -23.20 -1.59 8.58
CA THR B 288 -22.46 -1.83 9.81
C THR B 288 -21.02 -2.15 9.47
N LEU B 289 -20.12 -1.80 10.39
CA LEU B 289 -18.69 -1.98 10.18
C LEU B 289 -18.28 -3.34 10.72
N PHE B 290 -17.66 -4.14 9.86
CA PHE B 290 -17.17 -5.46 10.24
C PHE B 290 -15.66 -5.44 10.08
N SER B 291 -14.95 -5.83 11.14
CA SER B 291 -13.50 -5.86 11.10
C SER B 291 -13.02 -7.14 11.76
N TYR B 292 -11.80 -7.55 11.42
CA TYR B 292 -11.22 -8.70 12.07
C TYR B 292 -9.71 -8.62 12.03
N ARG B 293 -9.08 -9.35 12.96
CA ARG B 293 -7.63 -9.43 13.03
C ARG B 293 -7.20 -10.75 13.64
N THR B 294 -6.09 -11.28 13.12
CA THR B 294 -5.45 -12.48 13.64
C THR B 294 -4.50 -12.10 14.75
N LEU B 295 -4.65 -12.71 15.92
CA LEU B 295 -3.93 -12.23 17.09
C LEU B 295 -2.64 -13.01 17.36
N GLY B 296 -1.78 -13.03 16.35
CA GLY B 296 -0.45 -13.56 16.48
C GLY B 296 0.62 -12.49 16.35
N GLU B 297 1.80 -12.92 15.89
CA GLU B 297 2.94 -12.01 15.82
C GLU B 297 2.80 -11.02 14.67
N ASP B 298 2.37 -11.49 13.51
CA ASP B 298 2.17 -10.64 12.33
C ASP B 298 0.72 -10.79 11.88
N PRO B 299 -0.16 -9.88 12.28
CA PRO B 299 -1.60 -10.09 12.07
C PRO B 299 -2.04 -9.88 10.62
N GLN B 300 -3.31 -10.22 10.38
CA GLN B 300 -3.99 -9.99 9.11
C GLN B 300 -5.21 -9.11 9.38
N TYR B 301 -5.58 -8.28 8.41
CA TYR B 301 -6.44 -7.14 8.68
C TYR B 301 -7.72 -7.24 7.88
N HIS B 302 -8.81 -6.73 8.44
CA HIS B 302 -9.85 -6.08 7.65
C HIS B 302 -10.73 -5.12 8.42
N GLU B 303 -11.08 -4.00 7.78
CA GLU B 303 -12.29 -3.25 8.07
C GLU B 303 -13.10 -3.16 6.79
N GLU B 304 -14.42 -3.17 6.94
CA GLU B 304 -15.31 -3.11 5.78
C GLU B 304 -16.66 -2.59 6.25
N TRP B 305 -17.37 -1.91 5.36
CA TRP B 305 -18.71 -1.41 5.66
C TRP B 305 -19.71 -2.30 4.95
N VAL B 306 -20.27 -3.28 5.66
CA VAL B 306 -21.23 -4.20 5.07
C VAL B 306 -22.58 -3.53 4.96
N THR B 307 -23.18 -3.59 3.77
CA THR B 307 -24.46 -2.97 3.47
C THR B 307 -25.55 -3.96 3.10
N ALA B 308 -25.18 -5.09 2.49
CA ALA B 308 -26.11 -6.14 2.12
C ALA B 308 -25.71 -7.44 2.79
N ALA B 309 -26.59 -8.43 2.73
CA ALA B 309 -26.30 -9.72 3.34
C ALA B 309 -25.18 -10.42 2.60
N VAL B 310 -24.10 -10.74 3.33
CA VAL B 310 -22.91 -11.28 2.67
C VAL B 310 -22.39 -12.51 3.39
N GLU B 311 -21.27 -13.05 2.92
CA GLU B 311 -20.74 -14.32 3.37
C GLU B 311 -19.23 -14.22 3.34
N ARG B 312 -18.59 -14.26 4.50
CA ARG B 312 -17.18 -13.92 4.65
C ARG B 312 -16.42 -15.07 5.26
N THR B 313 -15.31 -15.45 4.65
CA THR B 313 -14.48 -16.55 5.12
C THR B 313 -13.18 -16.02 5.69
N ILE B 314 -12.90 -16.35 6.95
CA ILE B 314 -11.83 -15.71 7.71
C ILE B 314 -10.97 -16.78 8.40
N PRO B 315 -9.65 -16.69 8.32
CA PRO B 315 -8.81 -17.76 8.86
C PRO B 315 -8.60 -17.61 10.35
N VAL B 316 -8.56 -18.74 11.04
CA VAL B 316 -8.35 -18.75 12.49
C VAL B 316 -7.21 -19.71 12.81
N PRO B 317 -5.99 -19.23 12.91
CA PRO B 317 -4.87 -20.11 13.24
C PRO B 317 -4.89 -20.56 14.70
N VAL B 318 -3.88 -21.32 15.12
CA VAL B 318 -3.87 -21.84 16.47
C VAL B 318 -3.75 -20.72 17.50
N ASP B 319 -3.19 -19.58 17.11
CA ASP B 319 -3.12 -18.43 17.99
C ASP B 319 -4.50 -17.85 18.25
N GLY B 320 -5.37 -17.87 17.25
CA GLY B 320 -6.71 -17.34 17.37
C GLY B 320 -6.94 -16.16 16.46
N MET B 321 -8.14 -15.60 16.57
CA MET B 321 -8.43 -14.36 15.87
C MET B 321 -9.61 -13.72 16.57
N GLU B 322 -9.96 -12.50 16.17
CA GLU B 322 -11.21 -11.94 16.63
C GLU B 322 -11.88 -11.13 15.54
N TYR B 323 -13.19 -10.96 15.71
CA TYR B 323 -13.97 -10.13 14.81
C TYR B 323 -14.83 -9.18 15.61
N HIS B 324 -15.05 -8.00 15.03
CA HIS B 324 -15.87 -6.93 15.61
C HIS B 324 -16.97 -6.67 14.60
N TRP B 325 -18.22 -6.94 14.96
CA TRP B 325 -19.35 -6.82 14.06
C TRP B 325 -20.32 -5.80 14.64
N GLY B 326 -20.36 -4.60 14.07
CA GLY B 326 -21.33 -3.64 14.53
C GLY B 326 -20.97 -3.10 15.89
N ASN B 327 -21.98 -2.80 16.69
CA ASN B 327 -21.78 -2.26 18.02
C ASN B 327 -21.61 -3.33 19.09
N ASN B 328 -21.50 -4.59 18.69
CA ASN B 328 -21.24 -5.66 19.63
C ASN B 328 -19.79 -5.61 20.13
N ASP B 329 -19.55 -6.22 21.28
CA ASP B 329 -18.18 -6.37 21.75
C ASP B 329 -17.43 -7.37 20.89
N PRO B 330 -16.12 -7.16 20.71
CA PRO B 330 -15.36 -8.08 19.85
C PRO B 330 -15.36 -9.49 20.40
N VAL B 331 -15.41 -10.45 19.48
CA VAL B 331 -15.49 -11.87 19.83
C VAL B 331 -14.23 -12.56 19.36
N ARG B 332 -13.62 -13.32 20.27
CA ARG B 332 -12.29 -13.89 20.10
C ARG B 332 -12.41 -15.41 20.09
N LEU B 333 -11.77 -16.06 19.11
CA LEU B 333 -12.10 -17.44 18.79
C LEU B 333 -10.84 -18.17 18.33
N TRP B 334 -10.66 -19.41 18.80
CA TRP B 334 -9.42 -20.15 18.68
C TRP B 334 -9.59 -21.48 17.94
N SER B 335 -8.56 -21.86 17.19
CA SER B 335 -8.51 -23.14 16.51
C SER B 335 -8.05 -24.23 17.47
N GLN B 336 -8.06 -25.48 17.00
CA GLN B 336 -7.74 -26.61 17.88
C GLN B 336 -6.95 -27.63 17.09
N LEU B 337 -6.15 -28.41 17.78
CA LEU B 337 -5.14 -29.23 17.12
C LEU B 337 -5.73 -30.52 16.58
N THR B 338 -6.54 -30.42 15.53
CA THR B 338 -7.24 -31.57 14.97
C THR B 338 -6.71 -31.86 13.58
N THR B 339 -6.90 -33.10 13.14
CA THR B 339 -6.29 -33.57 11.91
C THR B 339 -7.08 -34.78 11.41
N GLU B 340 -6.74 -35.25 10.21
CA GLU B 340 -7.46 -36.31 9.54
C GLU B 340 -6.68 -37.61 9.38
N GLY B 341 -5.41 -37.64 9.75
CA GLY B 341 -4.70 -38.89 9.80
C GLY B 341 -5.07 -39.66 11.05
N LYS B 342 -4.51 -40.86 11.16
CA LYS B 342 -4.73 -41.72 12.33
C LYS B 342 -3.41 -41.98 13.04
N PRO B 343 -3.21 -41.46 14.24
CA PRO B 343 -1.96 -41.74 14.95
C PRO B 343 -1.98 -43.15 15.51
N HIS B 344 -0.81 -43.59 15.96
CA HIS B 344 -0.68 -44.83 16.72
C HIS B 344 -1.11 -46.04 15.90
N GLY B 345 -1.02 -45.93 14.57
CA GLY B 345 -1.39 -47.02 13.70
C GLY B 345 -0.26 -47.42 12.78
N TRP B 346 -0.58 -47.74 11.54
CA TRP B 346 0.45 -48.15 10.60
C TRP B 346 1.35 -46.96 10.24
N PRO B 347 2.61 -47.22 9.92
CA PRO B 347 3.53 -46.12 9.62
C PRO B 347 3.06 -45.20 8.51
N HIS B 348 2.25 -45.67 7.57
CA HIS B 348 1.70 -44.79 6.55
C HIS B 348 0.51 -43.98 7.04
N GLN B 349 0.01 -44.25 8.25
CA GLN B 349 -1.02 -43.43 8.87
C GLN B 349 -0.47 -42.42 9.85
N ILE B 350 0.65 -42.71 10.51
CA ILE B 350 1.30 -41.71 11.34
C ILE B 350 1.74 -40.53 10.49
N VAL B 351 2.21 -40.80 9.28
CA VAL B 351 2.62 -39.74 8.37
C VAL B 351 1.43 -38.88 7.98
N GLN B 352 0.27 -39.50 7.73
CA GLN B 352 -0.92 -38.70 7.45
C GLN B 352 -1.31 -37.87 8.65
N TYR B 353 -1.22 -38.44 9.85
CA TYR B 353 -1.55 -37.69 11.06
C TYR B 353 -0.69 -36.46 11.17
N TYR B 354 0.62 -36.61 10.99
CA TYR B 354 1.54 -35.50 11.13
C TYR B 354 1.59 -34.61 9.89
N TYR B 355 0.90 -35.01 8.82
CA TYR B 355 0.68 -34.16 7.67
C TYR B 355 -0.54 -33.28 7.79
N GLY B 356 -1.59 -33.77 8.45
CA GLY B 356 -2.77 -32.93 8.62
C GLY B 356 -2.46 -31.65 9.37
N LEU B 357 -1.59 -31.75 10.37
CA LEU B 357 -1.08 -30.61 11.11
C LEU B 357 0.41 -30.49 10.85
N TYR B 358 0.87 -29.28 10.53
CA TYR B 358 2.24 -29.02 10.07
C TYR B 358 2.57 -29.78 8.79
N PRO B 359 1.94 -29.43 7.65
CA PRO B 359 2.16 -30.20 6.42
C PRO B 359 3.32 -29.71 5.56
N ALA B 360 4.40 -29.27 6.17
CA ALA B 360 5.58 -28.85 5.41
C ALA B 360 6.88 -29.36 6.00
N ALA B 361 6.96 -29.54 7.31
CA ALA B 361 8.11 -30.18 7.92
C ALA B 361 8.01 -31.69 7.88
N THR B 362 6.80 -32.23 7.79
CA THR B 362 6.63 -33.67 7.68
C THR B 362 7.25 -34.20 6.39
N VAL B 363 6.99 -33.53 5.27
CA VAL B 363 7.56 -33.98 4.01
C VAL B 363 9.07 -33.90 4.05
N SER B 364 9.62 -32.80 4.57
CA SER B 364 11.07 -32.67 4.65
C SER B 364 11.69 -33.75 5.52
N ALA B 365 11.11 -34.00 6.69
CA ALA B 365 11.66 -35.00 7.59
C ALA B 365 11.59 -36.39 6.98
N VAL B 366 10.46 -36.74 6.38
CA VAL B 366 10.31 -38.07 5.78
C VAL B 366 11.28 -38.26 4.63
N VAL B 367 11.41 -37.25 3.76
CA VAL B 367 12.31 -37.35 2.63
C VAL B 367 13.74 -37.48 3.10
N GLY B 368 14.13 -36.69 4.10
CA GLY B 368 15.49 -36.78 4.61
C GLY B 368 15.80 -38.14 5.22
N MET B 369 14.86 -38.67 6.01
CA MET B 369 15.06 -39.96 6.64
C MET B 369 15.19 -41.06 5.60
N SER B 370 14.31 -41.05 4.59
CA SER B 370 14.37 -42.07 3.56
C SER B 370 15.66 -41.97 2.76
N LEU B 371 16.09 -40.75 2.44
CA LEU B 371 17.33 -40.56 1.69
C LEU B 371 18.53 -41.08 2.48
N LEU B 372 18.56 -40.79 3.79
CA LEU B 372 19.65 -41.28 4.62
C LEU B 372 19.65 -42.81 4.70
N ALA B 373 18.46 -43.41 4.80
CA ALA B 373 18.39 -44.86 4.80
C ALA B 373 18.90 -45.46 3.49
N LEU B 374 18.54 -44.84 2.36
CA LEU B 374 19.03 -45.32 1.07
C LEU B 374 20.55 -45.22 0.99
N ILE B 375 21.12 -44.10 1.45
CA ILE B 375 22.56 -43.96 1.42
C ILE B 375 23.23 -45.04 2.27
N SER B 376 22.69 -45.29 3.46
CA SER B 376 23.29 -46.30 4.33
C SER B 376 23.25 -47.69 3.68
N ILE B 377 22.10 -48.05 3.11
CA ILE B 377 21.98 -49.39 2.54
C ILE B 377 22.88 -49.54 1.32
N PHE B 378 22.98 -48.49 0.49
CA PHE B 378 23.88 -48.54 -0.66
C PHE B 378 25.32 -48.69 -0.21
N ALA B 379 25.73 -47.95 0.82
CA ALA B 379 27.10 -48.06 1.31
C ALA B 379 27.41 -49.44 1.83
N SER B 380 26.48 -50.04 2.59
CA SER B 380 26.72 -51.38 3.11
C SER B 380 26.82 -52.41 1.99
N CYS B 381 25.95 -52.31 0.98
CA CYS B 381 26.02 -53.24 -0.14
C CYS B 381 27.34 -53.11 -0.88
N TYR B 382 27.78 -51.86 -1.12
CA TYR B 382 29.06 -51.65 -1.78
C TYR B 382 30.20 -52.21 -0.95
N MET B 383 30.11 -52.08 0.37
CA MET B 383 31.16 -52.60 1.23
C MET B 383 31.26 -54.12 1.14
N LEU B 384 30.13 -54.82 1.15
CA LEU B 384 30.18 -56.28 0.95
C LEU B 384 30.74 -56.63 -0.42
N VAL B 385 30.35 -55.89 -1.47
CA VAL B 385 30.84 -56.20 -2.80
C VAL B 385 32.36 -56.04 -2.86
N ALA B 386 32.87 -54.96 -2.28
CA ALA B 386 34.31 -54.74 -2.27
C ALA B 386 35.02 -55.83 -1.48
N ALA B 387 34.46 -56.23 -0.34
CA ALA B 387 35.10 -57.28 0.46
C ALA B 387 35.15 -58.60 -0.30
N ARG B 388 34.06 -58.96 -0.97
CA ARG B 388 34.06 -60.21 -1.74
C ARG B 388 35.07 -60.15 -2.87
N SER B 389 35.10 -59.05 -3.62
CA SER B 389 36.05 -58.94 -4.71
C SER B 389 37.49 -59.02 -4.22
N LYS B 390 37.78 -58.34 -3.11
CA LYS B 390 39.13 -58.32 -2.57
C LYS B 390 39.53 -59.68 -2.02
N CYS B 391 38.56 -60.45 -1.51
CA CYS B 391 38.89 -61.78 -1.01
C CYS B 391 39.10 -62.78 -2.15
N LEU B 392 38.34 -62.64 -3.24
CA LEU B 392 38.47 -63.61 -4.33
C LEU B 392 39.57 -63.27 -5.34
N THR B 393 40.03 -62.01 -5.39
CA THR B 393 41.01 -61.67 -6.42
C THR B 393 42.37 -62.35 -6.27
N PRO B 394 42.85 -62.75 -5.09
CA PRO B 394 44.10 -63.52 -5.06
C PRO B 394 44.02 -64.84 -5.79
N TYR B 395 42.85 -65.48 -5.83
CA TYR B 395 42.74 -66.77 -6.50
C TYR B 395 42.78 -66.66 -8.01
N ALA B 396 42.32 -65.54 -8.57
CA ALA B 396 42.32 -65.34 -10.01
C ALA B 396 43.70 -65.02 -10.55
N LEU B 397 44.68 -64.75 -9.69
CA LEU B 397 46.05 -64.47 -10.10
C LEU B 397 46.93 -65.71 -10.11
N THR B 398 46.40 -66.86 -9.71
CA THR B 398 47.12 -68.13 -9.70
C THR B 398 46.34 -69.18 -10.47
N PRO B 399 47.02 -70.16 -11.07
CA PRO B 399 46.31 -71.28 -11.69
C PRO B 399 45.74 -72.25 -10.67
N GLY B 400 44.99 -71.73 -9.69
CA GLY B 400 44.44 -72.53 -8.62
C GLY B 400 42.97 -72.87 -8.83
N ALA B 401 42.38 -73.42 -7.77
CA ALA B 401 40.97 -73.80 -7.79
C ALA B 401 40.12 -72.71 -7.17
N ALA B 402 38.80 -72.88 -7.24
CA ALA B 402 37.88 -71.94 -6.61
C ALA B 402 37.58 -72.27 -5.15
N VAL B 403 37.91 -73.49 -4.71
CA VAL B 403 37.64 -73.92 -3.33
C VAL B 403 36.15 -73.83 -3.06
N PRO B 404 35.35 -74.78 -3.56
CA PRO B 404 33.88 -74.65 -3.50
C PRO B 404 33.32 -74.22 -2.15
N TRP B 405 34.05 -74.45 -1.06
CA TRP B 405 33.61 -73.93 0.23
C TRP B 405 33.48 -72.42 0.20
N THR B 406 34.45 -71.75 -0.43
CA THR B 406 34.35 -70.31 -0.61
C THR B 406 33.35 -69.95 -1.70
N LEU B 407 33.16 -70.83 -2.69
CA LEU B 407 32.18 -70.56 -3.73
C LEU B 407 30.77 -70.45 -3.15
N GLY B 408 30.41 -71.40 -2.27
CA GLY B 408 29.07 -71.36 -1.69
C GLY B 408 28.83 -70.10 -0.87
N ILE B 409 29.80 -69.76 -0.01
CA ILE B 409 29.67 -68.55 0.79
C ILE B 409 29.79 -67.30 -0.08
N LEU B 410 30.79 -67.28 -0.97
CA LEU B 410 31.06 -66.11 -1.80
C LEU B 410 30.69 -66.43 -3.25
N CYS B 411 29.56 -65.89 -3.70
CA CYS B 411 29.14 -66.07 -5.07
C CYS B 411 30.09 -65.36 -6.01
N CYS B 412 30.32 -65.95 -7.18
CA CYS B 412 31.19 -65.38 -8.19
C CYS B 412 30.52 -65.47 -9.55
N ALA B 413 31.11 -64.76 -10.53
CA ALA B 413 30.59 -64.81 -11.90
C ALA B 413 30.60 -66.22 -12.47
N PRO B 414 31.68 -67.03 -12.32
CA PRO B 414 31.61 -68.41 -12.81
C PRO B 414 30.72 -69.28 -11.95
N ARG B 415 29.54 -69.64 -12.47
CA ARG B 415 28.63 -70.51 -11.73
C ARG B 415 29.17 -71.93 -11.65
N ALA B 416 29.63 -72.46 -12.79
CA ALA B 416 30.17 -73.81 -12.85
C ALA B 416 31.46 -73.95 -13.64
N HIS B 417 31.79 -72.98 -14.49
CA HIS B 417 32.99 -73.06 -15.33
C HIS B 417 34.17 -72.54 -14.52
N ALA B 418 34.90 -73.46 -13.89
CA ALA B 418 36.08 -73.14 -13.09
C ALA B 418 35.76 -72.11 -12.00
N MET C 1 -11.46 48.93 37.45
CA MET C 1 -10.38 48.88 36.47
C MET C 1 -10.81 49.51 35.16
N CYS C 2 -12.11 49.64 34.97
CA CYS C 2 -12.64 50.27 33.77
C CYS C 2 -12.35 51.77 33.79
N VAL C 3 -12.19 52.35 32.60
CA VAL C 3 -11.69 53.71 32.46
C VAL C 3 -12.68 54.54 31.65
N LEU C 4 -12.88 55.78 32.09
CA LEU C 4 -13.72 56.75 31.39
C LEU C 4 -12.94 58.06 31.33
N ALA C 5 -12.28 58.30 30.20
CA ALA C 5 -11.48 59.52 29.99
C ALA C 5 -10.40 59.66 31.05
N ASN C 6 -10.77 60.21 32.21
CA ASN C 6 -9.83 60.41 33.32
C ASN C 6 -10.50 60.06 34.64
N ALA C 7 -11.27 58.96 34.65
CA ALA C 7 -11.98 58.54 35.85
C ALA C 7 -11.29 57.36 36.54
N THR C 8 -11.09 56.26 35.81
CA THR C 8 -10.45 55.05 36.33
C THR C 8 -11.21 54.52 37.56
N PHE C 9 -12.43 54.07 37.29
CA PHE C 9 -13.37 53.60 38.29
C PHE C 9 -13.38 52.08 38.37
N PRO C 10 -13.81 51.50 39.49
CA PRO C 10 -14.00 50.05 39.53
C PRO C 10 -15.23 49.64 38.75
N CYS C 11 -15.11 48.53 38.02
CA CYS C 11 -16.11 48.19 37.02
C CYS C 11 -17.45 47.81 37.65
N PHE C 12 -17.47 47.45 38.92
CA PHE C 12 -18.73 47.13 39.59
C PHE C 12 -19.63 48.36 39.67
N GLN C 13 -19.05 49.54 39.88
CA GLN C 13 -19.80 50.76 40.15
C GLN C 13 -19.34 51.85 39.18
N PRO C 14 -19.78 51.79 37.92
CA PRO C 14 -19.55 52.94 37.03
C PRO C 14 -20.34 54.14 37.50
N PRO C 15 -19.85 55.35 37.24
CA PRO C 15 -20.50 56.55 37.82
C PRO C 15 -21.86 56.87 37.23
N CYS C 16 -22.40 56.04 36.34
CA CYS C 16 -23.69 56.31 35.71
C CYS C 16 -24.86 55.64 36.44
N VAL C 17 -24.59 54.89 37.51
CA VAL C 17 -25.67 54.16 38.20
C VAL C 17 -26.63 55.15 38.82
N PRO C 18 -27.96 54.97 38.68
CA PRO C 18 -28.59 53.85 37.96
C PRO C 18 -29.06 54.21 36.56
N CYS C 19 -29.46 53.20 35.80
CA CYS C 19 -30.00 53.36 34.45
C CYS C 19 -29.02 54.12 33.55
N CYS C 20 -27.85 53.51 33.33
CA CYS C 20 -26.86 54.12 32.45
C CYS C 20 -27.36 54.22 31.02
N TYR C 21 -27.93 53.14 30.50
CA TYR C 21 -28.46 53.16 29.13
C TYR C 21 -29.62 54.13 29.00
N GLU C 22 -30.51 54.15 30.00
CA GLU C 22 -31.71 54.98 29.91
C GLU C 22 -31.37 56.47 29.94
N ASN C 23 -30.45 56.86 30.82
CA ASN C 23 -30.09 58.27 30.90
C ASN C 23 -29.38 58.74 29.65
N ASN C 24 -28.40 57.96 29.17
CA ASN C 24 -27.71 58.25 27.92
C ASN C 24 -27.16 56.96 27.34
N ALA C 25 -27.82 56.46 26.29
CA ALA C 25 -27.32 55.27 25.59
C ALA C 25 -26.03 55.56 24.83
N GLU C 26 -25.99 56.71 24.15
CA GLU C 26 -24.83 57.07 23.34
C GLU C 26 -23.55 56.94 24.16
N ALA C 27 -23.49 57.64 25.29
CA ALA C 27 -22.29 57.65 26.12
C ALA C 27 -22.00 56.28 26.72
N THR C 28 -23.05 55.56 27.15
CA THR C 28 -22.81 54.24 27.74
C THR C 28 -22.13 53.32 26.75
N LEU C 29 -22.63 53.27 25.51
CA LEU C 29 -22.03 52.38 24.52
C LEU C 29 -20.65 52.87 24.06
N ARG C 30 -20.48 54.19 23.92
CA ARG C 30 -19.15 54.71 23.60
C ARG C 30 -18.12 54.35 24.67
N MET C 31 -18.51 54.38 25.94
CA MET C 31 -17.61 53.98 27.01
C MET C 31 -17.39 52.48 27.03
N LEU C 32 -18.45 51.71 26.77
CA LEU C 32 -18.38 50.27 26.88
C LEU C 32 -17.60 49.67 25.72
N GLU C 33 -17.55 50.36 24.58
CA GLU C 33 -16.70 49.98 23.47
C GLU C 33 -15.22 50.21 23.75
N ASP C 34 -14.89 51.17 24.62
CA ASP C 34 -13.50 51.46 24.94
C ASP C 34 -12.86 50.44 25.86
N ASN C 35 -13.64 49.52 26.43
CA ASN C 35 -13.17 48.62 27.47
C ASN C 35 -13.19 47.17 27.05
N VAL C 36 -13.20 46.88 25.75
CA VAL C 36 -13.31 45.49 25.30
C VAL C 36 -12.07 44.69 25.67
N ASP C 37 -10.91 45.34 25.69
CA ASP C 37 -9.68 44.64 26.02
C ASP C 37 -9.53 44.33 27.50
N ARG C 38 -10.15 45.12 28.38
CA ARG C 38 -9.98 44.91 29.81
C ARG C 38 -10.66 43.61 30.23
N PRO C 39 -10.04 42.83 31.11
CA PRO C 39 -10.67 41.57 31.58
C PRO C 39 -11.99 41.78 32.29
N GLY C 40 -12.20 42.93 32.92
CA GLY C 40 -13.47 43.16 33.61
C GLY C 40 -14.57 43.66 32.70
N TYR C 41 -14.51 43.30 31.41
CA TYR C 41 -15.48 43.83 30.46
C TYR C 41 -16.90 43.35 30.78
N TYR C 42 -17.05 42.07 31.11
CA TYR C 42 -18.40 41.53 31.25
C TYR C 42 -19.08 42.03 32.51
N ASP C 43 -18.33 42.29 33.58
CA ASP C 43 -18.92 42.93 34.75
C ASP C 43 -19.44 44.32 34.42
N LEU C 44 -18.67 45.08 33.63
CA LEU C 44 -19.12 46.40 33.22
C LEU C 44 -20.34 46.31 32.30
N LEU C 45 -20.38 45.30 31.44
CA LEU C 45 -21.57 45.09 30.62
C LEU C 45 -22.78 44.79 31.49
N GLN C 46 -22.59 43.97 32.53
CA GLN C 46 -23.69 43.66 33.44
C GLN C 46 -24.16 44.89 34.20
N ALA C 47 -23.24 45.72 34.66
CA ALA C 47 -23.59 46.89 35.47
C ALA C 47 -24.09 48.07 34.65
N ALA C 48 -23.78 48.12 33.36
CA ALA C 48 -24.16 49.27 32.55
C ALA C 48 -25.62 49.23 32.14
N LEU C 49 -26.21 48.06 32.01
CA LEU C 49 -27.55 47.90 31.48
C LEU C 49 -28.46 47.07 32.40
N THR C 50 -28.48 47.42 33.68
CA THR C 50 -29.34 46.78 34.68
C THR C 50 -29.91 47.85 35.60
N CYS C 51 -31.22 48.12 35.48
CA CYS C 51 -31.83 49.04 36.43
C CYS C 51 -33.34 48.84 36.46
N ARG C 52 -33.96 49.37 37.52
CA ARG C 52 -35.39 49.22 37.75
C ARG C 52 -36.07 50.55 38.06
N LYS D 1 72.03 -74.42 -25.63
CA LYS D 1 70.81 -75.22 -25.47
C LYS D 1 69.79 -74.49 -24.59
N ARG D 2 70.16 -74.25 -23.33
CA ARG D 2 69.28 -73.54 -22.42
C ARG D 2 69.00 -72.12 -22.91
N GLU D 3 70.02 -71.45 -23.43
CA GLU D 3 69.86 -70.08 -23.91
C GLU D 3 68.89 -70.02 -25.08
N ARG D 4 69.03 -70.93 -26.04
CA ARG D 4 68.16 -70.93 -27.21
C ARG D 4 66.71 -71.22 -26.83
N MET D 5 66.49 -72.20 -25.96
CA MET D 5 65.11 -72.52 -25.59
C MET D 5 64.51 -71.41 -24.75
N CYS D 6 65.32 -70.76 -23.91
CA CYS D 6 64.84 -69.59 -23.19
C CYS D 6 64.42 -68.49 -24.15
N MET D 7 65.22 -68.24 -25.18
CA MET D 7 64.86 -67.22 -26.17
C MET D 7 63.59 -67.58 -26.91
N LYS D 8 63.42 -68.85 -27.31
CA LYS D 8 62.23 -69.21 -28.07
C LYS D 8 60.97 -69.16 -27.19
N ILE D 9 61.10 -69.58 -25.92
CA ILE D 9 59.97 -69.46 -25.01
C ILE D 9 59.62 -68.00 -24.79
N GLU D 10 60.63 -67.13 -24.65
CA GLU D 10 60.34 -65.72 -24.49
C GLU D 10 59.68 -65.13 -25.74
N ASN D 11 60.15 -65.53 -26.93
CA ASN D 11 59.53 -65.04 -28.16
C ASN D 11 58.08 -65.49 -28.27
N ASP D 12 57.80 -66.74 -27.90
CA ASP D 12 56.44 -67.26 -27.98
C ASP D 12 55.57 -66.84 -26.81
N CYS D 13 56.15 -66.26 -25.76
CA CYS D 13 55.42 -66.02 -24.53
C CYS D 13 55.63 -64.62 -23.98
N ILE D 14 55.97 -63.65 -24.84
CA ILE D 14 56.11 -62.26 -24.44
C ILE D 14 55.49 -61.38 -25.52
N PHE D 15 54.78 -60.35 -25.10
CA PHE D 15 54.25 -59.33 -25.99
C PHE D 15 54.67 -57.96 -25.46
N GLU D 16 55.26 -57.15 -26.32
CA GLU D 16 55.71 -55.84 -25.88
C GLU D 16 54.53 -54.94 -25.56
N VAL D 17 54.82 -53.88 -24.80
CA VAL D 17 53.84 -52.85 -24.48
C VAL D 17 54.38 -51.53 -25.01
N LYS D 18 53.59 -50.84 -25.82
CA LYS D 18 53.97 -49.56 -26.41
C LYS D 18 53.07 -48.45 -25.91
N HIS D 19 53.69 -47.32 -25.56
CA HIS D 19 52.95 -46.13 -25.15
C HIS D 19 53.70 -44.92 -25.72
N GLU D 20 52.94 -44.00 -26.32
CA GLU D 20 53.51 -42.88 -27.09
C GLU D 20 54.55 -43.35 -28.11
N GLY D 21 54.42 -44.57 -28.59
CA GLY D 21 55.34 -45.11 -29.57
C GLY D 21 56.62 -45.66 -29.01
N LYS D 22 56.82 -45.62 -27.70
CA LYS D 22 58.02 -46.16 -27.07
C LYS D 22 57.64 -47.38 -26.25
N VAL D 23 58.53 -48.38 -26.23
CA VAL D 23 58.27 -49.58 -25.45
C VAL D 23 58.40 -49.25 -23.96
N THR D 24 57.48 -49.77 -23.17
CA THR D 24 57.44 -49.48 -21.74
C THR D 24 57.58 -50.70 -20.85
N GLY D 25 57.23 -51.89 -21.32
CA GLY D 25 57.27 -53.07 -20.48
C GLY D 25 57.05 -54.32 -21.30
N TYR D 26 56.66 -55.39 -20.60
CA TYR D 26 56.39 -56.66 -21.25
C TYR D 26 55.23 -57.36 -20.56
N ALA D 27 54.51 -58.18 -21.31
CA ALA D 27 53.46 -59.04 -20.78
C ALA D 27 53.77 -60.49 -21.15
N CYS D 28 53.52 -61.41 -20.22
CA CYS D 28 53.90 -62.80 -20.42
C CYS D 28 52.69 -63.73 -20.26
N LEU D 29 52.68 -64.78 -21.07
CA LEU D 29 51.59 -65.74 -21.12
C LEU D 29 52.05 -67.05 -20.46
N VAL D 30 51.46 -67.38 -19.31
CA VAL D 30 51.86 -68.55 -18.53
C VAL D 30 50.61 -69.38 -18.23
N GLY D 31 50.73 -70.70 -18.35
CA GLY D 31 49.64 -71.58 -18.01
C GLY D 31 48.42 -71.38 -18.89
N ASP D 32 47.40 -70.75 -18.34
CA ASP D 32 46.23 -70.35 -19.13
C ASP D 32 45.88 -68.89 -18.89
N LYS D 33 46.86 -68.07 -18.54
CA LYS D 33 46.59 -66.67 -18.26
C LYS D 33 47.75 -65.77 -18.66
N VAL D 34 47.40 -64.61 -19.17
CA VAL D 34 48.37 -63.56 -19.46
C VAL D 34 48.46 -62.65 -18.24
N MET D 35 49.67 -62.28 -17.86
CA MET D 35 49.86 -61.30 -16.80
C MET D 35 50.91 -60.28 -17.20
N LYS D 36 50.72 -59.06 -16.73
CA LYS D 36 51.51 -57.89 -17.00
C LYS D 36 51.72 -57.16 -15.69
N PRO D 37 52.86 -56.51 -15.51
CA PRO D 37 53.00 -55.59 -14.37
C PRO D 37 51.93 -54.50 -14.47
N ALA D 38 51.37 -54.15 -13.32
CA ALA D 38 50.29 -53.18 -13.32
C ALA D 38 50.80 -51.75 -13.43
N HIS D 39 51.99 -51.47 -12.90
CA HIS D 39 52.52 -50.11 -12.92
C HIS D 39 52.80 -49.64 -14.34
N VAL D 40 53.22 -50.53 -15.22
CA VAL D 40 53.52 -50.13 -16.59
C VAL D 40 52.22 -49.85 -17.33
N LYS D 41 52.21 -48.76 -18.09
CA LYS D 41 51.02 -48.36 -18.84
C LYS D 41 51.34 -48.42 -20.34
N GLY D 42 50.31 -48.69 -21.12
CA GLY D 42 50.42 -48.79 -22.55
C GLY D 42 49.39 -49.77 -23.08
N VAL D 43 49.65 -50.29 -24.28
CA VAL D 43 48.76 -51.25 -24.91
C VAL D 43 49.60 -52.40 -25.45
N ILE D 44 49.09 -53.61 -25.26
CA ILE D 44 49.80 -54.82 -25.67
C ILE D 44 49.78 -54.93 -27.19
N ASP D 45 50.87 -55.41 -27.77
CA ASP D 45 51.00 -55.55 -29.22
C ASP D 45 50.23 -56.77 -29.71
N ASN D 46 48.95 -56.81 -29.35
CA ASN D 46 48.03 -57.83 -29.84
C ASN D 46 46.60 -57.38 -29.57
N ALA D 47 45.81 -57.23 -30.64
CA ALA D 47 44.42 -56.83 -30.45
C ALA D 47 43.65 -57.87 -29.67
N ASP D 48 44.05 -59.14 -29.78
CA ASP D 48 43.42 -60.19 -29.01
C ASP D 48 43.58 -59.96 -27.51
N LEU D 49 44.82 -59.69 -27.08
CA LEU D 49 45.05 -59.45 -25.66
C LEU D 49 44.60 -58.05 -25.25
N ALA D 50 44.62 -57.10 -26.20
CA ALA D 50 44.23 -55.74 -25.86
C ALA D 50 42.75 -55.62 -25.51
N LYS D 51 41.90 -56.46 -26.09
CA LYS D 51 40.47 -56.36 -25.82
C LYS D 51 40.03 -57.16 -24.60
N LEU D 52 40.89 -58.00 -24.04
CA LEU D 52 40.52 -58.76 -22.85
C LEU D 52 40.35 -57.84 -21.66
N ALA D 53 39.34 -58.13 -20.85
CA ALA D 53 39.05 -57.35 -19.65
C ALA D 53 40.02 -57.80 -18.56
N PHE D 54 41.03 -56.97 -18.30
CA PHE D 54 42.10 -57.33 -17.38
C PHE D 54 41.68 -57.06 -15.95
N LYS D 55 42.04 -57.98 -15.06
CA LYS D 55 41.78 -57.80 -13.64
C LYS D 55 43.02 -57.23 -12.97
N LYS D 56 42.80 -56.18 -12.17
CA LYS D 56 43.83 -55.35 -11.58
C LYS D 56 44.05 -55.73 -10.12
N SER D 57 45.30 -55.58 -9.66
CA SER D 57 45.58 -55.65 -8.22
C SER D 57 46.74 -54.71 -7.94
N SER D 58 46.44 -53.57 -7.31
CA SER D 58 47.48 -52.61 -6.96
C SER D 58 48.38 -53.09 -5.84
N LYS D 59 47.84 -53.84 -4.87
CA LYS D 59 48.65 -54.32 -3.77
C LYS D 59 49.71 -55.30 -4.26
N TYR D 60 49.32 -56.21 -5.15
CA TYR D 60 50.27 -57.08 -5.82
C TYR D 60 50.91 -56.43 -7.03
N ASP D 61 50.35 -55.31 -7.50
CA ASP D 61 50.84 -54.59 -8.68
C ASP D 61 50.92 -55.53 -9.89
N LEU D 62 49.76 -56.07 -10.26
CA LEU D 62 49.70 -57.05 -11.34
C LEU D 62 48.34 -56.99 -12.01
N GLU D 63 48.34 -57.12 -13.34
CA GLU D 63 47.13 -57.31 -14.12
C GLU D 63 47.17 -58.68 -14.75
N CYS D 64 46.03 -59.37 -14.73
CA CYS D 64 45.95 -60.71 -15.31
C CYS D 64 44.67 -60.84 -16.11
N ALA D 65 44.67 -61.81 -17.03
CA ALA D 65 43.48 -62.11 -17.80
C ALA D 65 43.58 -63.53 -18.31
N GLN D 66 42.43 -64.10 -18.66
CA GLN D 66 42.37 -65.46 -19.17
C GLN D 66 42.57 -65.44 -20.68
N ILE D 67 43.47 -66.27 -21.17
CA ILE D 67 43.88 -66.26 -22.58
C ILE D 67 42.75 -66.81 -23.45
N PRO D 68 42.70 -66.42 -24.73
CA PRO D 68 41.73 -67.03 -25.63
C PRO D 68 42.04 -68.50 -25.87
N VAL D 69 41.06 -69.20 -26.44
CA VAL D 69 41.18 -70.64 -26.65
C VAL D 69 42.25 -70.96 -27.68
N HIS D 70 42.39 -70.13 -28.72
CA HIS D 70 43.29 -70.44 -29.83
C HIS D 70 44.75 -70.16 -29.50
N MET D 71 45.04 -69.48 -28.39
CA MET D 71 46.40 -69.25 -27.92
C MET D 71 46.81 -70.20 -26.82
N ARG D 72 45.99 -71.21 -26.54
CA ARG D 72 46.21 -72.05 -25.35
C ARG D 72 47.32 -73.07 -25.55
N SER D 73 47.76 -73.29 -26.78
CA SER D 73 48.84 -74.23 -27.06
C SER D 73 50.20 -73.55 -27.12
N ASP D 74 50.25 -72.24 -26.92
CA ASP D 74 51.47 -71.44 -27.00
C ASP D 74 51.83 -70.91 -25.62
N ALA D 75 51.69 -71.74 -24.59
CA ALA D 75 51.80 -71.31 -23.21
C ALA D 75 53.01 -71.96 -22.55
N SER D 76 53.78 -71.15 -21.82
CA SER D 76 54.89 -71.67 -21.06
C SER D 76 54.39 -72.51 -19.89
N LYS D 77 55.32 -73.20 -19.24
CA LYS D 77 55.01 -74.02 -18.08
C LYS D 77 55.40 -73.30 -16.81
N TYR D 78 54.58 -73.46 -15.77
CA TYR D 78 54.81 -72.83 -14.48
C TYR D 78 55.28 -73.87 -13.45
N THR D 79 55.77 -73.36 -12.34
CA THR D 79 56.11 -74.17 -11.18
C THR D 79 55.96 -73.31 -9.94
N HIS D 80 56.25 -73.91 -8.79
CA HIS D 80 56.13 -73.22 -7.51
C HIS D 80 57.28 -73.48 -6.55
N GLU D 81 58.30 -74.21 -6.96
CA GLU D 81 59.43 -74.51 -6.08
C GLU D 81 60.61 -73.61 -6.39
N LYS D 82 61.35 -73.23 -5.36
CA LYS D 82 62.48 -72.32 -5.49
C LYS D 82 63.72 -72.91 -4.84
N PRO D 83 64.37 -73.86 -5.51
CA PRO D 83 65.65 -74.38 -5.00
C PRO D 83 66.74 -73.32 -5.04
N GLU D 84 67.73 -73.48 -4.17
CA GLU D 84 68.84 -72.53 -4.10
C GLU D 84 69.80 -72.74 -5.27
N GLY D 85 70.20 -71.65 -5.90
CA GLY D 85 71.20 -71.73 -6.96
C GLY D 85 71.05 -70.58 -7.95
N HIS D 86 71.08 -70.93 -9.23
CA HIS D 86 71.08 -69.98 -10.33
C HIS D 86 69.91 -70.25 -11.26
N TYR D 87 69.45 -69.19 -11.93
CA TYR D 87 68.30 -69.30 -12.82
C TYR D 87 68.51 -68.46 -14.08
N ASN D 88 67.78 -68.80 -15.13
CA ASN D 88 67.96 -68.15 -16.43
C ASN D 88 67.17 -66.85 -16.51
N TRP D 89 67.60 -65.98 -17.42
CA TRP D 89 66.93 -64.72 -17.66
C TRP D 89 67.34 -64.22 -19.03
N HIS D 90 66.48 -63.38 -19.62
CA HIS D 90 66.76 -62.82 -20.94
C HIS D 90 68.07 -62.03 -20.97
N HIS D 91 68.53 -61.53 -19.84
CA HIS D 91 69.77 -60.79 -19.76
C HIS D 91 70.85 -61.56 -19.03
N GLY D 92 70.71 -62.89 -18.92
CA GLY D 92 71.77 -63.69 -18.34
C GLY D 92 71.35 -64.68 -17.29
N ALA D 93 72.00 -64.63 -16.12
CA ALA D 93 71.75 -65.56 -15.03
C ALA D 93 71.54 -64.79 -13.73
N VAL D 94 70.51 -65.16 -12.99
CA VAL D 94 70.19 -64.55 -11.69
C VAL D 94 70.58 -65.51 -10.59
N GLN D 95 70.92 -64.95 -9.43
CA GLN D 95 71.38 -65.72 -8.28
C GLN D 95 70.34 -65.65 -7.18
N TYR D 96 69.96 -66.82 -6.64
CA TYR D 96 68.97 -66.87 -5.57
C TYR D 96 69.68 -67.24 -4.27
N SER D 97 69.50 -66.43 -3.24
CA SER D 97 70.13 -66.67 -1.94
C SER D 97 69.27 -66.05 -0.84
N GLY D 98 68.88 -66.87 0.13
CA GLY D 98 68.19 -66.37 1.31
C GLY D 98 66.90 -65.65 1.01
N GLY D 99 66.13 -66.13 0.04
CA GLY D 99 64.92 -65.47 -0.36
C GLY D 99 65.11 -64.25 -1.23
N ARG D 100 66.34 -63.96 -1.65
CA ARG D 100 66.65 -62.78 -2.44
C ARG D 100 67.12 -63.20 -3.83
N PHE D 101 66.53 -62.62 -4.86
CA PHE D 101 67.02 -62.74 -6.22
C PHE D 101 67.91 -61.55 -6.53
N THR D 102 69.08 -61.80 -7.09
CA THR D 102 70.00 -60.71 -7.40
C THR D 102 70.64 -60.88 -8.77
N ILE D 103 70.89 -59.74 -9.40
CA ILE D 103 71.57 -59.66 -10.70
C ILE D 103 73.07 -59.55 -10.43
N PRO D 104 73.90 -60.35 -11.09
CA PRO D 104 75.35 -60.22 -10.87
C PRO D 104 75.91 -58.88 -11.30
N THR D 105 75.25 -58.14 -12.18
CA THR D 105 75.85 -56.95 -12.77
C THR D 105 75.09 -55.66 -12.53
N GLY D 106 73.81 -55.73 -12.18
CA GLY D 106 73.00 -54.52 -12.15
C GLY D 106 72.78 -53.93 -13.53
N ALA D 107 72.46 -54.76 -14.52
CA ALA D 107 72.24 -54.31 -15.89
C ALA D 107 70.76 -54.05 -16.20
N GLY D 108 69.88 -54.15 -15.21
CA GLY D 108 68.48 -53.87 -15.45
C GLY D 108 68.24 -52.40 -15.71
N LYS D 109 67.34 -52.12 -16.63
CA LYS D 109 67.04 -50.75 -17.04
C LYS D 109 65.54 -50.53 -17.02
N PRO D 110 65.09 -49.28 -16.89
CA PRO D 110 63.65 -49.01 -16.90
C PRO D 110 63.01 -49.51 -18.19
N GLY D 111 61.80 -50.05 -18.05
CA GLY D 111 61.12 -50.69 -19.16
C GLY D 111 61.38 -52.17 -19.31
N ASP D 112 62.15 -52.77 -18.39
CA ASP D 112 62.49 -54.18 -18.44
C ASP D 112 61.54 -55.04 -17.61
N SER D 113 60.46 -54.45 -17.07
CA SER D 113 59.55 -55.19 -16.21
C SER D 113 58.84 -56.30 -16.98
N GLY D 114 58.51 -57.37 -16.28
CA GLY D 114 57.65 -58.40 -16.80
C GLY D 114 58.34 -59.56 -17.49
N ARG D 115 59.64 -59.48 -17.72
CA ARG D 115 60.33 -60.57 -18.41
C ARG D 115 60.47 -61.74 -17.45
N PRO D 116 59.90 -62.91 -17.76
CA PRO D 116 59.83 -63.98 -16.77
C PRO D 116 61.19 -64.59 -16.48
N ILE D 117 61.32 -65.15 -15.28
CA ILE D 117 62.51 -65.85 -14.83
C ILE D 117 62.24 -67.34 -14.99
N PHE D 118 63.11 -68.03 -15.73
CA PHE D 118 62.92 -69.43 -16.03
C PHE D 118 63.71 -70.31 -15.09
N ASP D 119 63.25 -71.55 -14.95
CA ASP D 119 63.95 -72.56 -14.18
C ASP D 119 64.87 -73.34 -15.12
N ASN D 120 65.47 -74.42 -14.59
CA ASN D 120 66.35 -75.24 -15.42
C ASN D 120 65.58 -75.84 -16.59
N LYS D 121 64.36 -76.30 -16.35
CA LYS D 121 63.55 -76.96 -17.37
C LYS D 121 62.67 -76.00 -18.15
N GLY D 122 62.96 -74.70 -18.08
CA GLY D 122 62.17 -73.71 -18.79
C GLY D 122 60.92 -73.27 -18.08
N ARG D 123 60.63 -73.85 -16.93
CA ARG D 123 59.45 -73.44 -16.16
C ARG D 123 59.69 -72.07 -15.52
N VAL D 124 58.62 -71.30 -15.41
CA VAL D 124 58.71 -69.96 -14.84
C VAL D 124 58.64 -70.06 -13.33
N VAL D 125 59.49 -69.29 -12.66
CA VAL D 125 59.51 -69.22 -11.20
C VAL D 125 58.95 -67.90 -10.70
N ALA D 126 59.35 -66.78 -11.32
CA ALA D 126 58.95 -65.47 -10.85
C ALA D 126 58.80 -64.55 -12.04
N ILE D 127 58.41 -63.31 -11.76
CA ILE D 127 58.30 -62.27 -12.77
C ILE D 127 58.95 -61.02 -12.23
N VAL D 128 59.89 -60.46 -12.99
CA VAL D 128 60.65 -59.30 -12.53
C VAL D 128 59.76 -58.07 -12.62
N LEU D 129 59.67 -57.32 -11.52
CA LEU D 129 58.97 -56.05 -11.51
C LEU D 129 59.90 -54.86 -11.38
N GLY D 130 60.87 -54.92 -10.47
CA GLY D 130 61.74 -53.77 -10.28
C GLY D 130 63.09 -54.20 -9.76
N GLY D 131 63.98 -53.21 -9.65
CA GLY D 131 65.32 -53.47 -9.17
C GLY D 131 65.74 -52.44 -8.15
N ALA D 132 66.67 -52.86 -7.29
CA ALA D 132 67.29 -52.00 -6.30
C ALA D 132 68.81 -52.16 -6.37
N ASN D 133 69.50 -51.05 -6.59
CA ASN D 133 70.95 -51.09 -6.72
C ASN D 133 71.56 -51.15 -5.31
N GLU D 134 71.91 -52.36 -4.88
CA GLU D 134 72.55 -52.57 -3.57
C GLU D 134 73.96 -53.08 -3.83
N GLY D 135 74.94 -52.34 -3.31
CA GLY D 135 76.32 -52.68 -3.56
C GLY D 135 76.61 -52.65 -5.04
N SER D 136 77.27 -53.70 -5.53
CA SER D 136 77.52 -53.87 -6.94
C SER D 136 76.47 -54.73 -7.62
N ARG D 137 75.42 -55.11 -6.90
CA ARG D 137 74.37 -55.98 -7.42
C ARG D 137 73.05 -55.23 -7.45
N THR D 138 72.04 -55.88 -8.03
CA THR D 138 70.68 -55.36 -8.00
C THR D 138 69.78 -56.44 -7.43
N ALA D 139 69.13 -56.11 -6.32
CA ALA D 139 68.09 -56.97 -5.77
C ALA D 139 66.84 -56.85 -6.63
N LEU D 140 66.12 -57.95 -6.79
CA LEU D 140 64.96 -58.01 -7.67
C LEU D 140 63.68 -57.97 -6.85
N SER D 141 62.86 -56.96 -7.09
CA SER D 141 61.50 -56.91 -6.56
C SER D 141 60.64 -57.68 -7.55
N VAL D 142 60.21 -58.88 -7.16
CA VAL D 142 59.60 -59.82 -8.08
C VAL D 142 58.31 -60.35 -7.50
N VAL D 143 57.64 -61.18 -8.30
CA VAL D 143 56.33 -61.74 -8.00
C VAL D 143 56.43 -63.24 -8.17
N THR D 144 56.25 -63.99 -7.09
CA THR D 144 56.40 -65.43 -7.13
C THR D 144 55.13 -66.11 -6.62
N TRP D 145 55.07 -67.43 -6.85
CA TRP D 145 53.87 -68.21 -6.58
C TRP D 145 54.08 -69.17 -5.43
N ASN D 146 53.13 -69.18 -4.51
CA ASN D 146 53.06 -70.15 -3.43
C ASN D 146 52.22 -71.34 -3.86
N LYS D 147 51.78 -72.16 -2.91
CA LYS D 147 50.93 -73.31 -3.22
C LYS D 147 49.70 -72.87 -4.01
N ASP D 148 48.99 -71.86 -3.53
CA ASP D 148 47.86 -71.27 -4.25
C ASP D 148 47.81 -69.76 -4.21
N MET D 149 48.74 -69.07 -3.55
CA MET D 149 48.73 -67.63 -3.44
C MET D 149 49.87 -67.02 -4.22
N VAL D 150 49.84 -65.70 -4.35
CA VAL D 150 50.89 -64.91 -4.97
C VAL D 150 51.57 -64.10 -3.88
N THR D 151 52.89 -64.01 -3.94
CA THR D 151 53.63 -63.16 -3.01
C THR D 151 54.53 -62.22 -3.79
N ARG D 152 54.76 -61.06 -3.22
CA ARG D 152 55.56 -60.00 -3.83
C ARG D 152 56.71 -59.64 -2.91
N VAL D 153 57.93 -59.67 -3.45
CA VAL D 153 59.12 -59.30 -2.72
C VAL D 153 59.61 -57.96 -3.26
N THR D 154 59.66 -56.95 -2.39
CA THR D 154 60.10 -55.61 -2.77
C THR D 154 61.11 -55.13 -1.74
N PRO D 155 62.40 -55.39 -1.94
CA PRO D 155 63.42 -54.88 -1.02
C PRO D 155 63.51 -53.36 -1.06
N GLU D 156 63.99 -52.80 0.04
CA GLU D 156 64.06 -51.35 0.17
C GLU D 156 64.97 -50.74 -0.87
N GLY D 157 64.66 -49.51 -1.27
CA GLY D 157 65.44 -48.81 -2.28
C GLY D 157 65.11 -49.17 -3.70
N SER D 158 64.16 -50.07 -3.92
CA SER D 158 63.81 -50.51 -5.27
C SER D 158 63.02 -49.44 -5.99
N GLU D 159 63.17 -49.43 -7.32
CA GLU D 159 62.45 -48.51 -8.19
C GLU D 159 61.78 -49.28 -9.31
N GLU D 160 60.56 -48.85 -9.65
CA GLU D 160 59.78 -49.46 -10.73
C GLU D 160 60.51 -49.27 -12.04
N TRP D 161 60.46 -50.27 -12.92
CA TRP D 161 61.03 -50.13 -14.24
C TRP D 161 59.94 -49.93 -15.29
N TYR E 1 -52.94 -51.77 -44.31
CA TYR E 1 -51.62 -51.93 -44.87
C TYR E 1 -50.58 -51.26 -43.97
N GLU E 2 -49.71 -52.06 -43.39
CA GLU E 2 -48.78 -51.57 -42.38
C GLU E 2 -47.64 -50.78 -43.01
N HIS E 3 -47.28 -49.67 -42.38
CA HIS E 3 -46.17 -48.82 -42.80
C HIS E 3 -45.54 -48.19 -41.57
N SER E 4 -44.25 -47.87 -41.67
CA SER E 4 -43.51 -47.28 -40.56
C SER E 4 -42.52 -46.25 -41.09
N THR E 5 -42.41 -45.14 -40.37
CA THR E 5 -41.46 -44.09 -40.72
C THR E 5 -40.84 -43.54 -39.44
N VAL E 6 -39.90 -42.61 -39.60
CA VAL E 6 -39.30 -41.89 -38.50
C VAL E 6 -39.26 -40.40 -38.88
N MET E 7 -39.86 -39.56 -38.03
CA MET E 7 -39.92 -38.16 -38.39
C MET E 7 -39.38 -37.27 -37.27
N PRO E 8 -38.78 -36.13 -37.61
CA PRO E 8 -38.07 -35.35 -36.59
C PRO E 8 -39.00 -34.74 -35.56
N ASN E 9 -38.45 -34.53 -34.37
CA ASN E 9 -39.13 -33.84 -33.29
C ASN E 9 -38.83 -32.35 -33.30
N VAL E 10 -39.25 -31.68 -34.38
CA VAL E 10 -39.10 -30.24 -34.50
C VAL E 10 -40.44 -29.65 -34.92
N VAL E 11 -40.82 -28.55 -34.28
CA VAL E 11 -42.13 -27.96 -34.50
C VAL E 11 -42.13 -27.15 -35.79
N GLY E 12 -43.10 -27.43 -36.65
CA GLY E 12 -43.24 -26.70 -37.89
C GLY E 12 -42.53 -27.30 -39.08
N PHE E 13 -41.76 -28.36 -38.89
CA PHE E 13 -41.12 -29.03 -40.01
C PHE E 13 -42.16 -29.74 -40.87
N PRO E 14 -42.16 -29.54 -42.17
CA PRO E 14 -43.11 -30.22 -43.08
C PRO E 14 -42.66 -31.63 -43.42
N TYR E 15 -43.01 -32.61 -42.58
CA TYR E 15 -42.59 -33.96 -42.91
C TYR E 15 -43.56 -34.58 -43.92
N LYS E 16 -43.02 -35.23 -44.94
CA LYS E 16 -43.83 -35.92 -45.93
C LYS E 16 -43.34 -37.36 -46.07
N ALA E 17 -44.27 -38.31 -45.93
CA ALA E 17 -43.97 -39.73 -45.97
C ALA E 17 -44.59 -40.34 -47.21
N HIS E 18 -43.83 -41.16 -47.92
CA HIS E 18 -44.27 -41.77 -49.17
C HIS E 18 -44.67 -43.21 -48.90
N ILE E 19 -45.92 -43.53 -49.19
CA ILE E 19 -46.44 -44.89 -49.05
C ILE E 19 -46.67 -45.42 -50.45
N GLU E 20 -45.95 -46.48 -50.80
CA GLU E 20 -45.89 -46.96 -52.17
C GLU E 20 -46.29 -48.43 -52.20
N ARG E 21 -47.58 -48.67 -52.40
CA ARG E 21 -48.13 -50.01 -52.45
C ARG E 21 -47.97 -50.56 -53.86
N PRO E 22 -47.56 -51.82 -54.03
CA PRO E 22 -47.25 -52.31 -55.39
C PRO E 22 -48.43 -52.29 -56.36
N GLY E 23 -49.64 -52.53 -55.90
CA GLY E 23 -50.72 -52.55 -56.87
C GLY E 23 -51.47 -51.24 -57.05
N TYR E 24 -51.12 -50.20 -56.30
CA TYR E 24 -51.89 -48.97 -56.28
C TYR E 24 -50.96 -47.79 -56.51
N SER E 25 -51.53 -46.65 -56.80
CA SER E 25 -50.74 -45.45 -56.94
C SER E 25 -50.20 -45.00 -55.59
N PRO E 26 -48.95 -44.57 -55.53
CA PRO E 26 -48.38 -44.11 -54.26
C PRO E 26 -49.12 -42.89 -53.74
N LEU E 27 -49.15 -42.76 -52.42
CA LEU E 27 -49.69 -41.54 -51.82
C LEU E 27 -48.68 -40.98 -50.84
N THR E 28 -48.85 -39.70 -50.52
CA THR E 28 -47.92 -38.97 -49.67
C THR E 28 -48.71 -38.37 -48.52
N LEU E 29 -48.28 -38.65 -47.30
CA LEU E 29 -48.89 -38.09 -46.11
C LEU E 29 -48.05 -36.91 -45.64
N GLN E 30 -48.71 -35.85 -45.20
CA GLN E 30 -48.02 -34.71 -44.64
C GLN E 30 -48.29 -34.69 -43.15
N MET E 31 -47.23 -34.81 -42.35
CA MET E 31 -47.32 -34.76 -40.91
C MET E 31 -46.52 -33.58 -40.40
N GLN E 32 -47.10 -32.87 -39.43
CA GLN E 32 -46.49 -31.68 -38.84
C GLN E 32 -46.73 -31.70 -37.35
N VAL E 33 -45.74 -31.30 -36.56
CA VAL E 33 -45.89 -31.22 -35.11
C VAL E 33 -46.29 -29.78 -34.77
N VAL E 34 -47.53 -29.60 -34.33
CA VAL E 34 -47.96 -28.27 -33.90
C VAL E 34 -47.31 -27.87 -32.58
N GLU E 35 -47.24 -28.78 -31.60
CA GLU E 35 -46.49 -28.51 -30.37
C GLU E 35 -46.22 -29.80 -29.64
N THR E 36 -45.29 -29.75 -28.69
CA THR E 36 -44.99 -30.85 -27.79
C THR E 36 -45.17 -30.38 -26.34
N SER E 37 -45.09 -31.31 -25.40
CA SER E 37 -45.17 -30.97 -23.99
C SER E 37 -44.58 -32.06 -23.10
N LEU E 38 -43.40 -31.84 -22.53
CA LEU E 38 -42.68 -32.86 -21.78
C LEU E 38 -42.84 -32.58 -20.29
N GLU E 39 -43.56 -33.45 -19.60
CA GLU E 39 -43.99 -33.19 -18.25
C GLU E 39 -43.46 -34.25 -17.30
N PRO E 40 -42.81 -33.88 -16.19
CA PRO E 40 -42.28 -34.88 -15.27
C PRO E 40 -43.31 -35.24 -14.21
N THR E 41 -42.97 -36.22 -13.39
CA THR E 41 -43.77 -36.64 -12.24
C THR E 41 -43.13 -36.09 -10.98
N LEU E 42 -43.95 -35.56 -10.08
CA LEU E 42 -43.46 -34.79 -8.95
C LEU E 42 -43.94 -35.39 -7.64
N ASN E 43 -43.04 -35.41 -6.64
CA ASN E 43 -43.40 -35.79 -5.27
C ASN E 43 -43.09 -34.61 -4.37
N LEU E 44 -44.13 -33.93 -3.91
CA LEU E 44 -43.92 -32.77 -3.06
C LEU E 44 -43.17 -33.16 -1.79
N GLU E 45 -42.08 -32.46 -1.52
CA GLU E 45 -41.29 -32.70 -0.32
C GLU E 45 -41.72 -31.78 0.82
N TYR E 46 -41.77 -30.47 0.59
CA TYR E 46 -42.34 -29.56 1.57
C TYR E 46 -42.60 -28.20 0.93
N ILE E 47 -43.07 -27.28 1.76
CA ILE E 47 -43.51 -25.94 1.40
C ILE E 47 -42.78 -24.94 2.30
N THR E 48 -42.26 -23.86 1.71
CA THR E 48 -41.56 -22.85 2.48
C THR E 48 -42.22 -21.50 2.26
N CYS E 49 -42.21 -20.67 3.30
CA CYS E 49 -42.71 -19.30 3.21
C CYS E 49 -42.05 -18.46 4.30
N GLU E 50 -42.39 -17.18 4.31
CA GLU E 50 -41.89 -16.27 5.33
C GLU E 50 -42.50 -16.63 6.68
N TYR E 51 -41.73 -16.43 7.75
CA TYR E 51 -42.26 -16.74 9.07
C TYR E 51 -42.84 -15.49 9.73
N LYS E 52 -43.33 -15.67 10.95
CA LYS E 52 -43.89 -14.59 11.73
C LYS E 52 -43.60 -14.89 13.20
N THR E 53 -42.94 -13.97 13.88
CA THR E 53 -42.57 -14.19 15.27
C THR E 53 -43.71 -13.72 16.18
N VAL E 54 -44.18 -14.62 17.04
CA VAL E 54 -45.23 -14.34 18.00
C VAL E 54 -44.58 -14.06 19.34
N VAL E 55 -44.79 -12.86 19.87
CA VAL E 55 -44.22 -12.41 21.13
C VAL E 55 -45.37 -11.96 22.04
N PRO E 56 -45.79 -12.79 22.98
CA PRO E 56 -46.86 -12.40 23.88
C PRO E 56 -46.41 -11.32 24.85
N SER E 57 -47.39 -10.60 25.37
CA SER E 57 -47.10 -9.59 26.38
C SER E 57 -46.51 -10.25 27.63
N PRO E 58 -45.52 -9.62 28.25
CA PRO E 58 -44.79 -10.30 29.33
C PRO E 58 -45.60 -10.39 30.61
N TYR E 59 -45.20 -11.32 31.45
CA TYR E 59 -45.78 -11.50 32.78
C TYR E 59 -44.79 -11.01 33.81
N VAL E 60 -45.13 -9.92 34.48
CA VAL E 60 -44.31 -9.36 35.55
C VAL E 60 -45.02 -9.68 36.86
N LYS E 61 -44.32 -10.35 37.77
CA LYS E 61 -44.87 -10.72 39.06
C LYS E 61 -44.34 -9.76 40.11
N CYS E 62 -45.24 -8.97 40.69
CA CYS E 62 -44.86 -8.01 41.71
C CYS E 62 -44.70 -8.72 43.04
N CYS E 63 -43.58 -8.48 43.73
CA CYS E 63 -43.32 -9.03 45.05
C CYS E 63 -43.48 -10.55 45.05
N GLY E 64 -42.56 -11.19 44.32
CA GLY E 64 -42.59 -12.64 44.23
C GLY E 64 -41.57 -13.13 43.23
N ALA E 65 -41.76 -14.39 42.84
CA ALA E 65 -40.93 -15.01 41.81
C ALA E 65 -41.83 -15.89 40.95
N SER E 66 -41.46 -16.02 39.67
CA SER E 66 -42.19 -16.82 38.72
C SER E 66 -41.28 -17.87 38.12
N GLU E 67 -41.87 -18.94 37.62
CA GLU E 67 -41.11 -20.07 37.08
C GLU E 67 -41.55 -20.36 35.66
N CYS E 68 -40.59 -20.66 34.79
CA CYS E 68 -40.87 -20.87 33.38
C CYS E 68 -41.50 -22.24 33.13
N SER E 69 -42.48 -22.26 32.24
CA SER E 69 -43.18 -23.49 31.86
C SER E 69 -42.91 -23.78 30.40
N THR E 70 -42.51 -25.01 30.11
CA THR E 70 -42.21 -25.41 28.74
C THR E 70 -43.50 -25.63 27.95
N LYS E 71 -43.41 -25.41 26.64
CA LYS E 71 -44.52 -25.60 25.73
C LYS E 71 -43.99 -26.24 24.45
N GLU E 72 -44.88 -26.88 23.71
CA GLU E 72 -44.50 -27.58 22.50
C GLU E 72 -44.90 -26.72 21.30
N LYS E 73 -44.04 -25.75 21.01
CA LYS E 73 -44.20 -24.78 19.94
C LYS E 73 -42.93 -24.76 19.12
N PRO E 74 -43.01 -24.39 17.84
CA PRO E 74 -41.80 -24.40 16.99
C PRO E 74 -40.82 -23.32 17.40
N ASP E 75 -39.58 -23.73 17.65
CA ASP E 75 -38.48 -22.82 17.97
C ASP E 75 -38.85 -21.94 19.17
N TYR E 76 -39.35 -22.58 20.22
CA TYR E 76 -39.89 -21.89 21.39
C TYR E 76 -38.78 -21.42 22.32
N GLN E 77 -38.99 -20.27 22.95
CA GLN E 77 -38.01 -19.67 23.84
C GLN E 77 -38.72 -19.06 25.04
N CYS E 78 -38.18 -19.32 26.24
CA CYS E 78 -38.76 -18.80 27.47
C CYS E 78 -37.67 -18.62 28.50
N LYS E 79 -37.71 -17.49 29.22
CA LYS E 79 -36.74 -17.22 30.27
C LYS E 79 -37.36 -16.33 31.33
N VAL E 80 -36.70 -16.25 32.49
CA VAL E 80 -37.13 -15.41 33.59
C VAL E 80 -35.97 -14.52 34.03
N TYR E 81 -36.29 -13.29 34.38
CA TYR E 81 -35.29 -12.31 34.77
C TYR E 81 -35.69 -11.69 36.11
N THR E 82 -34.71 -11.59 37.01
CA THR E 82 -34.92 -11.21 38.39
C THR E 82 -34.39 -9.82 38.66
N GLY E 83 -35.07 -9.09 39.53
CA GLY E 83 -34.68 -7.74 39.86
C GLY E 83 -35.28 -6.66 38.98
N VAL E 84 -36.33 -6.97 38.24
CA VAL E 84 -36.94 -5.98 37.36
C VAL E 84 -37.72 -4.98 38.20
N TYR E 85 -37.76 -3.73 37.74
CA TYR E 85 -38.55 -2.69 38.39
C TYR E 85 -39.22 -1.85 37.31
N PRO E 86 -40.25 -2.39 36.65
CA PRO E 86 -40.82 -1.72 35.48
C PRO E 86 -41.58 -0.46 35.85
N PHE E 87 -41.93 0.30 34.81
CA PHE E 87 -42.64 1.55 34.93
C PHE E 87 -43.81 1.56 33.96
N MET E 88 -44.76 2.47 34.18
CA MET E 88 -45.86 2.71 33.26
C MET E 88 -45.97 4.21 33.05
N TRP E 89 -47.02 4.65 32.35
CA TRP E 89 -47.17 6.07 32.10
C TRP E 89 -47.44 6.84 33.39
N GLY E 90 -48.17 6.23 34.32
CA GLY E 90 -48.60 6.92 35.52
C GLY E 90 -47.65 6.79 36.70
N GLY E 91 -46.91 5.69 36.77
CA GLY E 91 -45.93 5.53 37.82
C GLY E 91 -45.31 4.16 37.73
N ALA E 92 -44.44 3.87 38.69
CA ALA E 92 -43.77 2.58 38.77
C ALA E 92 -44.67 1.62 39.53
N TYR E 93 -45.01 0.50 38.92
CA TYR E 93 -45.82 -0.48 39.65
C TYR E 93 -44.86 -1.57 40.14
N CYS E 94 -45.39 -2.64 40.73
CA CYS E 94 -44.57 -3.59 41.48
C CYS E 94 -43.82 -2.88 42.60
N PHE E 95 -44.61 -2.49 43.61
CA PHE E 95 -44.17 -1.66 44.72
C PHE E 95 -42.89 -2.16 45.42
N CYS E 96 -42.68 -3.47 45.46
CA CYS E 96 -41.41 -3.98 45.97
C CYS E 96 -40.28 -3.50 45.07
N ASP E 97 -39.28 -2.84 45.65
CA ASP E 97 -38.27 -2.18 44.82
C ASP E 97 -37.45 -3.18 44.01
N SER E 98 -37.09 -4.31 44.61
CA SER E 98 -36.16 -5.21 43.96
C SER E 98 -36.56 -6.68 43.95
N GLU E 99 -37.71 -7.06 44.51
CA GLU E 99 -38.12 -8.45 44.55
C GLU E 99 -39.23 -8.69 43.51
N ASN E 100 -38.83 -8.66 42.25
CA ASN E 100 -39.76 -8.80 41.14
C ASN E 100 -39.14 -9.69 40.07
N THR E 101 -39.98 -10.21 39.18
CA THR E 101 -39.50 -11.15 38.16
C THR E 101 -40.34 -11.03 36.90
N GLN E 102 -39.68 -11.06 35.75
CA GLN E 102 -40.34 -11.02 34.44
C GLN E 102 -40.17 -12.33 33.70
N LEU E 103 -41.26 -12.79 33.09
CA LEU E 103 -41.29 -13.99 32.27
C LEU E 103 -41.34 -13.56 30.80
N SER E 104 -40.28 -13.84 30.05
CA SER E 104 -40.19 -13.50 28.64
C SER E 104 -40.40 -14.75 27.81
N GLU E 105 -41.24 -14.63 26.78
CA GLU E 105 -41.66 -15.77 25.98
C GLU E 105 -41.79 -15.38 24.52
N ALA E 106 -41.33 -16.25 23.62
CA ALA E 106 -41.44 -15.95 22.20
C ALA E 106 -41.35 -17.25 21.41
N TYR E 107 -42.04 -17.29 20.27
CA TYR E 107 -41.92 -18.42 19.36
C TYR E 107 -42.23 -17.95 17.94
N VAL E 108 -42.24 -18.89 17.00
CA VAL E 108 -42.31 -18.55 15.59
C VAL E 108 -43.44 -19.34 14.94
N ASP E 109 -43.99 -18.81 13.85
CA ASP E 109 -45.14 -19.40 13.20
C ASP E 109 -45.07 -19.18 11.69
N ARG E 110 -45.89 -19.93 10.97
CA ARG E 110 -46.12 -19.71 9.55
C ARG E 110 -46.89 -18.41 9.34
N SER E 111 -46.53 -17.67 8.29
CA SER E 111 -47.07 -16.32 8.13
C SER E 111 -48.55 -16.37 7.76
N ASP E 112 -49.17 -15.19 7.78
CA ASP E 112 -50.62 -15.10 7.58
C ASP E 112 -51.02 -15.43 6.14
N VAL E 113 -50.10 -15.25 5.19
CA VAL E 113 -50.44 -15.42 3.78
C VAL E 113 -49.60 -16.52 3.13
N CYS E 114 -49.20 -17.52 3.91
CA CYS E 114 -48.37 -18.59 3.38
C CYS E 114 -49.08 -19.42 2.32
N ARG E 115 -50.40 -19.41 2.29
CA ARG E 115 -51.17 -20.14 1.30
C ARG E 115 -51.32 -19.37 0.00
N HIS E 116 -50.75 -18.17 -0.10
CA HIS E 116 -50.77 -17.38 -1.31
C HIS E 116 -49.39 -17.15 -1.91
N ASP E 117 -48.34 -17.18 -1.08
CA ASP E 117 -46.98 -16.82 -1.51
C ASP E 117 -46.01 -17.76 -0.82
N HIS E 118 -45.63 -18.82 -1.52
CA HIS E 118 -44.77 -19.86 -0.97
C HIS E 118 -44.05 -20.57 -2.11
N ALA E 119 -43.00 -21.30 -1.75
CA ALA E 119 -42.22 -22.07 -2.71
C ALA E 119 -42.34 -23.54 -2.39
N SER E 120 -42.35 -24.37 -3.44
CA SER E 120 -42.56 -25.81 -3.29
C SER E 120 -41.29 -26.56 -3.69
N ALA E 121 -40.89 -27.52 -2.86
CA ALA E 121 -39.71 -28.33 -3.15
C ALA E 121 -40.12 -29.72 -3.59
N TYR E 122 -39.68 -30.13 -4.76
CA TYR E 122 -40.12 -31.35 -5.46
C TYR E 122 -38.94 -32.25 -5.79
N LYS E 123 -39.23 -33.53 -5.99
CA LYS E 123 -38.36 -34.44 -6.72
C LYS E 123 -39.04 -34.81 -8.03
N ALA E 124 -38.31 -34.71 -9.13
CA ALA E 124 -38.86 -34.89 -10.47
C ALA E 124 -38.21 -36.09 -11.15
N HIS E 125 -39.02 -36.93 -11.75
CA HIS E 125 -38.49 -38.09 -12.46
C HIS E 125 -39.52 -38.59 -13.46
N THR E 126 -39.04 -39.40 -14.41
CA THR E 126 -39.87 -40.13 -15.37
C THR E 126 -40.76 -39.17 -16.15
N ALA E 127 -40.15 -38.37 -17.01
CA ALA E 127 -40.91 -37.45 -17.85
C ALA E 127 -41.72 -38.20 -18.89
N SER E 128 -42.90 -37.67 -19.21
CA SER E 128 -43.77 -38.22 -20.23
C SER E 128 -44.25 -37.10 -21.13
N LEU E 129 -44.01 -37.21 -22.43
CA LEU E 129 -44.40 -36.13 -23.32
C LEU E 129 -45.66 -36.46 -24.10
N LYS E 130 -46.54 -35.47 -24.18
CA LYS E 130 -47.66 -35.47 -25.10
C LYS E 130 -47.20 -34.74 -26.34
N ALA E 131 -48.07 -34.68 -27.34
CA ALA E 131 -47.79 -33.93 -28.54
C ALA E 131 -49.12 -33.63 -29.23
N LYS E 132 -49.07 -32.73 -30.20
CA LYS E 132 -50.24 -32.43 -31.01
C LYS E 132 -49.75 -32.38 -32.45
N VAL E 133 -50.33 -33.23 -33.31
CA VAL E 133 -49.82 -33.46 -34.64
C VAL E 133 -50.94 -33.19 -35.63
N ARG E 134 -50.63 -32.47 -36.70
CA ARG E 134 -51.56 -32.26 -37.80
C ARG E 134 -51.21 -33.17 -38.95
N VAL E 135 -52.20 -33.94 -39.41
CA VAL E 135 -52.03 -34.96 -40.44
C VAL E 135 -52.94 -34.62 -41.60
N MET E 136 -52.37 -34.59 -42.81
CA MET E 136 -53.22 -34.37 -43.98
C MET E 136 -52.77 -35.24 -45.14
N TYR E 137 -53.76 -35.70 -45.90
CA TYR E 137 -53.54 -36.52 -47.08
C TYR E 137 -54.86 -36.65 -47.81
N GLY E 138 -54.78 -36.94 -49.10
CA GLY E 138 -55.99 -37.06 -49.88
C GLY E 138 -56.80 -35.79 -49.79
N ASN E 139 -57.92 -35.84 -49.07
CA ASN E 139 -58.71 -34.64 -48.82
C ASN E 139 -59.07 -34.50 -47.35
N VAL E 140 -58.26 -35.01 -46.44
CA VAL E 140 -58.47 -34.84 -45.01
C VAL E 140 -57.34 -33.96 -44.46
N ASN E 141 -57.74 -32.88 -43.81
CA ASN E 141 -56.91 -32.09 -42.92
C ASN E 141 -57.02 -32.75 -41.54
N GLN E 142 -56.80 -31.99 -40.46
CA GLN E 142 -57.36 -32.27 -39.13
C GLN E 142 -56.27 -32.70 -38.15
N THR E 143 -56.34 -32.15 -36.94
CA THR E 143 -55.26 -32.18 -35.97
C THR E 143 -55.66 -33.00 -34.75
N VAL E 144 -54.77 -33.87 -34.29
CA VAL E 144 -55.05 -34.77 -33.19
C VAL E 144 -54.03 -34.53 -32.08
N ASP E 145 -54.39 -34.98 -30.88
CA ASP E 145 -53.58 -34.79 -29.69
C ASP E 145 -53.25 -36.16 -29.12
N VAL E 146 -51.96 -36.49 -29.07
CA VAL E 146 -51.52 -37.86 -28.86
C VAL E 146 -50.50 -37.95 -27.73
N TYR E 147 -50.33 -39.18 -27.24
CA TYR E 147 -49.29 -39.51 -26.27
C TYR E 147 -48.14 -40.16 -27.02
N VAL E 148 -46.94 -39.63 -26.84
CA VAL E 148 -45.77 -40.13 -27.58
C VAL E 148 -45.16 -41.24 -26.73
N ASN E 149 -45.80 -42.40 -26.79
CA ASN E 149 -45.29 -43.68 -26.34
C ASN E 149 -46.10 -44.72 -27.09
N GLY E 150 -45.52 -45.85 -27.39
CA GLY E 150 -46.20 -46.71 -28.34
C GLY E 150 -47.44 -47.37 -27.77
N ASP E 151 -48.25 -46.61 -27.03
CA ASP E 151 -49.41 -47.13 -26.30
C ASP E 151 -50.61 -46.23 -26.48
N HIS E 152 -50.72 -45.56 -27.63
CA HIS E 152 -51.91 -44.75 -27.91
C HIS E 152 -52.10 -44.73 -29.41
N ALA E 153 -53.31 -45.05 -29.85
CA ALA E 153 -53.63 -45.11 -31.26
C ALA E 153 -54.75 -44.14 -31.56
N VAL E 154 -54.61 -43.37 -32.64
CA VAL E 154 -55.63 -42.42 -33.06
C VAL E 154 -56.02 -42.72 -34.49
N THR E 155 -57.28 -42.50 -34.82
CA THR E 155 -57.79 -42.75 -36.16
C THR E 155 -58.11 -41.43 -36.84
N ILE E 156 -57.49 -41.20 -37.99
CA ILE E 156 -57.78 -40.05 -38.84
C ILE E 156 -58.24 -40.61 -40.18
N GLY E 157 -59.50 -40.37 -40.52
CA GLY E 157 -60.02 -40.81 -41.81
C GLY E 157 -59.92 -42.30 -42.03
N GLY E 158 -60.07 -43.08 -40.96
CA GLY E 158 -59.94 -44.53 -41.05
C GLY E 158 -58.54 -45.06 -40.98
N THR E 159 -57.53 -44.20 -40.83
CA THR E 159 -56.14 -44.63 -40.73
C THR E 159 -55.72 -44.59 -39.27
N GLN E 160 -55.02 -45.64 -38.85
CA GLN E 160 -54.68 -45.86 -37.45
C GLN E 160 -53.20 -45.55 -37.20
N PHE E 161 -52.93 -44.54 -36.37
CA PHE E 161 -51.59 -44.02 -36.13
C PHE E 161 -51.16 -44.29 -34.70
N ILE E 162 -49.90 -44.68 -34.52
CA ILE E 162 -49.26 -44.81 -33.22
C ILE E 162 -47.92 -44.12 -33.27
N PHE E 163 -47.71 -43.15 -32.39
CA PHE E 163 -46.49 -42.34 -32.38
C PHE E 163 -45.57 -42.86 -31.28
N GLY E 164 -44.53 -43.57 -31.68
CA GLY E 164 -43.74 -44.37 -30.78
C GLY E 164 -42.83 -43.56 -29.90
N PRO E 165 -42.11 -44.23 -29.00
CA PRO E 165 -41.34 -43.53 -27.98
C PRO E 165 -40.24 -42.68 -28.58
N LEU E 166 -39.94 -41.57 -27.90
CA LEU E 166 -38.97 -40.62 -28.40
C LEU E 166 -37.58 -41.24 -28.45
N SER E 167 -36.77 -40.78 -29.40
CA SER E 167 -35.46 -41.36 -29.60
C SER E 167 -34.56 -41.20 -28.37
N SER E 168 -34.61 -40.04 -27.74
CA SER E 168 -33.73 -39.73 -26.62
C SER E 168 -34.50 -39.83 -25.30
N ALA E 169 -33.75 -39.85 -24.21
CA ALA E 169 -34.29 -39.83 -22.86
C ALA E 169 -33.75 -38.63 -22.11
N TRP E 170 -33.75 -37.49 -22.78
CA TRP E 170 -33.19 -36.25 -22.25
C TRP E 170 -34.32 -35.44 -21.62
N THR E 171 -34.08 -34.92 -20.42
CA THR E 171 -35.03 -34.06 -19.74
C THR E 171 -34.29 -32.85 -19.18
N PRO E 172 -34.86 -31.65 -19.25
CA PRO E 172 -34.14 -30.47 -18.76
C PRO E 172 -34.13 -30.34 -17.26
N PHE E 173 -35.00 -31.06 -16.55
CA PHE E 173 -35.12 -30.95 -15.11
C PHE E 173 -34.11 -31.86 -14.44
N ASP E 174 -33.54 -31.42 -13.32
CA ASP E 174 -32.71 -32.29 -12.51
C ASP E 174 -33.59 -33.11 -11.57
N ASN E 175 -32.94 -33.79 -10.63
CA ASN E 175 -33.68 -34.65 -9.72
C ASN E 175 -34.51 -33.83 -8.73
N LYS E 176 -34.00 -32.69 -8.30
CA LYS E 176 -34.67 -31.86 -7.32
C LYS E 176 -34.98 -30.49 -7.92
N ILE E 177 -36.18 -30.00 -7.64
CA ILE E 177 -36.77 -28.84 -8.30
C ILE E 177 -37.36 -27.93 -7.26
N VAL E 178 -37.23 -26.63 -7.44
CA VAL E 178 -37.96 -25.66 -6.62
C VAL E 178 -38.86 -24.85 -7.53
N VAL E 179 -40.14 -24.81 -7.22
CA VAL E 179 -41.10 -24.07 -8.02
C VAL E 179 -41.60 -22.90 -7.20
N TYR E 180 -41.46 -21.69 -7.75
CA TYR E 180 -42.03 -20.48 -7.16
C TYR E 180 -42.88 -19.79 -8.21
N LYS E 181 -44.18 -19.72 -7.98
CA LYS E 181 -45.10 -19.05 -8.88
C LYS E 181 -44.99 -19.61 -10.29
N ASP E 182 -44.26 -18.92 -11.16
CA ASP E 182 -44.20 -19.26 -12.57
C ASP E 182 -42.76 -19.54 -12.98
N GLU E 183 -41.96 -19.99 -12.02
CA GLU E 183 -40.51 -20.10 -12.21
C GLU E 183 -40.04 -21.41 -11.61
N VAL E 184 -39.15 -22.09 -12.33
CA VAL E 184 -38.65 -23.41 -11.95
C VAL E 184 -37.13 -23.32 -11.81
N PHE E 185 -36.58 -23.86 -10.73
CA PHE E 185 -35.16 -23.76 -10.44
C PHE E 185 -34.60 -25.16 -10.19
N ASN E 186 -33.47 -25.46 -10.80
CA ASN E 186 -32.74 -26.70 -10.55
C ASN E 186 -31.89 -26.50 -9.30
N GLN E 187 -32.49 -26.80 -8.15
CA GLN E 187 -31.90 -26.52 -6.85
C GLN E 187 -31.72 -27.82 -6.09
N ASP E 188 -30.77 -27.81 -5.16
CA ASP E 188 -30.53 -28.93 -4.25
C ASP E 188 -30.89 -28.47 -2.84
N PHE E 189 -32.14 -28.64 -2.47
CA PHE E 189 -32.64 -28.09 -1.22
C PHE E 189 -32.27 -28.99 -0.04
N PRO E 190 -32.27 -28.45 1.17
CA PRO E 190 -32.04 -29.29 2.34
C PRO E 190 -33.19 -30.27 2.54
N PRO E 191 -32.93 -31.43 3.12
CA PRO E 191 -34.02 -32.36 3.41
C PRO E 191 -34.96 -31.77 4.45
N TYR E 192 -36.08 -32.43 4.65
CA TYR E 192 -36.98 -32.03 5.72
C TYR E 192 -36.34 -32.26 7.08
N GLY E 193 -36.50 -31.29 7.97
CA GLY E 193 -35.98 -31.42 9.30
C GLY E 193 -34.53 -31.07 9.48
N SER E 194 -33.87 -30.53 8.46
CA SER E 194 -32.49 -30.11 8.58
C SER E 194 -32.25 -28.80 7.84
N GLY E 195 -33.13 -27.84 8.06
CA GLY E 195 -32.93 -26.51 7.54
C GLY E 195 -32.00 -25.69 8.41
N GLN E 196 -31.60 -24.55 7.88
CA GLN E 196 -30.61 -23.72 8.56
C GLN E 196 -31.10 -22.28 8.60
N PRO E 197 -30.69 -21.51 9.61
CA PRO E 197 -31.17 -20.14 9.72
C PRO E 197 -30.63 -19.25 8.61
N GLY E 198 -31.47 -18.37 8.11
CA GLY E 198 -31.08 -17.38 7.15
C GLY E 198 -31.03 -17.83 5.71
N ARG E 199 -31.23 -19.13 5.44
CA ARG E 199 -31.19 -19.61 4.06
C ARG E 199 -32.51 -20.26 3.70
N PHE E 200 -32.61 -20.78 2.47
CA PHE E 200 -33.84 -21.40 2.02
C PHE E 200 -34.17 -22.61 2.89
N GLY E 201 -35.41 -22.66 3.37
CA GLY E 201 -35.85 -23.76 4.20
C GLY E 201 -35.52 -23.63 5.66
N ASP E 202 -35.51 -22.40 6.20
CA ASP E 202 -35.35 -22.27 7.65
C ASP E 202 -36.60 -22.74 8.37
N ILE E 203 -37.78 -22.48 7.81
CA ILE E 203 -39.02 -23.10 8.29
C ILE E 203 -39.54 -24.00 7.18
N GLN E 204 -39.93 -25.21 7.54
CA GLN E 204 -40.37 -26.21 6.58
C GLN E 204 -41.71 -26.76 7.04
N SER E 205 -42.68 -26.78 6.14
CA SER E 205 -43.98 -27.33 6.41
C SER E 205 -44.30 -28.35 5.34
N ARG E 206 -44.91 -29.46 5.72
CA ARG E 206 -45.05 -30.58 4.80
C ARG E 206 -46.08 -30.33 3.71
N THR E 207 -47.07 -29.49 3.98
CA THR E 207 -48.12 -29.23 3.01
C THR E 207 -48.75 -27.89 3.36
N VAL E 208 -49.41 -27.28 2.38
CA VAL E 208 -49.95 -25.95 2.56
C VAL E 208 -50.90 -25.89 3.75
N GLU E 209 -51.74 -26.91 3.93
CA GLU E 209 -52.73 -26.92 5.00
C GLU E 209 -52.37 -27.86 6.14
N SER E 210 -51.11 -28.26 6.27
CA SER E 210 -50.68 -29.10 7.38
C SER E 210 -50.63 -28.31 8.67
N ASN E 211 -50.56 -29.03 9.81
CA ASN E 211 -50.51 -28.36 11.10
C ASN E 211 -49.11 -28.33 11.70
N ASP E 212 -48.25 -29.27 11.33
CA ASP E 212 -46.89 -29.27 11.85
C ASP E 212 -46.08 -28.14 11.25
N LEU E 213 -44.94 -27.84 11.86
CA LEU E 213 -44.00 -26.86 11.32
C LEU E 213 -42.65 -27.09 11.97
N TYR E 214 -41.60 -27.09 11.16
CA TYR E 214 -40.23 -27.21 11.65
C TYR E 214 -39.57 -25.85 11.45
N ALA E 215 -39.04 -25.27 12.51
CA ALA E 215 -38.47 -23.94 12.47
C ALA E 215 -37.08 -23.94 13.10
N ASN E 216 -36.15 -23.24 12.44
CA ASN E 216 -34.77 -23.14 12.91
C ASN E 216 -34.27 -21.77 12.46
N THR E 217 -34.49 -20.76 13.31
CA THR E 217 -34.29 -19.37 12.92
C THR E 217 -33.36 -18.64 13.88
N ALA E 218 -32.77 -19.35 14.84
CA ALA E 218 -31.81 -18.76 15.78
C ALA E 218 -32.44 -17.62 16.59
N LEU E 219 -33.57 -17.90 17.23
CA LEU E 219 -34.20 -16.92 18.12
C LEU E 219 -33.54 -16.93 19.49
N LYS E 220 -33.37 -15.74 20.06
CA LYS E 220 -32.83 -15.56 21.40
C LYS E 220 -33.53 -14.41 22.09
N LEU E 221 -33.47 -14.40 23.41
CA LEU E 221 -34.03 -13.35 24.23
C LEU E 221 -32.93 -12.65 25.01
N ALA E 222 -33.22 -11.44 25.51
CA ALA E 222 -32.27 -10.67 26.29
C ALA E 222 -32.99 -9.97 27.43
N ARG E 223 -32.22 -9.54 28.43
CA ARG E 223 -32.80 -8.85 29.57
C ARG E 223 -33.43 -7.54 29.15
N PRO E 224 -34.60 -7.18 29.66
CA PRO E 224 -35.10 -5.84 29.46
C PRO E 224 -34.22 -4.81 30.17
N SER E 225 -34.05 -3.67 29.51
CA SER E 225 -33.30 -2.58 30.11
C SER E 225 -34.10 -1.99 31.28
N PRO E 226 -33.42 -1.48 32.31
CA PRO E 226 -34.11 -1.18 33.56
C PRO E 226 -35.19 -0.12 33.40
N GLY E 227 -36.32 -0.35 34.05
CA GLY E 227 -37.37 0.64 34.13
C GLY E 227 -38.33 0.70 32.97
N MET E 228 -38.43 -0.37 32.19
CA MET E 228 -39.36 -0.38 31.07
C MET E 228 -39.70 -1.81 30.67
N VAL E 229 -40.76 -1.93 29.87
CA VAL E 229 -41.41 -3.20 29.56
C VAL E 229 -41.35 -3.38 28.05
N HIS E 230 -40.47 -4.26 27.56
CA HIS E 230 -40.42 -4.44 26.11
C HIS E 230 -40.11 -5.83 25.57
N VAL E 231 -39.59 -6.76 26.36
CA VAL E 231 -39.26 -8.11 25.88
C VAL E 231 -38.34 -8.02 24.67
N PRO E 232 -37.05 -7.73 24.86
CA PRO E 232 -36.13 -7.67 23.72
C PRO E 232 -35.68 -9.06 23.27
N TYR E 233 -35.41 -9.18 21.97
CA TYR E 233 -35.00 -10.44 21.38
C TYR E 233 -34.27 -10.16 20.07
N THR E 234 -33.52 -11.15 19.61
CA THR E 234 -32.79 -11.05 18.35
C THR E 234 -32.94 -12.34 17.56
N GLN E 235 -32.96 -12.23 16.23
CA GLN E 235 -33.33 -13.35 15.37
C GLN E 235 -32.77 -13.14 13.98
N THR E 236 -32.37 -14.22 13.33
CA THR E 236 -31.86 -14.16 11.96
C THR E 236 -33.01 -13.87 11.00
N PRO E 237 -32.83 -13.00 10.01
CA PRO E 237 -33.93 -12.65 9.12
C PRO E 237 -34.38 -13.86 8.31
N SER E 238 -35.53 -13.69 7.66
CA SER E 238 -36.19 -14.80 7.01
C SER E 238 -35.34 -15.34 5.86
N GLY E 239 -35.33 -16.65 5.71
CA GLY E 239 -34.56 -17.27 4.65
C GLY E 239 -35.28 -17.27 3.32
N PHE E 240 -36.61 -17.22 3.34
CA PHE E 240 -37.37 -17.15 2.11
C PHE E 240 -37.12 -15.83 1.39
N LYS E 241 -37.10 -14.72 2.12
CA LYS E 241 -36.89 -13.43 1.50
C LYS E 241 -35.47 -13.29 0.96
N TYR E 242 -34.48 -13.77 1.71
CA TYR E 242 -33.12 -13.77 1.20
C TYR E 242 -32.93 -14.75 0.05
N TRP E 243 -33.74 -15.80 -0.03
CA TRP E 243 -33.75 -16.61 -1.24
C TRP E 243 -34.33 -15.84 -2.41
N LEU E 244 -35.43 -15.14 -2.20
CA LEU E 244 -36.05 -14.38 -3.29
C LEU E 244 -35.08 -13.37 -3.86
N LYS E 245 -34.37 -12.66 -2.99
CA LYS E 245 -33.48 -11.63 -3.48
C LYS E 245 -32.25 -12.21 -4.16
N GLU E 246 -31.89 -13.46 -3.85
CA GLU E 246 -30.63 -13.99 -4.35
C GLU E 246 -30.76 -15.47 -4.72
N LYS E 247 -31.82 -15.83 -5.45
CA LYS E 247 -31.99 -17.22 -5.87
C LYS E 247 -31.08 -17.55 -7.04
N GLY E 248 -30.95 -16.65 -7.99
CA GLY E 248 -30.00 -16.79 -9.08
C GLY E 248 -30.50 -17.52 -10.29
N THR E 249 -30.55 -16.81 -11.43
CA THR E 249 -31.00 -17.33 -12.71
C THR E 249 -32.36 -18.00 -12.61
N ALA E 250 -32.65 -18.90 -13.55
CA ALA E 250 -33.83 -19.74 -13.53
C ALA E 250 -33.65 -20.86 -14.53
N LEU E 251 -34.68 -21.65 -14.74
CA LEU E 251 -34.68 -22.58 -15.85
C LEU E 251 -35.45 -22.03 -17.04
N ASN E 252 -36.36 -21.09 -16.81
CA ASN E 252 -37.08 -20.46 -17.90
C ASN E 252 -36.12 -19.74 -18.85
N THR E 253 -35.03 -19.20 -18.32
CA THR E 253 -34.14 -18.34 -19.09
C THR E 253 -32.84 -19.04 -19.48
N LYS E 254 -32.76 -20.35 -19.28
CA LYS E 254 -31.49 -21.05 -19.31
C LYS E 254 -31.55 -22.42 -19.95
N ALA E 255 -32.73 -22.95 -20.26
CA ALA E 255 -32.86 -24.33 -20.64
C ALA E 255 -32.32 -24.57 -22.05
N PRO E 256 -31.74 -25.72 -22.32
CA PRO E 256 -31.22 -26.01 -23.66
C PRO E 256 -32.34 -26.27 -24.65
N PHE E 257 -31.96 -26.28 -25.93
CA PHE E 257 -32.83 -26.61 -27.05
C PHE E 257 -34.00 -25.65 -27.18
N GLY E 258 -33.97 -24.54 -26.48
CA GLY E 258 -34.94 -23.50 -26.68
C GLY E 258 -36.36 -23.90 -26.39
N CYS E 259 -36.57 -24.52 -25.23
CA CYS E 259 -37.88 -25.00 -24.85
C CYS E 259 -38.46 -24.27 -23.67
N GLN E 260 -39.72 -23.88 -23.81
CA GLN E 260 -40.32 -22.92 -22.90
C GLN E 260 -40.80 -23.62 -21.64
N ILE E 261 -40.26 -23.22 -20.51
CA ILE E 261 -40.65 -23.80 -19.22
C ILE E 261 -41.89 -23.08 -18.72
N LYS E 262 -42.94 -23.85 -18.40
CA LYS E 262 -44.15 -23.30 -17.82
C LYS E 262 -44.44 -24.09 -16.56
N THR E 263 -45.40 -23.61 -15.77
CA THR E 263 -45.75 -24.28 -14.53
C THR E 263 -47.26 -24.41 -14.42
N ASN E 264 -47.69 -25.26 -13.50
CA ASN E 264 -49.07 -25.54 -13.18
C ASN E 264 -49.80 -26.12 -14.38
N PRO E 265 -49.52 -27.39 -14.75
CA PRO E 265 -48.49 -28.28 -14.20
C PRO E 265 -47.12 -27.98 -14.77
N VAL E 266 -46.05 -28.34 -14.07
CA VAL E 266 -44.72 -28.05 -14.59
C VAL E 266 -44.50 -28.82 -15.87
N ARG E 267 -44.05 -28.13 -16.91
CA ARG E 267 -43.83 -28.76 -18.20
C ARG E 267 -42.83 -27.94 -19.00
N ALA E 268 -42.24 -28.57 -20.01
CA ALA E 268 -41.30 -27.94 -20.92
C ALA E 268 -41.83 -28.09 -22.34
N MET E 269 -42.22 -26.98 -22.96
CA MET E 269 -42.92 -26.94 -24.23
C MET E 269 -41.94 -26.82 -25.39
N ASN E 270 -42.24 -27.52 -26.48
CA ASN E 270 -41.58 -27.35 -27.77
C ASN E 270 -40.06 -27.44 -27.66
N CYS E 271 -39.57 -28.62 -27.30
CA CYS E 271 -38.20 -28.73 -26.84
C CYS E 271 -37.51 -29.67 -27.80
N ALA E 272 -36.96 -29.11 -28.87
CA ALA E 272 -36.70 -29.82 -30.12
C ALA E 272 -35.49 -30.72 -29.98
N VAL E 273 -35.73 -32.02 -29.81
CA VAL E 273 -34.66 -33.01 -29.70
C VAL E 273 -35.24 -34.39 -30.00
N GLY E 274 -34.45 -35.23 -30.65
CA GLY E 274 -34.83 -36.60 -30.89
C GLY E 274 -35.64 -36.82 -32.16
N ASN E 275 -36.09 -38.06 -32.32
CA ASN E 275 -36.92 -38.49 -33.45
C ASN E 275 -38.17 -39.15 -32.91
N ILE E 276 -39.21 -39.21 -33.72
CA ILE E 276 -40.47 -39.86 -33.38
C ILE E 276 -40.73 -40.96 -34.40
N PRO E 277 -40.65 -42.21 -34.00
CA PRO E 277 -41.09 -43.30 -34.88
C PRO E 277 -42.61 -43.32 -34.98
N VAL E 278 -43.12 -43.59 -36.19
CA VAL E 278 -44.55 -43.61 -36.43
C VAL E 278 -44.94 -44.90 -37.13
N SER E 279 -45.96 -45.57 -36.62
CA SER E 279 -46.51 -46.78 -37.20
C SER E 279 -47.95 -46.52 -37.62
N MET E 280 -48.28 -46.85 -38.86
CA MET E 280 -49.58 -46.52 -39.38
C MET E 280 -50.18 -47.72 -40.10
N ASN E 281 -51.51 -47.79 -40.07
CA ASN E 281 -52.23 -48.91 -40.66
C ASN E 281 -53.41 -48.32 -41.43
N LEU E 282 -53.39 -48.46 -42.75
CA LEU E 282 -54.25 -47.75 -43.67
C LEU E 282 -55.35 -48.66 -44.19
N PRO E 283 -56.55 -48.13 -44.41
CA PRO E 283 -57.61 -48.90 -45.05
C PRO E 283 -57.39 -48.96 -46.55
N ASP E 284 -58.23 -49.74 -47.22
CA ASP E 284 -58.12 -49.85 -48.67
C ASP E 284 -58.73 -48.66 -49.39
N SER E 285 -59.58 -47.87 -48.72
CA SER E 285 -60.19 -46.72 -49.37
C SER E 285 -59.24 -45.54 -49.48
N ALA E 286 -58.12 -45.57 -48.75
CA ALA E 286 -57.16 -44.48 -48.84
C ALA E 286 -56.44 -44.50 -50.19
N PHE E 287 -56.10 -45.68 -50.69
CA PHE E 287 -55.37 -45.80 -51.93
C PHE E 287 -56.31 -45.68 -53.12
N THR E 288 -55.73 -45.50 -54.30
CA THR E 288 -56.47 -45.46 -55.55
C THR E 288 -55.93 -46.53 -56.48
N ARG E 289 -56.82 -47.15 -57.25
CA ARG E 289 -56.41 -48.21 -58.17
C ARG E 289 -55.56 -47.62 -59.29
N ILE E 290 -54.68 -48.45 -59.84
CA ILE E 290 -53.77 -47.99 -60.86
C ILE E 290 -54.49 -47.71 -62.18
N VAL E 291 -55.74 -48.14 -62.31
CA VAL E 291 -56.44 -47.90 -63.58
C VAL E 291 -56.87 -46.44 -63.73
N GLU E 292 -57.45 -45.83 -62.69
CA GLU E 292 -57.94 -44.46 -62.88
C GLU E 292 -56.85 -43.42 -62.67
N ALA E 293 -55.68 -43.81 -62.20
CA ALA E 293 -54.56 -42.88 -62.12
C ALA E 293 -53.99 -42.61 -63.50
N PRO E 294 -53.45 -41.41 -63.73
CA PRO E 294 -52.74 -41.15 -64.99
C PRO E 294 -51.46 -41.96 -65.10
N THR E 295 -51.12 -42.31 -66.33
CA THR E 295 -49.90 -43.03 -66.62
C THR E 295 -48.92 -42.11 -67.34
N ILE E 296 -47.68 -42.07 -66.83
CA ILE E 296 -46.68 -41.12 -67.30
C ILE E 296 -45.41 -41.88 -67.62
N ILE E 297 -44.74 -41.48 -68.70
CA ILE E 297 -43.51 -42.12 -69.15
C ILE E 297 -42.51 -41.06 -69.61
N ASP E 298 -41.24 -41.48 -69.72
CA ASP E 298 -40.16 -40.64 -70.22
C ASP E 298 -39.97 -39.39 -69.35
N LEU E 299 -39.52 -39.61 -68.12
CA LEU E 299 -39.41 -38.54 -67.15
C LEU E 299 -37.97 -38.07 -67.02
N THR E 300 -37.76 -36.75 -67.14
CA THR E 300 -36.47 -36.11 -66.88
C THR E 300 -36.71 -34.85 -66.07
N CYS E 301 -35.72 -34.46 -65.25
CA CYS E 301 -35.80 -33.26 -64.44
C CYS E 301 -34.57 -32.40 -64.62
N THR E 302 -34.76 -31.09 -64.65
CA THR E 302 -33.66 -30.13 -64.67
C THR E 302 -33.97 -29.01 -63.67
N VAL E 303 -32.93 -28.48 -63.04
CA VAL E 303 -33.07 -27.43 -62.04
C VAL E 303 -32.92 -26.09 -62.75
N ALA E 304 -33.85 -25.18 -62.49
CA ALA E 304 -33.76 -23.84 -63.06
C ALA E 304 -32.80 -22.99 -62.23
N THR E 305 -33.09 -22.83 -60.95
CA THR E 305 -32.23 -22.07 -60.04
C THR E 305 -32.11 -22.84 -58.74
N CYS E 306 -30.98 -22.64 -58.06
CA CYS E 306 -30.77 -23.19 -56.74
C CYS E 306 -29.97 -22.21 -55.91
N THR E 307 -30.40 -22.01 -54.67
CA THR E 307 -29.63 -21.25 -53.68
C THR E 307 -29.96 -21.80 -52.31
N HIS E 308 -28.95 -22.37 -51.64
CA HIS E 308 -29.21 -23.08 -50.40
C HIS E 308 -29.46 -22.10 -49.26
N SER E 309 -30.68 -21.56 -49.25
CA SER E 309 -31.16 -20.72 -48.17
C SER E 309 -32.14 -21.50 -47.31
N SER E 310 -32.56 -20.88 -46.20
CA SER E 310 -33.46 -21.57 -45.27
C SER E 310 -34.83 -21.80 -45.88
N ASP E 311 -35.30 -20.88 -46.70
CA ASP E 311 -36.61 -21.02 -47.34
C ASP E 311 -36.54 -22.06 -48.44
N PHE E 312 -37.58 -22.13 -49.26
CA PHE E 312 -37.59 -23.02 -50.43
C PHE E 312 -36.91 -22.28 -51.58
N GLY E 313 -35.59 -22.37 -51.64
CA GLY E 313 -34.82 -21.59 -52.58
C GLY E 313 -34.37 -22.30 -53.84
N GLY E 314 -34.95 -23.44 -54.17
CA GLY E 314 -34.64 -24.13 -55.39
C GLY E 314 -35.88 -24.39 -56.22
N VAL E 315 -35.74 -24.25 -57.53
CA VAL E 315 -36.84 -24.44 -58.46
C VAL E 315 -36.45 -25.47 -59.49
N LEU E 316 -37.37 -26.37 -59.81
CA LEU E 316 -37.11 -27.60 -60.55
C LEU E 316 -38.19 -27.80 -61.59
N THR E 317 -37.80 -28.04 -62.84
CA THR E 317 -38.77 -28.25 -63.90
C THR E 317 -38.66 -29.68 -64.42
N LEU E 318 -39.82 -30.30 -64.62
CA LEU E 318 -39.92 -31.75 -64.75
C LEU E 318 -40.84 -32.04 -65.93
N THR E 319 -40.35 -32.80 -66.90
CA THR E 319 -41.08 -33.02 -68.14
C THR E 319 -41.32 -34.51 -68.38
N TYR E 320 -42.41 -34.83 -69.06
CA TYR E 320 -42.94 -36.17 -69.14
C TYR E 320 -43.84 -36.25 -70.37
N LYS E 321 -44.64 -37.31 -70.46
CA LYS E 321 -45.79 -37.33 -71.36
C LYS E 321 -46.87 -38.23 -70.79
N THR E 322 -48.12 -37.80 -70.94
CA THR E 322 -49.25 -38.42 -70.26
C THR E 322 -50.39 -38.62 -71.25
N ASP E 323 -51.19 -39.67 -71.00
CA ASP E 323 -52.37 -39.94 -71.81
C ASP E 323 -53.55 -39.04 -71.45
N LYS E 324 -53.74 -38.72 -70.17
CA LYS E 324 -54.92 -37.97 -69.77
C LYS E 324 -54.59 -37.08 -68.59
N ASN E 325 -55.33 -35.98 -68.47
CA ASN E 325 -55.12 -35.02 -67.40
C ASN E 325 -55.47 -35.64 -66.07
N GLY E 326 -54.70 -35.31 -65.04
CA GLY E 326 -54.94 -35.92 -63.75
C GLY E 326 -54.24 -35.29 -62.57
N ASP E 327 -53.80 -36.12 -61.64
CA ASP E 327 -53.15 -35.68 -60.41
C ASP E 327 -52.24 -36.78 -59.91
N CYS E 328 -51.01 -36.42 -59.55
CA CYS E 328 -50.01 -37.39 -59.10
C CYS E 328 -49.48 -36.97 -57.74
N SER E 329 -48.69 -37.84 -57.15
CA SER E 329 -48.12 -37.65 -55.82
C SER E 329 -46.61 -37.65 -55.93
N VAL E 330 -46.00 -36.47 -55.79
CA VAL E 330 -44.56 -36.34 -55.93
C VAL E 330 -43.87 -36.60 -54.59
N HIS E 331 -42.60 -36.94 -54.65
CA HIS E 331 -41.80 -37.16 -53.46
C HIS E 331 -40.33 -37.09 -53.82
N SER E 332 -39.53 -36.58 -52.88
CA SER E 332 -38.09 -36.52 -53.01
C SER E 332 -37.48 -37.60 -52.14
N HIS E 333 -36.66 -38.45 -52.72
CA HIS E 333 -36.28 -39.70 -52.10
C HIS E 333 -35.03 -39.58 -51.23
N SER E 334 -34.54 -38.38 -51.00
CA SER E 334 -33.41 -38.15 -50.10
C SER E 334 -33.72 -36.97 -49.20
N ASN E 335 -33.15 -36.96 -48.01
CA ASN E 335 -33.36 -35.83 -47.12
C ASN E 335 -32.39 -34.69 -47.38
N VAL E 336 -31.55 -34.79 -48.41
CA VAL E 336 -30.69 -33.66 -48.78
C VAL E 336 -31.54 -32.51 -49.28
N ALA E 337 -32.63 -32.80 -49.99
CA ALA E 337 -33.55 -31.80 -50.50
C ALA E 337 -34.96 -32.12 -50.04
N THR E 338 -35.69 -31.11 -49.62
CA THR E 338 -37.06 -31.25 -49.11
C THR E 338 -38.01 -30.59 -50.09
N LEU E 339 -38.95 -31.35 -50.65
CA LEU E 339 -39.92 -30.73 -51.53
C LEU E 339 -40.92 -29.92 -50.71
N GLN E 340 -41.69 -29.09 -51.41
CA GLN E 340 -42.70 -28.25 -50.78
C GLN E 340 -44.10 -28.83 -50.87
N GLU E 341 -44.48 -29.40 -52.00
CA GLU E 341 -45.81 -29.91 -52.20
C GLU E 341 -45.80 -31.43 -52.29
N ALA E 342 -46.97 -32.03 -52.10
CA ALA E 342 -47.09 -33.48 -52.11
C ALA E 342 -47.86 -34.01 -53.31
N THR E 343 -48.63 -33.19 -54.00
CA THR E 343 -49.36 -33.60 -55.18
C THR E 343 -49.19 -32.56 -56.28
N ALA E 344 -49.19 -33.02 -57.53
CA ALA E 344 -49.01 -32.15 -58.67
C ALA E 344 -50.02 -32.50 -59.75
N LYS E 345 -50.65 -31.49 -60.34
CA LYS E 345 -51.59 -31.71 -61.43
C LYS E 345 -50.83 -31.91 -62.73
N VAL E 346 -50.95 -33.10 -63.31
CA VAL E 346 -50.31 -33.39 -64.57
C VAL E 346 -51.29 -33.13 -65.70
N LYS E 347 -50.79 -32.52 -66.77
CA LYS E 347 -51.60 -32.16 -67.92
C LYS E 347 -50.92 -32.67 -69.17
N THR E 348 -51.66 -32.62 -70.27
CA THR E 348 -51.15 -33.10 -71.56
C THR E 348 -49.98 -32.27 -72.06
N ALA E 349 -49.80 -31.05 -71.54
CA ALA E 349 -48.73 -30.17 -72.04
C ALA E 349 -47.36 -30.79 -71.82
N GLY E 350 -47.12 -31.37 -70.65
CA GLY E 350 -45.89 -32.07 -70.39
C GLY E 350 -44.85 -31.33 -69.56
N LYS E 351 -45.27 -30.45 -68.64
CA LYS E 351 -44.36 -29.75 -67.77
C LYS E 351 -45.01 -29.57 -66.40
N VAL E 352 -44.25 -29.82 -65.34
CA VAL E 352 -44.63 -29.36 -64.01
C VAL E 352 -43.39 -28.74 -63.36
N THR E 353 -43.63 -27.84 -62.42
CA THR E 353 -42.56 -27.13 -61.73
C THR E 353 -42.76 -27.25 -60.24
N LEU E 354 -41.67 -27.56 -59.53
CA LEU E 354 -41.71 -27.83 -58.10
C LEU E 354 -40.64 -27.02 -57.39
N HIS E 355 -40.89 -26.68 -56.14
CA HIS E 355 -39.95 -25.92 -55.34
C HIS E 355 -39.44 -26.77 -54.20
N PHE E 356 -38.13 -26.74 -53.98
CA PHE E 356 -37.50 -27.55 -52.96
C PHE E 356 -36.53 -26.69 -52.17
N SER E 357 -36.15 -27.21 -51.00
CA SER E 357 -35.24 -26.52 -50.10
C SER E 357 -34.05 -27.42 -49.80
N THR E 358 -32.85 -26.86 -49.88
CA THR E 358 -31.63 -27.62 -49.65
C THR E 358 -30.65 -26.78 -48.85
N ALA E 359 -29.58 -27.43 -48.40
CA ALA E 359 -28.55 -26.75 -47.62
C ALA E 359 -27.14 -27.21 -47.98
N SER E 360 -26.94 -27.75 -49.17
CA SER E 360 -25.62 -28.20 -49.59
C SER E 360 -25.27 -27.59 -50.93
N ALA E 361 -23.96 -27.52 -51.20
CA ALA E 361 -23.47 -26.84 -52.39
C ALA E 361 -23.95 -27.54 -53.65
N SER E 362 -23.92 -28.87 -53.66
CA SER E 362 -24.34 -29.67 -54.80
C SER E 362 -25.15 -30.85 -54.32
N PRO E 363 -26.48 -30.77 -54.38
CA PRO E 363 -27.31 -31.93 -54.06
C PRO E 363 -27.49 -32.84 -55.26
N SER E 364 -27.84 -34.09 -54.98
CA SER E 364 -28.22 -35.02 -56.03
C SER E 364 -29.25 -35.96 -55.44
N PHE E 365 -30.49 -35.87 -55.92
CA PHE E 365 -31.58 -36.61 -55.31
C PHE E 365 -32.51 -37.11 -56.41
N VAL E 366 -33.23 -38.18 -56.12
CA VAL E 366 -34.13 -38.79 -57.09
C VAL E 366 -35.57 -38.44 -56.74
N VAL E 367 -36.29 -37.92 -57.72
CA VAL E 367 -37.64 -37.41 -57.57
C VAL E 367 -38.58 -38.24 -58.41
N SER E 368 -39.76 -38.51 -57.88
CA SER E 368 -40.75 -39.34 -58.56
C SER E 368 -42.10 -38.67 -58.51
N LEU E 369 -42.82 -38.62 -59.63
CA LEU E 369 -44.24 -38.30 -59.59
C LEU E 369 -44.99 -39.50 -60.12
N CYS E 370 -46.06 -39.89 -59.42
CA CYS E 370 -46.73 -41.16 -59.64
C CYS E 370 -45.71 -42.30 -59.63
N SER E 371 -45.52 -42.96 -60.76
CA SER E 371 -44.70 -44.16 -60.79
C SER E 371 -43.33 -43.96 -61.40
N ALA E 372 -43.12 -42.85 -62.10
CA ALA E 372 -41.85 -42.61 -62.80
C ALA E 372 -40.78 -42.16 -61.81
N ARG E 373 -39.54 -42.07 -62.28
CA ARG E 373 -38.43 -41.66 -61.45
C ARG E 373 -37.47 -40.84 -62.30
N ALA E 374 -36.71 -39.98 -61.64
CA ALA E 374 -35.68 -39.25 -62.35
C ALA E 374 -34.67 -38.74 -61.34
N THR E 375 -33.44 -38.52 -61.80
CA THR E 375 -32.38 -38.04 -60.93
C THR E 375 -32.13 -36.57 -61.23
N CYS E 376 -32.19 -35.74 -60.20
CA CYS E 376 -31.97 -34.30 -60.29
C CYS E 376 -30.66 -33.97 -59.62
N SER E 377 -29.81 -33.25 -60.36
CA SER E 377 -28.53 -32.76 -59.86
C SER E 377 -28.50 -31.25 -60.05
N ALA E 378 -27.83 -30.56 -59.15
CA ALA E 378 -27.91 -29.11 -59.16
C ALA E 378 -26.58 -28.51 -58.70
N SER E 379 -26.40 -27.25 -59.07
CA SER E 379 -25.26 -26.45 -58.66
C SER E 379 -25.78 -25.21 -57.94
N CYS E 380 -25.60 -25.16 -56.63
CA CYS E 380 -26.32 -24.22 -55.76
C CYS E 380 -25.35 -23.19 -55.18
N GLU E 381 -25.84 -21.97 -54.99
CA GLU E 381 -25.09 -20.80 -54.54
C GLU E 381 -25.53 -20.35 -53.15
N PRO E 382 -24.64 -19.74 -52.37
CA PRO E 382 -25.00 -19.28 -51.04
C PRO E 382 -25.99 -18.13 -51.11
N PRO E 383 -26.74 -17.87 -50.05
CA PRO E 383 -27.55 -16.66 -49.98
C PRO E 383 -26.70 -15.45 -49.61
N LYS E 384 -27.21 -14.27 -49.98
CA LYS E 384 -26.56 -13.01 -49.67
C LYS E 384 -26.92 -12.49 -48.29
N ASP E 385 -28.13 -12.78 -47.82
CA ASP E 385 -28.62 -12.29 -46.54
C ASP E 385 -27.94 -13.01 -45.39
N HIS E 386 -27.86 -12.35 -44.24
CA HIS E 386 -27.17 -12.95 -43.11
C HIS E 386 -28.10 -13.59 -42.09
N ILE E 387 -29.23 -12.95 -41.77
CA ILE E 387 -30.07 -13.37 -40.66
C ILE E 387 -31.53 -13.32 -41.07
N VAL E 388 -32.29 -14.33 -40.66
CA VAL E 388 -33.70 -14.50 -41.02
C VAL E 388 -34.50 -14.71 -39.75
N PRO E 389 -35.78 -14.38 -39.77
CA PRO E 389 -36.63 -14.56 -38.58
C PRO E 389 -37.36 -15.90 -38.48
N TYR E 390 -36.99 -16.90 -39.28
CA TYR E 390 -37.69 -18.18 -39.30
C TYR E 390 -36.71 -19.34 -39.35
N ALA E 391 -37.18 -20.51 -38.96
CA ALA E 391 -36.31 -21.67 -38.82
C ALA E 391 -36.00 -22.30 -40.18
N ALA E 392 -34.99 -23.16 -40.18
CA ALA E 392 -34.58 -23.84 -41.40
C ALA E 392 -35.67 -24.79 -41.87
N SER E 393 -35.91 -24.82 -43.17
CA SER E 393 -36.92 -25.68 -43.76
C SER E 393 -36.32 -26.91 -44.42
N HIS E 394 -35.05 -27.19 -44.19
CA HIS E 394 -34.35 -28.36 -44.70
C HIS E 394 -33.81 -29.19 -43.56
N SER E 395 -33.16 -30.30 -43.92
CA SER E 395 -32.66 -31.26 -42.94
C SER E 395 -31.21 -31.01 -42.52
N ASN E 396 -30.59 -29.96 -43.04
CA ASN E 396 -29.24 -29.53 -42.65
C ASN E 396 -28.20 -30.60 -42.99
N VAL E 397 -28.25 -31.08 -44.23
CA VAL E 397 -27.29 -32.03 -44.75
C VAL E 397 -26.38 -31.29 -45.72
N VAL E 398 -25.07 -31.35 -45.48
CA VAL E 398 -24.12 -30.44 -46.08
C VAL E 398 -23.12 -31.12 -47.00
N PHE E 399 -22.85 -32.40 -46.84
CA PHE E 399 -21.85 -33.08 -47.67
C PHE E 399 -22.27 -33.03 -49.14
N PRO E 400 -21.40 -32.57 -50.03
CA PRO E 400 -21.78 -32.42 -51.43
C PRO E 400 -21.86 -33.76 -52.13
N ASP E 401 -22.43 -33.73 -53.33
CA ASP E 401 -22.50 -34.93 -54.16
C ASP E 401 -21.11 -35.33 -54.65
N MET E 402 -20.94 -36.60 -54.93
CA MET E 402 -19.67 -37.10 -55.44
C MET E 402 -19.37 -36.59 -56.84
N SER E 403 -20.37 -36.10 -57.56
CA SER E 403 -20.18 -35.53 -58.89
C SER E 403 -20.15 -34.01 -58.89
N GLY E 404 -20.16 -33.38 -57.72
CA GLY E 404 -20.06 -31.95 -57.62
C GLY E 404 -18.69 -31.47 -58.04
N THR E 405 -18.58 -30.16 -58.22
CA THR E 405 -17.35 -29.57 -58.74
C THR E 405 -16.16 -29.90 -57.83
N ALA E 406 -16.30 -29.63 -56.53
CA ALA E 406 -15.16 -29.76 -55.62
C ALA E 406 -14.69 -31.21 -55.54
N LEU E 407 -15.61 -32.12 -55.30
CA LEU E 407 -15.20 -33.49 -55.03
C LEU E 407 -14.83 -34.21 -56.33
N SER E 408 -15.31 -33.71 -57.47
CA SER E 408 -14.80 -34.17 -58.76
C SER E 408 -13.36 -33.70 -59.00
N TRP E 409 -13.04 -32.47 -58.59
CA TRP E 409 -11.64 -32.06 -58.61
C TRP E 409 -10.80 -32.99 -57.75
N VAL E 410 -11.32 -33.35 -56.58
CA VAL E 410 -10.61 -34.28 -55.71
C VAL E 410 -10.35 -35.59 -56.42
N GLN E 411 -11.37 -36.13 -57.10
CA GLN E 411 -11.17 -37.37 -57.85
C GLN E 411 -10.11 -37.21 -58.93
N LYS E 412 -10.15 -36.10 -59.67
CA LYS E 412 -9.18 -35.94 -60.76
C LYS E 412 -7.75 -35.92 -60.24
N ILE E 413 -7.50 -35.13 -59.19
CA ILE E 413 -6.14 -35.03 -58.67
C ILE E 413 -5.68 -36.36 -58.10
N SER E 414 -6.55 -37.01 -57.31
CA SER E 414 -6.17 -38.29 -56.71
C SER E 414 -5.93 -39.35 -57.77
N GLY E 415 -6.73 -39.35 -58.84
CA GLY E 415 -6.52 -40.31 -59.90
C GLY E 415 -5.23 -40.09 -60.65
N GLY E 416 -4.87 -38.83 -60.92
CA GLY E 416 -3.59 -38.57 -61.54
C GLY E 416 -2.43 -39.06 -60.69
N LEU E 417 -2.47 -38.76 -59.38
CA LEU E 417 -1.39 -39.22 -58.52
C LEU E 417 -1.35 -40.75 -58.43
N GLY E 418 -2.52 -41.39 -58.37
CA GLY E 418 -2.55 -42.84 -58.33
C GLY E 418 -2.01 -43.47 -59.60
N ALA E 419 -2.29 -42.88 -60.76
CA ALA E 419 -1.73 -43.39 -62.01
C ALA E 419 -0.21 -43.25 -62.01
N PHE E 420 0.30 -42.11 -61.51
CA PHE E 420 1.74 -41.95 -61.43
C PHE E 420 2.37 -43.02 -60.55
N ALA E 421 1.77 -43.27 -59.39
CA ALA E 421 2.31 -44.28 -58.48
C ALA E 421 2.25 -45.67 -59.09
N ILE E 422 1.16 -45.98 -59.79
CA ILE E 422 1.03 -47.28 -60.44
C ILE E 422 2.11 -47.46 -61.50
N GLY E 423 2.36 -46.41 -62.28
CA GLY E 423 3.43 -46.49 -63.27
C GLY E 423 4.79 -46.71 -62.62
N ALA E 424 5.06 -46.02 -61.51
CA ALA E 424 6.31 -46.23 -60.80
C ALA E 424 6.46 -47.67 -60.35
N ILE E 425 5.42 -48.23 -59.74
CA ILE E 425 5.49 -49.60 -59.25
C ILE E 425 5.66 -50.58 -60.39
N LEU E 426 4.97 -50.33 -61.52
CA LEU E 426 5.11 -51.23 -62.66
C LEU E 426 6.53 -51.19 -63.21
N VAL E 427 7.14 -50.01 -63.30
CA VAL E 427 8.52 -49.93 -63.77
C VAL E 427 9.43 -50.71 -62.83
N LEU E 428 9.26 -50.52 -61.53
CA LEU E 428 10.13 -51.20 -60.57
C LEU E 428 9.98 -52.72 -60.67
N VAL E 429 8.74 -53.20 -60.77
CA VAL E 429 8.52 -54.65 -60.82
C VAL E 429 9.04 -55.23 -62.13
N VAL E 430 8.88 -54.50 -63.23
CA VAL E 430 9.44 -54.97 -64.50
C VAL E 430 10.95 -55.09 -64.41
N VAL E 431 11.59 -54.10 -63.79
CA VAL E 431 13.06 -54.15 -63.66
C VAL E 431 13.48 -55.33 -62.78
N THR E 432 12.77 -55.53 -61.67
CA THR E 432 13.12 -56.63 -60.77
C THR E 432 12.93 -57.98 -61.45
N CYS E 433 11.83 -58.15 -62.19
CA CYS E 433 11.60 -59.42 -62.87
C CYS E 433 12.55 -59.62 -64.04
N ILE E 434 12.99 -58.54 -64.70
CA ILE E 434 14.04 -58.68 -65.70
C ILE E 434 15.32 -59.16 -65.05
N GLY E 435 15.67 -58.59 -63.89
CA GLY E 435 16.83 -59.07 -63.16
C GLY E 435 16.71 -60.52 -62.75
N LEU E 436 15.50 -60.97 -62.40
CA LEU E 436 15.29 -62.35 -61.98
C LEU E 436 15.29 -63.33 -63.16
N ARG E 437 14.66 -62.94 -64.28
CA ARG E 437 14.57 -63.81 -65.45
C ARG E 437 15.93 -64.21 -65.97
N ARG E 438 16.92 -63.33 -65.84
CA ARG E 438 18.30 -63.67 -66.19
C ARG E 438 18.88 -64.62 -65.15
N TYR F 1 15.81 50.01 -50.07
CA TYR F 1 16.76 48.94 -49.87
C TYR F 1 16.07 47.64 -49.48
N GLU F 2 16.11 46.65 -50.36
CA GLU F 2 15.40 45.40 -50.13
C GLU F 2 16.19 44.48 -49.20
N HIS F 3 15.47 43.83 -48.29
CA HIS F 3 16.07 42.90 -47.33
C HIS F 3 15.06 41.79 -47.04
N SER F 4 15.58 40.63 -46.66
CA SER F 4 14.73 39.48 -46.37
C SER F 4 15.22 38.78 -45.11
N THR F 5 14.28 38.20 -44.37
CA THR F 5 14.58 37.60 -43.07
C THR F 5 13.58 36.49 -42.81
N VAL F 6 13.90 35.60 -41.88
CA VAL F 6 12.98 34.55 -41.44
C VAL F 6 12.77 34.72 -39.94
N MET F 7 11.52 34.53 -39.49
CA MET F 7 11.12 34.76 -38.11
C MET F 7 10.34 33.59 -37.55
N PRO F 8 10.61 33.15 -36.33
CA PRO F 8 9.85 32.04 -35.76
C PRO F 8 8.41 32.43 -35.49
N ASN F 9 7.53 31.44 -35.58
CA ASN F 9 6.10 31.63 -35.27
C ASN F 9 5.81 31.23 -33.83
N VAL F 10 6.30 32.04 -32.90
CA VAL F 10 6.02 31.89 -31.48
C VAL F 10 5.62 33.26 -30.95
N VAL F 11 4.46 33.33 -30.30
CA VAL F 11 4.00 34.61 -29.76
C VAL F 11 4.77 34.92 -28.49
N GLY F 12 5.18 36.18 -28.34
CA GLY F 12 5.99 36.59 -27.22
C GLY F 12 7.48 36.52 -27.45
N PHE F 13 7.93 35.98 -28.58
CA PHE F 13 9.36 35.87 -28.83
C PHE F 13 9.89 37.17 -29.42
N PRO F 14 10.91 37.77 -28.82
CA PRO F 14 11.50 39.03 -29.32
C PRO F 14 12.52 38.85 -30.44
N TYR F 15 12.06 38.75 -31.67
CA TYR F 15 12.99 38.56 -32.78
C TYR F 15 13.72 39.87 -33.09
N LYS F 16 15.02 39.78 -33.37
CA LYS F 16 15.84 40.93 -33.67
C LYS F 16 16.63 40.66 -34.96
N ALA F 17 16.53 41.59 -35.92
CA ALA F 17 17.15 41.43 -37.23
C ALA F 17 18.14 42.54 -37.49
N HIS F 18 19.20 42.20 -38.23
CA HIS F 18 20.34 43.08 -38.47
C HIS F 18 20.46 43.39 -39.96
N ILE F 19 20.60 44.67 -40.28
CA ILE F 19 20.75 45.13 -41.66
C ILE F 19 22.05 45.91 -41.74
N GLU F 20 22.90 45.55 -42.70
CA GLU F 20 24.20 46.19 -42.88
C GLU F 20 24.29 46.73 -44.30
N ARG F 21 23.78 47.93 -44.52
CA ARG F 21 23.97 48.60 -45.79
C ARG F 21 25.44 49.01 -45.92
N PRO F 22 26.10 48.67 -47.03
CA PRO F 22 27.54 48.98 -47.13
C PRO F 22 27.89 50.45 -46.95
N GLY F 23 27.04 51.36 -47.43
CA GLY F 23 27.34 52.77 -47.29
C GLY F 23 26.85 53.46 -46.05
N TYR F 24 26.11 52.78 -45.17
CA TYR F 24 25.48 53.40 -44.01
C TYR F 24 25.79 52.57 -42.77
N SER F 25 25.35 53.05 -41.62
CA SER F 25 25.59 52.39 -40.34
C SER F 25 24.69 51.16 -40.19
N PRO F 26 25.14 50.15 -39.45
CA PRO F 26 24.29 48.98 -39.21
C PRO F 26 23.04 49.36 -38.42
N LEU F 27 21.95 48.65 -38.70
CA LEU F 27 20.66 48.91 -38.09
C LEU F 27 20.09 47.61 -37.53
N THR F 28 19.46 47.70 -36.37
CA THR F 28 18.83 46.55 -35.73
C THR F 28 17.38 46.85 -35.46
N LEU F 29 16.48 45.97 -35.92
CA LEU F 29 15.05 46.17 -35.74
C LEU F 29 14.41 44.96 -35.07
N GLN F 30 13.41 45.23 -34.25
CA GLN F 30 12.75 44.22 -33.43
C GLN F 30 11.38 43.93 -33.97
N MET F 31 11.06 42.65 -34.13
CA MET F 31 9.76 42.19 -34.57
C MET F 31 9.20 41.22 -33.55
N GLN F 32 7.91 41.35 -33.27
CA GLN F 32 7.22 40.64 -32.21
C GLN F 32 5.83 40.29 -32.69
N VAL F 33 5.40 39.04 -32.51
CA VAL F 33 4.05 38.64 -32.90
C VAL F 33 3.17 38.62 -31.66
N VAL F 34 2.06 39.34 -31.71
CA VAL F 34 1.17 39.46 -30.56
C VAL F 34 0.17 38.31 -30.54
N GLU F 35 -0.45 38.01 -31.68
CA GLU F 35 -1.38 36.90 -31.78
C GLU F 35 -1.43 36.41 -33.22
N THR F 36 -1.96 35.21 -33.41
CA THR F 36 -2.21 34.63 -34.73
C THR F 36 -3.62 34.08 -34.76
N SER F 37 -4.19 33.94 -35.96
CA SER F 37 -5.55 33.42 -36.09
C SER F 37 -5.65 32.64 -37.40
N LEU F 38 -5.76 31.31 -37.29
CA LEU F 38 -5.79 30.42 -38.45
C LEU F 38 -7.24 30.08 -38.78
N GLU F 39 -7.72 30.59 -39.90
CA GLU F 39 -9.14 30.61 -40.22
C GLU F 39 -9.43 29.66 -41.38
N PRO F 40 -10.17 28.57 -41.17
CA PRO F 40 -10.54 27.70 -42.29
C PRO F 40 -11.74 28.27 -43.05
N THR F 41 -11.99 27.69 -44.22
CA THR F 41 -13.14 28.04 -45.03
C THR F 41 -14.17 26.93 -44.93
N LEU F 42 -15.42 27.30 -44.65
CA LEU F 42 -16.45 26.36 -44.23
C LEU F 42 -17.59 26.37 -45.23
N ASN F 43 -18.02 25.17 -45.63
CA ASN F 43 -19.22 25.01 -46.44
C ASN F 43 -20.21 24.20 -45.64
N LEU F 44 -21.40 24.75 -45.44
CA LEU F 44 -22.36 24.16 -44.50
C LEU F 44 -23.07 22.99 -45.16
N GLU F 45 -23.14 21.87 -44.44
CA GLU F 45 -23.83 20.68 -44.94
C GLU F 45 -25.28 20.62 -44.46
N TYR F 46 -25.49 20.64 -43.14
CA TYR F 46 -26.83 20.65 -42.58
C TYR F 46 -26.76 21.02 -41.11
N ILE F 47 -27.93 21.15 -40.48
CA ILE F 47 -28.04 21.45 -39.05
C ILE F 47 -28.90 20.37 -38.40
N THR F 48 -28.71 20.17 -37.10
CA THR F 48 -29.49 19.19 -36.38
C THR F 48 -30.01 19.82 -35.08
N CYS F 49 -31.16 19.34 -34.64
CA CYS F 49 -31.77 19.77 -33.40
C CYS F 49 -32.75 18.69 -32.96
N GLU F 50 -33.52 18.97 -31.91
CA GLU F 50 -34.56 18.04 -31.49
C GLU F 50 -35.69 17.99 -32.49
N TYR F 51 -36.48 16.93 -32.41
CA TYR F 51 -37.72 16.84 -33.15
C TYR F 51 -38.90 17.01 -32.22
N LYS F 52 -40.06 17.22 -32.82
CA LYS F 52 -41.31 17.36 -32.09
C LYS F 52 -42.34 16.53 -32.82
N THR F 53 -42.94 15.56 -32.14
CA THR F 53 -43.90 14.68 -32.79
C THR F 53 -45.30 15.30 -32.75
N VAL F 54 -45.94 15.36 -33.91
CA VAL F 54 -47.26 15.97 -34.05
C VAL F 54 -48.29 14.87 -34.16
N VAL F 55 -49.21 14.83 -33.20
CA VAL F 55 -50.25 13.81 -33.11
C VAL F 55 -51.60 14.52 -32.99
N PRO F 56 -52.35 14.65 -34.08
CA PRO F 56 -53.65 15.30 -34.00
C PRO F 56 -54.66 14.44 -33.26
N SER F 57 -55.86 14.98 -33.12
CA SER F 57 -56.96 14.24 -32.51
C SER F 57 -57.41 13.11 -33.44
N PRO F 58 -57.72 11.94 -32.91
CA PRO F 58 -58.16 10.84 -33.78
C PRO F 58 -59.55 11.08 -34.34
N TYR F 59 -59.80 10.54 -35.52
CA TYR F 59 -61.10 10.59 -36.17
C TYR F 59 -61.79 9.24 -35.97
N VAL F 60 -62.84 9.25 -35.17
CA VAL F 60 -63.63 8.05 -34.92
C VAL F 60 -64.94 8.20 -35.67
N LYS F 61 -65.17 7.33 -36.62
CA LYS F 61 -66.36 7.35 -37.46
C LYS F 61 -67.28 6.25 -37.01
N CYS F 62 -68.52 6.61 -36.66
CA CYS F 62 -69.49 5.62 -36.20
C CYS F 62 -70.38 5.23 -37.38
N CYS F 63 -70.67 3.93 -37.49
CA CYS F 63 -71.38 3.35 -38.63
C CYS F 63 -70.79 3.82 -39.96
N GLY F 64 -69.57 3.35 -40.21
CA GLY F 64 -68.90 3.64 -41.46
C GLY F 64 -67.50 3.11 -41.40
N ALA F 65 -66.69 3.56 -42.37
CA ALA F 65 -65.27 3.28 -42.44
C ALA F 65 -64.60 4.48 -43.07
N SER F 66 -63.36 4.72 -42.67
CA SER F 66 -62.60 5.88 -43.12
C SER F 66 -61.47 5.38 -44.02
N GLU F 67 -61.14 6.16 -45.04
CA GLU F 67 -60.15 5.79 -46.04
C GLU F 67 -58.81 6.40 -45.69
N CYS F 68 -57.77 5.56 -45.67
CA CYS F 68 -56.44 6.06 -45.40
C CYS F 68 -55.96 6.90 -46.58
N SER F 69 -55.27 8.00 -46.26
CA SER F 69 -54.74 8.89 -47.27
C SER F 69 -53.28 9.17 -46.98
N THR F 70 -52.51 9.41 -48.03
CA THR F 70 -51.10 9.73 -47.91
C THR F 70 -50.88 11.21 -48.17
N LYS F 71 -49.90 11.79 -47.48
CA LYS F 71 -49.56 13.19 -47.63
C LYS F 71 -48.06 13.36 -47.43
N GLU F 72 -47.55 14.49 -47.90
CA GLU F 72 -46.11 14.74 -47.98
C GLU F 72 -45.64 15.46 -46.71
N LYS F 73 -45.39 14.67 -45.68
CA LYS F 73 -44.90 15.19 -44.42
C LYS F 73 -43.78 14.29 -43.90
N PRO F 74 -42.82 14.85 -43.16
CA PRO F 74 -41.64 14.07 -42.78
C PRO F 74 -41.98 12.91 -41.86
N ASP F 75 -41.60 11.71 -42.28
CA ASP F 75 -41.76 10.49 -41.49
C ASP F 75 -43.23 10.29 -41.08
N TYR F 76 -44.13 10.47 -42.04
CA TYR F 76 -45.56 10.43 -41.83
C TYR F 76 -46.04 9.01 -41.58
N GLN F 77 -47.08 8.87 -40.76
CA GLN F 77 -47.65 7.57 -40.43
C GLN F 77 -49.16 7.71 -40.30
N CYS F 78 -49.88 6.72 -40.86
CA CYS F 78 -51.34 6.74 -40.84
C CYS F 78 -51.88 5.32 -40.93
N LYS F 79 -52.87 4.99 -40.10
CA LYS F 79 -53.54 3.69 -40.17
C LYS F 79 -55.00 3.80 -39.77
N VAL F 80 -55.77 2.78 -40.16
CA VAL F 80 -57.20 2.70 -39.90
C VAL F 80 -57.47 1.44 -39.11
N TYR F 81 -58.21 1.55 -38.02
CA TYR F 81 -58.49 0.44 -37.13
C TYR F 81 -59.99 0.21 -37.04
N THR F 82 -60.39 -1.05 -37.13
CA THR F 82 -61.78 -1.45 -37.25
C THR F 82 -62.22 -2.20 -36.00
N GLY F 83 -63.40 -1.87 -35.50
CA GLY F 83 -63.97 -2.54 -34.36
C GLY F 83 -63.79 -1.83 -33.04
N VAL F 84 -63.86 -0.51 -33.02
CA VAL F 84 -63.59 0.27 -31.81
C VAL F 84 -64.90 0.71 -31.19
N TYR F 85 -64.93 0.71 -29.86
CA TYR F 85 -66.07 1.16 -29.07
C TYR F 85 -65.58 2.11 -27.99
N PRO F 86 -65.27 3.36 -28.35
CA PRO F 86 -64.67 4.28 -27.39
C PRO F 86 -65.66 4.74 -26.34
N PHE F 87 -65.11 5.27 -25.24
CA PHE F 87 -65.89 5.82 -24.14
C PHE F 87 -65.51 7.28 -23.92
N MET F 88 -66.46 8.03 -23.36
CA MET F 88 -66.30 9.43 -23.03
C MET F 88 -66.58 9.58 -21.54
N TRP F 89 -66.48 10.80 -21.03
CA TRP F 89 -66.78 11.00 -19.61
C TRP F 89 -68.25 10.78 -19.33
N GLY F 90 -69.12 11.17 -20.26
CA GLY F 90 -70.54 11.08 -20.10
C GLY F 90 -71.20 9.82 -20.63
N GLY F 91 -70.42 8.80 -20.97
CA GLY F 91 -70.99 7.60 -21.54
C GLY F 91 -70.17 7.05 -22.68
N ALA F 92 -70.83 6.65 -23.75
CA ALA F 92 -70.17 6.20 -24.97
C ALA F 92 -70.90 6.81 -26.15
N TYR F 93 -70.16 7.46 -27.04
CA TYR F 93 -70.81 7.77 -28.31
C TYR F 93 -70.48 6.59 -29.22
N CYS F 94 -70.75 6.70 -30.52
CA CYS F 94 -70.81 5.53 -31.39
C CYS F 94 -71.81 4.50 -30.86
N PHE F 95 -73.07 4.90 -30.89
CA PHE F 95 -74.20 3.98 -30.66
C PHE F 95 -74.02 2.71 -31.48
N CYS F 96 -73.48 2.87 -32.67
CA CYS F 96 -73.21 1.79 -33.60
C CYS F 96 -72.28 0.78 -32.98
N ASP F 97 -72.67 -0.48 -32.99
CA ASP F 97 -72.05 -1.42 -32.06
C ASP F 97 -70.58 -1.68 -32.44
N SER F 98 -70.32 -2.07 -33.68
CA SER F 98 -68.97 -2.38 -34.13
C SER F 98 -68.65 -2.03 -35.57
N GLU F 99 -69.54 -1.35 -36.28
CA GLU F 99 -69.26 -0.94 -37.66
C GLU F 99 -68.67 0.46 -37.65
N ASN F 100 -67.65 0.65 -36.82
CA ASN F 100 -67.05 1.96 -36.61
C ASN F 100 -65.54 1.84 -36.50
N THR F 101 -64.84 2.90 -36.91
CA THR F 101 -63.38 2.86 -37.07
C THR F 101 -62.71 4.09 -36.50
N GLN F 102 -61.39 3.97 -36.30
CA GLN F 102 -60.53 5.07 -35.87
C GLN F 102 -59.37 5.27 -36.84
N LEU F 103 -59.05 6.52 -37.14
CA LEU F 103 -57.96 6.86 -38.04
C LEU F 103 -56.84 7.52 -37.23
N SER F 104 -55.72 6.80 -37.07
CA SER F 104 -54.58 7.30 -36.33
C SER F 104 -53.54 7.87 -37.28
N GLU F 105 -52.98 9.01 -36.91
CA GLU F 105 -52.10 9.79 -37.77
C GLU F 105 -51.05 10.47 -36.92
N ALA F 106 -49.82 10.51 -37.41
CA ALA F 106 -48.74 11.18 -36.68
C ALA F 106 -47.62 11.53 -37.65
N TYR F 107 -46.84 12.54 -37.30
CA TYR F 107 -45.64 12.84 -38.08
C TYR F 107 -44.64 13.58 -37.21
N VAL F 108 -43.55 14.04 -37.82
CA VAL F 108 -42.42 14.65 -37.11
C VAL F 108 -42.24 16.07 -37.60
N ASP F 109 -41.67 16.92 -36.75
CA ASP F 109 -41.46 18.31 -37.12
C ASP F 109 -40.22 18.83 -36.41
N ARG F 110 -39.72 19.95 -36.89
CA ARG F 110 -38.57 20.60 -36.26
C ARG F 110 -39.03 21.40 -35.06
N SER F 111 -38.32 21.26 -33.94
CA SER F 111 -38.80 21.82 -32.68
C SER F 111 -38.74 23.35 -32.70
N ASP F 112 -39.56 23.96 -31.83
CA ASP F 112 -39.72 25.41 -31.83
C ASP F 112 -38.48 26.16 -31.37
N VAL F 113 -37.54 25.47 -30.74
CA VAL F 113 -36.32 26.08 -30.26
C VAL F 113 -35.14 25.83 -31.19
N CYS F 114 -35.40 25.21 -32.35
CA CYS F 114 -34.31 24.79 -33.23
C CYS F 114 -33.51 25.98 -33.73
N ARG F 115 -34.14 27.15 -33.80
CA ARG F 115 -33.43 28.36 -34.17
C ARG F 115 -32.44 28.81 -33.11
N HIS F 116 -32.73 28.57 -31.83
CA HIS F 116 -31.88 29.01 -30.74
C HIS F 116 -30.97 27.92 -30.20
N ASP F 117 -31.08 26.68 -30.69
CA ASP F 117 -30.27 25.58 -30.16
C ASP F 117 -30.18 24.51 -31.24
N HIS F 118 -29.08 24.49 -31.98
CA HIS F 118 -28.84 23.50 -33.01
C HIS F 118 -27.34 23.31 -33.17
N ALA F 119 -26.96 22.23 -33.84
CA ALA F 119 -25.55 21.95 -34.11
C ALA F 119 -25.33 21.89 -35.60
N SER F 120 -24.23 22.49 -36.07
CA SER F 120 -23.99 22.61 -37.49
C SER F 120 -22.92 21.64 -37.96
N ALA F 121 -23.09 21.09 -39.16
CA ALA F 121 -22.13 20.19 -39.77
C ALA F 121 -21.47 20.91 -40.94
N TYR F 122 -20.15 20.93 -40.94
CA TYR F 122 -19.36 21.73 -41.87
C TYR F 122 -18.32 20.88 -42.55
N LYS F 123 -17.86 21.34 -43.71
CA LYS F 123 -16.66 20.85 -44.35
C LYS F 123 -15.61 21.95 -44.34
N ALA F 124 -14.43 21.65 -43.82
CA ALA F 124 -13.39 22.64 -43.57
C ALA F 124 -12.21 22.41 -44.51
N HIS F 125 -11.71 23.48 -45.13
CA HIS F 125 -10.56 23.39 -46.00
C HIS F 125 -9.97 24.77 -46.24
N THR F 126 -8.72 24.79 -46.72
CA THR F 126 -8.04 26.02 -47.18
C THR F 126 -7.98 27.07 -46.08
N ALA F 127 -7.16 26.76 -45.08
CA ALA F 127 -6.98 27.68 -43.97
C ALA F 127 -6.35 28.99 -44.44
N SER F 128 -6.70 30.06 -43.74
CA SER F 128 -6.15 31.39 -43.95
C SER F 128 -5.50 31.85 -42.65
N LEU F 129 -4.30 32.40 -42.76
CA LEU F 129 -3.58 32.92 -41.61
C LEU F 129 -3.64 34.44 -41.55
N LYS F 130 -3.78 34.94 -40.33
CA LYS F 130 -3.81 36.36 -40.00
C LYS F 130 -2.93 36.55 -38.78
N ALA F 131 -2.33 37.73 -38.65
CA ALA F 131 -1.45 37.97 -37.52
C ALA F 131 -1.47 39.46 -37.19
N LYS F 132 -0.95 39.81 -36.01
CA LYS F 132 -0.62 41.20 -35.72
C LYS F 132 0.75 41.24 -35.09
N VAL F 133 1.57 42.17 -35.55
CA VAL F 133 2.99 42.22 -35.27
C VAL F 133 3.34 43.64 -34.86
N ARG F 134 4.19 43.79 -33.84
CA ARG F 134 4.79 45.08 -33.55
C ARG F 134 6.20 45.07 -34.11
N VAL F 135 6.53 46.16 -34.81
CA VAL F 135 7.85 46.39 -35.38
C VAL F 135 8.37 47.66 -34.75
N MET F 136 9.57 47.61 -34.20
CA MET F 136 10.17 48.80 -33.59
C MET F 136 11.64 48.92 -33.98
N TYR F 137 12.04 50.14 -34.32
CA TYR F 137 13.41 50.48 -34.69
C TYR F 137 13.53 52.00 -34.68
N GLY F 138 14.61 52.48 -34.09
CA GLY F 138 14.77 53.92 -33.97
C GLY F 138 13.75 54.53 -33.03
N ASN F 139 12.87 55.37 -33.57
CA ASN F 139 11.86 56.06 -32.77
C ASN F 139 10.46 55.84 -33.31
N VAL F 140 10.20 54.69 -33.94
CA VAL F 140 8.87 54.37 -34.45
C VAL F 140 8.40 53.10 -33.76
N ASN F 141 7.30 53.23 -33.03
CA ASN F 141 6.61 52.15 -32.35
C ASN F 141 5.22 51.95 -32.96
N GLN F 142 5.01 50.80 -33.59
CA GLN F 142 3.74 50.54 -34.26
C GLN F 142 3.43 49.06 -34.18
N THR F 143 2.14 48.74 -34.13
CA THR F 143 1.65 47.38 -34.25
C THR F 143 0.60 47.34 -35.34
N VAL F 144 0.68 46.34 -36.22
CA VAL F 144 -0.16 46.28 -37.40
C VAL F 144 -0.72 44.87 -37.57
N ASP F 145 -1.94 44.81 -38.12
CA ASP F 145 -2.63 43.57 -38.40
C ASP F 145 -2.50 43.26 -39.89
N VAL F 146 -1.98 42.07 -40.21
CA VAL F 146 -1.61 41.71 -41.56
C VAL F 146 -2.14 40.32 -41.89
N TYR F 147 -2.26 40.05 -43.19
CA TYR F 147 -2.45 38.70 -43.70
C TYR F 147 -1.07 38.09 -43.91
N VAL F 148 -0.90 36.82 -43.52
CA VAL F 148 0.39 36.17 -43.75
C VAL F 148 0.32 35.41 -45.06
N ASN F 149 0.46 36.15 -46.16
CA ASN F 149 0.63 35.59 -47.50
C ASN F 149 1.44 36.60 -48.29
N GLY F 150 2.16 36.13 -49.30
CA GLY F 150 3.11 36.99 -49.97
C GLY F 150 2.54 37.96 -50.98
N ASP F 151 1.41 38.60 -50.66
CA ASP F 151 0.93 39.65 -51.56
C ASP F 151 0.36 40.86 -50.84
N HIS F 152 0.37 40.94 -49.53
CA HIS F 152 -0.18 42.09 -48.81
C HIS F 152 0.97 42.96 -48.33
N ALA F 153 1.01 44.19 -48.82
CA ALA F 153 2.04 45.15 -48.45
C ALA F 153 1.49 46.08 -47.38
N VAL F 154 2.22 46.20 -46.28
CA VAL F 154 1.84 47.10 -45.20
C VAL F 154 2.94 48.12 -45.01
N THR F 155 2.55 49.38 -44.82
CA THR F 155 3.50 50.48 -44.69
C THR F 155 3.57 50.96 -43.26
N ILE F 156 4.79 51.15 -42.78
CA ILE F 156 5.06 51.68 -41.44
C ILE F 156 6.11 52.75 -41.55
N GLY F 157 5.70 54.02 -41.49
CA GLY F 157 6.64 55.12 -41.54
C GLY F 157 7.51 55.11 -42.78
N GLY F 158 6.93 54.84 -43.94
CA GLY F 158 7.70 54.76 -45.15
C GLY F 158 8.42 53.44 -45.37
N THR F 159 8.18 52.44 -44.52
CA THR F 159 8.80 51.13 -44.64
C THR F 159 7.77 50.14 -45.17
N GLN F 160 8.15 49.36 -46.18
CA GLN F 160 7.22 48.49 -46.90
C GLN F 160 7.48 47.04 -46.50
N PHE F 161 6.45 46.36 -45.99
CA PHE F 161 6.58 45.03 -45.41
C PHE F 161 5.69 44.02 -46.13
N ILE F 162 6.25 42.85 -46.43
CA ILE F 162 5.54 41.70 -46.96
C ILE F 162 5.84 40.53 -46.03
N PHE F 163 4.81 40.03 -45.34
CA PHE F 163 4.99 38.91 -44.43
C PHE F 163 4.64 37.62 -45.18
N GLY F 164 5.66 36.88 -45.58
CA GLY F 164 5.50 35.81 -46.54
C GLY F 164 4.79 34.60 -45.98
N PRO F 165 4.42 33.67 -46.86
CA PRO F 165 3.60 32.54 -46.44
C PRO F 165 4.32 31.66 -45.43
N LEU F 166 3.53 31.10 -44.51
CA LEU F 166 4.09 30.30 -43.43
C LEU F 166 4.66 29.00 -43.97
N SER F 167 5.61 28.44 -43.23
CA SER F 167 6.37 27.29 -43.72
C SER F 167 5.48 26.08 -43.96
N SER F 168 4.66 25.72 -42.99
CA SER F 168 3.94 24.45 -43.02
C SER F 168 2.47 24.66 -43.32
N ALA F 169 1.85 23.62 -43.90
CA ALA F 169 0.43 23.61 -44.20
C ALA F 169 -0.35 22.74 -43.22
N TRP F 170 0.06 22.74 -41.96
CA TRP F 170 -0.60 21.98 -40.92
C TRP F 170 -1.80 22.76 -40.41
N THR F 171 -2.92 22.07 -40.21
CA THR F 171 -4.13 22.63 -39.65
C THR F 171 -4.74 21.63 -38.69
N PRO F 172 -5.38 22.10 -37.61
CA PRO F 172 -5.94 21.16 -36.63
C PRO F 172 -7.30 20.61 -37.00
N PHE F 173 -8.01 21.24 -37.93
CA PHE F 173 -9.33 20.78 -38.33
C PHE F 173 -9.25 19.72 -39.40
N ASP F 174 -10.06 18.68 -39.27
CA ASP F 174 -10.17 17.65 -40.28
C ASP F 174 -11.06 18.14 -41.40
N ASN F 175 -11.40 17.24 -42.34
CA ASN F 175 -12.24 17.64 -43.46
C ASN F 175 -13.68 17.85 -43.03
N LYS F 176 -14.10 17.24 -41.93
CA LYS F 176 -15.47 17.32 -41.45
C LYS F 176 -15.48 17.83 -40.02
N ILE F 177 -16.31 18.83 -39.76
CA ILE F 177 -16.36 19.56 -38.50
C ILE F 177 -17.80 19.57 -38.01
N VAL F 178 -17.99 19.47 -36.70
CA VAL F 178 -19.29 19.69 -36.10
C VAL F 178 -19.14 20.80 -35.06
N VAL F 179 -19.94 21.85 -35.19
CA VAL F 179 -19.82 23.04 -34.36
C VAL F 179 -21.07 23.16 -33.50
N TYR F 180 -20.90 23.22 -32.19
CA TYR F 180 -22.00 23.41 -31.27
C TYR F 180 -21.69 24.56 -30.34
N LYS F 181 -22.42 25.65 -30.48
CA LYS F 181 -22.24 26.85 -29.66
C LYS F 181 -20.82 27.38 -29.76
N ASP F 182 -19.95 27.04 -28.82
CA ASP F 182 -18.59 27.54 -28.87
C ASP F 182 -17.58 26.41 -28.82
N GLU F 183 -17.98 25.24 -29.28
CA GLU F 183 -17.14 24.06 -29.14
C GLU F 183 -17.14 23.30 -30.46
N VAL F 184 -15.99 22.73 -30.81
CA VAL F 184 -15.75 22.18 -32.15
C VAL F 184 -15.30 20.74 -32.02
N PHE F 185 -15.83 19.87 -32.88
CA PHE F 185 -15.51 18.46 -32.86
C PHE F 185 -15.07 18.01 -34.25
N ASN F 186 -14.03 17.19 -34.31
CA ASN F 186 -13.67 16.48 -35.54
C ASN F 186 -14.50 15.21 -35.56
N GLN F 187 -15.61 15.25 -36.26
CA GLN F 187 -16.57 14.17 -36.27
C GLN F 187 -16.95 13.85 -37.70
N ASP F 188 -17.27 12.58 -37.94
CA ASP F 188 -17.60 12.08 -39.28
C ASP F 188 -19.12 11.95 -39.36
N PHE F 189 -19.77 13.03 -39.70
CA PHE F 189 -21.23 13.00 -39.70
C PHE F 189 -21.76 12.26 -40.93
N PRO F 190 -22.96 11.67 -40.83
CA PRO F 190 -23.51 10.96 -41.98
C PRO F 190 -23.93 11.92 -43.06
N PRO F 191 -24.04 11.45 -44.31
CA PRO F 191 -24.45 12.34 -45.39
C PRO F 191 -25.86 12.85 -45.21
N TYR F 192 -26.12 14.01 -45.81
CA TYR F 192 -27.48 14.54 -45.79
C TYR F 192 -28.41 13.54 -46.48
N GLY F 193 -29.52 13.23 -45.82
CA GLY F 193 -30.49 12.28 -46.35
C GLY F 193 -30.22 10.85 -45.97
N SER F 194 -29.27 10.59 -45.08
CA SER F 194 -28.93 9.23 -44.68
C SER F 194 -28.75 9.14 -43.19
N GLY F 195 -29.65 9.75 -42.43
CA GLY F 195 -29.55 9.69 -40.98
C GLY F 195 -30.24 8.47 -40.41
N GLN F 196 -29.70 7.98 -39.32
CA GLN F 196 -30.21 6.77 -38.69
C GLN F 196 -30.86 7.11 -37.36
N PRO F 197 -31.91 6.38 -36.98
CA PRO F 197 -32.64 6.75 -35.76
C PRO F 197 -31.80 6.56 -34.51
N GLY F 198 -31.98 7.45 -33.55
CA GLY F 198 -31.32 7.35 -32.28
C GLY F 198 -29.91 7.89 -32.24
N ARG F 199 -29.36 8.35 -33.37
CA ARG F 199 -27.99 8.84 -33.41
C ARG F 199 -27.94 10.23 -34.00
N PHE F 200 -26.76 10.85 -34.01
CA PHE F 200 -26.64 12.22 -34.51
C PHE F 200 -27.10 12.31 -35.95
N GLY F 201 -27.99 13.25 -36.21
CA GLY F 201 -28.50 13.42 -37.56
C GLY F 201 -29.66 12.53 -37.92
N ASP F 202 -30.50 12.14 -36.95
CA ASP F 202 -31.72 11.44 -37.31
C ASP F 202 -32.69 12.36 -38.03
N ILE F 203 -32.70 13.64 -37.70
CA ILE F 203 -33.37 14.64 -38.53
C ILE F 203 -32.31 15.63 -38.99
N GLN F 204 -32.45 16.08 -40.23
CA GLN F 204 -31.46 16.95 -40.85
C GLN F 204 -32.17 18.03 -41.64
N SER F 205 -31.64 19.24 -41.61
CA SER F 205 -32.16 20.35 -42.39
C SER F 205 -31.01 21.07 -43.05
N ARG F 206 -31.25 21.57 -44.27
CA ARG F 206 -30.16 22.19 -45.02
C ARG F 206 -29.70 23.48 -44.36
N THR F 207 -30.63 24.34 -43.97
CA THR F 207 -30.34 25.55 -43.20
C THR F 207 -31.36 25.64 -42.09
N VAL F 208 -31.29 26.72 -41.31
CA VAL F 208 -32.22 26.90 -40.20
C VAL F 208 -33.63 27.15 -40.72
N GLU F 209 -33.76 28.01 -41.74
CA GLU F 209 -35.06 28.44 -42.25
C GLU F 209 -35.52 27.63 -43.45
N SER F 210 -34.88 26.50 -43.74
CA SER F 210 -35.25 25.71 -44.90
C SER F 210 -36.60 25.04 -44.70
N ASN F 211 -37.42 25.03 -45.74
CA ASN F 211 -38.77 24.49 -45.62
C ASN F 211 -38.80 22.97 -45.76
N ASP F 212 -37.71 22.35 -46.18
CA ASP F 212 -37.67 20.90 -46.26
C ASP F 212 -37.00 20.31 -45.03
N LEU F 213 -37.31 19.05 -44.76
CA LEU F 213 -36.77 18.38 -43.59
C LEU F 213 -36.70 16.89 -43.89
N TYR F 214 -35.63 16.24 -43.44
CA TYR F 214 -35.49 14.80 -43.52
C TYR F 214 -35.57 14.27 -42.10
N ALA F 215 -36.46 13.31 -41.87
CA ALA F 215 -36.61 12.73 -40.55
C ALA F 215 -36.65 11.21 -40.70
N ASN F 216 -35.95 10.53 -39.81
CA ASN F 216 -35.90 9.07 -39.81
C ASN F 216 -35.79 8.65 -38.35
N THR F 217 -36.94 8.50 -37.68
CA THR F 217 -36.98 8.35 -36.23
C THR F 217 -37.66 7.07 -35.78
N ALA F 218 -38.07 6.21 -36.71
CA ALA F 218 -38.69 4.92 -36.40
C ALA F 218 -40.00 5.10 -35.64
N LEU F 219 -40.85 5.98 -36.16
CA LEU F 219 -42.15 6.26 -35.57
C LEU F 219 -43.15 5.24 -36.08
N LYS F 220 -43.75 4.49 -35.16
CA LYS F 220 -44.64 3.40 -35.50
C LYS F 220 -45.91 3.49 -34.66
N LEU F 221 -47.07 3.36 -35.31
CA LEU F 221 -48.36 3.43 -34.66
C LEU F 221 -48.76 2.09 -34.05
N ALA F 222 -49.72 2.14 -33.14
CA ALA F 222 -50.16 0.95 -32.43
C ALA F 222 -51.69 0.93 -32.34
N ARG F 223 -52.22 -0.23 -32.03
CA ARG F 223 -53.66 -0.42 -31.88
C ARG F 223 -54.15 0.14 -30.56
N PRO F 224 -55.16 1.00 -30.55
CA PRO F 224 -55.67 1.52 -29.28
C PRO F 224 -56.35 0.45 -28.45
N SER F 225 -56.23 0.61 -27.13
CA SER F 225 -56.84 -0.34 -26.21
C SER F 225 -58.36 -0.19 -26.22
N PRO F 226 -59.09 -1.24 -25.83
CA PRO F 226 -60.56 -1.16 -25.86
C PRO F 226 -61.09 -0.07 -24.95
N GLY F 227 -62.09 0.64 -25.44
CA GLY F 227 -62.77 1.66 -24.66
C GLY F 227 -61.97 2.88 -24.30
N MET F 228 -61.06 3.31 -25.18
CA MET F 228 -60.30 4.54 -24.95
C MET F 228 -60.11 5.27 -26.27
N VAL F 229 -59.72 6.53 -26.15
CA VAL F 229 -59.40 7.38 -27.30
C VAL F 229 -58.01 7.96 -27.00
N HIS F 230 -56.93 7.32 -27.51
CA HIS F 230 -55.64 7.86 -27.13
C HIS F 230 -54.51 7.83 -28.16
N VAL F 231 -54.63 7.14 -29.29
CA VAL F 231 -53.59 7.12 -30.33
C VAL F 231 -52.22 6.71 -29.79
N PRO F 232 -51.99 5.43 -29.53
CA PRO F 232 -50.66 4.99 -29.12
C PRO F 232 -49.65 5.07 -30.24
N TYR F 233 -48.38 5.19 -29.86
CA TYR F 233 -47.27 5.10 -30.81
C TYR F 233 -46.00 4.83 -30.03
N THR F 234 -44.93 4.49 -30.76
CA THR F 234 -43.61 4.31 -30.17
C THR F 234 -42.58 4.88 -31.13
N GLN F 235 -41.48 5.40 -30.57
CA GLN F 235 -40.54 6.15 -31.39
C GLN F 235 -39.19 6.20 -30.69
N THR F 236 -38.13 6.00 -31.46
CA THR F 236 -36.79 6.04 -30.89
C THR F 236 -36.46 7.46 -30.44
N PRO F 237 -35.88 7.62 -29.25
CA PRO F 237 -35.66 8.98 -28.73
C PRO F 237 -34.74 9.79 -29.63
N SER F 238 -34.68 11.07 -29.33
CA SER F 238 -33.96 12.01 -30.18
C SER F 238 -32.47 11.72 -30.19
N GLY F 239 -31.85 11.91 -31.36
CA GLY F 239 -30.41 11.67 -31.48
C GLY F 239 -29.58 12.86 -31.07
N PHE F 240 -30.17 14.06 -31.11
CA PHE F 240 -29.45 15.25 -30.67
C PHE F 240 -29.18 15.19 -29.17
N LYS F 241 -30.16 14.77 -28.39
CA LYS F 241 -29.98 14.62 -26.95
C LYS F 241 -28.97 13.52 -26.63
N TYR F 242 -29.02 12.42 -27.36
CA TYR F 242 -28.04 11.37 -27.17
C TYR F 242 -26.63 11.83 -27.51
N TRP F 243 -26.46 12.60 -28.59
CA TRP F 243 -25.16 13.13 -28.93
C TRP F 243 -24.67 14.08 -27.85
N LEU F 244 -25.54 14.98 -27.39
CA LEU F 244 -25.16 15.89 -26.31
C LEU F 244 -24.66 15.12 -25.10
N LYS F 245 -25.33 14.02 -24.76
CA LYS F 245 -24.93 13.31 -23.57
C LYS F 245 -23.66 12.50 -23.80
N GLU F 246 -23.40 12.07 -25.04
CA GLU F 246 -22.25 11.21 -25.29
C GLU F 246 -21.49 11.60 -26.57
N LYS F 247 -21.16 12.88 -26.73
CA LYS F 247 -20.39 13.29 -27.91
C LYS F 247 -18.91 12.98 -27.74
N GLY F 248 -18.38 13.13 -26.54
CA GLY F 248 -17.01 12.75 -26.23
C GLY F 248 -15.96 13.76 -26.61
N THR F 249 -15.16 14.17 -25.63
CA THR F 249 -14.06 15.12 -25.81
C THR F 249 -14.52 16.38 -26.53
N ALA F 250 -13.57 17.11 -27.09
CA ALA F 250 -13.80 18.27 -27.92
C ALA F 250 -12.47 18.57 -28.59
N LEU F 251 -12.45 19.54 -29.50
CA LEU F 251 -11.18 19.99 -30.01
C LEU F 251 -10.58 21.07 -29.14
N ASN F 252 -11.41 21.81 -28.41
CA ASN F 252 -10.92 22.87 -27.53
C ASN F 252 -9.98 22.33 -26.47
N THR F 253 -10.16 21.07 -26.07
CA THR F 253 -9.43 20.49 -24.95
C THR F 253 -8.33 19.53 -25.41
N LYS F 254 -8.03 19.53 -26.70
CA LYS F 254 -7.28 18.42 -27.29
C LYS F 254 -6.31 18.82 -28.38
N ALA F 255 -6.34 20.05 -28.88
CA ALA F 255 -5.59 20.40 -30.08
C ALA F 255 -4.10 20.45 -29.81
N PRO F 256 -3.28 20.14 -30.81
CA PRO F 256 -1.82 20.19 -30.62
C PRO F 256 -1.31 21.62 -30.67
N PHE F 257 -0.03 21.76 -30.33
CA PHE F 257 0.70 23.01 -30.37
C PHE F 257 0.07 24.09 -29.50
N GLY F 258 -0.81 23.69 -28.59
CA GLY F 258 -1.35 24.60 -27.60
C GLY F 258 -2.06 25.79 -28.17
N CYS F 259 -3.04 25.56 -29.05
CA CYS F 259 -3.77 26.64 -29.68
C CYS F 259 -5.24 26.62 -29.34
N GLN F 260 -5.79 27.80 -29.11
CA GLN F 260 -7.14 27.94 -28.58
C GLN F 260 -8.14 27.95 -29.72
N ILE F 261 -9.12 27.07 -29.65
CA ILE F 261 -10.16 27.02 -30.67
C ILE F 261 -11.32 27.91 -30.24
N LYS F 262 -11.76 28.77 -31.15
CA LYS F 262 -12.81 29.73 -30.85
C LYS F 262 -13.81 29.72 -31.99
N THR F 263 -15.04 30.09 -31.68
CA THR F 263 -16.16 29.92 -32.60
C THR F 263 -16.80 31.27 -32.89
N ASN F 264 -17.44 31.35 -34.06
CA ASN F 264 -18.14 32.52 -34.57
C ASN F 264 -17.17 33.68 -34.77
N PRO F 265 -16.28 33.62 -35.77
CA PRO F 265 -16.10 32.54 -36.74
C PRO F 265 -15.19 31.44 -36.22
N VAL F 266 -15.22 30.25 -36.82
CA VAL F 266 -14.38 29.16 -36.35
C VAL F 266 -12.93 29.48 -36.69
N ARG F 267 -12.06 29.44 -35.67
CA ARG F 267 -10.66 29.72 -35.88
C ARG F 267 -9.85 29.07 -34.77
N ALA F 268 -8.56 28.90 -35.02
CA ALA F 268 -7.61 28.43 -34.03
C ALA F 268 -6.53 29.48 -33.86
N MET F 269 -6.32 29.93 -32.61
CA MET F 269 -5.48 31.08 -32.34
C MET F 269 -4.25 30.71 -31.54
N ASN F 270 -3.16 31.42 -31.80
CA ASN F 270 -1.89 31.30 -31.08
C ASN F 270 -1.38 29.87 -31.12
N CYS F 271 -1.09 29.39 -32.32
CA CYS F 271 -0.92 27.96 -32.52
C CYS F 271 0.48 27.77 -33.09
N ALA F 272 1.45 27.60 -32.19
CA ALA F 272 2.87 27.89 -32.47
C ALA F 272 3.49 26.77 -33.30
N VAL F 273 3.61 26.99 -34.61
CA VAL F 273 4.23 26.04 -35.51
C VAL F 273 4.66 26.80 -36.77
N GLY F 274 5.81 26.39 -37.32
CA GLY F 274 6.26 26.94 -38.59
C GLY F 274 7.08 28.21 -38.46
N ASN F 275 7.43 28.77 -39.62
CA ASN F 275 8.23 29.97 -39.72
C ASN F 275 7.54 30.98 -40.62
N ILE F 276 7.97 32.23 -40.54
CA ILE F 276 7.42 33.32 -41.34
C ILE F 276 8.54 34.05 -42.06
N PRO F 277 8.64 33.96 -43.39
CA PRO F 277 9.55 34.86 -44.11
C PRO F 277 8.98 36.26 -44.17
N VAL F 278 9.87 37.24 -44.08
CA VAL F 278 9.51 38.66 -44.15
C VAL F 278 10.42 39.33 -45.17
N SER F 279 9.85 40.23 -45.95
CA SER F 279 10.59 41.05 -46.90
C SER F 279 10.31 42.51 -46.63
N MET F 280 11.37 43.31 -46.56
CA MET F 280 11.27 44.68 -46.10
C MET F 280 12.01 45.61 -47.03
N ASN F 281 11.41 46.78 -47.26
CA ASN F 281 11.96 47.80 -48.12
C ASN F 281 12.02 49.09 -47.31
N LEU F 282 13.24 49.56 -47.03
CA LEU F 282 13.50 50.67 -46.14
C LEU F 282 13.91 51.91 -46.94
N PRO F 283 13.53 53.10 -46.48
CA PRO F 283 14.03 54.32 -47.10
C PRO F 283 15.44 54.64 -46.60
N ASP F 284 16.07 55.59 -47.29
CA ASP F 284 17.40 56.02 -46.88
C ASP F 284 17.41 56.75 -45.56
N SER F 285 16.33 57.48 -45.24
CA SER F 285 16.30 58.28 -44.03
C SER F 285 16.29 57.45 -42.77
N ALA F 286 16.04 56.14 -42.87
CA ALA F 286 16.08 55.28 -41.69
C ALA F 286 17.50 55.11 -41.18
N PHE F 287 18.46 54.95 -42.07
CA PHE F 287 19.85 54.76 -41.69
C PHE F 287 20.52 56.09 -41.36
N THR F 288 21.73 56.01 -40.81
CA THR F 288 22.60 57.17 -40.64
C THR F 288 23.93 56.88 -41.30
N ARG F 289 24.50 57.90 -41.95
CA ARG F 289 25.81 57.76 -42.56
C ARG F 289 26.86 57.54 -41.49
N ILE F 290 27.95 56.86 -41.86
CA ILE F 290 28.96 56.50 -40.88
C ILE F 290 29.58 57.74 -40.25
N VAL F 291 29.58 58.86 -40.97
CA VAL F 291 30.19 60.08 -40.44
C VAL F 291 29.48 60.52 -39.17
N GLU F 292 28.16 60.35 -39.10
CA GLU F 292 27.45 60.59 -37.86
C GLU F 292 27.63 59.46 -36.86
N ALA F 293 27.96 58.26 -37.34
CA ALA F 293 28.11 57.12 -36.45
C ALA F 293 29.44 57.22 -35.69
N PRO F 294 29.49 56.75 -34.44
CA PRO F 294 30.76 56.75 -33.73
C PRO F 294 31.64 55.58 -34.13
N THR F 295 32.94 55.79 -34.04
CA THR F 295 33.92 54.78 -34.40
C THR F 295 34.36 54.04 -33.13
N ILE F 296 34.21 52.72 -33.13
CA ILE F 296 34.48 51.89 -31.96
C ILE F 296 35.69 51.02 -32.27
N ILE F 297 36.69 51.04 -31.40
CA ILE F 297 37.95 50.33 -31.61
C ILE F 297 38.33 49.59 -30.34
N ASP F 298 38.98 48.44 -30.50
CA ASP F 298 39.57 47.68 -29.40
C ASP F 298 38.51 47.29 -28.37
N LEU F 299 37.60 46.44 -28.81
CA LEU F 299 36.45 46.05 -27.99
C LEU F 299 36.59 44.58 -27.57
N THR F 300 36.46 44.33 -26.27
CA THR F 300 36.45 42.98 -25.71
C THR F 300 35.27 42.84 -24.75
N CYS F 301 34.84 41.61 -24.53
CA CYS F 301 33.70 41.32 -23.67
C CYS F 301 34.05 40.26 -22.65
N THR F 302 33.58 40.44 -21.42
CA THR F 302 33.74 39.47 -20.36
C THR F 302 32.36 39.20 -19.76
N VAL F 303 32.17 37.98 -19.28
CA VAL F 303 30.87 37.51 -18.82
C VAL F 303 30.89 37.55 -17.29
N ALA F 304 30.04 38.39 -16.70
CA ALA F 304 30.03 38.51 -15.26
C ALA F 304 29.41 37.28 -14.61
N THR F 305 28.16 37.00 -14.97
CA THR F 305 27.47 35.82 -14.48
C THR F 305 26.59 35.25 -15.59
N CYS F 306 26.33 33.96 -15.50
CA CYS F 306 25.50 33.26 -16.46
C CYS F 306 24.77 32.12 -15.78
N THR F 307 23.50 31.94 -16.14
CA THR F 307 22.68 30.85 -15.60
C THR F 307 21.64 30.53 -16.66
N HIS F 308 21.66 29.32 -17.20
CA HIS F 308 20.80 29.04 -18.35
C HIS F 308 19.39 28.78 -17.86
N SER F 309 18.62 29.86 -17.77
CA SER F 309 17.24 29.80 -17.35
C SER F 309 16.34 30.22 -18.49
N SER F 310 15.04 30.17 -18.25
CA SER F 310 14.08 30.64 -19.24
C SER F 310 14.18 32.14 -19.43
N ASP F 311 14.38 32.89 -18.35
CA ASP F 311 14.47 34.33 -18.47
C ASP F 311 15.87 34.74 -18.91
N PHE F 312 16.15 36.03 -18.79
CA PHE F 312 17.44 36.58 -19.21
C PHE F 312 18.44 36.43 -18.07
N GLY F 313 19.10 35.28 -17.99
CA GLY F 313 19.94 34.96 -16.85
C GLY F 313 21.42 34.98 -17.10
N GLY F 314 21.88 35.91 -17.93
CA GLY F 314 23.30 36.14 -18.11
C GLY F 314 23.56 37.60 -18.36
N VAL F 315 24.70 38.12 -17.93
CA VAL F 315 24.99 39.55 -18.07
C VAL F 315 26.40 39.75 -18.64
N LEU F 316 26.54 40.73 -19.53
CA LEU F 316 27.75 40.98 -20.31
C LEU F 316 28.26 42.39 -20.03
N THR F 317 29.58 42.55 -20.01
CA THR F 317 30.23 43.85 -19.97
C THR F 317 31.12 44.01 -21.19
N LEU F 318 30.95 45.10 -21.92
CA LEU F 318 31.71 45.42 -23.11
C LEU F 318 32.54 46.66 -22.85
N THR F 319 33.83 46.59 -23.17
CA THR F 319 34.77 47.70 -23.03
C THR F 319 35.14 48.22 -24.41
N TYR F 320 35.13 49.54 -24.57
CA TYR F 320 35.27 50.15 -25.89
C TYR F 320 35.96 51.49 -25.75
N LYS F 321 36.34 52.06 -26.90
CA LYS F 321 36.94 53.38 -27.00
C LYS F 321 36.23 54.14 -28.10
N THR F 322 35.75 55.34 -27.80
CA THR F 322 34.96 56.11 -28.74
C THR F 322 35.45 57.56 -28.81
N ASP F 323 35.16 58.20 -29.95
CA ASP F 323 35.51 59.58 -30.18
C ASP F 323 34.38 60.54 -29.81
N LYS F 324 33.14 60.05 -29.79
CA LYS F 324 31.98 60.87 -29.46
C LYS F 324 30.94 59.99 -28.78
N ASN F 325 30.04 60.63 -28.04
CA ASN F 325 28.92 59.93 -27.43
C ASN F 325 27.79 59.82 -28.46
N GLY F 326 27.16 58.66 -28.52
CA GLY F 326 26.13 58.44 -29.50
C GLY F 326 25.23 57.28 -29.18
N ASP F 327 24.29 57.03 -30.08
CA ASP F 327 23.28 55.99 -29.91
C ASP F 327 23.43 55.04 -31.08
N CYS F 328 23.90 53.82 -30.83
CA CYS F 328 24.08 52.90 -31.94
C CYS F 328 23.96 51.43 -31.52
N SER F 329 23.71 50.58 -32.51
CA SER F 329 22.98 49.33 -32.33
C SER F 329 23.90 48.15 -32.07
N VAL F 330 23.53 47.30 -31.13
CA VAL F 330 24.29 46.11 -30.76
C VAL F 330 23.51 44.87 -31.21
N HIS F 331 24.21 43.80 -31.53
CA HIS F 331 23.59 42.55 -31.97
C HIS F 331 24.42 41.37 -31.50
N SER F 332 23.78 40.20 -31.47
CA SER F 332 24.45 38.93 -31.31
C SER F 332 24.31 38.14 -32.60
N HIS F 333 25.38 37.46 -33.00
CA HIS F 333 25.45 36.80 -34.30
C HIS F 333 25.25 35.29 -34.21
N SER F 334 24.54 34.82 -33.21
CA SER F 334 24.19 33.41 -33.11
C SER F 334 22.91 33.29 -32.29
N ASN F 335 22.22 32.18 -32.46
CA ASN F 335 21.01 31.93 -31.69
C ASN F 335 21.27 31.12 -30.43
N VAL F 336 22.53 30.80 -30.13
CA VAL F 336 22.84 30.12 -28.89
C VAL F 336 22.59 31.04 -27.70
N ALA F 337 22.69 32.35 -27.90
CA ALA F 337 22.35 33.34 -26.89
C ALA F 337 21.56 34.46 -27.51
N THR F 338 20.55 34.96 -26.78
CA THR F 338 19.63 35.97 -27.27
C THR F 338 19.78 37.22 -26.42
N LEU F 339 19.98 38.37 -27.06
CA LEU F 339 20.08 39.61 -26.31
C LEU F 339 18.69 40.14 -25.97
N GLN F 340 18.66 41.07 -25.02
CA GLN F 340 17.43 41.70 -24.57
C GLN F 340 17.18 43.05 -25.22
N GLU F 341 18.23 43.78 -25.54
CA GLU F 341 18.11 45.12 -26.09
C GLU F 341 18.82 45.21 -27.45
N ALA F 342 18.53 46.29 -28.16
CA ALA F 342 19.05 46.49 -29.51
C ALA F 342 20.03 47.64 -29.63
N THR F 343 19.74 48.79 -29.02
CA THR F 343 20.59 49.96 -29.13
C THR F 343 21.29 50.22 -27.81
N ALA F 344 22.50 50.78 -27.89
CA ALA F 344 23.26 51.13 -26.70
C ALA F 344 23.72 52.57 -26.80
N LYS F 345 23.85 53.18 -25.62
CA LYS F 345 24.46 54.49 -25.46
C LYS F 345 25.97 54.30 -25.30
N VAL F 346 26.74 54.93 -26.18
CA VAL F 346 28.19 54.94 -26.05
C VAL F 346 28.62 56.32 -25.58
N LYS F 347 29.40 56.34 -24.51
CA LYS F 347 29.93 57.57 -23.92
C LYS F 347 31.44 57.43 -23.78
N THR F 348 32.08 58.55 -23.46
CA THR F 348 33.54 58.57 -23.36
C THR F 348 34.07 57.74 -22.21
N ALA F 349 33.22 57.33 -21.26
CA ALA F 349 33.68 56.54 -20.13
C ALA F 349 34.18 55.18 -20.58
N GLY F 350 33.42 54.49 -21.42
CA GLY F 350 33.89 53.25 -22.02
C GLY F 350 33.49 51.97 -21.33
N LYS F 351 32.20 51.78 -21.09
CA LYS F 351 31.71 50.53 -20.51
C LYS F 351 30.21 50.42 -20.76
N VAL F 352 29.76 49.28 -21.28
CA VAL F 352 28.33 49.06 -21.48
C VAL F 352 27.98 47.67 -20.96
N THR F 353 26.73 47.52 -20.52
CA THR F 353 26.26 46.27 -19.92
C THR F 353 25.04 45.77 -20.68
N LEU F 354 25.00 44.46 -20.92
CA LEU F 354 23.95 43.84 -21.72
C LEU F 354 23.40 42.62 -21.00
N HIS F 355 22.17 42.25 -21.35
CA HIS F 355 21.50 41.08 -20.78
C HIS F 355 21.18 40.08 -21.87
N PHE F 356 21.50 38.82 -21.64
CA PHE F 356 21.29 37.77 -22.63
C PHE F 356 20.80 36.49 -21.96
N SER F 357 20.10 35.67 -22.75
CA SER F 357 19.52 34.42 -22.29
C SER F 357 20.05 33.27 -23.13
N THR F 358 20.38 32.16 -22.49
CA THR F 358 20.96 31.01 -23.15
C THR F 358 20.41 29.73 -22.52
N ALA F 359 20.56 28.62 -23.24
CA ALA F 359 20.08 27.34 -22.78
C ALA F 359 21.15 26.27 -22.73
N SER F 360 22.39 26.59 -23.11
CA SER F 360 23.48 25.64 -23.07
C SER F 360 24.40 25.93 -21.90
N ALA F 361 25.13 24.90 -21.49
CA ALA F 361 26.03 25.05 -20.34
C ALA F 361 27.12 26.07 -20.61
N SER F 362 27.72 26.02 -21.80
CA SER F 362 28.82 26.90 -22.14
C SER F 362 28.60 27.48 -23.54
N PRO F 363 28.02 28.65 -23.65
CA PRO F 363 27.81 29.27 -24.95
C PRO F 363 29.06 29.98 -25.45
N SER F 364 29.02 30.38 -26.72
CA SER F 364 30.10 31.17 -27.31
C SER F 364 29.53 31.84 -28.55
N PHE F 365 29.55 33.16 -28.58
CA PHE F 365 28.90 33.88 -29.65
C PHE F 365 29.63 35.19 -29.91
N VAL F 366 29.54 35.66 -31.15
CA VAL F 366 30.17 36.90 -31.56
C VAL F 366 29.13 38.01 -31.44
N VAL F 367 29.37 38.96 -30.56
CA VAL F 367 28.52 40.15 -30.43
C VAL F 367 29.18 41.27 -31.20
N SER F 368 28.37 42.08 -31.85
CA SER F 368 28.86 43.26 -32.52
C SER F 368 28.25 44.48 -31.86
N LEU F 369 29.10 45.40 -31.46
CA LEU F 369 28.64 46.68 -30.93
C LEU F 369 28.79 47.69 -32.06
N CYS F 370 27.65 48.25 -32.46
CA CYS F 370 27.62 49.41 -33.33
C CYS F 370 28.31 49.06 -34.64
N SER F 371 29.60 49.36 -34.77
CA SER F 371 30.32 48.94 -35.96
C SER F 371 31.47 47.97 -35.68
N ALA F 372 31.77 47.70 -34.41
CA ALA F 372 32.88 46.83 -34.05
C ALA F 372 32.43 45.37 -34.03
N ARG F 373 33.24 44.51 -33.41
CA ARG F 373 32.94 43.09 -33.33
C ARG F 373 33.83 42.44 -32.29
N ALA F 374 33.29 41.46 -31.57
CA ALA F 374 34.03 40.77 -30.53
C ALA F 374 33.37 39.43 -30.26
N THR F 375 34.08 38.57 -29.51
CA THR F 375 33.62 37.22 -29.20
C THR F 375 33.53 37.02 -27.69
N CYS F 376 32.43 36.44 -27.24
CA CYS F 376 32.17 36.19 -25.83
C CYS F 376 31.96 34.70 -25.60
N SER F 377 32.55 34.18 -24.52
CA SER F 377 32.37 32.80 -24.11
C SER F 377 32.12 32.80 -22.61
N ALA F 378 31.30 31.86 -22.14
CA ALA F 378 30.88 31.84 -20.75
C ALA F 378 30.83 30.42 -20.24
N SER F 379 30.66 30.29 -18.93
CA SER F 379 30.45 29.02 -18.27
C SER F 379 29.27 29.15 -17.32
N CYS F 380 28.13 28.57 -17.69
CA CYS F 380 26.85 28.84 -17.04
C CYS F 380 26.40 27.65 -16.22
N GLU F 381 25.64 27.93 -15.15
CA GLU F 381 25.22 26.91 -14.21
C GLU F 381 23.71 26.72 -14.25
N PRO F 382 23.23 25.49 -13.97
CA PRO F 382 21.80 25.23 -14.09
C PRO F 382 21.03 25.94 -12.99
N PRO F 383 19.74 26.19 -13.20
CA PRO F 383 18.93 26.86 -12.18
C PRO F 383 18.40 25.89 -11.14
N LYS F 384 17.75 26.46 -10.13
CA LYS F 384 17.21 25.65 -9.03
C LYS F 384 15.72 25.41 -9.15
N ASP F 385 14.96 26.38 -9.68
CA ASP F 385 13.52 26.23 -9.82
C ASP F 385 13.20 25.13 -10.81
N HIS F 386 12.25 24.27 -10.44
CA HIS F 386 11.87 23.18 -11.33
C HIS F 386 10.92 23.66 -12.42
N ILE F 387 10.01 24.58 -12.09
CA ILE F 387 8.89 24.93 -12.95
C ILE F 387 8.64 26.44 -12.87
N VAL F 388 8.33 27.04 -14.01
CA VAL F 388 8.09 28.48 -14.12
C VAL F 388 6.78 28.74 -14.85
N PRO F 389 6.14 29.88 -14.63
CA PRO F 389 4.87 30.16 -15.30
C PRO F 389 4.98 30.93 -16.61
N TYR F 390 6.16 30.95 -17.25
CA TYR F 390 6.35 31.68 -18.50
C TYR F 390 7.20 30.87 -19.47
N ALA F 391 7.09 31.20 -20.76
CA ALA F 391 7.80 30.47 -21.80
C ALA F 391 9.26 30.91 -21.88
N ALA F 392 10.08 30.05 -22.46
CA ALA F 392 11.50 30.31 -22.58
C ALA F 392 11.78 31.47 -23.52
N SER F 393 12.81 32.26 -23.19
CA SER F 393 13.21 33.39 -24.01
C SER F 393 14.38 33.07 -24.92
N HIS F 394 14.89 31.84 -24.92
CA HIS F 394 15.98 31.45 -25.78
C HIS F 394 15.46 30.56 -26.90
N SER F 395 16.38 30.16 -27.78
CA SER F 395 16.01 29.32 -28.93
C SER F 395 16.30 27.86 -28.69
N ASN F 396 16.63 27.47 -27.47
CA ASN F 396 16.69 26.08 -27.04
C ASN F 396 17.79 25.31 -27.76
N VAL F 397 18.98 25.90 -27.75
CA VAL F 397 20.18 25.29 -28.32
C VAL F 397 21.04 24.80 -27.17
N VAL F 398 21.37 23.52 -27.18
CA VAL F 398 21.97 22.88 -26.02
C VAL F 398 23.42 22.44 -26.27
N PHE F 399 23.81 22.18 -27.50
CA PHE F 399 25.14 21.66 -27.78
C PHE F 399 26.21 22.64 -27.29
N PRO F 400 27.17 22.20 -26.51
CA PRO F 400 28.15 23.13 -25.93
C PRO F 400 29.18 23.58 -26.95
N ASP F 401 29.89 24.64 -26.59
CA ASP F 401 30.95 25.18 -27.42
C ASP F 401 32.12 24.20 -27.50
N MET F 402 32.82 24.24 -28.63
CA MET F 402 33.98 23.37 -28.84
C MET F 402 35.07 23.64 -27.82
N SER F 403 35.13 24.84 -27.26
CA SER F 403 36.11 25.21 -26.26
C SER F 403 35.61 25.00 -24.83
N GLY F 404 34.41 24.48 -24.65
CA GLY F 404 33.88 24.28 -23.32
C GLY F 404 34.57 23.17 -22.58
N THR F 405 34.21 23.02 -21.31
CA THR F 405 34.92 22.09 -20.43
C THR F 405 34.84 20.65 -20.91
N ALA F 406 33.62 20.19 -21.22
CA ALA F 406 33.44 18.79 -21.59
C ALA F 406 34.12 18.48 -22.91
N LEU F 407 33.90 19.33 -23.92
CA LEU F 407 34.58 19.10 -25.19
C LEU F 407 36.08 19.38 -25.08
N SER F 408 36.50 20.20 -24.11
CA SER F 408 37.92 20.33 -23.86
C SER F 408 38.53 19.03 -23.37
N TRP F 409 37.84 18.33 -22.46
CA TRP F 409 38.34 17.04 -21.99
C TRP F 409 38.37 16.03 -23.13
N VAL F 410 37.30 15.97 -23.93
CA VAL F 410 37.27 15.04 -25.05
C VAL F 410 38.38 15.37 -26.04
N GLN F 411 38.60 16.67 -26.29
CA GLN F 411 39.66 17.11 -27.19
C GLN F 411 41.02 16.67 -26.70
N LYS F 412 41.29 16.83 -25.40
CA LYS F 412 42.59 16.44 -24.86
C LYS F 412 42.80 14.94 -24.98
N ILE F 413 41.79 14.14 -24.63
CA ILE F 413 41.94 12.69 -24.72
C ILE F 413 42.13 12.24 -26.16
N SER F 414 41.35 12.80 -27.08
CA SER F 414 41.46 12.43 -28.48
C SER F 414 42.83 12.84 -29.03
N GLY F 415 43.34 14.00 -28.63
CA GLY F 415 44.65 14.40 -29.07
C GLY F 415 45.74 13.46 -28.57
N GLY F 416 45.64 13.04 -27.31
CA GLY F 416 46.59 12.08 -26.79
C GLY F 416 46.58 10.76 -27.55
N LEU F 417 45.38 10.21 -27.77
CA LEU F 417 45.29 8.95 -28.48
C LEU F 417 45.75 9.08 -29.93
N GLY F 418 45.43 10.21 -30.57
CA GLY F 418 45.87 10.42 -31.94
C GLY F 418 47.38 10.54 -32.05
N ALA F 419 48.01 11.21 -31.09
CA ALA F 419 49.47 11.25 -31.06
C ALA F 419 50.04 9.87 -30.86
N PHE F 420 49.41 9.07 -29.99
CA PHE F 420 49.84 7.68 -29.81
C PHE F 420 49.82 6.91 -31.12
N ALA F 421 48.70 6.98 -31.84
CA ALA F 421 48.58 6.25 -33.10
C ALA F 421 49.54 6.78 -34.16
N ILE F 422 49.75 8.10 -34.18
CA ILE F 422 50.69 8.69 -35.13
C ILE F 422 52.10 8.19 -34.87
N GLY F 423 52.52 8.16 -33.61
CA GLY F 423 53.83 7.62 -33.30
C GLY F 423 53.95 6.14 -33.67
N ALA F 424 52.90 5.38 -33.40
CA ALA F 424 52.91 3.97 -33.76
C ALA F 424 53.05 3.75 -35.26
N ILE F 425 52.29 4.51 -36.05
CA ILE F 425 52.38 4.40 -37.51
C ILE F 425 53.76 4.82 -38.00
N LEU F 426 54.31 5.89 -37.43
CA LEU F 426 55.66 6.30 -37.83
C LEU F 426 56.68 5.21 -37.56
N VAL F 427 56.60 4.57 -36.39
CA VAL F 427 57.54 3.51 -36.06
C VAL F 427 57.39 2.32 -37.02
N LEU F 428 56.14 1.92 -37.30
CA LEU F 428 55.93 0.79 -38.20
C LEU F 428 56.42 1.10 -39.61
N VAL F 429 56.17 2.31 -40.10
CA VAL F 429 56.63 2.68 -41.43
C VAL F 429 58.15 2.69 -41.48
N VAL F 430 58.80 3.19 -40.43
CA VAL F 430 60.26 3.18 -40.38
C VAL F 430 60.77 1.75 -40.44
N VAL F 431 60.18 0.85 -39.65
CA VAL F 431 60.66 -0.53 -39.63
C VAL F 431 60.46 -1.19 -40.98
N THR F 432 59.29 -1.00 -41.60
CA THR F 432 59.05 -1.63 -42.89
C THR F 432 59.98 -1.08 -43.96
N CYS F 433 60.24 0.22 -43.95
CA CYS F 433 61.18 0.79 -44.91
C CYS F 433 62.58 0.23 -44.71
N ILE F 434 63.01 0.10 -43.45
CA ILE F 434 64.34 -0.44 -43.17
C ILE F 434 64.43 -1.87 -43.66
N GLY F 435 63.39 -2.67 -43.42
CA GLY F 435 63.40 -4.05 -43.91
C GLY F 435 63.39 -4.14 -45.42
N LEU F 436 62.59 -3.29 -46.07
CA LEU F 436 62.47 -3.36 -47.53
C LEU F 436 63.74 -2.89 -48.22
N ARG F 437 64.41 -1.87 -47.67
CA ARG F 437 65.65 -1.39 -48.26
C ARG F 437 66.74 -2.46 -48.27
N ARG F 438 66.63 -3.46 -47.40
CA ARG F 438 67.55 -4.59 -47.41
C ARG F 438 67.34 -5.41 -48.67
N TYR G 1 16.29 29.68 -1.54
CA TYR G 1 17.54 29.00 -1.77
C TYR G 1 17.90 28.17 -0.54
N GLU G 2 18.21 26.89 -0.74
CA GLU G 2 18.45 26.00 0.38
C GLU G 2 19.94 25.90 0.69
N HIS G 3 20.27 25.89 1.98
CA HIS G 3 21.66 25.80 2.42
C HIS G 3 21.70 25.00 3.71
N SER G 4 22.82 24.33 3.94
CA SER G 4 22.98 23.50 5.12
C SER G 4 24.40 23.64 5.65
N THR G 5 24.52 23.72 6.97
CA THR G 5 25.82 23.90 7.60
C THR G 5 25.84 23.18 8.93
N VAL G 6 26.98 23.24 9.61
CA VAL G 6 27.16 22.63 10.92
C VAL G 6 27.88 23.63 11.81
N MET G 7 27.32 23.91 12.98
CA MET G 7 27.93 24.89 13.86
C MET G 7 28.26 24.27 15.21
N PRO G 8 29.38 24.61 15.82
CA PRO G 8 29.75 23.99 17.10
C PRO G 8 28.80 24.36 18.21
N ASN G 9 28.54 23.39 19.08
CA ASN G 9 27.74 23.62 20.28
C ASN G 9 28.61 24.23 21.38
N VAL G 10 28.94 25.49 21.19
CA VAL G 10 29.71 26.26 22.16
C VAL G 10 29.00 27.58 22.41
N VAL G 11 28.77 27.90 23.67
CA VAL G 11 28.12 29.16 23.99
C VAL G 11 29.11 30.30 23.78
N GLY G 12 28.70 31.31 23.02
CA GLY G 12 29.50 32.48 22.79
C GLY G 12 30.46 32.42 21.62
N PHE G 13 30.57 31.28 20.95
CA PHE G 13 31.42 31.16 19.77
C PHE G 13 30.72 31.79 18.57
N PRO G 14 31.34 32.74 17.88
CA PRO G 14 30.73 33.46 16.75
C PRO G 14 30.78 32.68 15.44
N TYR G 15 29.78 31.87 15.16
CA TYR G 15 29.81 31.12 13.92
C TYR G 15 29.36 32.01 12.77
N LYS G 16 30.06 31.93 11.64
CA LYS G 16 29.73 32.71 10.45
C LYS G 16 29.64 31.80 9.24
N ALA G 17 28.50 31.83 8.56
CA ALA G 17 28.23 30.98 7.41
C ALA G 17 28.24 31.80 6.13
N HIS G 18 28.85 31.25 5.09
CA HIS G 18 29.08 31.94 3.83
C HIS G 18 28.27 31.25 2.74
N ILE G 19 27.32 31.99 2.16
CA ILE G 19 26.42 31.50 1.13
C ILE G 19 26.81 32.17 -0.17
N GLU G 20 27.03 31.37 -1.22
CA GLU G 20 27.49 31.88 -2.50
C GLU G 20 26.54 31.41 -3.59
N ARG G 21 25.52 32.22 -3.85
CA ARG G 21 24.50 31.90 -4.83
C ARG G 21 24.98 32.28 -6.23
N PRO G 22 24.76 31.43 -7.24
CA PRO G 22 25.34 31.67 -8.56
C PRO G 22 25.06 33.04 -9.16
N GLY G 23 23.86 33.58 -8.98
CA GLY G 23 23.52 34.81 -9.66
C GLY G 23 23.74 36.08 -8.85
N TYR G 24 24.08 35.96 -7.59
CA TYR G 24 24.09 37.09 -6.67
C TYR G 24 25.45 37.21 -6.00
N SER G 25 25.64 38.35 -5.34
CA SER G 25 26.84 38.59 -4.55
C SER G 25 26.82 37.73 -3.28
N PRO G 26 27.99 37.30 -2.82
CA PRO G 26 28.03 36.40 -1.66
C PRO G 26 27.49 37.06 -0.40
N LEU G 27 26.93 36.23 0.48
CA LEU G 27 26.32 36.67 1.72
C LEU G 27 26.95 35.91 2.89
N THR G 28 27.08 36.59 4.02
CA THR G 28 27.64 35.99 5.22
C THR G 28 26.71 36.30 6.38
N LEU G 29 26.16 35.26 7.00
CA LEU G 29 25.27 35.47 8.13
C LEU G 29 25.84 34.82 9.39
N GLN G 30 25.62 35.48 10.52
CA GLN G 30 26.25 35.12 11.77
C GLN G 30 25.22 34.45 12.67
N MET G 31 25.60 33.31 13.23
CA MET G 31 24.78 32.60 14.20
C MET G 31 25.58 32.42 15.48
N GLN G 32 24.91 32.62 16.62
CA GLN G 32 25.56 32.47 17.91
C GLN G 32 24.60 31.82 18.89
N VAL G 33 25.13 30.96 19.75
CA VAL G 33 24.34 30.25 20.75
C VAL G 33 24.40 31.06 22.04
N VAL G 34 23.30 31.74 22.35
CA VAL G 34 23.25 32.53 23.58
C VAL G 34 23.15 31.62 24.80
N GLU G 35 22.39 30.54 24.70
CA GLU G 35 22.05 29.72 25.86
C GLU G 35 21.68 28.33 25.41
N THR G 36 21.79 27.36 26.31
CA THR G 36 21.47 25.97 26.03
C THR G 36 20.84 25.36 27.27
N SER G 37 20.02 24.32 27.07
CA SER G 37 19.39 23.60 28.17
C SER G 37 19.14 22.17 27.73
N LEU G 38 19.31 21.22 28.64
CA LEU G 38 19.15 19.80 28.35
C LEU G 38 18.41 19.16 29.51
N GLU G 39 17.19 18.67 29.25
CA GLU G 39 16.31 18.19 30.31
C GLU G 39 16.00 16.72 30.11
N PRO G 40 16.22 15.87 31.11
CA PRO G 40 15.76 14.48 31.02
C PRO G 40 14.27 14.38 31.29
N THR G 41 13.70 13.24 30.91
CA THR G 41 12.31 12.93 31.22
C THR G 41 12.28 12.06 32.47
N LEU G 42 11.61 12.56 33.50
CA LEU G 42 11.67 11.97 34.83
C LEU G 42 10.33 11.37 35.17
N ASN G 43 10.33 10.18 35.75
CA ASN G 43 9.11 9.62 36.33
C ASN G 43 9.38 9.22 37.78
N LEU G 44 8.53 9.72 38.67
CA LEU G 44 8.82 9.67 40.09
C LEU G 44 8.60 8.27 40.63
N GLU G 45 9.57 7.78 41.39
CA GLU G 45 9.48 6.48 42.03
C GLU G 45 8.87 6.58 43.42
N TYR G 46 9.40 7.45 44.28
CA TYR G 46 8.79 7.73 45.56
C TYR G 46 9.44 8.97 46.15
N ILE G 47 9.00 9.34 47.35
CA ILE G 47 9.59 10.45 48.09
C ILE G 47 10.00 9.93 49.46
N THR G 48 10.90 10.64 50.11
CA THR G 48 11.34 10.29 51.45
C THR G 48 11.41 11.54 52.30
N CYS G 49 11.10 11.39 53.58
CA CYS G 49 11.21 12.48 54.55
C CYS G 49 11.47 11.89 55.92
N GLU G 50 11.66 12.76 56.89
CA GLU G 50 11.87 12.32 58.26
C GLU G 50 10.57 11.83 58.87
N TYR G 51 10.65 10.78 59.68
CA TYR G 51 9.44 10.21 60.25
C TYR G 51 9.10 10.84 61.58
N LYS G 52 8.01 10.36 62.17
CA LYS G 52 7.57 10.79 63.49
C LYS G 52 6.88 9.62 64.17
N THR G 53 7.29 9.32 65.40
CA THR G 53 6.78 8.17 66.12
C THR G 53 5.61 8.59 67.00
N VAL G 54 4.48 7.90 66.85
CA VAL G 54 3.27 8.16 67.60
C VAL G 54 3.17 7.14 68.72
N VAL G 55 3.16 7.65 69.96
CA VAL G 55 3.06 6.84 71.17
C VAL G 55 1.90 7.36 72.01
N PRO G 56 0.77 6.68 72.01
CA PRO G 56 -0.35 7.11 72.85
C PRO G 56 -0.10 6.79 74.30
N SER G 57 -0.97 7.32 75.16
CA SER G 57 -0.88 7.02 76.59
C SER G 57 -1.10 5.54 76.83
N PRO G 58 -0.35 4.94 77.76
CA PRO G 58 -0.55 3.52 78.05
C PRO G 58 -1.88 3.29 78.74
N TYR G 59 -2.48 2.15 78.46
CA TYR G 59 -3.70 1.75 79.14
C TYR G 59 -3.32 0.81 80.26
N VAL G 60 -3.44 1.29 81.49
CA VAL G 60 -3.13 0.49 82.67
C VAL G 60 -4.45 0.02 83.26
N LYS G 61 -4.75 -1.26 83.08
CA LYS G 61 -5.97 -1.86 83.60
C LYS G 61 -5.68 -2.45 84.98
N CYS G 62 -6.45 -2.01 85.96
CA CYS G 62 -6.32 -2.50 87.32
C CYS G 62 -7.29 -3.65 87.57
N CYS G 63 -6.80 -4.68 88.28
CA CYS G 63 -7.63 -5.81 88.67
C CYS G 63 -8.24 -6.50 87.45
N GLY G 64 -7.36 -7.00 86.59
CA GLY G 64 -7.81 -7.65 85.38
C GLY G 64 -6.67 -7.79 84.38
N ALA G 65 -7.06 -8.01 83.13
CA ALA G 65 -6.12 -8.16 82.04
C ALA G 65 -6.73 -7.60 80.77
N SER G 66 -5.89 -7.39 79.77
CA SER G 66 -6.30 -6.88 78.47
C SER G 66 -5.66 -7.70 77.37
N GLU G 67 -6.19 -7.55 76.15
CA GLU G 67 -5.71 -8.26 74.98
C GLU G 67 -5.23 -7.27 73.93
N CYS G 68 -4.11 -7.59 73.31
CA CYS G 68 -3.57 -6.73 72.25
C CYS G 68 -4.36 -6.94 70.96
N SER G 69 -4.65 -5.82 70.29
CA SER G 69 -5.46 -5.82 69.09
C SER G 69 -4.62 -5.32 67.92
N THR G 70 -4.56 -6.11 66.85
CA THR G 70 -3.78 -5.75 65.68
C THR G 70 -4.41 -4.60 64.92
N LYS G 71 -3.57 -3.75 64.33
CA LYS G 71 -4.02 -2.62 63.55
C LYS G 71 -3.22 -2.55 62.26
N GLU G 72 -3.78 -1.85 61.28
CA GLU G 72 -3.17 -1.73 59.95
C GLU G 72 -2.50 -0.37 59.86
N LYS G 73 -1.42 -0.21 60.63
CA LYS G 73 -0.68 1.04 60.68
C LYS G 73 0.79 0.73 60.43
N PRO G 74 1.52 1.67 59.83
CA PRO G 74 2.88 1.36 59.37
C PRO G 74 3.82 1.09 60.54
N ASP G 75 4.45 -0.09 60.51
CA ASP G 75 5.41 -0.48 61.54
C ASP G 75 4.78 -0.41 62.93
N TYR G 76 3.65 -1.09 63.07
CA TYR G 76 2.83 -1.04 64.28
C TYR G 76 3.32 -2.07 65.29
N GLN G 77 3.45 -1.65 66.55
CA GLN G 77 3.94 -2.53 67.61
C GLN G 77 3.04 -2.38 68.83
N CYS G 78 2.66 -3.51 69.43
CA CYS G 78 1.79 -3.53 70.60
C CYS G 78 2.14 -4.71 71.49
N LYS G 79 2.25 -4.47 72.80
CA LYS G 79 2.49 -5.55 73.74
C LYS G 79 1.81 -5.30 75.08
N VAL G 80 1.67 -6.37 75.85
CA VAL G 80 0.94 -6.41 77.10
C VAL G 80 1.88 -6.87 78.20
N TYR G 81 2.01 -6.07 79.25
CA TYR G 81 2.89 -6.38 80.36
C TYR G 81 2.10 -6.56 81.64
N THR G 82 2.36 -7.66 82.33
CA THR G 82 1.55 -8.16 83.41
C THR G 82 2.29 -8.05 84.73
N GLY G 83 1.54 -7.78 85.79
CA GLY G 83 2.16 -7.61 87.09
C GLY G 83 2.65 -6.21 87.38
N VAL G 84 2.15 -5.21 86.70
CA VAL G 84 2.62 -3.85 86.90
C VAL G 84 1.98 -3.26 88.15
N TYR G 85 2.65 -2.30 88.74
CA TYR G 85 2.14 -1.58 89.91
C TYR G 85 2.58 -0.13 89.85
N PRO G 86 1.93 0.67 89.00
CA PRO G 86 2.39 2.05 88.79
C PRO G 86 2.11 2.94 89.98
N PHE G 87 2.71 4.12 89.95
CA PHE G 87 2.47 5.15 90.94
C PHE G 87 2.18 6.45 90.20
N MET G 88 1.52 7.37 90.89
CA MET G 88 1.38 8.73 90.39
C MET G 88 1.70 9.70 91.52
N TRP G 89 1.43 11.00 91.34
CA TRP G 89 1.97 11.99 92.27
C TRP G 89 1.28 11.89 93.63
N GLY G 90 0.01 11.48 93.64
CA GLY G 90 -0.75 11.46 94.87
C GLY G 90 -0.70 10.12 95.59
N GLY G 91 -0.35 9.07 94.87
CA GLY G 91 -0.29 7.75 95.48
C GLY G 91 -0.23 6.71 94.39
N ALA G 92 -0.45 5.47 94.79
CA ALA G 92 -0.40 4.35 93.86
C ALA G 92 -1.82 3.92 93.55
N TYR G 93 -2.17 3.88 92.27
CA TYR G 93 -3.50 3.41 91.94
C TYR G 93 -3.38 1.93 91.61
N CYS G 94 -4.43 1.35 91.03
CA CYS G 94 -4.52 -0.10 90.87
C CYS G 94 -4.42 -0.78 92.24
N PHE G 95 -5.49 -0.60 93.00
CA PHE G 95 -5.64 -1.14 94.35
C PHE G 95 -5.19 -2.59 94.46
N CYS G 96 -5.44 -3.38 93.42
CA CYS G 96 -4.96 -4.75 93.40
C CYS G 96 -3.44 -4.77 93.42
N ASP G 97 -2.87 -5.69 94.20
CA ASP G 97 -1.44 -5.64 94.47
C ASP G 97 -0.60 -6.02 93.25
N SER G 98 -0.97 -7.10 92.56
CA SER G 98 -0.16 -7.55 91.43
C SER G 98 -0.97 -8.13 90.28
N GLU G 99 -2.29 -8.01 90.27
CA GLU G 99 -3.10 -8.49 89.15
C GLU G 99 -3.46 -7.36 88.20
N ASN G 100 -2.46 -6.61 87.75
CA ASN G 100 -2.66 -5.45 86.90
C ASN G 100 -2.01 -5.68 85.55
N THR G 101 -2.24 -4.76 84.61
CA THR G 101 -1.73 -4.94 83.27
C THR G 101 -1.53 -3.58 82.61
N GLN G 102 -0.53 -3.48 81.74
CA GLN G 102 -0.34 -2.28 80.92
C GLN G 102 -0.22 -2.65 79.46
N LEU G 103 -0.88 -1.86 78.61
CA LEU G 103 -0.88 -2.05 77.17
C LEU G 103 -0.05 -0.94 76.53
N SER G 104 0.97 -1.31 75.77
CA SER G 104 1.83 -0.34 75.10
C SER G 104 1.70 -0.47 73.59
N GLU G 105 1.50 0.67 72.92
CA GLU G 105 1.37 0.73 71.47
C GLU G 105 2.28 1.81 70.92
N ALA G 106 2.72 1.62 69.68
CA ALA G 106 3.49 2.64 68.99
C ALA G 106 3.44 2.39 67.49
N TYR G 107 3.43 3.48 66.72
CA TYR G 107 3.54 3.35 65.27
C TYR G 107 4.26 4.57 64.73
N VAL G 108 4.41 4.63 63.42
CA VAL G 108 5.16 5.73 62.79
C VAL G 108 4.29 6.41 61.75
N ASP G 109 4.68 7.63 61.40
CA ASP G 109 3.94 8.42 60.45
C ASP G 109 4.91 9.40 59.79
N ARG G 110 4.47 10.02 58.71
CA ARG G 110 5.27 11.06 58.08
C ARG G 110 5.29 12.31 58.95
N SER G 111 6.41 13.03 58.92
CA SER G 111 6.54 14.21 59.74
C SER G 111 5.60 15.31 59.24
N ASP G 112 5.32 16.26 60.12
CA ASP G 112 4.31 17.26 59.83
C ASP G 112 4.72 18.15 58.65
N VAL G 113 6.01 18.21 58.35
CA VAL G 113 6.51 19.09 57.31
C VAL G 113 7.01 18.30 56.10
N CYS G 114 6.54 17.06 55.92
CA CYS G 114 7.04 16.25 54.82
C CYS G 114 6.70 16.85 53.47
N ARG G 115 5.74 17.77 53.41
CA ARG G 115 5.43 18.48 52.18
C ARG G 115 6.33 19.68 51.95
N HIS G 116 7.19 20.01 52.90
CA HIS G 116 8.17 21.09 52.75
C HIS G 116 9.60 20.61 52.61
N ASP G 117 9.99 19.55 53.33
CA ASP G 117 11.37 19.09 53.38
C ASP G 117 11.38 17.60 53.06
N HIS G 118 11.58 17.26 51.79
CA HIS G 118 11.58 15.87 51.37
C HIS G 118 12.51 15.73 50.18
N ALA G 119 12.81 14.49 49.82
CA ALA G 119 13.68 14.19 48.70
C ALA G 119 12.96 13.26 47.74
N SER G 120 13.10 13.50 46.44
CA SER G 120 12.40 12.74 45.43
C SER G 120 13.36 11.77 44.75
N ALA G 121 12.90 10.57 44.46
CA ALA G 121 13.73 9.58 43.78
C ALA G 121 13.17 9.33 42.38
N TYR G 122 13.97 9.61 41.35
CA TYR G 122 13.54 9.61 39.97
C TYR G 122 14.33 8.61 39.15
N LYS G 123 13.77 8.29 37.98
CA LYS G 123 14.48 7.60 36.92
C LYS G 123 14.50 8.51 35.70
N ALA G 124 15.67 8.70 35.11
CA ALA G 124 15.88 9.70 34.08
C ALA G 124 16.25 9.04 32.77
N HIS G 125 15.70 9.54 31.66
CA HIS G 125 16.00 8.99 30.35
C HIS G 125 15.63 9.97 29.26
N THR G 126 16.32 9.86 28.12
CA THR G 126 15.95 10.49 26.86
C THR G 126 15.81 12.01 27.01
N ALA G 127 16.97 12.65 27.19
CA ALA G 127 17.02 14.09 27.32
C ALA G 127 16.71 14.79 25.99
N SER G 128 16.13 15.99 26.10
CA SER G 128 15.80 16.81 24.95
C SER G 128 16.48 18.16 25.08
N LEU G 129 17.17 18.59 24.02
CA LEU G 129 17.95 19.81 24.10
C LEU G 129 17.19 20.97 23.49
N LYS G 130 17.13 22.07 24.23
CA LYS G 130 16.54 23.31 23.76
C LYS G 130 17.66 24.33 23.71
N ALA G 131 17.51 25.34 22.86
CA ALA G 131 18.55 26.32 22.69
C ALA G 131 17.95 27.70 22.47
N LYS G 132 18.78 28.71 22.60
CA LYS G 132 18.40 30.09 22.30
C LYS G 132 19.52 30.67 21.46
N VAL G 133 19.21 31.08 20.23
CA VAL G 133 20.21 31.39 19.23
C VAL G 133 19.93 32.78 18.68
N ARG G 134 20.95 33.61 18.52
CA ARG G 134 20.76 34.87 17.81
C ARG G 134 21.31 34.72 16.40
N VAL G 135 20.51 35.16 15.43
CA VAL G 135 20.84 35.10 14.01
C VAL G 135 20.83 36.52 13.51
N MET G 136 21.85 36.89 12.75
CA MET G 136 21.94 38.25 12.25
C MET G 136 22.68 38.31 10.93
N TYR G 137 22.07 39.04 9.99
CA TYR G 137 22.57 39.23 8.63
C TYR G 137 21.83 40.41 8.02
N GLY G 138 22.56 41.21 7.24
CA GLY G 138 21.95 42.37 6.63
C GLY G 138 21.41 43.33 7.66
N ASN G 139 20.12 43.63 7.60
CA ASN G 139 19.47 44.49 8.58
C ASN G 139 18.68 43.68 9.60
N VAL G 140 18.87 42.36 9.63
CA VAL G 140 18.20 41.47 10.56
C VAL G 140 19.17 41.16 11.69
N ASN G 141 18.70 41.29 12.93
CA ASN G 141 19.48 40.90 14.10
C ASN G 141 18.49 40.53 15.18
N GLN G 142 18.29 39.24 15.43
CA GLN G 142 17.19 38.84 16.30
C GLN G 142 17.48 37.46 16.88
N THR G 143 17.00 37.24 18.11
CA THR G 143 17.27 36.03 18.87
C THR G 143 15.99 35.25 19.08
N VAL G 144 16.08 33.91 19.01
CA VAL G 144 14.94 33.01 19.00
C VAL G 144 15.17 31.86 19.95
N ASP G 145 14.06 31.24 20.38
CA ASP G 145 14.07 30.03 21.20
C ASP G 145 13.68 28.85 20.33
N VAL G 146 14.52 27.82 20.29
CA VAL G 146 14.30 26.70 19.39
C VAL G 146 14.46 25.38 20.14
N TYR G 147 13.87 24.33 19.60
CA TYR G 147 14.10 22.96 20.03
C TYR G 147 15.14 22.37 19.10
N VAL G 148 16.21 21.81 19.65
CA VAL G 148 17.31 21.28 18.83
C VAL G 148 16.97 19.83 18.53
N ASN G 149 16.11 19.65 17.54
CA ASN G 149 15.83 18.39 16.87
C ASN G 149 15.31 18.76 15.49
N GLY G 150 15.33 17.82 14.57
CA GLY G 150 14.93 18.20 13.23
C GLY G 150 13.43 18.40 13.05
N ASP G 151 12.76 18.88 14.08
CA ASP G 151 11.30 18.91 14.11
C ASP G 151 10.84 20.21 14.76
N HIS G 152 11.45 21.32 14.37
CA HIS G 152 11.00 22.65 14.78
C HIS G 152 11.59 23.66 13.83
N ALA G 153 10.74 24.32 13.04
CA ALA G 153 11.18 25.32 12.09
C ALA G 153 10.74 26.69 12.58
N VAL G 154 11.65 27.66 12.52
CA VAL G 154 11.38 29.03 12.93
C VAL G 154 11.62 29.95 11.75
N THR G 155 10.94 31.09 11.73
CA THR G 155 11.08 32.06 10.65
C THR G 155 11.67 33.35 11.20
N ILE G 156 12.79 33.78 10.62
CA ILE G 156 13.47 35.02 11.01
C ILE G 156 13.65 35.83 9.74
N GLY G 157 12.97 36.96 9.66
CA GLY G 157 13.09 37.82 8.49
C GLY G 157 12.71 37.15 7.18
N GLY G 158 11.76 36.22 7.22
CA GLY G 158 11.38 35.47 6.05
C GLY G 158 12.23 34.27 5.74
N THR G 159 13.30 34.02 6.50
CA THR G 159 14.17 32.87 6.29
C THR G 159 13.77 31.76 7.27
N GLN G 160 13.68 30.54 6.76
CA GLN G 160 13.30 29.41 7.60
C GLN G 160 14.53 28.69 8.11
N PHE G 161 14.52 28.34 9.40
CA PHE G 161 15.67 27.78 10.10
C PHE G 161 15.23 26.51 10.82
N ILE G 162 15.97 25.42 10.62
CA ILE G 162 15.76 24.17 11.35
C ILE G 162 17.09 23.74 11.94
N PHE G 163 17.16 23.64 13.27
CA PHE G 163 18.39 23.28 13.96
C PHE G 163 18.36 21.82 14.32
N GLY G 164 19.08 21.01 13.56
CA GLY G 164 18.93 19.58 13.58
C GLY G 164 19.46 18.95 14.84
N PRO G 165 19.34 17.62 14.94
CA PRO G 165 19.68 16.96 16.19
C PRO G 165 21.14 17.06 16.52
N LEU G 166 21.44 17.10 17.81
CA LEU G 166 22.82 17.26 18.25
C LEU G 166 23.64 16.05 17.83
N SER G 167 24.94 16.27 17.61
CA SER G 167 25.79 15.22 17.09
C SER G 167 25.86 14.03 18.03
N SER G 168 25.99 14.29 19.33
CA SER G 168 26.22 13.24 20.30
C SER G 168 25.02 13.05 21.21
N ALA G 169 24.96 11.88 21.84
CA ALA G 169 23.88 11.51 22.74
C ALA G 169 24.40 11.36 24.15
N TRP G 170 25.21 12.31 24.59
CA TRP G 170 25.81 12.29 25.91
C TRP G 170 24.91 13.05 26.87
N THR G 171 24.64 12.45 28.02
CA THR G 171 23.86 13.06 29.08
C THR G 171 24.60 12.90 30.40
N PRO G 172 24.51 13.87 31.30
CA PRO G 172 25.20 13.76 32.60
C PRO G 172 24.43 12.99 33.65
N PHE G 173 23.14 12.79 33.46
CA PHE G 173 22.29 12.09 34.43
C PHE G 173 22.23 10.63 34.06
N ASP G 174 22.52 9.74 35.00
CA ASP G 174 22.40 8.34 34.66
C ASP G 174 20.98 7.87 34.96
N ASN G 175 20.80 6.56 35.04
CA ASN G 175 19.47 5.97 35.11
C ASN G 175 18.69 6.47 36.32
N LYS G 176 19.29 6.48 37.49
CA LYS G 176 18.60 6.81 38.73
C LYS G 176 19.16 8.09 39.33
N ILE G 177 18.28 8.90 39.90
CA ILE G 177 18.58 10.27 40.30
C ILE G 177 17.87 10.52 41.63
N VAL G 178 18.47 11.33 42.50
CA VAL G 178 17.78 11.78 43.71
C VAL G 178 17.85 13.29 43.76
N VAL G 179 16.72 13.95 43.89
CA VAL G 179 16.65 15.41 43.87
C VAL G 179 16.29 15.90 45.26
N TYR G 180 17.09 16.83 45.78
CA TYR G 180 16.80 17.47 47.06
C TYR G 180 16.93 18.97 46.89
N LYS G 181 15.84 19.69 47.06
CA LYS G 181 15.81 21.13 46.92
C LYS G 181 16.36 21.57 45.57
N ASP G 182 17.57 22.10 45.53
CA ASP G 182 18.15 22.56 44.27
C ASP G 182 19.45 21.83 43.96
N GLU G 183 19.53 20.57 44.37
CA GLU G 183 20.75 19.79 44.23
C GLU G 183 20.38 18.40 43.76
N VAL G 184 21.12 17.89 42.78
CA VAL G 184 20.84 16.63 42.13
C VAL G 184 21.98 15.68 42.47
N PHE G 185 21.64 14.49 42.97
CA PHE G 185 22.62 13.50 43.40
C PHE G 185 22.46 12.28 42.50
N ASN G 186 23.57 11.77 42.05
CA ASN G 186 23.58 10.84 40.93
C ASN G 186 23.69 9.45 41.54
N GLN G 187 22.57 8.97 42.08
CA GLN G 187 22.52 7.97 43.13
C GLN G 187 21.67 6.79 42.71
N ASP G 188 21.94 5.63 43.31
CA ASP G 188 21.13 4.43 43.15
C ASP G 188 20.45 4.17 44.48
N PHE G 189 19.11 4.11 44.48
CA PHE G 189 18.29 4.00 45.67
C PHE G 189 17.62 2.63 45.74
N PRO G 190 17.17 2.22 46.94
CA PRO G 190 16.56 0.89 47.07
C PRO G 190 15.19 0.83 46.42
N PRO G 191 14.71 -0.36 46.08
CA PRO G 191 13.38 -0.48 45.50
C PRO G 191 12.30 -0.08 46.48
N TYR G 192 11.13 0.24 45.93
CA TYR G 192 9.99 0.55 46.77
C TYR G 192 9.52 -0.69 47.49
N GLY G 193 9.18 -0.55 48.76
CA GLY G 193 8.81 -1.68 49.57
C GLY G 193 9.98 -2.49 50.09
N SER G 194 11.21 -2.02 49.88
CA SER G 194 12.40 -2.73 50.31
C SER G 194 13.43 -1.76 50.87
N GLY G 195 13.00 -0.85 51.74
CA GLY G 195 13.94 0.04 52.39
C GLY G 195 14.45 -0.55 53.68
N GLN G 196 15.59 -0.05 54.13
CA GLN G 196 16.26 -0.59 55.29
C GLN G 196 16.37 0.46 56.38
N PRO G 197 16.39 0.07 57.65
CA PRO G 197 16.40 1.08 58.72
C PRO G 197 17.73 1.78 58.85
N GLY G 198 17.66 3.10 59.03
CA GLY G 198 18.83 3.91 59.25
C GLY G 198 19.49 4.44 57.99
N ARG G 199 19.10 3.96 56.81
CA ARG G 199 19.66 4.42 55.55
C ARG G 199 18.62 5.28 54.84
N PHE G 200 18.96 5.75 53.64
CA PHE G 200 18.01 6.48 52.80
C PHE G 200 16.86 5.57 52.40
N GLY G 201 15.64 6.07 52.55
CA GLY G 201 14.49 5.31 52.15
C GLY G 201 13.94 4.37 53.18
N ASP G 202 14.17 4.61 54.47
CA ASP G 202 13.59 3.74 55.48
C ASP G 202 12.10 3.95 55.61
N ILE G 203 11.58 5.09 55.16
CA ILE G 203 10.16 5.27 54.92
C ILE G 203 9.99 5.79 53.50
N GLN G 204 9.03 5.23 52.78
CA GLN G 204 8.81 5.51 51.37
C GLN G 204 7.34 5.74 51.11
N SER G 205 7.04 6.68 50.23
CA SER G 205 5.67 7.00 49.85
C SER G 205 5.65 7.39 48.39
N ARG G 206 4.60 6.99 47.67
CA ARG G 206 4.58 7.18 46.22
C ARG G 206 4.50 8.65 45.83
N THR G 207 3.83 9.46 46.64
CA THR G 207 3.64 10.87 46.30
C THR G 207 3.48 11.62 47.60
N VAL G 208 3.70 12.94 47.54
CA VAL G 208 3.62 13.76 48.75
C VAL G 208 2.26 13.63 49.39
N GLU G 209 1.20 13.59 48.59
CA GLU G 209 -0.17 13.50 49.09
C GLU G 209 -0.72 12.09 49.16
N SER G 210 0.11 11.08 48.88
CA SER G 210 -0.36 9.70 48.92
C SER G 210 -0.78 9.33 50.33
N ASN G 211 -1.69 8.37 50.44
CA ASN G 211 -2.26 8.05 51.74
C ASN G 211 -1.53 6.90 52.42
N ASP G 212 -1.06 5.91 51.66
CA ASP G 212 -0.35 4.79 52.26
C ASP G 212 1.15 5.09 52.34
N LEU G 213 1.80 4.42 53.29
CA LEU G 213 3.19 4.69 53.64
C LEU G 213 3.86 3.36 53.95
N TYR G 214 5.13 3.23 53.56
CA TYR G 214 5.93 2.06 53.90
C TYR G 214 6.94 2.51 54.93
N ALA G 215 7.08 1.75 56.00
CA ALA G 215 8.02 2.10 57.04
C ALA G 215 8.72 0.86 57.57
N ASN G 216 10.03 0.98 57.76
CA ASN G 216 10.83 -0.12 58.31
C ASN G 216 11.97 0.53 59.10
N THR G 217 11.70 0.80 60.38
CA THR G 217 12.61 1.57 61.21
C THR G 217 13.06 0.81 62.45
N ALA G 218 12.77 -0.47 62.56
CA ALA G 218 13.19 -1.31 63.68
C ALA G 218 12.74 -0.72 65.03
N LEU G 219 11.45 -0.44 65.11
CA LEU G 219 10.84 0.06 66.34
C LEU G 219 10.49 -1.12 67.22
N LYS G 220 10.84 -1.05 68.50
CA LYS G 220 10.67 -2.17 69.41
C LYS G 220 10.29 -1.66 70.79
N LEU G 221 9.35 -2.34 71.43
CA LEU G 221 8.83 -1.96 72.74
C LEU G 221 9.63 -2.62 73.85
N ALA G 222 9.59 -2.04 75.04
CA ALA G 222 10.31 -2.57 76.19
C ALA G 222 9.44 -2.52 77.43
N ARG G 223 9.78 -3.34 78.41
CA ARG G 223 8.99 -3.45 79.63
C ARG G 223 9.17 -2.24 80.52
N PRO G 224 8.10 -1.61 81.01
CA PRO G 224 8.25 -0.44 81.87
C PRO G 224 8.92 -0.77 83.18
N SER G 225 9.66 0.20 83.70
CA SER G 225 10.35 0.02 84.96
C SER G 225 9.35 -0.03 86.11
N PRO G 226 9.68 -0.72 87.20
CA PRO G 226 8.72 -0.88 88.28
C PRO G 226 8.37 0.45 88.95
N GLY G 227 7.07 0.66 89.15
CA GLY G 227 6.58 1.80 89.88
C GLY G 227 6.41 3.08 89.09
N MET G 228 6.27 3.00 87.78
CA MET G 228 6.13 4.22 86.98
C MET G 228 5.51 3.91 85.62
N VAL G 229 5.08 4.97 84.95
CA VAL G 229 4.21 4.90 83.78
C VAL G 229 4.91 5.63 82.64
N HIS G 230 5.49 4.91 81.68
CA HIS G 230 6.16 5.68 80.62
C HIS G 230 6.23 5.09 79.21
N VAL G 231 5.92 3.83 78.94
CA VAL G 231 6.04 3.28 77.58
C VAL G 231 7.43 3.47 76.99
N PRO G 232 8.43 2.69 77.38
CA PRO G 232 9.74 2.76 76.74
C PRO G 232 9.76 2.12 75.36
N TYR G 233 10.75 2.51 74.56
CA TYR G 233 10.98 1.91 73.25
C TYR G 233 12.36 2.30 72.73
N THR G 234 12.82 1.57 71.71
CA THR G 234 14.02 1.94 70.95
C THR G 234 13.71 1.88 69.46
N GLN G 235 14.30 2.81 68.72
CA GLN G 235 14.07 2.90 67.29
C GLN G 235 15.33 3.45 66.64
N THR G 236 15.68 2.89 65.49
CA THR G 236 16.85 3.36 64.76
C THR G 236 16.59 4.75 64.20
N PRO G 237 17.52 5.70 64.35
CA PRO G 237 17.24 7.08 63.95
C PRO G 237 16.94 7.20 62.47
N SER G 238 16.48 8.39 62.09
CA SER G 238 15.98 8.61 60.75
C SER G 238 17.08 8.41 59.72
N GLY G 239 16.74 7.77 58.61
CA GLY G 239 17.68 7.59 57.53
C GLY G 239 17.76 8.77 56.61
N PHE G 240 16.73 9.60 56.57
CA PHE G 240 16.80 10.85 55.84
C PHE G 240 17.80 11.81 56.48
N LYS G 241 17.76 11.95 57.81
CA LYS G 241 18.72 12.80 58.50
C LYS G 241 20.13 12.27 58.40
N TYR G 242 20.29 10.95 58.24
CA TYR G 242 21.62 10.38 58.04
C TYR G 242 22.10 10.63 56.62
N TRP G 243 21.22 10.52 55.63
CA TRP G 243 21.57 10.89 54.26
C TRP G 243 21.99 12.35 54.19
N LEU G 244 21.29 13.22 54.90
CA LEU G 244 21.58 14.65 54.85
C LEU G 244 23.00 14.96 55.31
N LYS G 245 23.62 14.06 56.07
CA LYS G 245 24.98 14.24 56.54
C LYS G 245 26.00 13.40 55.78
N GLU G 246 25.57 12.30 55.16
CA GLU G 246 26.50 11.42 54.47
C GLU G 246 26.12 11.25 53.00
N LYS G 247 25.53 12.28 52.39
CA LYS G 247 25.06 12.16 51.02
C LYS G 247 26.22 12.11 50.03
N GLY G 248 27.21 12.98 50.21
CA GLY G 248 28.44 12.90 49.45
C GLY G 248 28.41 13.61 48.11
N THR G 249 29.27 14.60 47.93
CA THR G 249 29.36 15.36 46.70
C THR G 249 28.00 15.83 46.21
N ALA G 250 27.88 16.03 44.91
CA ALA G 250 26.66 16.31 44.19
C ALA G 250 27.01 16.29 42.71
N LEU G 251 26.00 16.23 41.84
CA LEU G 251 26.26 16.41 40.43
C LEU G 251 26.50 17.86 40.07
N ASN G 252 26.12 18.77 40.94
CA ASN G 252 26.26 20.19 40.67
C ASN G 252 27.73 20.59 40.57
N THR G 253 28.61 19.86 41.26
CA THR G 253 30.02 20.16 41.36
C THR G 253 30.92 19.11 40.73
N LYS G 254 30.35 18.18 39.98
CA LYS G 254 31.12 17.12 39.33
C LYS G 254 30.95 17.07 37.83
N ALA G 255 29.98 17.74 37.27
CA ALA G 255 29.52 17.42 35.93
C ALA G 255 30.59 17.74 34.91
N PRO G 256 30.76 16.88 33.91
CA PRO G 256 31.75 17.13 32.86
C PRO G 256 31.26 18.20 31.89
N PHE G 257 32.18 18.63 31.03
CA PHE G 257 31.93 19.63 29.99
C PHE G 257 31.44 20.95 30.56
N GLY G 258 31.59 21.15 31.86
CA GLY G 258 31.40 22.45 32.46
C GLY G 258 30.01 23.01 32.35
N CYS G 259 29.01 22.25 32.75
CA CYS G 259 27.62 22.66 32.62
C CYS G 259 26.87 22.72 33.94
N GLN G 260 26.05 23.76 34.08
CA GLN G 260 25.41 24.06 35.34
C GLN G 260 24.16 23.21 35.51
N ILE G 261 24.03 22.58 36.67
CA ILE G 261 22.88 21.75 36.98
C ILE G 261 21.87 22.60 37.71
N LYS G 262 20.68 22.75 37.13
CA LYS G 262 19.58 23.46 37.75
C LYS G 262 18.47 22.48 38.05
N THR G 263 17.62 22.87 39.00
CA THR G 263 16.50 22.05 39.45
C THR G 263 15.21 22.83 39.27
N ASN G 264 14.10 22.10 39.15
CA ASN G 264 12.75 22.63 39.04
C ASN G 264 12.63 23.47 37.78
N PRO G 265 12.60 22.85 36.59
CA PRO G 265 12.76 21.42 36.33
C PRO G 265 14.23 21.00 36.28
N VAL G 266 14.51 19.70 36.42
CA VAL G 266 15.89 19.25 36.42
C VAL G 266 16.46 19.42 35.02
N ARG G 267 17.61 20.08 34.93
CA ARG G 267 18.19 20.42 33.64
C ARG G 267 19.68 20.70 33.79
N ALA G 268 20.42 20.52 32.69
CA ALA G 268 21.84 20.85 32.61
C ALA G 268 22.01 21.89 31.53
N MET G 269 22.71 22.97 31.85
CA MET G 269 22.73 24.16 31.01
C MET G 269 24.14 24.50 30.57
N ASN G 270 24.25 24.95 29.31
CA ASN G 270 25.51 25.45 28.74
C ASN G 270 26.60 24.40 28.81
N CYS G 271 26.40 23.28 28.13
CA CYS G 271 27.17 22.08 28.42
C CYS G 271 27.83 21.67 27.12
N ALA G 272 29.02 22.21 26.87
CA ALA G 272 29.58 22.33 25.52
C ALA G 272 30.05 20.98 25.01
N VAL G 273 29.28 20.39 24.10
CA VAL G 273 29.64 19.12 23.48
C VAL G 273 28.82 18.96 22.21
N GLY G 274 29.48 18.48 21.15
CA GLY G 274 28.78 18.13 19.92
C GLY G 274 28.70 19.25 18.90
N ASN G 275 27.96 18.98 17.83
CA ASN G 275 27.74 19.92 16.74
C ASN G 275 26.25 19.99 16.44
N ILE G 276 25.81 21.11 15.91
CA ILE G 276 24.41 21.34 15.57
C ILE G 276 24.29 21.55 14.08
N PRO G 277 23.69 20.61 13.35
CA PRO G 277 23.37 20.86 11.94
C PRO G 277 22.28 21.92 11.82
N VAL G 278 22.36 22.71 10.76
CA VAL G 278 21.40 23.79 10.52
C VAL G 278 20.98 23.73 9.06
N SER G 279 19.67 23.81 8.81
CA SER G 279 19.11 23.90 7.47
C SER G 279 18.38 25.22 7.31
N MET G 280 18.58 25.85 6.17
CA MET G 280 18.11 27.21 5.92
C MET G 280 17.32 27.25 4.64
N ASN G 281 16.39 28.19 4.58
CA ASN G 281 15.60 28.44 3.37
C ASN G 281 15.48 29.96 3.27
N LEU G 282 16.30 30.57 2.35
CA LEU G 282 16.37 32.02 2.29
C LEU G 282 15.49 32.55 1.16
N PRO G 283 14.92 33.73 1.32
CA PRO G 283 14.24 34.38 0.21
C PRO G 283 15.25 35.03 -0.73
N ASP G 284 14.76 35.48 -1.87
CA ASP G 284 15.64 36.16 -2.83
C ASP G 284 15.90 37.62 -2.48
N SER G 285 15.13 38.20 -1.56
CA SER G 285 15.37 39.57 -1.13
C SER G 285 16.49 39.67 -0.10
N ALA G 286 17.01 38.54 0.39
CA ALA G 286 18.14 38.59 1.31
C ALA G 286 19.43 38.92 0.57
N PHE G 287 19.54 38.47 -0.68
CA PHE G 287 20.73 38.70 -1.48
C PHE G 287 20.65 40.03 -2.21
N THR G 288 21.72 40.37 -2.92
CA THR G 288 21.77 41.54 -3.79
C THR G 288 22.24 41.13 -5.17
N ARG G 289 21.63 41.73 -6.19
CA ARG G 289 22.01 41.47 -7.57
C ARG G 289 23.48 41.76 -7.78
N ILE G 290 24.15 40.87 -8.52
CA ILE G 290 25.60 40.97 -8.69
C ILE G 290 25.98 42.17 -9.53
N VAL G 291 24.99 42.88 -10.10
CA VAL G 291 25.27 44.08 -10.86
C VAL G 291 25.62 45.25 -9.96
N GLU G 292 24.77 45.56 -8.98
CA GLU G 292 25.04 46.71 -8.13
C GLU G 292 25.99 46.40 -6.98
N ALA G 293 26.42 45.14 -6.85
CA ALA G 293 27.53 44.85 -5.97
C ALA G 293 28.84 45.35 -6.60
N PRO G 294 29.77 45.84 -5.78
CA PRO G 294 31.03 46.33 -6.34
C PRO G 294 31.87 45.21 -6.92
N THR G 295 32.66 45.55 -7.92
CA THR G 295 33.54 44.61 -8.59
C THR G 295 34.97 44.85 -8.11
N ILE G 296 35.62 43.80 -7.63
CA ILE G 296 36.95 43.89 -7.05
C ILE G 296 37.90 42.99 -7.82
N ILE G 297 39.04 43.55 -8.21
CA ILE G 297 40.12 42.84 -8.88
C ILE G 297 41.42 43.21 -8.17
N ASP G 298 42.44 42.36 -8.35
CA ASP G 298 43.77 42.57 -7.78
C ASP G 298 43.70 42.65 -6.25
N LEU G 299 43.26 41.56 -5.65
CA LEU G 299 43.13 41.47 -4.20
C LEU G 299 44.41 40.91 -3.63
N THR G 300 45.08 41.70 -2.78
CA THR G 300 46.35 41.32 -2.18
C THR G 300 46.21 41.40 -0.66
N CYS G 301 46.67 40.35 0.03
CA CYS G 301 46.54 40.24 1.48
C CYS G 301 47.93 40.20 2.10
N THR G 302 48.20 41.13 3.02
CA THR G 302 49.43 41.14 3.79
C THR G 302 49.07 41.25 5.26
N VAL G 303 49.76 40.48 6.10
CA VAL G 303 49.47 40.41 7.52
C VAL G 303 50.36 41.41 8.25
N ALA G 304 49.74 42.30 9.01
CA ALA G 304 50.51 43.32 9.72
C ALA G 304 51.17 42.73 10.96
N THR G 305 50.37 42.24 11.90
CA THR G 305 50.87 41.63 13.12
C THR G 305 50.06 40.38 13.44
N CYS G 306 50.68 39.46 14.16
CA CYS G 306 50.02 38.24 14.59
C CYS G 306 50.61 37.76 15.90
N THR G 307 49.74 37.31 16.80
CA THR G 307 50.15 36.60 18.02
C THR G 307 49.02 35.65 18.40
N HIS G 308 49.33 34.37 18.55
CA HIS G 308 48.27 33.37 18.62
C HIS G 308 47.75 33.27 20.06
N SER G 309 47.00 34.30 20.44
CA SER G 309 46.35 34.39 21.74
C SER G 309 44.88 34.02 21.60
N SER G 310 44.17 34.04 22.71
CA SER G 310 42.75 33.64 22.70
C SER G 310 41.88 34.68 22.00
N ASP G 311 42.09 35.96 22.27
CA ASP G 311 41.26 36.97 21.65
C ASP G 311 41.68 37.15 20.19
N PHE G 312 41.21 38.21 19.56
CA PHE G 312 41.55 38.46 18.15
C PHE G 312 42.90 39.14 18.10
N GLY G 313 43.96 38.34 18.01
CA GLY G 313 45.31 38.85 18.11
C GLY G 313 46.07 39.00 16.81
N GLY G 314 45.38 38.99 15.69
CA GLY G 314 46.02 39.22 14.40
C GLY G 314 45.32 40.31 13.64
N VAL G 315 46.10 41.11 12.92
CA VAL G 315 45.59 42.22 12.11
C VAL G 315 45.99 41.96 10.66
N LEU G 316 45.07 42.23 9.73
CA LEU G 316 45.19 41.87 8.34
C LEU G 316 44.80 43.05 7.46
N THR G 317 45.55 43.27 6.39
CA THR G 317 45.27 44.37 5.47
C THR G 317 45.10 43.85 4.05
N LEU G 318 44.05 44.33 3.37
CA LEU G 318 43.71 43.93 2.02
C LEU G 318 43.78 45.15 1.12
N THR G 319 44.49 45.01 -0.01
CA THR G 319 44.59 46.03 -1.02
C THR G 319 43.89 45.55 -2.28
N TYR G 320 43.23 46.47 -2.98
CA TYR G 320 42.42 46.13 -4.12
C TYR G 320 42.24 47.37 -4.98
N LYS G 321 41.42 47.25 -6.01
CA LYS G 321 40.91 48.40 -6.75
C LYS G 321 39.50 48.09 -7.23
N THR G 322 38.59 49.05 -7.04
CA THR G 322 37.17 48.84 -7.23
C THR G 322 36.61 49.90 -8.16
N ASP G 323 35.48 49.58 -8.78
CA ASP G 323 34.85 50.52 -9.71
C ASP G 323 33.86 51.44 -9.00
N LYS G 324 33.15 50.94 -8.00
CA LYS G 324 32.18 51.74 -7.26
C LYS G 324 32.33 51.47 -5.77
N ASN G 325 31.84 52.42 -4.97
CA ASN G 325 31.88 52.32 -3.52
C ASN G 325 30.67 51.58 -3.00
N GLY G 326 30.88 50.70 -2.03
CA GLY G 326 29.79 49.92 -1.48
C GLY G 326 30.18 49.03 -0.32
N ASP G 327 29.48 47.92 -0.16
CA ASP G 327 29.68 47.01 0.95
C ASP G 327 30.02 45.62 0.41
N CYS G 328 30.97 44.97 1.06
CA CYS G 328 31.34 43.61 0.71
C CYS G 328 31.24 42.72 1.95
N SER G 329 31.35 41.43 1.73
CA SER G 329 31.23 40.43 2.79
C SER G 329 32.49 39.60 2.81
N VAL G 330 33.29 39.75 3.85
CA VAL G 330 34.54 39.02 4.00
C VAL G 330 34.27 37.68 4.68
N HIS G 331 35.16 36.71 4.45
CA HIS G 331 35.03 35.41 5.09
C HIS G 331 36.33 34.65 4.89
N SER G 332 36.65 33.81 5.87
CA SER G 332 37.89 33.03 5.88
C SER G 332 37.55 31.56 5.67
N HIS G 333 38.03 30.99 4.58
CA HIS G 333 37.60 29.66 4.16
C HIS G 333 38.32 28.53 4.86
N SER G 334 38.91 28.79 6.03
CA SER G 334 39.49 27.76 6.86
C SER G 334 39.16 28.05 8.32
N ASN G 335 39.11 27.02 9.16
CA ASN G 335 38.91 27.27 10.57
C ASN G 335 40.20 27.54 11.31
N VAL G 336 41.33 27.65 10.60
CA VAL G 336 42.57 28.07 11.23
C VAL G 336 42.42 29.47 11.82
N ALA G 337 41.85 30.39 11.06
CA ALA G 337 41.65 31.75 11.51
C ALA G 337 40.17 32.10 11.52
N THR G 338 39.75 32.80 12.57
CA THR G 338 38.37 33.20 12.76
C THR G 338 38.29 34.71 12.67
N LEU G 339 37.48 35.23 11.77
CA LEU G 339 37.44 36.68 11.58
C LEU G 339 36.50 37.35 12.58
N GLN G 340 36.76 38.62 12.83
CA GLN G 340 35.99 39.43 13.75
C GLN G 340 34.63 39.80 13.20
N GLU G 341 34.57 40.22 11.94
CA GLU G 341 33.34 40.73 11.35
C GLU G 341 33.02 40.02 10.04
N ALA G 342 31.83 40.33 9.51
CA ALA G 342 31.33 39.70 8.29
C ALA G 342 30.98 40.69 7.20
N THR G 343 31.52 41.91 7.27
CA THR G 343 31.17 42.95 6.31
C THR G 343 32.27 44.00 6.32
N ALA G 344 32.55 44.58 5.16
CA ALA G 344 33.50 45.68 5.05
C ALA G 344 32.95 46.75 4.13
N LYS G 345 33.42 47.99 4.33
CA LYS G 345 33.12 49.10 3.45
C LYS G 345 34.26 49.23 2.44
N VAL G 346 33.94 49.15 1.16
CA VAL G 346 34.94 49.33 0.12
C VAL G 346 34.86 50.76 -0.38
N LYS G 347 36.01 51.36 -0.63
CA LYS G 347 36.10 52.69 -1.21
C LYS G 347 37.15 52.68 -2.31
N THR G 348 37.19 53.78 -3.07
CA THR G 348 38.13 53.91 -4.17
C THR G 348 39.57 53.99 -3.68
N ALA G 349 39.79 54.31 -2.40
CA ALA G 349 41.14 54.40 -1.87
C ALA G 349 41.86 53.06 -1.88
N GLY G 350 41.11 51.96 -1.76
CA GLY G 350 41.68 50.64 -1.91
C GLY G 350 42.50 50.14 -0.73
N LYS G 351 41.90 50.08 0.45
CA LYS G 351 42.60 49.60 1.64
C LYS G 351 41.56 49.25 2.69
N VAL G 352 41.50 48.00 3.11
CA VAL G 352 40.63 47.62 4.22
C VAL G 352 41.46 46.81 5.22
N THR G 353 41.11 46.95 6.50
CA THR G 353 41.82 46.25 7.56
C THR G 353 40.84 45.53 8.46
N LEU G 354 41.24 44.36 8.95
CA LEU G 354 40.33 43.50 9.68
C LEU G 354 41.09 42.53 10.56
N HIS G 355 40.43 42.07 11.63
CA HIS G 355 41.07 41.36 12.72
C HIS G 355 40.68 39.91 12.71
N PHE G 356 41.63 39.04 13.04
CA PHE G 356 41.41 37.61 13.03
C PHE G 356 42.08 36.97 14.23
N SER G 357 41.58 35.80 14.63
CA SER G 357 42.09 35.08 15.79
C SER G 357 42.52 33.69 15.36
N THR G 358 43.72 33.29 15.79
CA THR G 358 44.29 32.01 15.40
C THR G 358 45.01 31.40 16.59
N ALA G 359 45.38 30.13 16.45
CA ALA G 359 46.05 29.40 17.52
C ALA G 359 47.21 28.56 17.01
N SER G 360 47.76 28.89 15.86
CA SER G 360 48.86 28.12 15.28
C SER G 360 50.03 29.03 14.99
N ALA G 361 51.22 28.45 15.01
CA ALA G 361 52.45 29.24 14.88
C ALA G 361 52.51 29.94 13.53
N SER G 362 52.10 29.24 12.47
CA SER G 362 52.12 29.80 11.11
C SER G 362 50.83 29.42 10.40
N PRO G 363 49.84 30.31 10.38
CA PRO G 363 48.59 30.02 9.68
C PRO G 363 48.66 30.34 8.20
N SER G 364 47.76 29.72 7.45
CA SER G 364 47.61 30.02 6.03
C SER G 364 46.17 29.78 5.65
N PHE G 365 45.46 30.83 5.27
CA PHE G 365 44.04 30.73 4.99
C PHE G 365 43.70 31.62 3.81
N VAL G 366 42.61 31.31 3.14
CA VAL G 366 42.17 32.08 1.98
C VAL G 366 40.99 32.96 2.41
N VAL G 367 41.08 34.24 2.12
CA VAL G 367 40.06 35.21 2.51
C VAL G 367 39.47 35.81 1.24
N SER G 368 38.18 36.14 1.29
CA SER G 368 37.45 36.57 0.11
C SER G 368 36.66 37.83 0.40
N LEU G 369 36.86 38.86 -0.43
CA LEU G 369 36.16 40.12 -0.34
C LEU G 369 35.18 40.21 -1.51
N CYS G 370 33.89 40.29 -1.21
CA CYS G 370 32.85 40.02 -2.21
C CYS G 370 33.16 38.75 -2.99
N SER G 371 33.42 38.89 -4.29
CA SER G 371 33.66 37.74 -5.14
C SER G 371 35.13 37.43 -5.35
N ALA G 372 36.04 38.25 -4.83
CA ALA G 372 37.46 38.06 -5.06
C ALA G 372 38.01 37.03 -4.08
N ARG G 373 39.30 36.74 -4.21
CA ARG G 373 39.98 35.81 -3.33
C ARG G 373 41.40 36.30 -3.10
N ALA G 374 42.01 35.83 -2.02
CA ALA G 374 43.41 36.11 -1.73
C ALA G 374 43.88 35.11 -0.70
N THR G 375 45.18 34.86 -0.68
CA THR G 375 45.75 33.92 0.29
C THR G 375 46.63 34.67 1.27
N CYS G 376 46.36 34.46 2.57
CA CYS G 376 47.09 35.12 3.64
C CYS G 376 47.89 34.08 4.42
N SER G 377 49.16 34.37 4.64
CA SER G 377 50.05 33.54 5.44
C SER G 377 50.85 34.44 6.35
N ALA G 378 51.12 33.97 7.57
CA ALA G 378 51.77 34.81 8.55
C ALA G 378 52.61 33.95 9.48
N SER G 379 53.49 34.61 10.21
CA SER G 379 54.28 34.02 11.28
C SER G 379 53.87 34.68 12.59
N CYS G 380 53.29 33.91 13.50
CA CYS G 380 52.72 34.43 14.73
C CYS G 380 53.54 34.00 15.93
N GLU G 381 53.68 34.89 16.90
CA GLU G 381 54.49 34.74 18.09
C GLU G 381 53.61 34.41 19.29
N PRO G 382 54.11 33.66 20.26
CA PRO G 382 53.29 33.25 21.39
C PRO G 382 52.92 34.44 22.26
N PRO G 383 51.87 34.34 23.05
CA PRO G 383 51.58 35.37 24.05
C PRO G 383 52.42 35.18 25.30
N LYS G 384 52.41 36.20 26.15
CA LYS G 384 53.19 36.16 27.38
C LYS G 384 52.36 35.80 28.60
N ASP G 385 51.08 36.16 28.61
CA ASP G 385 50.21 35.86 29.74
C ASP G 385 49.95 34.36 29.83
N HIS G 386 49.85 33.88 31.07
CA HIS G 386 49.65 32.45 31.27
C HIS G 386 48.17 32.09 31.30
N ILE G 387 47.35 32.93 31.92
CA ILE G 387 45.96 32.60 32.21
C ILE G 387 45.10 33.81 31.93
N VAL G 388 43.93 33.58 31.31
CA VAL G 388 42.99 34.63 30.94
C VAL G 388 41.58 34.28 31.43
N PRO G 389 40.72 35.25 31.69
CA PRO G 389 39.36 34.97 32.18
C PRO G 389 38.29 34.75 31.13
N TYR G 390 38.65 34.47 29.88
CA TYR G 390 37.70 34.26 28.80
C TYR G 390 38.14 33.13 27.88
N ALA G 391 37.18 32.53 27.19
CA ALA G 391 37.45 31.37 26.34
C ALA G 391 38.01 31.79 24.99
N ALA G 392 38.49 30.80 24.25
CA ALA G 392 39.14 31.04 22.97
C ALA G 392 38.13 31.47 21.91
N SER G 393 38.57 32.35 21.02
CA SER G 393 37.80 32.72 19.84
C SER G 393 38.20 31.92 18.61
N HIS G 394 39.10 30.97 18.76
CA HIS G 394 39.54 30.10 17.68
C HIS G 394 39.07 28.67 17.92
N SER G 395 39.40 27.80 16.97
CA SER G 395 38.95 26.42 17.00
C SER G 395 40.00 25.42 17.47
N ASN G 396 41.11 25.88 18.03
CA ASN G 396 42.17 25.01 18.56
C ASN G 396 42.78 24.14 17.45
N VAL G 397 43.22 24.80 16.39
CA VAL G 397 43.93 24.14 15.29
C VAL G 397 45.37 24.61 15.35
N VAL G 398 46.30 23.66 15.44
CA VAL G 398 47.65 23.96 15.87
C VAL G 398 48.67 23.58 14.79
N PHE G 399 48.32 22.58 13.98
CA PHE G 399 49.28 22.05 13.03
C PHE G 399 49.65 23.11 12.00
N PRO G 400 50.93 23.37 11.77
CA PRO G 400 51.34 24.52 10.97
C PRO G 400 51.22 24.27 9.48
N ASP G 401 51.43 25.34 8.72
CA ASP G 401 51.36 25.29 7.27
C ASP G 401 52.62 24.67 6.69
N MET G 402 52.49 24.09 5.49
CA MET G 402 53.63 23.48 4.82
C MET G 402 54.69 24.49 4.42
N SER G 403 54.32 25.75 4.25
CA SER G 403 55.28 26.79 3.94
C SER G 403 55.85 27.44 5.19
N GLY G 404 55.39 27.05 6.37
CA GLY G 404 55.91 27.60 7.60
C GLY G 404 57.34 27.15 7.85
N THR G 405 58.00 27.85 8.77
CA THR G 405 59.44 27.68 8.95
C THR G 405 59.79 26.24 9.32
N ALA G 406 59.04 25.65 10.23
CA ALA G 406 59.35 24.28 10.67
C ALA G 406 59.21 23.30 9.51
N LEU G 407 58.06 23.30 8.85
CA LEU G 407 57.87 22.35 7.76
C LEU G 407 58.65 22.75 6.51
N SER G 408 58.98 24.02 6.33
CA SER G 408 59.90 24.37 5.27
C SER G 408 61.27 23.74 5.50
N TRP G 409 61.75 23.80 6.74
CA TRP G 409 63.05 23.20 7.04
C TRP G 409 63.00 21.69 6.84
N VAL G 410 61.91 21.05 7.32
CA VAL G 410 61.76 19.61 7.13
C VAL G 410 61.70 19.27 5.65
N GLN G 411 61.03 20.09 4.85
CA GLN G 411 60.95 19.86 3.42
C GLN G 411 62.33 19.93 2.78
N LYS G 412 63.14 20.93 3.17
CA LYS G 412 64.47 21.02 2.61
C LYS G 412 65.30 19.79 2.94
N ILE G 413 65.25 19.34 4.19
CA ILE G 413 66.06 18.19 4.60
C ILE G 413 65.60 16.93 3.86
N SER G 414 64.28 16.71 3.81
CA SER G 414 63.76 15.52 3.15
C SER G 414 64.07 15.54 1.65
N GLY G 415 63.99 16.73 1.02
CA GLY G 415 64.33 16.83 -0.37
C GLY G 415 65.79 16.52 -0.64
N GLY G 416 66.68 16.98 0.24
CA GLY G 416 68.09 16.64 0.09
C GLY G 416 68.33 15.15 0.16
N LEU G 417 67.73 14.49 1.18
CA LEU G 417 67.92 13.04 1.30
C LEU G 417 67.30 12.29 0.12
N GLY G 418 66.15 12.76 -0.36
CA GLY G 418 65.54 12.12 -1.51
C GLY G 418 66.36 12.28 -2.77
N ALA G 419 66.99 13.45 -2.94
CA ALA G 419 67.89 13.62 -4.08
C ALA G 419 69.08 12.69 -3.98
N PHE G 420 69.61 12.50 -2.77
CA PHE G 420 70.70 11.55 -2.57
C PHE G 420 70.27 10.13 -2.95
N ALA G 421 69.08 9.73 -2.52
CA ALA G 421 68.58 8.39 -2.86
C ALA G 421 68.35 8.25 -4.36
N ILE G 422 67.80 9.28 -5.00
CA ILE G 422 67.56 9.21 -6.44
C ILE G 422 68.87 9.09 -7.20
N GLY G 423 69.87 9.87 -6.81
CA GLY G 423 71.17 9.77 -7.47
C GLY G 423 71.81 8.41 -7.29
N ALA G 424 71.73 7.86 -6.07
CA ALA G 424 72.28 6.53 -5.85
C ALA G 424 71.52 5.47 -6.66
N ILE G 425 70.20 5.59 -6.76
CA ILE G 425 69.41 4.66 -7.56
C ILE G 425 69.85 4.74 -9.02
N LEU G 426 70.06 5.95 -9.52
CA LEU G 426 70.50 6.10 -10.90
C LEU G 426 71.87 5.46 -11.11
N VAL G 427 72.78 5.64 -10.15
CA VAL G 427 74.11 5.04 -10.27
C VAL G 427 74.01 3.52 -10.32
N LEU G 428 73.22 2.93 -9.41
CA LEU G 428 73.08 1.48 -9.40
C LEU G 428 72.42 0.99 -10.69
N VAL G 429 71.43 1.71 -11.18
CA VAL G 429 70.76 1.31 -12.41
C VAL G 429 71.73 1.33 -13.59
N VAL G 430 72.54 2.38 -13.70
CA VAL G 430 73.50 2.46 -14.81
C VAL G 430 74.50 1.32 -14.70
N VAL G 431 75.02 1.08 -13.50
CA VAL G 431 76.04 0.03 -13.36
C VAL G 431 75.45 -1.34 -13.67
N THR G 432 74.25 -1.63 -13.17
CA THR G 432 73.69 -2.94 -13.41
C THR G 432 73.27 -3.12 -14.87
N CYS G 433 72.83 -2.05 -15.54
CA CYS G 433 72.53 -2.16 -16.97
C CYS G 433 73.80 -2.41 -17.78
N ILE G 434 74.90 -1.76 -17.41
CA ILE G 434 76.17 -2.02 -18.08
C ILE G 434 76.60 -3.46 -17.84
N GLY G 435 76.43 -3.95 -16.62
CA GLY G 435 76.77 -5.34 -16.34
C GLY G 435 75.92 -6.32 -17.12
N LEU G 436 74.63 -6.02 -17.27
CA LEU G 436 73.75 -6.89 -18.06
C LEU G 436 74.11 -6.84 -19.53
N ARG G 437 74.45 -5.67 -20.07
CA ARG G 437 74.74 -5.55 -21.49
C ARG G 437 76.00 -6.29 -21.91
N ARG G 438 76.91 -6.55 -20.99
CA ARG G 438 78.08 -7.36 -21.29
C ARG G 438 77.70 -8.83 -21.32
N HIS H 1 -76.46 -3.60 13.44
CA HIS H 1 -75.88 -4.93 13.51
C HIS H 1 -74.85 -5.02 14.64
N PHE H 2 -74.03 -6.07 14.62
CA PHE H 2 -73.05 -6.28 15.67
C PHE H 2 -71.99 -5.20 15.65
N ASN H 3 -71.46 -4.89 16.83
CA ASN H 3 -70.54 -3.77 17.00
C ASN H 3 -69.28 -4.18 17.74
N VAL H 4 -68.59 -5.22 17.25
CA VAL H 4 -67.46 -5.84 17.92
C VAL H 4 -66.52 -4.81 18.54
N TYR H 5 -66.45 -3.62 17.93
CA TYR H 5 -65.61 -2.58 18.50
C TYR H 5 -66.31 -1.90 19.67
N LYS H 6 -66.82 -2.70 20.61
CA LYS H 6 -67.32 -2.17 21.87
C LYS H 6 -66.82 -2.94 23.07
N ALA H 7 -66.16 -4.07 22.87
CA ALA H 7 -65.48 -4.78 23.94
C ALA H 7 -64.01 -4.41 24.04
N THR H 8 -63.57 -3.41 23.27
CA THR H 8 -62.17 -3.09 23.10
C THR H 8 -61.96 -1.58 23.23
N ARG H 9 -60.75 -1.20 23.62
CA ARG H 9 -60.43 0.21 23.76
C ARG H 9 -59.04 0.51 23.20
N PRO H 10 -58.72 1.77 22.95
CA PRO H 10 -57.33 2.14 22.67
C PRO H 10 -56.47 2.00 23.91
N TYR H 11 -55.16 2.03 23.72
CA TYR H 11 -54.24 1.90 24.84
C TYR H 11 -53.03 2.80 24.63
N ILE H 12 -52.21 2.89 25.69
CA ILE H 12 -51.01 3.71 25.72
C ILE H 12 -49.82 2.76 25.71
N ALA H 13 -48.88 2.98 24.81
CA ALA H 13 -47.67 2.18 24.78
C ALA H 13 -46.46 3.06 24.54
N TYR H 14 -45.29 2.43 24.48
CA TYR H 14 -44.00 3.10 24.43
C TYR H 14 -43.59 3.34 22.98
N CYS H 15 -43.20 4.57 22.67
CA CYS H 15 -42.64 4.90 21.37
C CYS H 15 -41.22 5.41 21.56
N ALA H 16 -40.29 4.86 20.78
CA ALA H 16 -38.87 5.11 21.00
C ALA H 16 -38.50 6.54 20.70
N ASP H 17 -39.14 7.16 19.70
CA ASP H 17 -39.06 8.61 19.59
C ASP H 17 -40.31 9.11 18.90
N CYS H 18 -40.83 10.22 19.39
CA CYS H 18 -42.11 10.76 18.95
C CYS H 18 -41.95 11.92 17.99
N GLY H 19 -41.01 11.82 17.07
CA GLY H 19 -40.77 12.85 16.10
C GLY H 19 -39.76 13.90 16.49
N ALA H 20 -39.18 13.81 17.69
CA ALA H 20 -38.18 14.75 18.14
C ALA H 20 -36.90 14.10 18.63
N GLY H 21 -36.80 12.78 18.59
CA GLY H 21 -35.64 12.10 19.12
C GLY H 21 -35.76 11.67 20.56
N HIS H 22 -36.87 11.99 21.22
CA HIS H 22 -37.10 11.63 22.60
C HIS H 22 -38.26 10.64 22.70
N SER H 23 -38.18 9.75 23.67
CA SER H 23 -39.16 8.69 23.85
C SER H 23 -40.22 9.12 24.84
N CYS H 24 -41.46 8.69 24.61
CA CYS H 24 -42.49 8.84 25.62
C CYS H 24 -43.59 7.82 25.38
N HIS H 25 -44.43 7.64 26.38
CA HIS H 25 -45.60 6.77 26.27
C HIS H 25 -46.67 7.48 25.46
N SER H 26 -46.78 7.12 24.19
CA SER H 26 -47.67 7.82 23.30
C SER H 26 -48.91 6.99 23.02
N PRO H 27 -50.03 7.65 22.70
CA PRO H 27 -51.24 6.91 22.33
C PRO H 27 -51.29 6.46 20.89
N VAL H 28 -50.24 6.74 20.10
CA VAL H 28 -50.23 6.46 18.68
C VAL H 28 -49.01 5.58 18.37
N ALA H 29 -48.69 4.67 19.29
CA ALA H 29 -47.57 3.75 19.07
C ALA H 29 -47.80 2.92 17.80
N ILE H 30 -46.71 2.58 17.13
CA ILE H 30 -46.77 1.78 15.91
C ILE H 30 -46.36 0.36 16.25
N GLU H 31 -47.25 -0.58 15.96
CA GLU H 31 -46.97 -2.01 16.03
C GLU H 31 -46.51 -2.46 14.65
N ALA H 32 -46.55 -3.77 14.38
CA ALA H 32 -45.99 -4.30 13.14
C ALA H 32 -46.51 -3.58 11.91
N VAL H 33 -45.65 -3.50 10.89
CA VAL H 33 -46.00 -3.02 9.56
C VAL H 33 -45.89 -4.19 8.60
N ARG H 34 -46.95 -4.42 7.82
CA ARG H 34 -47.00 -5.50 6.84
C ARG H 34 -46.92 -4.94 5.42
N SER H 35 -46.05 -5.54 4.61
CA SER H 35 -45.79 -5.06 3.25
C SER H 35 -45.77 -6.22 2.28
N GLU H 36 -46.78 -7.08 2.36
CA GLU H 36 -46.83 -8.31 1.57
C GLU H 36 -47.77 -8.21 0.38
N ALA H 37 -48.04 -7.01 -0.12
CA ALA H 37 -48.83 -6.81 -1.32
C ALA H 37 -47.91 -6.44 -2.47
N THR H 38 -48.13 -7.03 -3.63
CA THR H 38 -47.19 -6.88 -4.73
C THR H 38 -47.26 -5.47 -5.33
N ASP H 39 -48.40 -4.78 -5.21
CA ASP H 39 -48.43 -3.42 -5.72
C ASP H 39 -47.83 -2.40 -4.76
N GLY H 40 -47.48 -2.79 -3.55
CA GLY H 40 -46.72 -1.92 -2.67
C GLY H 40 -47.54 -1.08 -1.70
N MET H 41 -48.52 -1.70 -1.05
CA MET H 41 -49.36 -1.02 -0.08
C MET H 41 -49.08 -1.57 1.30
N LEU H 42 -49.06 -0.69 2.30
CA LEU H 42 -48.70 -1.02 3.66
C LEU H 42 -49.92 -1.05 4.56
N LYS H 43 -49.95 -2.03 5.47
CA LYS H 43 -50.92 -2.13 6.57
C LYS H 43 -50.23 -1.75 7.87
N ILE H 44 -50.50 -0.55 8.33
CA ILE H 44 -49.90 -0.06 9.56
C ILE H 44 -50.86 -0.30 10.72
N GLN H 45 -50.32 -0.65 11.87
CA GLN H 45 -51.12 -0.99 13.04
C GLN H 45 -50.83 0.00 14.17
N PHE H 46 -51.80 0.85 14.49
CA PHE H 46 -51.66 1.79 15.60
C PHE H 46 -51.72 1.10 16.94
N SER H 47 -51.87 1.93 17.97
CA SER H 47 -52.55 1.60 19.21
C SER H 47 -53.83 2.36 19.41
N ALA H 48 -54.03 3.48 18.69
CA ALA H 48 -55.23 4.30 18.82
C ALA H 48 -56.19 3.93 17.70
N GLN H 49 -57.30 3.29 18.05
CA GLN H 49 -58.22 2.77 17.05
C GLN H 49 -59.17 3.84 16.54
N ILE H 50 -59.44 3.78 15.23
CA ILE H 50 -59.95 4.92 14.47
C ILE H 50 -61.13 4.49 13.60
N GLY H 51 -62.03 5.44 13.35
CA GLY H 51 -63.27 5.18 12.66
C GLY H 51 -64.50 5.15 13.55
N ILE H 52 -64.33 5.05 14.87
CA ILE H 52 -65.44 4.97 15.82
C ILE H 52 -65.13 5.92 16.97
N ASP H 53 -66.18 6.43 17.62
CA ASP H 53 -65.96 7.49 18.60
C ASP H 53 -66.07 6.99 20.04
N LYS H 54 -65.90 7.92 20.98
CA LYS H 54 -65.92 7.62 22.41
C LYS H 54 -67.24 7.03 22.85
N SER H 55 -68.35 7.64 22.42
CA SER H 55 -69.68 7.15 22.72
C SER H 55 -70.04 5.93 21.89
N ASP H 56 -69.06 5.39 21.17
CA ASP H 56 -69.17 4.10 20.47
C ASP H 56 -70.16 4.17 19.31
N ASN H 57 -69.92 5.07 18.39
CA ASN H 57 -70.68 5.18 17.15
C ASN H 57 -69.72 5.18 15.98
N HIS H 58 -70.06 4.44 14.94
CA HIS H 58 -69.27 4.48 13.72
C HIS H 58 -69.42 5.83 13.04
N ASP H 59 -68.39 6.66 13.15
CA ASP H 59 -68.42 7.99 12.56
C ASP H 59 -67.14 8.18 11.76
N TYR H 60 -67.27 8.72 10.56
CA TYR H 60 -66.14 8.85 9.65
C TYR H 60 -65.20 9.96 10.05
N THR H 61 -65.61 10.84 10.95
CA THR H 61 -64.83 12.01 11.31
C THR H 61 -64.13 11.90 12.64
N LYS H 62 -64.59 11.03 13.54
CA LYS H 62 -64.08 11.00 14.90
C LYS H 62 -63.29 9.72 15.08
N ILE H 63 -62.10 9.81 15.67
CA ILE H 63 -61.25 8.66 15.93
C ILE H 63 -60.79 8.69 17.38
N ARG H 64 -61.00 7.60 18.10
CA ARG H 64 -60.83 7.65 19.54
C ARG H 64 -59.45 7.14 19.97
N TYR H 65 -58.96 7.69 21.08
CA TYR H 65 -57.63 7.39 21.57
C TYR H 65 -57.61 7.50 23.08
N ALA H 66 -56.70 6.76 23.71
CA ALA H 66 -56.59 6.75 25.15
C ALA H 66 -55.80 7.95 25.65
N ASP H 67 -56.28 8.54 26.74
CA ASP H 67 -55.58 9.68 27.34
C ASP H 67 -55.67 9.52 28.86
N GLY H 68 -54.70 8.78 29.41
CA GLY H 68 -54.65 8.53 30.84
C GLY H 68 -55.90 7.86 31.38
N HIS H 69 -56.09 6.59 31.04
CA HIS H 69 -57.29 5.83 31.41
C HIS H 69 -58.56 6.66 31.25
N ALA H 70 -58.67 7.30 30.09
CA ALA H 70 -59.86 8.03 29.68
C ALA H 70 -59.79 8.18 28.17
N ILE H 71 -60.91 7.93 27.50
CA ILE H 71 -60.94 7.86 26.04
C ILE H 71 -61.49 9.16 25.48
N GLU H 72 -60.80 9.72 24.50
CA GLU H 72 -61.26 10.94 23.84
C GLU H 72 -61.33 10.72 22.34
N ASN H 73 -61.77 11.77 21.63
CA ASN H 73 -61.87 11.76 20.18
C ASN H 73 -60.99 12.83 19.57
N ALA H 74 -60.43 12.51 18.41
CA ALA H 74 -59.73 13.45 17.55
C ALA H 74 -60.39 13.43 16.19
N VAL H 75 -60.33 14.56 15.48
CA VAL H 75 -60.94 14.61 14.16
C VAL H 75 -60.18 13.69 13.21
N ARG H 76 -60.91 13.02 12.32
CA ARG H 76 -60.28 12.08 11.40
C ARG H 76 -59.33 12.77 10.46
N SER H 77 -59.73 13.91 9.90
CA SER H 77 -58.76 14.73 9.21
C SER H 77 -57.65 15.09 10.20
N SER H 78 -56.48 15.39 9.66
CA SER H 78 -55.25 15.56 10.43
C SER H 78 -54.69 14.27 10.96
N LEU H 79 -55.05 13.13 10.37
CA LEU H 79 -54.25 11.92 10.47
C LEU H 79 -53.20 12.01 9.38
N LYS H 80 -51.93 12.07 9.77
CA LYS H 80 -50.85 12.18 8.80
C LYS H 80 -49.92 10.98 8.93
N VAL H 81 -49.76 10.24 7.85
CA VAL H 81 -48.75 9.20 7.74
C VAL H 81 -47.72 9.66 6.72
N ALA H 82 -46.44 9.43 7.03
CA ALA H 82 -45.39 9.95 6.16
C ALA H 82 -44.15 9.07 6.20
N THR H 83 -43.36 9.19 5.14
CA THR H 83 -42.04 8.57 5.02
C THR H 83 -41.15 9.72 4.56
N SER H 84 -40.05 9.40 3.89
CA SER H 84 -39.22 10.45 3.30
C SER H 84 -40.06 11.55 2.66
N GLY H 85 -41.21 11.18 2.10
CA GLY H 85 -42.12 12.16 1.52
C GLY H 85 -43.42 12.32 2.27
N ASP H 86 -44.53 11.94 1.65
CA ASP H 86 -45.86 12.10 2.25
C ASP H 86 -46.81 11.12 1.56
N CYS H 87 -47.44 10.25 2.33
CA CYS H 87 -48.17 9.12 1.78
C CYS H 87 -49.62 9.46 1.50
N PHE H 88 -50.29 8.56 0.77
CA PHE H 88 -51.70 8.64 0.46
C PHE H 88 -52.41 7.55 1.25
N VAL H 89 -53.44 7.92 1.99
CA VAL H 89 -54.15 7.00 2.87
C VAL H 89 -55.36 6.47 2.11
N HIS H 90 -55.45 5.15 1.98
CA HIS H 90 -56.51 4.52 1.20
C HIS H 90 -57.62 3.97 2.09
N GLY H 91 -57.27 3.11 3.04
CA GLY H 91 -58.24 2.53 3.95
C GLY H 91 -57.95 2.82 5.39
N THR H 92 -58.98 2.81 6.24
CA THR H 92 -58.84 3.25 7.62
C THR H 92 -59.97 2.67 8.45
N MET H 93 -59.66 1.68 9.28
CA MET H 93 -60.67 1.14 10.19
C MET H 93 -60.05 0.34 11.31
N GLY H 94 -60.38 0.66 12.56
CA GLY H 94 -59.81 -0.10 13.65
C GLY H 94 -58.41 0.35 13.97
N HIS H 95 -57.55 -0.61 14.33
CA HIS H 95 -56.16 -0.29 14.57
C HIS H 95 -55.36 -0.11 13.30
N PHE H 96 -55.93 -0.41 12.13
CA PHE H 96 -55.17 -0.57 10.90
C PHE H 96 -55.44 0.55 9.91
N ILE H 97 -54.42 0.92 9.16
CA ILE H 97 -54.54 1.87 8.06
C ILE H 97 -53.75 1.37 6.85
N LEU H 98 -54.24 1.71 5.65
CA LEU H 98 -53.64 1.31 4.39
C LEU H 98 -53.00 2.52 3.73
N ALA H 99 -51.74 2.41 3.34
CA ALA H 99 -51.05 3.57 2.78
C ALA H 99 -50.15 3.17 1.62
N LYS H 100 -49.86 4.14 0.76
CA LYS H 100 -48.97 3.98 -0.39
C LYS H 100 -47.94 5.11 -0.34
N CYS H 101 -46.71 4.78 0.00
CA CYS H 101 -45.72 5.76 0.39
C CYS H 101 -44.57 5.85 -0.61
N PRO H 102 -43.91 7.00 -0.72
CA PRO H 102 -42.68 7.08 -1.48
C PRO H 102 -41.55 6.38 -0.77
N PRO H 103 -40.51 5.96 -1.48
CA PRO H 103 -39.41 5.23 -0.83
C PRO H 103 -38.74 6.07 0.25
N GLY H 104 -38.32 5.41 1.32
CA GLY H 104 -37.72 6.13 2.44
C GLY H 104 -37.10 5.15 3.39
N GLU H 105 -36.61 5.70 4.52
CA GLU H 105 -35.94 4.91 5.53
C GLU H 105 -36.65 4.92 6.88
N PHE H 106 -37.78 5.61 6.99
CA PHE H 106 -38.58 5.59 8.20
C PHE H 106 -40.03 5.86 7.84
N LEU H 107 -40.90 5.77 8.83
CA LEU H 107 -42.24 6.35 8.66
C LEU H 107 -42.79 6.77 10.01
N GLN H 108 -43.64 7.79 9.98
CA GLN H 108 -44.29 8.24 11.20
C GLN H 108 -45.78 8.49 10.96
N VAL H 109 -46.53 8.38 12.05
CA VAL H 109 -47.97 8.64 12.08
C VAL H 109 -48.26 9.65 13.18
N SER H 110 -49.13 10.61 12.89
CA SER H 110 -49.42 11.69 13.80
C SER H 110 -50.90 12.04 13.74
N ILE H 111 -51.44 12.45 14.89
CA ILE H 111 -52.83 12.89 14.98
C ILE H 111 -52.87 14.15 15.82
N GLN H 112 -53.93 14.94 15.64
CA GLN H 112 -54.19 16.07 16.53
C GLN H 112 -54.76 15.58 17.84
N ASP H 113 -54.52 16.33 18.90
CA ASP H 113 -55.03 15.98 20.22
C ASP H 113 -56.41 16.62 20.40
N THR H 114 -56.99 16.45 21.58
CA THR H 114 -58.20 17.20 21.91
C THR H 114 -57.91 18.69 21.97
N ARG H 115 -56.74 19.06 22.49
CA ARG H 115 -56.32 20.45 22.59
C ARG H 115 -55.50 20.90 21.39
N ASN H 116 -55.67 20.25 20.24
CA ASN H 116 -55.00 20.63 18.99
C ASN H 116 -53.48 20.62 19.14
N ALA H 117 -52.98 19.49 19.64
CA ALA H 117 -51.55 19.26 19.77
C ALA H 117 -51.18 18.03 18.96
N VAL H 118 -50.03 18.06 18.31
CA VAL H 118 -49.64 16.95 17.46
C VAL H 118 -49.01 15.85 18.30
N ARG H 119 -49.55 14.64 18.19
CA ARG H 119 -49.09 13.49 18.94
C ARG H 119 -48.69 12.46 17.90
N ALA H 120 -47.40 12.11 17.85
CA ALA H 120 -46.81 11.40 16.73
C ALA H 120 -45.88 10.30 17.21
N CYS H 121 -45.62 9.34 16.33
CA CYS H 121 -44.64 8.29 16.60
C CYS H 121 -43.98 7.88 15.30
N ARG H 122 -42.68 7.60 15.38
CA ARG H 122 -41.80 7.44 14.23
C ARG H 122 -40.99 6.17 14.40
N ILE H 123 -40.87 5.37 13.33
CA ILE H 123 -40.16 4.12 13.42
C ILE H 123 -39.26 3.96 12.20
N GLN H 124 -38.22 3.13 12.34
CA GLN H 124 -37.29 2.82 11.27
C GLN H 124 -37.84 1.68 10.43
N TYR H 125 -37.92 1.90 9.13
CA TYR H 125 -38.53 0.94 8.22
C TYR H 125 -37.98 1.19 6.83
N HIS H 126 -37.33 0.18 6.25
CA HIS H 126 -36.73 0.31 4.92
C HIS H 126 -37.78 0.00 3.87
N HIS H 127 -38.26 1.02 3.18
CA HIS H 127 -39.34 0.88 2.21
C HIS H 127 -38.80 1.24 0.84
N ASP H 128 -38.83 0.29 -0.08
CA ASP H 128 -38.35 0.50 -1.42
C ASP H 128 -39.08 -0.44 -2.35
N PRO H 129 -40.27 -0.09 -2.81
CA PRO H 129 -41.07 -1.03 -3.60
C PRO H 129 -40.66 -1.06 -5.05
N GLN H 130 -40.77 -2.25 -5.66
CA GLN H 130 -40.46 -2.43 -7.07
C GLN H 130 -41.66 -3.10 -7.73
N PRO H 131 -42.15 -2.59 -8.85
CA PRO H 131 -43.38 -3.13 -9.44
C PRO H 131 -43.18 -4.50 -10.05
N VAL H 132 -44.30 -5.19 -10.28
CA VAL H 132 -44.28 -6.52 -10.86
C VAL H 132 -44.03 -6.43 -12.35
N GLY H 133 -43.15 -7.29 -12.87
CA GLY H 133 -42.82 -7.30 -14.28
C GLY H 133 -41.32 -7.29 -14.48
N ARG H 134 -40.89 -6.82 -15.65
CA ARG H 134 -39.48 -6.71 -15.98
C ARG H 134 -39.02 -5.29 -16.23
N GLU H 135 -39.76 -4.29 -15.77
CA GLU H 135 -39.37 -2.90 -15.86
C GLU H 135 -39.67 -2.20 -14.54
N LYS H 136 -38.76 -1.35 -14.10
CA LYS H 136 -38.92 -0.61 -12.85
C LYS H 136 -39.49 0.79 -13.10
N PHE H 137 -40.76 0.84 -13.47
CA PHE H 137 -41.40 2.10 -13.78
C PHE H 137 -41.92 2.74 -12.49
N THR H 138 -42.36 3.98 -12.57
CA THR H 138 -42.86 4.70 -11.41
C THR H 138 -44.38 4.76 -11.37
N ILE H 139 -45.03 5.26 -12.42
CA ILE H 139 -46.49 5.29 -12.43
C ILE H 139 -46.98 4.67 -13.72
N ARG H 140 -48.24 4.23 -13.70
CA ARG H 140 -48.80 3.44 -14.78
C ARG H 140 -48.94 4.26 -16.06
N PRO H 141 -48.79 3.63 -17.21
CA PRO H 141 -48.91 4.36 -18.47
C PRO H 141 -50.34 4.41 -18.97
N HIS H 142 -50.58 5.10 -20.08
CA HIS H 142 -51.89 5.13 -20.69
C HIS H 142 -52.06 4.03 -21.73
N TYR H 143 -51.03 3.20 -21.92
CA TYR H 143 -51.08 2.11 -22.89
C TYR H 143 -50.06 1.07 -22.48
N GLY H 144 -50.51 -0.10 -22.08
CA GLY H 144 -49.60 -1.15 -21.67
C GLY H 144 -50.33 -2.45 -21.46
N LYS H 145 -49.61 -3.43 -20.90
CA LYS H 145 -50.16 -4.76 -20.68
C LYS H 145 -51.00 -4.79 -19.40
N GLU H 146 -51.40 -5.99 -19.01
CA GLU H 146 -52.06 -6.25 -17.74
C GLU H 146 -51.37 -7.46 -17.12
N ILE H 147 -50.76 -7.28 -15.96
CA ILE H 147 -50.00 -8.32 -15.28
C ILE H 147 -50.68 -8.59 -13.95
N PRO H 148 -50.93 -9.85 -13.58
CA PRO H 148 -51.58 -10.12 -12.30
C PRO H 148 -50.71 -9.74 -11.10
N CYS H 149 -51.37 -9.34 -10.01
CA CYS H 149 -50.70 -8.98 -8.76
C CYS H 149 -51.74 -9.01 -7.65
N THR H 150 -51.31 -8.65 -6.44
CA THR H 150 -52.15 -8.69 -5.25
C THR H 150 -52.24 -7.33 -4.60
N THR H 151 -53.14 -7.20 -3.64
CA THR H 151 -53.40 -5.94 -2.95
C THR H 151 -54.16 -6.19 -1.67
N TYR H 152 -54.45 -5.13 -0.93
CA TYR H 152 -55.38 -5.19 0.20
C TYR H 152 -56.67 -4.49 -0.19
N GLN H 153 -57.80 -5.15 0.01
CA GLN H 153 -59.07 -4.53 -0.38
C GLN H 153 -59.73 -3.81 0.78
N GLN H 154 -60.64 -2.90 0.43
CA GLN H 154 -61.34 -2.06 1.38
C GLN H 154 -62.54 -2.75 2.01
N THR H 155 -62.80 -4.00 1.66
CA THR H 155 -63.96 -4.68 2.21
C THR H 155 -63.80 -4.89 3.71
N THR H 156 -64.93 -4.83 4.42
CA THR H 156 -64.99 -5.06 5.85
C THR H 156 -65.84 -6.29 6.15
N ALA H 157 -65.87 -7.24 5.22
CA ALA H 157 -66.65 -8.47 5.37
C ALA H 157 -65.91 -9.43 6.28
N LYS H 158 -66.30 -10.70 6.25
CA LYS H 158 -65.58 -11.72 7.01
C LYS H 158 -64.23 -12.00 6.35
N THR H 159 -63.16 -12.01 7.17
CA THR H 159 -61.80 -11.94 6.66
C THR H 159 -60.90 -13.12 7.04
N VAL H 160 -61.21 -13.84 8.11
CA VAL H 160 -60.40 -14.97 8.57
C VAL H 160 -58.99 -14.49 8.90
N GLU H 161 -58.86 -13.74 9.99
CA GLU H 161 -57.59 -13.28 10.52
C GLU H 161 -57.78 -13.13 12.02
N GLU H 162 -56.69 -13.24 12.78
CA GLU H 162 -56.82 -13.17 14.23
C GLU H 162 -55.88 -12.15 14.85
N ILE H 163 -56.38 -11.49 15.88
CA ILE H 163 -55.60 -10.71 16.83
C ILE H 163 -56.03 -11.07 18.24
N ASP H 164 -55.07 -11.43 19.08
CA ASP H 164 -55.36 -11.76 20.46
C ASP H 164 -55.67 -10.50 21.25
N MET H 165 -56.69 -10.59 22.09
CA MET H 165 -57.05 -9.55 23.03
C MET H 165 -56.91 -10.10 24.44
N HIS H 166 -56.60 -9.24 25.40
CA HIS H 166 -56.67 -9.64 26.79
C HIS H 166 -57.02 -8.44 27.63
N MET H 167 -57.44 -8.69 28.86
CA MET H 167 -57.90 -7.61 29.72
C MET H 167 -56.69 -6.81 30.24
N PRO H 168 -56.84 -5.50 30.39
CA PRO H 168 -55.70 -4.65 30.72
C PRO H 168 -55.19 -4.93 32.12
N PRO H 169 -53.92 -4.64 32.39
CA PRO H 169 -53.38 -4.87 33.74
C PRO H 169 -53.78 -3.76 34.71
N ASP H 170 -53.25 -3.80 35.93
CA ASP H 170 -53.58 -2.82 36.95
C ASP H 170 -52.80 -1.54 36.66
N THR H 171 -53.50 -0.53 36.19
CA THR H 171 -52.82 0.69 35.77
C THR H 171 -52.51 1.56 36.97
N PRO H 172 -51.24 1.81 37.29
CA PRO H 172 -50.92 2.62 38.47
C PRO H 172 -51.00 4.11 38.20
N ASP H 173 -51.35 4.83 39.27
CA ASP H 173 -51.54 6.27 39.22
C ASP H 173 -51.15 6.86 40.56
N ARG H 174 -50.83 8.15 40.55
CA ARG H 174 -50.36 8.85 41.73
C ARG H 174 -51.06 10.18 41.94
N THR H 175 -51.67 10.76 40.92
CA THR H 175 -52.32 12.05 41.05
C THR H 175 -53.62 11.98 41.85
N LEU H 176 -54.10 10.79 42.17
CA LEU H 176 -55.34 10.66 42.90
C LEU H 176 -55.18 10.77 44.41
N LEU H 177 -53.95 10.85 44.90
CA LEU H 177 -53.70 10.99 46.33
C LEU H 177 -53.51 12.46 46.68
N SER H 178 -54.40 12.99 47.52
CA SER H 178 -54.34 14.39 47.93
C SER H 178 -54.17 14.43 49.45
N GLN H 179 -53.10 15.07 49.92
CA GLN H 179 -52.83 15.16 51.35
C GLN H 179 -53.30 16.52 51.86
N GLN H 180 -54.28 16.53 52.76
CA GLN H 180 -54.76 17.76 53.36
C GLN H 180 -54.04 18.08 54.67
N SER H 181 -54.19 17.21 55.68
CA SER H 181 -53.45 17.38 56.94
C SER H 181 -53.39 16.01 57.60
N GLY H 182 -52.25 15.31 57.44
CA GLY H 182 -52.11 13.99 58.02
C GLY H 182 -53.11 12.98 57.52
N ASN H 183 -53.75 13.24 56.37
CA ASN H 183 -54.79 12.37 55.85
C ASN H 183 -54.82 12.49 54.34
N VAL H 184 -55.21 11.40 53.67
CA VAL H 184 -55.18 11.35 52.22
C VAL H 184 -56.58 11.11 51.68
N LYS H 185 -56.88 11.77 50.58
CA LYS H 185 -58.12 11.62 49.87
C LYS H 185 -57.83 11.04 48.48
N ILE H 186 -58.70 10.14 48.04
CA ILE H 186 -58.57 9.44 46.77
C ILE H 186 -59.68 9.90 45.85
N THR H 187 -59.32 10.23 44.62
CA THR H 187 -60.29 10.70 43.64
C THR H 187 -61.25 9.57 43.25
N VAL H 188 -62.45 9.98 42.84
CA VAL H 188 -63.49 9.05 42.40
C VAL H 188 -63.95 9.48 41.01
N GLY H 189 -64.99 8.82 40.50
CA GLY H 189 -65.49 9.12 39.17
C GLY H 189 -65.90 7.89 38.41
N GLY H 190 -65.87 6.74 39.10
CA GLY H 190 -66.25 5.47 38.51
C GLY H 190 -65.13 4.46 38.49
N LYS H 191 -63.91 4.86 38.78
CA LYS H 191 -62.76 3.98 38.76
C LYS H 191 -62.70 3.23 40.09
N LYS H 192 -62.63 1.90 40.02
CA LYS H 192 -62.50 1.11 41.23
C LYS H 192 -61.02 0.97 41.58
N VAL H 193 -60.50 2.00 42.21
CA VAL H 193 -59.09 2.04 42.60
C VAL H 193 -58.79 0.95 43.63
N LYS H 194 -57.69 0.24 43.41
CA LYS H 194 -57.15 -0.71 44.36
C LYS H 194 -56.06 -0.03 45.19
N TYR H 195 -56.00 -0.38 46.48
CA TYR H 195 -55.10 0.32 47.37
C TYR H 195 -54.23 -0.68 48.12
N ASN H 196 -53.08 -0.18 48.58
CA ASN H 196 -52.16 -0.96 49.39
C ASN H 196 -51.33 0.01 50.22
N CYS H 197 -51.35 -0.15 51.53
CA CYS H 197 -50.68 0.76 52.45
C CYS H 197 -49.85 -0.04 53.45
N THR H 198 -48.97 0.67 54.17
CA THR H 198 -48.13 0.06 55.18
C THR H 198 -48.37 0.65 56.57
N CYS H 199 -48.98 1.82 56.66
CA CYS H 199 -49.19 2.52 57.92
C CYS H 199 -50.32 1.84 58.70
N GLY H 200 -50.04 1.48 59.95
CA GLY H 200 -51.05 0.93 60.84
C GLY H 200 -51.71 -0.33 60.32
N THR H 201 -50.88 -1.32 59.96
CA THR H 201 -51.33 -2.57 59.34
C THR H 201 -51.87 -2.30 57.94
N GLY H 202 -51.88 -1.04 57.54
CA GLY H 202 -52.28 -0.63 56.22
C GLY H 202 -53.71 -0.97 55.91
N ASN H 203 -54.03 -0.94 54.62
CA ASN H 203 -55.34 -1.30 54.13
C ASN H 203 -55.15 -1.92 52.76
N VAL H 204 -55.68 -3.11 52.56
CA VAL H 204 -55.54 -3.85 51.32
C VAL H 204 -56.92 -4.18 50.78
N GLY H 205 -57.15 -3.84 49.52
CA GLY H 205 -58.42 -4.11 48.87
C GLY H 205 -58.82 -2.99 47.94
N THR H 206 -60.03 -3.12 47.43
CA THR H 206 -60.57 -2.22 46.41
C THR H 206 -61.71 -1.40 46.98
N THR H 207 -61.78 -0.14 46.58
CA THR H 207 -62.84 0.75 47.02
C THR H 207 -63.58 1.33 45.83
N ASN H 208 -64.77 1.85 46.08
CA ASN H 208 -65.55 2.50 45.04
C ASN H 208 -65.89 3.95 45.34
N SER H 209 -65.63 4.45 46.54
CA SER H 209 -65.87 5.85 46.86
C SER H 209 -64.63 6.47 47.48
N ASP H 210 -64.74 7.72 47.91
CA ASP H 210 -63.60 8.40 48.53
C ASP H 210 -63.15 7.63 49.76
N MET H 211 -61.88 7.81 50.13
CA MET H 211 -61.37 7.16 51.31
C MET H 211 -60.31 8.03 51.97
N THR H 212 -60.28 7.99 53.31
CA THR H 212 -59.34 8.76 54.10
C THR H 212 -58.63 7.81 55.06
N ILE H 213 -57.34 8.07 55.28
CA ILE H 213 -56.53 7.23 56.14
C ILE H 213 -56.31 7.87 57.51
N ASN H 214 -56.15 9.19 57.56
CA ASN H 214 -55.95 9.94 58.80
C ASN H 214 -54.68 9.54 59.55
N THR H 215 -53.87 8.66 58.97
CA THR H 215 -52.75 8.07 59.69
C THR H 215 -51.39 8.43 59.12
N CYS H 216 -51.14 8.16 57.84
CA CYS H 216 -49.79 8.21 57.29
C CYS H 216 -49.68 9.25 56.18
N LEU H 217 -48.53 9.25 55.52
CA LEU H 217 -48.20 10.22 54.48
C LEU H 217 -48.59 9.66 53.12
N ILE H 218 -48.36 10.44 52.07
CA ILE H 218 -48.74 10.01 50.73
C ILE H 218 -47.87 8.86 50.26
N GLU H 219 -46.59 8.88 50.63
CA GLU H 219 -45.60 7.99 50.03
C GLU H 219 -45.70 6.60 50.66
N GLN H 220 -46.93 6.11 50.85
CA GLN H 220 -47.13 4.75 51.35
C GLN H 220 -48.27 4.00 50.68
N CYS H 221 -49.26 4.68 50.11
CA CYS H 221 -50.43 4.05 49.53
C CYS H 221 -50.44 4.23 48.02
N HIS H 222 -51.24 3.40 47.33
CA HIS H 222 -51.20 3.38 45.89
C HIS H 222 -52.59 3.43 45.29
N VAL H 223 -52.67 4.04 44.13
CA VAL H 223 -53.80 3.96 43.23
C VAL H 223 -53.41 3.03 42.09
N SER H 224 -54.16 1.96 41.90
CA SER H 224 -53.93 1.05 40.79
C SER H 224 -55.30 0.73 40.20
N VAL H 225 -55.75 1.56 39.26
CA VAL H 225 -57.07 1.40 38.70
C VAL H 225 -57.16 0.03 38.03
N THR H 226 -58.24 -0.69 38.33
CA THR H 226 -58.49 -2.02 37.79
C THR H 226 -59.41 -1.99 36.57
N ASP H 227 -60.42 -1.13 36.57
CA ASP H 227 -61.21 -0.85 35.38
C ASP H 227 -61.87 -2.11 34.81
N HIS H 228 -61.10 -2.90 34.07
CA HIS H 228 -61.63 -4.08 33.40
C HIS H 228 -62.73 -3.69 32.43
N LYS H 229 -63.61 -4.64 32.12
CA LYS H 229 -64.80 -4.50 31.27
C LYS H 229 -64.47 -4.46 29.79
N LYS H 230 -63.20 -4.34 29.40
CA LYS H 230 -62.84 -4.03 28.02
C LYS H 230 -61.56 -4.76 27.66
N TRP H 231 -61.58 -5.49 26.55
CA TRP H 231 -60.37 -6.09 25.98
C TRP H 231 -59.45 -5.02 25.41
N GLN H 232 -58.15 -5.14 25.65
CA GLN H 232 -57.25 -4.11 25.13
C GLN H 232 -56.42 -4.51 23.91
N PHE H 233 -55.45 -5.40 24.09
CA PHE H 233 -54.56 -5.98 23.08
C PHE H 233 -53.48 -6.83 23.73
N ASN H 234 -52.84 -7.70 22.96
CA ASN H 234 -51.70 -8.49 23.45
C ASN H 234 -50.39 -7.83 23.00
N SER H 235 -50.08 -6.72 23.64
CA SER H 235 -48.94 -5.98 23.11
C SER H 235 -47.69 -6.24 23.93
N PRO H 236 -46.53 -6.45 23.30
CA PRO H 236 -45.32 -6.73 24.08
C PRO H 236 -44.87 -5.59 24.96
N PHE H 237 -45.48 -4.41 24.86
CA PHE H 237 -45.13 -3.26 25.67
C PHE H 237 -46.06 -3.03 26.85
N VAL H 238 -47.03 -3.92 27.10
CA VAL H 238 -47.87 -3.83 28.29
C VAL H 238 -47.92 -5.20 28.95
N PRO H 239 -47.93 -5.27 30.29
CA PRO H 239 -47.79 -6.57 30.96
C PRO H 239 -49.09 -7.35 30.97
N ARG H 240 -49.00 -8.62 31.37
CA ARG H 240 -50.19 -9.43 31.61
C ARG H 240 -50.66 -9.28 33.05
N ALA H 241 -51.95 -9.49 33.25
CA ALA H 241 -52.52 -9.43 34.59
C ALA H 241 -52.54 -10.79 35.28
N ASP H 242 -52.48 -11.89 34.53
CA ASP H 242 -52.46 -13.23 35.11
C ASP H 242 -51.75 -14.19 34.18
N GLU H 243 -51.13 -15.22 34.75
CA GLU H 243 -50.09 -15.94 34.01
C GLU H 243 -50.63 -16.76 32.85
N PRO H 244 -51.47 -17.79 33.02
CA PRO H 244 -51.83 -18.63 31.87
C PRO H 244 -52.60 -17.86 30.80
N ALA H 245 -52.96 -16.61 31.08
CA ALA H 245 -53.55 -15.68 30.15
C ALA H 245 -54.94 -16.09 29.70
N ARG H 246 -55.68 -15.13 29.17
CA ARG H 246 -57.06 -15.34 28.73
C ARG H 246 -57.16 -15.43 27.22
N LYS H 247 -56.69 -14.42 26.50
CA LYS H 247 -56.67 -14.40 25.03
C LYS H 247 -58.08 -14.30 24.46
N GLY H 248 -58.20 -13.61 23.33
CA GLY H 248 -59.44 -13.49 22.61
C GLY H 248 -59.18 -13.66 21.13
N LYS H 249 -60.09 -13.17 20.30
CA LYS H 249 -59.90 -13.22 18.86
C LYS H 249 -60.76 -12.14 18.24
N VAL H 250 -60.16 -11.28 17.43
CA VAL H 250 -60.88 -10.32 16.62
C VAL H 250 -60.35 -10.41 15.19
N HIS H 251 -61.27 -10.40 14.23
CA HIS H 251 -60.88 -10.42 12.83
C HIS H 251 -60.39 -9.02 12.44
N ILE H 252 -59.20 -8.96 11.84
CA ILE H 252 -58.66 -7.70 11.35
C ILE H 252 -59.19 -7.44 9.95
N PRO H 253 -59.40 -6.19 9.56
CA PRO H 253 -59.99 -5.91 8.26
C PRO H 253 -58.95 -5.91 7.15
N PHE H 254 -59.41 -5.58 5.94
CA PHE H 254 -58.60 -5.47 4.74
C PHE H 254 -57.84 -6.76 4.41
N PRO H 255 -58.51 -7.79 3.91
CA PRO H 255 -57.80 -9.01 3.51
C PRO H 255 -57.03 -8.84 2.21
N LEU H 256 -56.20 -9.80 1.84
CA LEU H 256 -55.34 -9.69 0.67
C LEU H 256 -56.01 -10.39 -0.51
N ASP H 257 -55.94 -9.77 -1.69
CA ASP H 257 -56.76 -10.20 -2.82
C ASP H 257 -56.01 -9.96 -4.13
N ASN H 258 -56.62 -10.43 -5.22
CA ASN H 258 -56.02 -10.35 -6.55
C ASN H 258 -56.55 -9.19 -7.37
N ILE H 259 -55.65 -8.52 -8.10
CA ILE H 259 -55.99 -7.52 -9.11
C ILE H 259 -55.00 -7.66 -10.25
N THR H 260 -55.08 -6.72 -11.20
CA THR H 260 -54.12 -6.62 -12.30
C THR H 260 -53.56 -5.21 -12.40
N CYS H 261 -52.27 -5.10 -12.68
CA CYS H 261 -51.58 -3.82 -12.90
C CYS H 261 -51.30 -3.59 -14.36
N ARG H 262 -51.35 -2.33 -14.78
CA ARG H 262 -50.94 -1.94 -16.11
C ARG H 262 -49.46 -1.59 -16.10
N VAL H 263 -48.67 -2.30 -16.90
CA VAL H 263 -47.23 -2.12 -16.96
C VAL H 263 -46.87 -1.68 -18.37
N PRO H 264 -45.79 -0.93 -18.57
CA PRO H 264 -45.45 -0.44 -19.91
C PRO H 264 -44.75 -1.48 -20.77
N MET H 265 -44.63 -1.14 -22.05
CA MET H 265 -43.92 -1.95 -23.04
C MET H 265 -42.66 -1.21 -23.46
N ALA H 266 -41.53 -1.89 -23.40
CA ALA H 266 -40.28 -1.27 -23.81
C ALA H 266 -40.25 -1.05 -25.33
N ARG H 267 -39.43 -0.10 -25.73
CA ARG H 267 -39.26 0.24 -27.14
C ARG H 267 -38.49 -0.84 -27.89
N GLU H 268 -38.82 -1.00 -29.16
CA GLU H 268 -38.13 -1.98 -29.98
C GLU H 268 -36.72 -1.49 -30.27
N PRO H 269 -35.70 -2.26 -29.91
CA PRO H 269 -34.32 -1.83 -30.15
C PRO H 269 -34.01 -1.83 -31.64
N THR H 270 -32.92 -1.14 -31.98
CA THR H 270 -32.48 -1.11 -33.37
C THR H 270 -31.56 -2.30 -33.62
N VAL H 271 -31.89 -3.10 -34.63
CA VAL H 271 -31.18 -4.35 -34.90
C VAL H 271 -30.34 -4.20 -36.16
N ILE H 272 -29.06 -4.55 -36.05
CA ILE H 272 -28.11 -4.48 -37.16
C ILE H 272 -27.53 -5.86 -37.36
N HIS H 273 -27.65 -6.39 -38.57
CA HIS H 273 -27.30 -7.78 -38.84
C HIS H 273 -25.84 -7.90 -39.26
N GLY H 274 -25.15 -8.85 -38.64
CA GLY H 274 -23.77 -9.11 -38.98
C GLY H 274 -23.57 -10.55 -39.36
N LYS H 275 -22.33 -11.02 -39.40
CA LYS H 275 -22.05 -12.42 -39.73
C LYS H 275 -22.09 -13.21 -38.43
N ARG H 276 -23.19 -13.94 -38.22
CA ARG H 276 -23.40 -14.72 -37.00
C ARG H 276 -23.42 -13.83 -35.77
N GLU H 277 -23.96 -12.62 -35.92
CA GLU H 277 -24.02 -11.64 -34.85
C GLU H 277 -25.21 -10.72 -35.07
N VAL H 278 -25.64 -10.09 -34.00
CA VAL H 278 -26.66 -9.04 -34.05
C VAL H 278 -26.20 -7.93 -33.13
N THR H 279 -26.31 -6.68 -33.57
CA THR H 279 -26.04 -5.55 -32.69
C THR H 279 -27.35 -4.81 -32.42
N LEU H 280 -27.67 -4.66 -31.13
CA LEU H 280 -28.93 -4.08 -30.69
C LEU H 280 -28.63 -2.75 -30.00
N HIS H 281 -29.29 -1.69 -30.46
CA HIS H 281 -29.26 -0.39 -29.80
C HIS H 281 -30.46 -0.29 -28.87
N LEU H 282 -30.20 -0.06 -27.58
CA LEU H 282 -31.18 -0.15 -26.51
C LEU H 282 -31.37 1.21 -25.84
N HIS H 283 -32.62 1.69 -25.80
CA HIS H 283 -32.98 3.00 -25.27
C HIS H 283 -34.08 2.86 -24.22
N PRO H 284 -33.73 2.82 -22.94
CA PRO H 284 -34.76 2.69 -21.89
C PRO H 284 -35.20 4.02 -21.31
N ASP H 285 -36.44 4.03 -20.81
CA ASP H 285 -36.96 5.15 -20.02
C ASP H 285 -36.71 5.00 -18.53
N HIS H 286 -36.42 3.78 -18.10
CA HIS H 286 -36.34 3.38 -16.70
C HIS H 286 -35.72 1.99 -16.66
N PRO H 287 -35.11 1.60 -15.54
CA PRO H 287 -34.38 0.33 -15.51
C PRO H 287 -35.19 -0.83 -16.05
N THR H 288 -34.75 -1.40 -17.15
CA THR H 288 -35.45 -2.49 -17.80
C THR H 288 -34.52 -3.68 -18.02
N LEU H 289 -35.06 -4.88 -17.88
CA LEU H 289 -34.26 -6.10 -17.86
C LEU H 289 -34.16 -6.68 -19.26
N PHE H 290 -32.93 -7.03 -19.65
CA PHE H 290 -32.64 -7.56 -20.96
C PHE H 290 -31.90 -8.88 -20.80
N SER H 291 -32.41 -9.93 -21.46
CA SER H 291 -31.78 -11.23 -21.36
C SER H 291 -31.76 -11.88 -22.73
N TYR H 292 -30.87 -12.84 -22.92
CA TYR H 292 -30.87 -13.59 -24.17
C TYR H 292 -30.30 -14.98 -23.94
N ARG H 293 -30.59 -15.87 -24.89
CA ARG H 293 -30.02 -17.21 -24.87
C ARG H 293 -29.93 -17.80 -26.27
N THR H 294 -28.91 -18.62 -26.45
CA THR H 294 -28.72 -19.38 -27.68
C THR H 294 -29.42 -20.72 -27.55
N LEU H 295 -30.37 -20.97 -28.44
CA LEU H 295 -31.25 -22.13 -28.33
C LEU H 295 -30.74 -23.34 -29.09
N GLY H 296 -29.50 -23.72 -28.81
CA GLY H 296 -28.94 -24.98 -29.22
C GLY H 296 -28.76 -25.94 -28.06
N GLU H 297 -27.83 -26.87 -28.24
CA GLU H 297 -27.61 -27.90 -27.22
C GLU H 297 -26.98 -27.32 -25.96
N ASP H 298 -25.96 -26.50 -26.10
CA ASP H 298 -25.29 -25.87 -24.97
C ASP H 298 -25.50 -24.36 -25.06
N PRO H 299 -26.44 -23.80 -24.31
CA PRO H 299 -26.83 -22.40 -24.53
C PRO H 299 -25.83 -21.42 -23.95
N GLN H 300 -25.94 -20.18 -24.43
CA GLN H 300 -25.17 -19.04 -23.94
C GLN H 300 -26.12 -18.06 -23.27
N TYR H 301 -26.25 -18.21 -21.96
CA TYR H 301 -27.10 -17.42 -21.08
C TYR H 301 -26.59 -16.01 -20.87
N HIS H 302 -27.52 -15.05 -20.70
CA HIS H 302 -27.12 -13.76 -20.15
C HIS H 302 -28.33 -12.94 -19.71
N GLU H 303 -28.22 -12.29 -18.54
CA GLU H 303 -29.21 -11.35 -18.02
C GLU H 303 -28.53 -10.07 -17.55
N GLU H 304 -29.26 -8.95 -17.64
CA GLU H 304 -28.70 -7.66 -17.25
C GLU H 304 -29.83 -6.67 -17.03
N TRP H 305 -29.60 -5.68 -16.16
CA TRP H 305 -30.56 -4.61 -15.87
C TRP H 305 -30.03 -3.34 -16.54
N VAL H 306 -30.56 -3.03 -17.73
CA VAL H 306 -30.09 -1.88 -18.48
C VAL H 306 -30.77 -0.62 -17.96
N THR H 307 -29.97 0.41 -17.64
CA THR H 307 -30.46 1.66 -17.09
C THR H 307 -30.19 2.86 -17.98
N ALA H 308 -29.15 2.83 -18.80
CA ALA H 308 -28.81 3.90 -19.72
C ALA H 308 -28.87 3.40 -21.15
N ALA H 309 -28.81 4.33 -22.10
CA ALA H 309 -28.85 3.99 -23.52
C ALA H 309 -27.55 3.30 -23.90
N VAL H 310 -27.63 2.04 -24.31
CA VAL H 310 -26.44 1.25 -24.58
C VAL H 310 -26.54 0.51 -25.90
N GLU H 311 -25.56 -0.35 -26.16
CA GLU H 311 -25.40 -1.04 -27.43
C GLU H 311 -24.76 -2.40 -27.18
N ARG H 312 -25.42 -3.47 -27.60
CA ARG H 312 -25.00 -4.82 -27.26
C ARG H 312 -24.80 -5.66 -28.52
N THR H 313 -23.83 -6.58 -28.46
CA THR H 313 -23.57 -7.50 -29.56
C THR H 313 -23.76 -8.93 -29.06
N ILE H 314 -24.62 -9.67 -29.73
CA ILE H 314 -25.01 -11.00 -29.25
C ILE H 314 -24.88 -11.99 -30.39
N PRO H 315 -24.44 -13.23 -30.11
CA PRO H 315 -24.20 -14.19 -31.19
C PRO H 315 -25.47 -14.89 -31.66
N VAL H 316 -25.54 -15.14 -32.96
CA VAL H 316 -26.69 -15.83 -33.54
C VAL H 316 -26.16 -16.98 -34.37
N PRO H 317 -25.99 -18.15 -33.80
CA PRO H 317 -25.48 -19.28 -34.59
C PRO H 317 -26.55 -19.85 -35.51
N VAL H 318 -26.24 -20.91 -36.26
CA VAL H 318 -27.24 -21.48 -37.15
C VAL H 318 -28.41 -22.07 -36.37
N ASP H 319 -28.18 -22.49 -35.13
CA ASP H 319 -29.26 -23.03 -34.30
C ASP H 319 -30.30 -21.98 -34.01
N GLY H 320 -29.89 -20.73 -33.84
CA GLY H 320 -30.78 -19.64 -33.50
C GLY H 320 -30.46 -19.02 -32.17
N MET H 321 -31.26 -18.01 -31.83
CA MET H 321 -31.07 -17.19 -30.64
C MET H 321 -32.43 -16.61 -30.27
N GLU H 322 -32.61 -16.24 -29.01
CA GLU H 322 -33.71 -15.33 -28.73
C GLU H 322 -33.31 -14.34 -27.65
N TYR H 323 -33.96 -13.19 -27.71
CA TYR H 323 -33.75 -12.13 -26.75
C TYR H 323 -35.08 -11.64 -26.21
N HIS H 324 -35.08 -11.31 -24.92
CA HIS H 324 -36.25 -10.82 -24.20
C HIS H 324 -35.89 -9.45 -23.63
N TRP H 325 -36.61 -8.43 -24.07
CA TRP H 325 -36.29 -7.04 -23.75
C TRP H 325 -37.49 -6.37 -23.10
N GLY H 326 -37.44 -6.19 -21.79
CA GLY H 326 -38.49 -5.48 -21.12
C GLY H 326 -39.69 -6.35 -20.87
N ASN H 327 -40.88 -5.79 -21.06
CA ASN H 327 -42.12 -6.53 -20.94
C ASN H 327 -42.60 -7.09 -22.26
N ASN H 328 -41.80 -6.98 -23.32
CA ASN H 328 -42.17 -7.50 -24.62
C ASN H 328 -42.11 -9.01 -24.67
N ASP H 329 -42.67 -9.59 -25.73
CA ASP H 329 -42.51 -11.01 -25.97
C ASP H 329 -41.12 -11.32 -26.49
N PRO H 330 -40.58 -12.48 -26.18
CA PRO H 330 -39.24 -12.83 -26.67
C PRO H 330 -39.23 -13.00 -28.17
N VAL H 331 -38.10 -12.65 -28.78
CA VAL H 331 -37.95 -12.63 -30.24
C VAL H 331 -36.82 -13.58 -30.63
N ARG H 332 -37.11 -14.46 -31.58
CA ARG H 332 -36.17 -15.48 -32.03
C ARG H 332 -35.60 -15.11 -33.40
N LEU H 333 -34.31 -15.36 -33.58
CA LEU H 333 -33.62 -15.02 -34.81
C LEU H 333 -32.67 -16.15 -35.19
N TRP H 334 -32.62 -16.47 -36.48
CA TRP H 334 -31.83 -17.60 -36.98
C TRP H 334 -30.83 -17.10 -38.00
N SER H 335 -29.61 -17.59 -37.93
CA SER H 335 -28.60 -17.26 -38.91
C SER H 335 -28.75 -18.14 -40.15
N GLN H 336 -28.05 -17.78 -41.20
CA GLN H 336 -28.25 -18.40 -42.51
C GLN H 336 -26.89 -18.75 -43.08
N LEU H 337 -26.83 -19.85 -43.84
CA LEU H 337 -25.55 -20.43 -44.27
C LEU H 337 -24.91 -19.53 -45.33
N THR H 338 -24.40 -18.40 -44.88
CA THR H 338 -23.81 -17.43 -45.78
C THR H 338 -22.31 -17.36 -45.53
N THR H 339 -21.57 -17.09 -46.60
CA THR H 339 -20.12 -17.16 -46.58
C THR H 339 -19.58 -16.23 -47.65
N GLU H 340 -18.25 -16.20 -47.78
CA GLU H 340 -17.60 -15.25 -48.68
C GLU H 340 -16.80 -15.88 -49.81
N GLY H 341 -16.44 -17.15 -49.72
CA GLY H 341 -15.80 -17.81 -50.83
C GLY H 341 -16.78 -18.01 -51.96
N LYS H 342 -16.25 -18.38 -53.12
CA LYS H 342 -17.07 -18.58 -54.31
C LYS H 342 -16.99 -20.03 -54.75
N PRO H 343 -18.06 -20.82 -54.57
CA PRO H 343 -18.00 -22.23 -54.95
C PRO H 343 -18.05 -22.39 -56.46
N HIS H 344 -17.82 -23.62 -56.90
CA HIS H 344 -17.93 -23.99 -58.30
C HIS H 344 -16.97 -23.17 -59.17
N GLY H 345 -15.85 -22.78 -58.57
CA GLY H 345 -14.84 -22.02 -59.27
C GLY H 345 -13.49 -22.71 -59.21
N TRP H 346 -12.43 -21.95 -59.08
CA TRP H 346 -11.10 -22.54 -59.02
C TRP H 346 -10.94 -23.27 -57.69
N PRO H 347 -10.00 -24.22 -57.61
CA PRO H 347 -9.81 -24.94 -56.35
C PRO H 347 -9.45 -24.04 -55.18
N HIS H 348 -8.85 -22.88 -55.41
CA HIS H 348 -8.50 -22.01 -54.30
C HIS H 348 -9.68 -21.17 -53.82
N GLN H 349 -10.78 -21.15 -54.55
CA GLN H 349 -11.99 -20.49 -54.08
C GLN H 349 -12.96 -21.44 -53.38
N ILE H 350 -12.95 -22.73 -53.73
CA ILE H 350 -13.76 -23.70 -53.00
C ILE H 350 -13.30 -23.80 -51.56
N VAL H 351 -11.99 -23.76 -51.34
CA VAL H 351 -11.47 -23.83 -49.97
C VAL H 351 -11.86 -22.58 -49.19
N GLN H 352 -11.85 -21.41 -49.83
CA GLN H 352 -12.35 -20.21 -49.17
C GLN H 352 -13.82 -20.36 -48.81
N TYR H 353 -14.61 -20.91 -49.73
CA TYR H 353 -16.04 -21.07 -49.49
C TYR H 353 -16.29 -21.99 -48.30
N TYR H 354 -15.56 -23.09 -48.23
CA TYR H 354 -15.75 -24.05 -47.16
C TYR H 354 -15.01 -23.65 -45.89
N TYR H 355 -14.19 -22.61 -45.94
CA TYR H 355 -13.63 -22.01 -44.74
C TYR H 355 -14.53 -20.93 -44.15
N GLY H 356 -15.26 -20.21 -45.00
CA GLY H 356 -16.18 -19.22 -44.47
C GLY H 356 -17.20 -19.82 -43.53
N LEU H 357 -17.75 -20.96 -43.91
CA LEU H 357 -18.62 -21.73 -43.03
C LEU H 357 -17.94 -23.05 -42.69
N TYR H 358 -17.93 -23.39 -41.41
CA TYR H 358 -17.11 -24.45 -40.79
C TYR H 358 -15.63 -24.13 -40.88
N PRO H 359 -15.14 -23.08 -40.19
CA PRO H 359 -13.71 -22.74 -40.31
C PRO H 359 -12.82 -23.48 -39.37
N ALA H 360 -13.12 -24.76 -39.11
CA ALA H 360 -12.31 -25.56 -38.19
C ALA H 360 -11.96 -26.91 -38.74
N ALA H 361 -12.84 -27.53 -39.53
CA ALA H 361 -12.56 -28.80 -40.16
C ALA H 361 -12.03 -28.63 -41.57
N THR H 362 -12.26 -27.47 -42.20
CA THR H 362 -11.75 -27.24 -43.54
C THR H 362 -10.23 -27.24 -43.56
N VAL H 363 -9.61 -26.51 -42.63
CA VAL H 363 -8.15 -26.46 -42.58
C VAL H 363 -7.59 -27.85 -42.27
N SER H 364 -8.23 -28.58 -41.36
CA SER H 364 -7.76 -29.90 -41.01
C SER H 364 -7.82 -30.85 -42.21
N ALA H 365 -8.93 -30.84 -42.93
CA ALA H 365 -9.07 -31.70 -44.10
C ALA H 365 -8.09 -31.32 -45.20
N VAL H 366 -7.88 -30.02 -45.44
CA VAL H 366 -6.96 -29.60 -46.49
C VAL H 366 -5.53 -29.99 -46.13
N VAL H 367 -5.14 -29.81 -44.87
CA VAL H 367 -3.80 -30.23 -44.45
C VAL H 367 -3.63 -31.73 -44.61
N GLY H 368 -4.64 -32.51 -44.21
CA GLY H 368 -4.53 -33.96 -44.36
C GLY H 368 -4.38 -34.38 -45.81
N MET H 369 -5.21 -33.81 -46.69
CA MET H 369 -5.14 -34.16 -48.10
C MET H 369 -3.80 -33.76 -48.71
N SER H 370 -3.32 -32.55 -48.40
CA SER H 370 -2.05 -32.10 -48.95
C SER H 370 -0.90 -32.98 -48.48
N LEU H 371 -0.90 -33.33 -47.20
CA LEU H 371 0.14 -34.21 -46.66
C LEU H 371 0.11 -35.57 -47.34
N LEU H 372 -1.09 -36.12 -47.54
CA LEU H 372 -1.19 -37.43 -48.18
C LEU H 372 -0.67 -37.37 -49.62
N ALA H 373 -1.02 -36.32 -50.35
CA ALA H 373 -0.51 -36.18 -51.71
C ALA H 373 1.00 -36.07 -51.74
N LEU H 374 1.58 -35.30 -50.79
CA LEU H 374 3.03 -35.17 -50.73
C LEU H 374 3.70 -36.51 -50.46
N ILE H 375 3.15 -37.29 -49.53
CA ILE H 375 3.72 -38.60 -49.26
C ILE H 375 3.67 -39.47 -50.51
N SER H 376 2.54 -39.46 -51.21
CA SER H 376 2.43 -40.28 -52.41
C SER H 376 3.44 -39.89 -53.47
N ILE H 377 3.59 -38.59 -53.72
CA ILE H 377 4.50 -38.16 -54.78
C ILE H 377 5.94 -38.44 -54.41
N PHE H 378 6.30 -38.27 -53.13
CA PHE H 378 7.65 -38.58 -52.71
C PHE H 378 7.95 -40.07 -52.85
N ALA H 379 6.98 -40.92 -52.49
CA ALA H 379 7.18 -42.36 -52.64
C ALA H 379 7.36 -42.76 -54.11
N SER H 380 6.56 -42.17 -55.00
CA SER H 380 6.70 -42.49 -56.41
C SER H 380 8.07 -42.09 -56.95
N CYS H 381 8.52 -40.87 -56.63
CA CYS H 381 9.82 -40.42 -57.10
C CYS H 381 10.93 -41.29 -56.52
N TYR H 382 10.78 -41.69 -55.25
CA TYR H 382 11.75 -42.59 -54.63
C TYR H 382 11.83 -43.91 -55.36
N MET H 383 10.68 -44.45 -55.76
CA MET H 383 10.67 -45.74 -56.44
C MET H 383 11.35 -45.64 -57.80
N LEU H 384 11.12 -44.55 -58.54
CA LEU H 384 11.85 -44.37 -59.79
C LEU H 384 13.36 -44.29 -59.55
N VAL H 385 13.78 -43.54 -58.52
CA VAL H 385 15.21 -43.41 -58.25
C VAL H 385 15.83 -44.77 -57.94
N ALA H 386 15.15 -45.54 -57.08
CA ALA H 386 15.67 -46.86 -56.72
C ALA H 386 15.74 -47.78 -57.93
N ALA H 387 14.71 -47.76 -58.78
CA ALA H 387 14.73 -48.62 -59.96
C ALA H 387 15.88 -48.26 -60.90
N ARG H 388 16.10 -46.95 -61.12
CA ARG H 388 17.18 -46.56 -62.01
C ARG H 388 18.54 -46.95 -61.44
N SER H 389 18.73 -46.78 -60.12
CA SER H 389 19.98 -47.20 -59.51
C SER H 389 20.17 -48.71 -59.64
N LYS H 390 19.11 -49.48 -59.44
CA LYS H 390 19.20 -50.93 -59.56
C LYS H 390 19.57 -51.34 -60.98
N CYS H 391 18.97 -50.71 -61.98
CA CYS H 391 19.22 -51.08 -63.36
C CYS H 391 20.54 -50.55 -63.91
N LEU H 392 21.12 -49.53 -63.27
CA LEU H 392 22.40 -49.01 -63.73
C LEU H 392 23.60 -49.54 -62.96
N THR H 393 23.42 -50.09 -61.76
CA THR H 393 24.59 -50.55 -61.03
C THR H 393 25.31 -51.76 -61.64
N PRO H 394 24.65 -52.70 -62.34
CA PRO H 394 25.43 -53.80 -62.93
C PRO H 394 26.30 -53.36 -64.08
N TYR H 395 25.77 -52.57 -65.01
CA TYR H 395 26.54 -52.09 -66.14
C TYR H 395 27.63 -51.12 -65.73
N ALA H 396 27.61 -50.66 -64.48
CA ALA H 396 28.56 -49.67 -64.00
C ALA H 396 29.74 -50.29 -63.27
N LEU H 397 29.82 -51.62 -63.23
CA LEU H 397 31.00 -52.31 -62.72
C LEU H 397 31.93 -52.77 -63.83
N THR H 398 31.59 -52.52 -65.09
CA THR H 398 32.44 -52.84 -66.22
C THR H 398 32.47 -51.66 -67.18
N PRO H 399 33.61 -51.44 -67.84
CA PRO H 399 33.68 -50.40 -68.87
C PRO H 399 32.93 -50.82 -70.12
N GLY H 400 31.61 -50.63 -70.13
CA GLY H 400 30.78 -51.05 -71.22
C GLY H 400 30.06 -49.92 -71.93
N ALA H 401 29.44 -50.27 -73.05
CA ALA H 401 28.70 -49.31 -73.85
C ALA H 401 27.39 -48.94 -73.17
N ALA H 402 26.95 -47.72 -73.41
CA ALA H 402 25.70 -47.24 -72.83
C ALA H 402 24.49 -47.68 -73.62
N VAL H 403 24.68 -48.38 -74.74
CA VAL H 403 23.57 -48.84 -75.58
C VAL H 403 22.77 -47.61 -76.01
N PRO H 404 23.27 -46.80 -76.95
CA PRO H 404 22.59 -45.54 -77.32
C PRO H 404 21.07 -45.62 -77.39
N TRP H 405 20.52 -46.79 -77.73
CA TRP H 405 19.07 -46.99 -77.60
C TRP H 405 18.64 -46.93 -76.13
N THR H 406 19.44 -47.51 -75.23
CA THR H 406 19.18 -47.35 -73.80
C THR H 406 19.59 -45.98 -73.29
N LEU H 407 20.70 -45.44 -73.81
CA LEU H 407 21.19 -44.15 -73.32
C LEU H 407 20.22 -43.02 -73.66
N GLY H 408 19.62 -43.06 -74.85
CA GLY H 408 18.62 -42.07 -75.21
C GLY H 408 17.34 -42.18 -74.40
N ILE H 409 16.87 -43.41 -74.18
CA ILE H 409 15.58 -43.60 -73.51
C ILE H 409 15.68 -43.23 -72.03
N LEU H 410 16.75 -43.67 -71.37
CA LEU H 410 16.96 -43.39 -69.95
C LEU H 410 18.04 -42.33 -69.80
N CYS H 411 17.73 -41.28 -69.04
CA CYS H 411 18.69 -40.21 -68.78
C CYS H 411 19.59 -40.64 -67.62
N CYS H 412 20.74 -41.21 -67.94
CA CYS H 412 21.72 -41.60 -66.94
C CYS H 412 22.76 -40.50 -66.77
N ALA H 413 23.78 -40.78 -65.96
CA ALA H 413 24.81 -39.79 -65.71
C ALA H 413 25.62 -39.41 -66.95
N PRO H 414 26.15 -40.37 -67.75
CA PRO H 414 26.91 -39.98 -68.96
C PRO H 414 25.98 -39.69 -70.12
N ARG H 415 25.88 -38.41 -70.51
CA ARG H 415 24.98 -38.03 -71.59
C ARG H 415 25.45 -38.59 -72.93
N ALA H 416 26.72 -38.38 -73.27
CA ALA H 416 27.28 -38.89 -74.51
C ALA H 416 28.62 -39.61 -74.33
N HIS H 417 29.25 -39.49 -73.16
CA HIS H 417 30.52 -40.15 -72.87
C HIS H 417 30.27 -41.62 -72.59
N ALA H 418 30.55 -42.46 -73.58
CA ALA H 418 30.47 -43.91 -73.46
C ALA H 418 29.09 -44.38 -73.00
N HIS I 1 -59.70 45.96 -27.26
CA HIS I 1 -59.40 45.17 -26.08
C HIS I 1 -58.69 43.87 -26.46
N PHE I 2 -59.27 43.16 -27.42
CA PHE I 2 -58.70 41.94 -28.01
C PHE I 2 -58.49 40.85 -26.96
N ASN I 3 -59.60 40.32 -26.48
CA ASN I 3 -59.60 39.13 -25.64
C ASN I 3 -59.55 37.91 -26.53
N VAL I 4 -58.43 37.20 -26.52
CA VAL I 4 -58.31 36.01 -27.37
C VAL I 4 -59.05 34.83 -26.76
N TYR I 5 -59.36 34.87 -25.48
CA TYR I 5 -59.96 33.75 -24.78
C TYR I 5 -61.48 33.77 -24.80
N LYS I 6 -62.10 34.71 -25.51
CA LYS I 6 -63.54 34.66 -25.65
C LYS I 6 -63.99 33.55 -26.58
N ALA I 7 -63.08 32.93 -27.33
CA ALA I 7 -63.39 31.87 -28.26
C ALA I 7 -62.72 30.56 -27.90
N THR I 8 -62.38 30.36 -26.63
CA THR I 8 -61.71 29.15 -26.21
C THR I 8 -62.19 28.77 -24.82
N ARG I 9 -62.37 27.46 -24.59
CA ARG I 9 -62.82 27.02 -23.29
C ARG I 9 -61.92 25.88 -22.82
N PRO I 10 -61.89 25.59 -21.51
CA PRO I 10 -61.14 24.42 -21.06
C PRO I 10 -61.80 23.14 -21.51
N TYR I 11 -61.21 22.00 -21.18
CA TYR I 11 -61.76 20.72 -21.59
C TYR I 11 -61.41 19.67 -20.56
N ILE I 12 -62.03 18.51 -20.69
CA ILE I 12 -61.90 17.40 -19.77
C ILE I 12 -61.30 16.22 -20.54
N ALA I 13 -60.22 15.65 -20.01
CA ALA I 13 -59.48 14.63 -20.74
C ALA I 13 -58.98 13.55 -19.78
N TYR I 14 -58.50 12.45 -20.35
CA TYR I 14 -58.16 11.27 -19.57
C TYR I 14 -56.78 11.37 -18.96
N CYS I 15 -56.67 11.09 -17.66
CA CYS I 15 -55.41 11.10 -16.93
C CYS I 15 -55.14 9.71 -16.37
N ALA I 16 -53.91 9.22 -16.55
CA ALA I 16 -53.62 7.81 -16.31
C ALA I 16 -53.75 7.44 -14.84
N ASP I 17 -53.28 8.31 -13.94
CA ASP I 17 -53.69 8.18 -12.55
C ASP I 17 -53.84 9.57 -11.96
N CYS I 18 -54.88 9.75 -11.16
CA CYS I 18 -55.24 11.06 -10.61
C CYS I 18 -54.78 11.20 -9.17
N GLY I 19 -53.58 10.71 -8.86
CA GLY I 19 -53.00 10.87 -7.55
C GLY I 19 -53.14 9.69 -6.62
N ALA I 20 -54.01 8.74 -6.94
CA ALA I 20 -54.22 7.57 -6.09
C ALA I 20 -53.82 6.28 -6.77
N GLY I 21 -53.46 6.30 -8.05
CA GLY I 21 -53.20 5.08 -8.78
C GLY I 21 -54.35 4.61 -9.64
N HIS I 22 -55.39 5.41 -9.80
CA HIS I 22 -56.55 5.06 -10.60
C HIS I 22 -56.78 6.15 -11.64
N SER I 23 -57.31 5.73 -12.79
CA SER I 23 -57.49 6.61 -13.93
C SER I 23 -58.91 7.16 -13.95
N CYS I 24 -59.04 8.44 -14.26
CA CYS I 24 -60.36 9.02 -14.47
C CYS I 24 -60.22 10.25 -15.35
N HIS I 25 -61.33 10.64 -15.96
CA HIS I 25 -61.35 11.82 -16.83
C HIS I 25 -61.31 13.07 -15.96
N SER I 26 -60.20 13.78 -15.99
CA SER I 26 -59.96 14.90 -15.12
C SER I 26 -60.04 16.21 -15.90
N PRO I 27 -60.38 17.31 -15.22
CA PRO I 27 -60.34 18.64 -15.83
C PRO I 27 -59.00 19.34 -15.71
N VAL I 28 -58.00 18.66 -15.17
CA VAL I 28 -56.68 19.21 -14.92
C VAL I 28 -55.67 18.28 -15.59
N ALA I 29 -56.10 17.67 -16.70
CA ALA I 29 -55.24 16.74 -17.43
C ALA I 29 -53.99 17.44 -17.95
N ILE I 30 -52.91 16.70 -18.01
CA ILE I 30 -51.59 17.27 -18.27
C ILE I 30 -51.06 16.78 -19.61
N GLU I 31 -50.76 17.72 -20.49
CA GLU I 31 -50.17 17.49 -21.80
C GLU I 31 -48.66 17.65 -21.70
N ALA I 32 -48.01 17.90 -22.84
CA ALA I 32 -46.55 17.94 -22.89
C ALA I 32 -45.94 18.84 -21.83
N VAL I 33 -44.74 18.48 -21.39
CA VAL I 33 -43.89 19.32 -20.54
C VAL I 33 -42.65 19.69 -21.34
N ARG I 34 -42.37 20.99 -21.45
CA ARG I 34 -41.24 21.49 -22.21
C ARG I 34 -40.13 21.96 -21.27
N SER I 35 -38.90 21.58 -21.59
CA SER I 35 -37.76 21.86 -20.72
C SER I 35 -36.58 22.38 -21.52
N GLU I 36 -36.81 23.38 -22.37
CA GLU I 36 -35.80 23.87 -23.29
C GLU I 36 -34.93 24.97 -22.70
N ALA I 37 -35.17 25.38 -21.46
CA ALA I 37 -34.44 26.48 -20.84
C ALA I 37 -33.25 25.92 -20.06
N THR I 38 -32.10 26.57 -20.20
CA THR I 38 -30.87 26.02 -19.65
C THR I 38 -30.84 26.14 -18.13
N ASP I 39 -31.60 27.08 -17.56
CA ASP I 39 -31.54 27.28 -16.13
C ASP I 39 -32.45 26.33 -15.33
N GLY I 40 -33.31 25.57 -15.99
CA GLY I 40 -34.12 24.58 -15.31
C GLY I 40 -35.56 24.98 -15.08
N MET I 41 -36.14 25.65 -16.06
CA MET I 41 -37.51 26.14 -16.02
C MET I 41 -38.38 25.20 -16.85
N LEU I 42 -39.55 24.84 -16.33
CA LEU I 42 -40.47 23.96 -17.03
C LEU I 42 -41.69 24.72 -17.54
N LYS I 43 -42.36 24.17 -18.56
CA LYS I 43 -43.62 24.69 -19.07
C LYS I 43 -44.64 23.56 -19.13
N ILE I 44 -45.43 23.42 -18.06
CA ILE I 44 -46.47 22.42 -18.02
C ILE I 44 -47.69 22.93 -18.75
N GLN I 45 -48.44 22.03 -19.38
CA GLN I 45 -49.67 22.37 -20.10
C GLN I 45 -50.85 21.63 -19.49
N PHE I 46 -51.82 22.36 -18.97
CA PHE I 46 -53.04 21.75 -18.43
C PHE I 46 -54.05 21.38 -19.51
N SER I 47 -55.25 21.09 -19.02
CA SER I 47 -56.49 21.24 -19.74
C SER I 47 -57.31 22.43 -19.27
N ALA I 48 -56.95 23.04 -18.15
CA ALA I 48 -57.72 24.10 -17.52
C ALA I 48 -57.02 25.42 -17.73
N GLN I 49 -57.75 26.44 -18.17
CA GLN I 49 -57.15 27.74 -18.39
C GLN I 49 -57.21 28.58 -17.13
N ILE I 50 -56.08 29.19 -16.78
CA ILE I 50 -55.90 29.77 -15.47
C ILE I 50 -55.52 31.24 -15.58
N GLY I 51 -56.23 32.06 -14.80
CA GLY I 51 -56.20 33.49 -14.93
C GLY I 51 -57.42 34.11 -15.59
N ILE I 52 -58.52 33.37 -15.72
CA ILE I 52 -59.71 33.84 -16.43
C ILE I 52 -60.95 33.35 -15.69
N ASP I 53 -61.98 34.18 -15.63
CA ASP I 53 -63.23 33.79 -14.98
C ASP I 53 -64.22 33.25 -16.02
N LYS I 54 -65.47 33.04 -15.58
CA LYS I 54 -66.50 32.52 -16.48
C LYS I 54 -66.80 33.48 -17.62
N SER I 55 -66.88 34.78 -17.31
CA SER I 55 -67.38 35.78 -18.25
C SER I 55 -66.27 36.33 -19.14
N ASP I 56 -65.21 35.55 -19.35
CA ASP I 56 -64.14 35.88 -20.28
C ASP I 56 -63.45 37.19 -19.90
N ASN I 57 -63.32 37.44 -18.60
CA ASN I 57 -62.67 38.62 -18.09
C ASN I 57 -61.37 38.23 -17.41
N HIS I 58 -60.31 38.99 -17.67
CA HIS I 58 -59.02 38.66 -17.09
C HIS I 58 -59.05 38.90 -15.59
N ASP I 59 -58.61 37.90 -14.84
CA ASP I 59 -58.59 37.98 -13.39
C ASP I 59 -57.36 37.25 -12.87
N TYR I 60 -56.82 37.76 -11.76
CA TYR I 60 -55.63 37.18 -11.17
C TYR I 60 -55.94 36.03 -10.22
N THR I 61 -57.20 35.85 -9.86
CA THR I 61 -57.57 34.99 -8.75
C THR I 61 -58.46 33.82 -9.15
N LYS I 62 -59.41 34.03 -10.04
CA LYS I 62 -60.24 32.96 -10.54
C LYS I 62 -59.49 32.26 -11.67
N ILE I 63 -59.60 30.95 -11.74
CA ILE I 63 -59.08 30.20 -12.87
C ILE I 63 -60.14 29.22 -13.33
N ARG I 64 -60.33 29.16 -14.64
CA ARG I 64 -61.47 28.58 -15.30
C ARG I 64 -61.24 27.10 -15.61
N TYR I 65 -62.24 26.28 -15.34
CA TYR I 65 -62.08 24.86 -15.68
C TYR I 65 -63.45 24.28 -16.01
N ALA I 66 -63.43 23.10 -16.63
CA ALA I 66 -64.63 22.46 -17.15
C ALA I 66 -65.12 21.38 -16.21
N ASP I 67 -66.44 21.26 -16.09
CA ASP I 67 -67.03 20.19 -15.28
C ASP I 67 -68.36 19.82 -15.92
N GLY I 68 -68.35 18.77 -16.75
CA GLY I 68 -69.56 18.30 -17.39
C GLY I 68 -70.20 19.32 -18.29
N HIS I 69 -69.50 19.72 -19.35
CA HIS I 69 -69.93 20.77 -20.28
C HIS I 69 -70.58 21.95 -19.55
N ALA I 70 -69.98 22.34 -18.43
CA ALA I 70 -70.29 23.59 -17.73
C ALA I 70 -69.01 24.10 -17.10
N ILE I 71 -68.81 25.41 -17.15
CA ILE I 71 -67.56 26.02 -16.74
C ILE I 71 -67.70 26.54 -15.31
N GLU I 72 -66.73 26.23 -14.46
CA GLU I 72 -66.68 26.76 -13.10
C GLU I 72 -65.35 27.47 -12.85
N ASN I 73 -65.26 28.11 -11.69
CA ASN I 73 -64.10 28.88 -11.27
C ASN I 73 -63.51 28.24 -10.04
N ALA I 74 -62.18 28.20 -9.97
CA ALA I 74 -61.47 27.81 -8.77
C ALA I 74 -60.46 28.89 -8.43
N VAL I 75 -60.19 29.09 -7.14
CA VAL I 75 -59.26 30.12 -6.74
C VAL I 75 -57.88 29.84 -7.34
N ARG I 76 -57.18 30.91 -7.72
CA ARG I 76 -55.82 30.76 -8.23
C ARG I 76 -54.89 30.23 -7.15
N SER I 77 -55.13 30.57 -5.90
CA SER I 77 -54.48 29.86 -4.84
C SER I 77 -54.89 28.39 -4.90
N SER I 78 -54.13 27.55 -4.20
CA SER I 78 -54.30 26.09 -4.21
C SER I 78 -53.92 25.46 -5.54
N LEU I 79 -53.49 26.23 -6.54
CA LEU I 79 -52.80 25.63 -7.68
C LEU I 79 -51.46 25.14 -7.18
N LYS I 80 -51.27 23.83 -7.16
CA LYS I 80 -50.08 23.26 -6.53
C LYS I 80 -49.45 22.26 -7.48
N VAL I 81 -48.23 22.58 -7.91
CA VAL I 81 -47.42 21.73 -8.78
C VAL I 81 -46.29 21.13 -7.94
N ALA I 82 -45.99 19.85 -8.16
CA ALA I 82 -45.01 19.19 -7.32
C ALA I 82 -44.32 18.07 -8.07
N THR I 83 -43.16 17.69 -7.55
CA THR I 83 -42.36 16.56 -8.03
C THR I 83 -41.96 15.85 -6.74
N SER I 84 -40.85 15.14 -6.78
CA SER I 84 -40.27 14.57 -5.57
C SER I 84 -40.43 15.46 -4.34
N GLY I 85 -40.29 16.78 -4.51
CA GLY I 85 -40.53 17.71 -3.44
C GLY I 85 -41.70 18.64 -3.72
N ASP I 86 -41.43 19.94 -3.75
CA ASP I 86 -42.48 20.92 -4.00
C ASP I 86 -41.87 22.09 -4.77
N CYS I 87 -42.58 22.58 -5.78
CA CYS I 87 -42.03 23.51 -6.74
C CYS I 87 -42.43 24.95 -6.44
N PHE I 88 -41.76 25.89 -7.11
CA PHE I 88 -42.06 27.30 -7.08
C PHE I 88 -42.67 27.69 -8.41
N VAL I 89 -43.85 28.31 -8.38
CA VAL I 89 -44.56 28.68 -9.60
C VAL I 89 -44.19 30.10 -9.96
N HIS I 90 -43.67 30.30 -11.17
CA HIS I 90 -43.23 31.62 -11.61
C HIS I 90 -44.26 32.29 -12.50
N GLY I 91 -44.75 31.58 -13.52
CA GLY I 91 -45.67 32.13 -14.48
C GLY I 91 -47.01 31.41 -14.47
N THR I 92 -48.01 32.09 -15.03
CA THR I 92 -49.37 31.58 -15.06
C THR I 92 -50.22 32.30 -16.11
N MET I 93 -50.56 31.61 -17.19
CA MET I 93 -51.45 32.20 -18.20
C MET I 93 -52.00 31.09 -19.06
N GLY I 94 -53.32 31.07 -19.24
CA GLY I 94 -53.92 30.10 -20.14
C GLY I 94 -53.68 28.68 -19.68
N HIS I 95 -53.24 27.85 -20.62
CA HIS I 95 -52.99 26.43 -20.37
C HIS I 95 -51.65 26.18 -19.69
N PHE I 96 -50.79 27.19 -19.61
CA PHE I 96 -49.37 27.00 -19.32
C PHE I 96 -49.01 27.52 -17.93
N ILE I 97 -48.05 26.85 -17.29
CA ILE I 97 -47.46 27.31 -16.05
C ILE I 97 -45.96 27.09 -16.10
N LEU I 98 -45.22 28.04 -15.52
CA LEU I 98 -43.77 27.97 -15.38
C LEU I 98 -43.45 27.57 -13.95
N ALA I 99 -42.60 26.57 -13.78
CA ALA I 99 -42.23 26.16 -12.43
C ALA I 99 -40.77 25.73 -12.43
N LYS I 100 -40.14 25.84 -11.26
CA LYS I 100 -38.80 25.35 -11.04
C LYS I 100 -38.84 24.33 -9.93
N CYS I 101 -38.41 23.11 -10.21
CA CYS I 101 -38.68 21.98 -9.34
C CYS I 101 -37.41 21.28 -8.91
N PRO I 102 -37.44 20.59 -7.77
CA PRO I 102 -36.33 19.72 -7.39
C PRO I 102 -36.30 18.48 -8.24
N PRO I 103 -35.15 17.81 -8.33
CA PRO I 103 -35.09 16.58 -9.13
C PRO I 103 -36.04 15.51 -8.60
N GLY I 104 -36.62 14.76 -9.52
CA GLY I 104 -37.57 13.72 -9.15
C GLY I 104 -37.94 12.90 -10.36
N GLU I 105 -38.79 11.90 -10.13
CA GLU I 105 -39.15 10.93 -11.15
C GLU I 105 -40.60 11.04 -11.60
N PHE I 106 -41.32 12.08 -11.19
CA PHE I 106 -42.67 12.32 -11.67
C PHE I 106 -42.99 13.80 -11.45
N LEU I 107 -44.20 14.19 -11.82
CA LEU I 107 -44.73 15.46 -11.34
C LEU I 107 -46.25 15.44 -11.44
N GLN I 108 -46.91 16.11 -10.49
CA GLN I 108 -48.34 16.27 -10.56
C GLN I 108 -48.73 17.72 -10.40
N VAL I 109 -49.87 18.06 -10.97
CA VAL I 109 -50.50 19.36 -10.81
C VAL I 109 -51.89 19.15 -10.23
N SER I 110 -52.28 19.99 -9.27
CA SER I 110 -53.54 19.78 -8.59
C SER I 110 -54.16 21.13 -8.21
N ILE I 111 -55.47 21.09 -7.96
CA ILE I 111 -56.19 22.29 -7.54
C ILE I 111 -57.48 21.88 -6.83
N GLN I 112 -57.99 22.78 -6.00
CA GLN I 112 -59.27 22.57 -5.34
C GLN I 112 -60.42 22.70 -6.33
N ASP I 113 -61.51 21.98 -6.07
CA ASP I 113 -62.69 22.02 -6.92
C ASP I 113 -63.56 23.21 -6.52
N THR I 114 -64.71 23.36 -7.18
CA THR I 114 -65.67 24.37 -6.73
C THR I 114 -66.37 23.91 -5.47
N ARG I 115 -66.49 22.60 -5.27
CA ARG I 115 -67.00 22.04 -4.03
C ARG I 115 -65.89 21.72 -3.05
N ASN I 116 -64.74 22.36 -3.22
CA ASN I 116 -63.61 22.23 -2.30
C ASN I 116 -63.14 20.77 -2.22
N ALA I 117 -62.88 20.18 -3.39
CA ALA I 117 -62.28 18.86 -3.50
C ALA I 117 -61.01 18.96 -4.31
N VAL I 118 -60.01 18.15 -3.97
CA VAL I 118 -58.72 18.23 -4.65
C VAL I 118 -58.76 17.36 -5.90
N ARG I 119 -58.35 17.95 -7.03
CA ARG I 119 -58.28 17.27 -8.31
C ARG I 119 -56.83 17.33 -8.76
N ALA I 120 -56.25 16.18 -9.08
CA ALA I 120 -54.83 16.08 -9.36
C ALA I 120 -54.59 15.22 -10.59
N CYS I 121 -53.46 15.46 -11.25
CA CYS I 121 -53.01 14.59 -12.33
C CYS I 121 -51.50 14.49 -12.28
N ARG I 122 -50.99 13.28 -12.44
CA ARG I 122 -49.59 12.95 -12.20
C ARG I 122 -49.03 12.19 -13.40
N ILE I 123 -47.83 12.54 -13.85
CA ILE I 123 -47.17 11.86 -14.95
C ILE I 123 -45.75 11.50 -14.56
N GLN I 124 -45.19 10.53 -15.28
CA GLN I 124 -43.80 10.14 -15.10
C GLN I 124 -42.91 11.04 -15.93
N TYR I 125 -41.99 11.73 -15.26
CA TYR I 125 -41.13 12.69 -15.92
C TYR I 125 -39.80 12.67 -15.19
N HIS I 126 -38.71 12.40 -15.91
CA HIS I 126 -37.38 12.34 -15.31
C HIS I 126 -36.79 13.74 -15.32
N HIS I 127 -36.72 14.35 -14.16
CA HIS I 127 -36.21 15.71 -14.02
C HIS I 127 -34.85 15.67 -13.34
N ASP I 128 -33.84 16.15 -14.03
CA ASP I 128 -32.48 16.21 -13.52
C ASP I 128 -31.75 17.38 -14.14
N PRO I 129 -31.96 18.60 -13.66
CA PRO I 129 -31.34 19.76 -14.28
C PRO I 129 -29.87 19.89 -13.89
N GLN I 130 -29.09 20.46 -14.81
CA GLN I 130 -27.69 20.75 -14.54
C GLN I 130 -27.41 22.17 -14.98
N PRO I 131 -26.69 22.95 -14.18
CA PRO I 131 -26.44 24.35 -14.53
C PRO I 131 -25.47 24.49 -15.68
N VAL I 132 -25.46 25.69 -16.27
CA VAL I 132 -24.56 25.97 -17.37
C VAL I 132 -23.19 26.33 -16.82
N GLY I 133 -22.15 25.66 -17.34
CA GLY I 133 -20.80 25.87 -16.86
C GLY I 133 -20.04 24.57 -16.75
N ARG I 134 -19.08 24.54 -15.83
CA ARG I 134 -18.25 23.38 -15.61
C ARG I 134 -18.30 22.90 -14.17
N GLU I 135 -19.22 23.43 -13.37
CA GLU I 135 -19.46 22.97 -12.00
C GLU I 135 -20.95 22.67 -11.84
N LYS I 136 -21.25 21.62 -11.07
CA LYS I 136 -22.62 21.21 -10.81
C LYS I 136 -23.07 21.76 -9.45
N PHE I 137 -23.30 23.07 -9.40
CA PHE I 137 -23.67 23.72 -8.16
C PHE I 137 -25.19 23.69 -7.99
N THR I 138 -25.65 24.14 -6.81
CA THR I 138 -27.07 24.13 -6.47
C THR I 138 -27.65 25.51 -6.30
N ILE I 139 -26.99 26.38 -5.54
CA ILE I 139 -27.48 27.72 -5.25
C ILE I 139 -26.42 28.71 -5.73
N ARG I 140 -26.87 29.81 -6.32
CA ARG I 140 -25.94 30.80 -6.85
C ARG I 140 -25.17 31.46 -5.71
N PRO I 141 -23.89 31.77 -5.91
CA PRO I 141 -23.09 32.34 -4.83
C PRO I 141 -23.20 33.85 -4.78
N HIS I 142 -22.55 34.49 -3.81
CA HIS I 142 -22.49 35.95 -3.82
C HIS I 142 -21.30 36.48 -4.60
N TYR I 143 -20.44 35.60 -5.10
CA TYR I 143 -19.27 36.00 -5.87
C TYR I 143 -18.98 34.94 -6.91
N GLY I 144 -19.04 35.33 -8.19
CA GLY I 144 -18.77 34.39 -9.26
C GLY I 144 -18.75 35.08 -10.61
N LYS I 145 -18.82 34.28 -11.65
CA LYS I 145 -18.83 34.73 -13.03
C LYS I 145 -20.25 34.86 -13.56
N GLU I 146 -20.37 35.50 -14.72
CA GLU I 146 -21.60 35.57 -15.49
C GLU I 146 -21.41 34.76 -16.76
N ILE I 147 -22.28 33.78 -16.96
CA ILE I 147 -22.26 32.91 -18.14
C ILE I 147 -23.60 33.09 -18.85
N PRO I 148 -23.63 33.18 -20.18
CA PRO I 148 -24.92 33.21 -20.87
C PRO I 148 -25.70 31.91 -20.65
N CYS I 149 -27.02 32.05 -20.55
CA CYS I 149 -27.94 30.93 -20.40
C CYS I 149 -29.23 31.31 -21.12
N THR I 150 -30.33 30.62 -20.80
CA THR I 150 -31.63 30.91 -21.39
C THR I 150 -32.73 30.69 -20.36
N THR I 151 -33.90 31.27 -20.62
CA THR I 151 -35.03 31.19 -19.71
C THR I 151 -36.31 31.48 -20.49
N TYR I 152 -37.45 31.25 -19.84
CA TYR I 152 -38.73 31.71 -20.36
C TYR I 152 -39.15 32.99 -19.66
N GLN I 153 -39.42 34.03 -20.44
CA GLN I 153 -39.82 35.33 -19.93
C GLN I 153 -41.32 35.37 -19.66
N GLN I 154 -41.74 36.41 -18.94
CA GLN I 154 -43.15 36.54 -18.58
C GLN I 154 -43.92 37.45 -19.52
N THR I 155 -43.31 37.96 -20.57
CA THR I 155 -44.03 38.80 -21.52
C THR I 155 -45.07 37.98 -22.28
N THR I 156 -46.18 38.63 -22.63
CA THR I 156 -47.25 38.01 -23.40
C THR I 156 -47.45 38.71 -24.74
N ALA I 157 -46.40 39.34 -25.27
CA ALA I 157 -46.48 40.08 -26.51
C ALA I 157 -46.44 39.17 -27.72
N LYS I 158 -46.18 39.73 -28.90
CA LYS I 158 -46.04 38.91 -30.10
C LYS I 158 -44.93 37.89 -29.91
N THR I 159 -45.25 36.62 -30.18
CA THR I 159 -44.38 35.52 -29.76
C THR I 159 -43.99 34.54 -30.86
N VAL I 160 -44.79 34.41 -31.91
CA VAL I 160 -44.51 33.51 -33.04
C VAL I 160 -44.33 32.08 -32.54
N GLU I 161 -45.37 31.54 -31.90
CA GLU I 161 -45.48 30.13 -31.56
C GLU I 161 -46.96 29.76 -31.61
N GLU I 162 -47.23 28.48 -31.74
CA GLU I 162 -48.52 28.04 -32.27
C GLU I 162 -49.13 26.93 -31.43
N ILE I 163 -50.45 27.01 -31.27
CA ILE I 163 -51.28 25.88 -30.90
C ILE I 163 -52.44 25.79 -31.88
N ASP I 164 -52.71 24.57 -32.36
CA ASP I 164 -53.88 24.30 -33.18
C ASP I 164 -55.07 23.98 -32.29
N MET I 165 -56.21 24.56 -32.61
CA MET I 165 -57.47 24.30 -31.90
C MET I 165 -58.56 23.96 -32.91
N HIS I 166 -59.49 23.10 -32.50
CA HIS I 166 -60.58 22.68 -33.35
C HIS I 166 -61.86 22.65 -32.56
N MET I 167 -62.98 22.78 -33.26
CA MET I 167 -64.29 22.76 -32.61
C MET I 167 -64.55 21.40 -31.99
N PRO I 168 -65.12 21.36 -30.78
CA PRO I 168 -65.17 20.12 -30.01
C PRO I 168 -66.13 19.12 -30.60
N PRO I 169 -65.96 17.83 -30.30
CA PRO I 169 -66.86 16.81 -30.88
C PRO I 169 -68.26 16.87 -30.27
N ASP I 170 -69.06 15.87 -30.58
CA ASP I 170 -70.40 15.73 -30.00
C ASP I 170 -70.26 14.96 -28.70
N THR I 171 -70.40 15.64 -27.59
CA THR I 171 -70.22 15.02 -26.28
C THR I 171 -71.46 14.26 -25.87
N PRO I 172 -71.38 12.96 -25.57
CA PRO I 172 -72.56 12.21 -25.16
C PRO I 172 -72.85 12.34 -23.68
N ASP I 173 -74.14 12.29 -23.36
CA ASP I 173 -74.61 12.36 -21.98
C ASP I 173 -75.91 11.57 -21.88
N ARG I 174 -76.22 11.08 -20.67
CA ARG I 174 -77.44 10.34 -20.45
C ARG I 174 -78.32 10.91 -19.35
N THR I 175 -77.78 11.70 -18.43
CA THR I 175 -78.57 12.18 -17.31
C THR I 175 -79.75 13.03 -17.78
N LEU I 176 -79.62 13.69 -18.93
CA LEU I 176 -80.66 14.57 -19.40
C LEU I 176 -81.86 13.84 -20.01
N LEU I 177 -81.78 12.52 -20.18
CA LEU I 177 -82.94 11.73 -20.54
C LEU I 177 -83.77 11.44 -19.29
N SER I 178 -85.08 11.69 -19.38
CA SER I 178 -86.02 11.31 -18.33
C SER I 178 -87.13 10.48 -18.95
N GLN I 179 -87.40 9.32 -18.35
CA GLN I 179 -88.52 8.49 -18.76
C GLN I 179 -89.51 8.42 -17.60
N GLN I 180 -90.73 8.91 -17.82
CA GLN I 180 -91.76 8.93 -16.79
C GLN I 180 -92.76 7.80 -16.97
N SER I 181 -93.51 7.79 -18.08
CA SER I 181 -94.43 6.70 -18.35
C SER I 181 -94.63 6.64 -19.87
N GLY I 182 -93.87 5.76 -20.53
CA GLY I 182 -94.01 5.58 -21.96
C GLY I 182 -93.72 6.80 -22.79
N ASN I 183 -93.19 7.86 -22.19
CA ASN I 183 -92.84 9.07 -22.93
C ASN I 183 -91.57 9.61 -22.32
N VAL I 184 -90.82 10.37 -23.13
CA VAL I 184 -89.47 10.79 -22.75
C VAL I 184 -89.39 12.30 -22.76
N LYS I 185 -88.51 12.82 -21.93
CA LYS I 185 -88.18 14.25 -21.92
C LYS I 185 -86.67 14.39 -22.00
N ILE I 186 -86.22 15.34 -22.81
CA ILE I 186 -84.81 15.65 -22.98
C ILE I 186 -84.57 17.08 -22.49
N THR I 187 -83.65 17.23 -21.54
CA THR I 187 -83.45 18.52 -20.90
C THR I 187 -82.88 19.55 -21.87
N VAL I 188 -83.38 20.78 -21.77
CA VAL I 188 -82.92 21.90 -22.57
C VAL I 188 -82.79 23.13 -21.69
N GLY I 189 -82.55 24.28 -22.31
CA GLY I 189 -82.35 25.51 -21.57
C GLY I 189 -81.25 26.35 -22.20
N GLY I 190 -80.74 25.87 -23.33
CA GLY I 190 -79.69 26.57 -24.03
C GLY I 190 -78.72 25.63 -24.73
N LYS I 191 -78.81 24.35 -24.44
CA LYS I 191 -77.98 23.34 -25.11
C LYS I 191 -78.82 22.70 -26.21
N LYS I 192 -78.42 22.92 -27.45
CA LYS I 192 -79.13 22.31 -28.58
C LYS I 192 -78.68 20.88 -28.79
N VAL I 193 -79.41 19.93 -28.20
CA VAL I 193 -78.97 18.55 -28.22
C VAL I 193 -79.31 17.91 -29.55
N LYS I 194 -78.65 16.78 -29.82
CA LYS I 194 -78.89 16.00 -31.04
C LYS I 194 -79.36 14.62 -30.66
N TYR I 195 -80.49 14.20 -31.23
CA TYR I 195 -81.11 12.93 -30.91
C TYR I 195 -81.19 12.04 -32.14
N ASN I 196 -80.77 10.80 -31.98
CA ASN I 196 -80.91 9.76 -32.99
C ASN I 196 -81.81 8.67 -32.45
N CYS I 197 -83.06 8.65 -32.92
CA CYS I 197 -84.07 7.71 -32.45
C CYS I 197 -84.70 7.05 -33.67
N THR I 198 -84.66 5.72 -33.71
CA THR I 198 -85.22 4.97 -34.82
C THR I 198 -86.23 3.93 -34.35
N CYS I 199 -87.19 4.35 -33.53
CA CYS I 199 -88.29 3.50 -33.11
C CYS I 199 -89.49 3.60 -34.05
N GLY I 200 -89.29 4.11 -35.26
CA GLY I 200 -90.38 4.42 -36.17
C GLY I 200 -91.03 5.76 -35.93
N THR I 201 -90.60 6.51 -34.92
CA THR I 201 -91.14 7.82 -34.59
C THR I 201 -90.36 8.88 -35.36
N GLY I 202 -90.48 10.15 -34.93
CA GLY I 202 -89.69 11.22 -35.49
C GLY I 202 -88.24 10.86 -35.69
N ASN I 203 -87.67 11.28 -36.81
CA ASN I 203 -86.34 10.85 -37.22
C ASN I 203 -85.28 11.58 -36.40
N VAL I 204 -84.03 11.48 -36.83
CA VAL I 204 -82.94 12.19 -36.17
C VAL I 204 -83.19 13.69 -36.19
N GLY I 205 -82.52 14.41 -35.29
CA GLY I 205 -82.65 15.86 -35.35
C GLY I 205 -81.86 16.52 -34.26
N THR I 206 -81.97 17.85 -34.23
CA THR I 206 -81.41 18.69 -33.18
C THR I 206 -82.51 19.56 -32.60
N THR I 207 -82.53 19.68 -31.29
CA THR I 207 -83.58 20.43 -30.60
C THR I 207 -82.98 21.43 -29.63
N ASN I 208 -83.65 22.59 -29.52
CA ASN I 208 -83.37 23.58 -28.50
C ASN I 208 -84.41 23.56 -27.38
N SER I 209 -85.46 22.75 -27.50
CA SER I 209 -86.52 22.67 -26.51
C SER I 209 -86.85 21.21 -26.25
N ASP I 210 -87.69 20.97 -25.25
CA ASP I 210 -88.07 19.62 -24.87
C ASP I 210 -88.80 18.93 -26.01
N MET I 211 -88.79 17.60 -25.98
CA MET I 211 -89.65 16.82 -26.87
C MET I 211 -89.90 15.45 -26.27
N THR I 212 -90.92 14.79 -26.80
CA THR I 212 -91.30 13.43 -26.41
C THR I 212 -91.36 12.59 -27.66
N ILE I 213 -91.15 11.29 -27.52
CA ILE I 213 -91.30 10.39 -28.66
C ILE I 213 -92.46 9.44 -28.40
N ASN I 214 -92.74 9.16 -27.13
CA ASN I 214 -93.89 8.44 -26.63
C ASN I 214 -93.93 6.97 -27.07
N THR I 215 -92.81 6.39 -27.51
CA THR I 215 -92.81 4.98 -27.89
C THR I 215 -91.83 4.14 -27.10
N CYS I 216 -90.55 4.49 -27.08
CA CYS I 216 -89.51 3.70 -26.43
C CYS I 216 -88.70 4.58 -25.49
N LEU I 217 -88.27 4.01 -24.36
CA LEU I 217 -87.84 4.85 -23.24
C LEU I 217 -86.39 5.34 -23.40
N ILE I 218 -85.42 4.42 -23.33
CA ILE I 218 -84.03 4.84 -23.25
C ILE I 218 -83.12 4.05 -24.19
N GLU I 219 -83.60 2.93 -24.71
CA GLU I 219 -82.72 2.06 -25.49
C GLU I 219 -82.56 2.49 -26.93
N GLN I 220 -83.24 3.56 -27.35
CA GLN I 220 -83.11 4.07 -28.71
C GLN I 220 -82.59 5.50 -28.76
N CYS I 221 -83.17 6.41 -28.00
CA CYS I 221 -82.77 7.80 -28.12
C CYS I 221 -81.45 8.06 -27.43
N HIS I 222 -80.69 9.00 -27.99
CA HIS I 222 -79.39 9.39 -27.45
C HIS I 222 -79.26 10.90 -27.56
N VAL I 223 -78.28 11.44 -26.85
CA VAL I 223 -78.04 12.87 -26.85
C VAL I 223 -76.55 13.13 -26.99
N SER I 224 -76.20 14.04 -27.89
CA SER I 224 -74.82 14.46 -28.10
C SER I 224 -74.87 15.96 -28.33
N VAL I 225 -74.48 16.73 -27.32
CA VAL I 225 -74.62 18.18 -27.38
C VAL I 225 -73.63 18.76 -28.39
N THR I 226 -74.10 19.72 -29.18
CA THR I 226 -73.24 20.43 -30.12
C THR I 226 -73.18 21.89 -29.70
N ASP I 227 -71.96 22.42 -29.54
CA ASP I 227 -71.75 23.78 -29.05
C ASP I 227 -70.72 24.50 -29.90
N HIS I 228 -70.92 24.50 -31.22
CA HIS I 228 -69.94 25.04 -32.16
C HIS I 228 -69.85 26.56 -31.99
N LYS I 229 -69.38 26.97 -30.82
CA LYS I 229 -69.12 28.37 -30.54
C LYS I 229 -67.73 28.66 -30.03
N LYS I 230 -67.01 27.67 -29.51
CA LYS I 230 -65.71 27.92 -28.88
C LYS I 230 -64.73 26.81 -29.22
N TRP I 231 -63.56 27.18 -29.72
CA TRP I 231 -62.49 26.23 -29.98
C TRP I 231 -61.98 25.61 -28.69
N GLN I 232 -61.68 24.32 -28.73
CA GLN I 232 -61.20 23.69 -27.50
C GLN I 232 -59.69 23.46 -27.44
N PHE I 233 -59.17 22.50 -28.19
CA PHE I 233 -57.76 22.16 -28.40
C PHE I 233 -57.67 20.87 -29.21
N ASN I 234 -56.51 20.67 -29.84
CA ASN I 234 -56.26 19.54 -30.72
C ASN I 234 -55.50 18.48 -29.93
N SER I 235 -56.22 17.78 -29.07
CA SER I 235 -55.57 16.86 -28.17
C SER I 235 -55.80 15.42 -28.59
N PRO I 236 -54.80 14.55 -28.43
CA PRO I 236 -54.97 13.16 -28.87
C PRO I 236 -55.93 12.35 -28.03
N PHE I 237 -56.36 12.85 -26.88
CA PHE I 237 -57.29 12.14 -26.01
C PHE I 237 -58.75 12.52 -26.26
N VAL I 238 -59.04 13.34 -27.27
CA VAL I 238 -60.38 13.80 -27.55
C VAL I 238 -60.61 13.70 -29.05
N PRO I 239 -61.65 13.02 -29.51
CA PRO I 239 -61.83 12.82 -30.95
C PRO I 239 -62.18 14.12 -31.65
N ARG I 240 -61.96 14.15 -32.96
CA ARG I 240 -62.35 15.30 -33.75
C ARG I 240 -63.61 14.96 -34.53
N ALA I 241 -64.27 16.00 -35.03
CA ALA I 241 -65.59 15.84 -35.61
C ALA I 241 -65.57 15.69 -37.13
N ASP I 242 -64.76 16.49 -37.82
CA ASP I 242 -64.90 16.63 -39.27
C ASP I 242 -63.60 16.22 -39.94
N GLU I 243 -63.71 15.55 -41.07
CA GLU I 243 -62.58 15.22 -41.93
C GLU I 243 -62.87 15.67 -43.36
N PRO I 244 -61.91 16.33 -44.03
CA PRO I 244 -60.59 16.69 -43.53
C PRO I 244 -60.65 17.78 -42.46
N ALA I 245 -59.68 17.77 -41.55
CA ALA I 245 -59.77 18.59 -40.36
C ALA I 245 -59.82 20.07 -40.72
N ARG I 246 -60.71 20.79 -40.04
CA ARG I 246 -60.74 22.24 -40.08
C ARG I 246 -60.33 22.73 -38.71
N LYS I 247 -59.29 23.57 -38.66
CA LYS I 247 -58.75 23.98 -37.38
C LYS I 247 -58.11 25.35 -37.48
N GLY I 248 -58.13 26.09 -36.38
CA GLY I 248 -57.50 27.38 -36.28
C GLY I 248 -56.28 27.33 -35.36
N LYS I 249 -55.71 28.52 -35.13
CA LYS I 249 -54.46 28.63 -34.39
C LYS I 249 -54.54 29.78 -33.39
N VAL I 250 -53.77 29.66 -32.31
CA VAL I 250 -53.55 30.76 -31.38
C VAL I 250 -52.09 30.76 -30.95
N HIS I 251 -51.62 31.92 -30.49
CA HIS I 251 -50.26 32.05 -29.99
C HIS I 251 -50.18 31.62 -28.53
N ILE I 252 -48.98 31.33 -28.06
CA ILE I 252 -48.79 30.80 -26.71
C ILE I 252 -47.77 31.65 -25.99
N PRO I 253 -47.91 31.80 -24.67
CA PRO I 253 -47.12 32.78 -23.94
C PRO I 253 -45.77 32.22 -23.51
N PHE I 254 -44.99 33.10 -22.86
CA PHE I 254 -43.69 32.82 -22.26
C PHE I 254 -42.67 32.34 -23.28
N PRO I 255 -42.15 33.21 -24.14
CA PRO I 255 -41.13 32.78 -25.10
C PRO I 255 -39.78 32.51 -24.46
N LEU I 256 -38.80 32.08 -25.25
CA LEU I 256 -37.45 31.82 -24.77
C LEU I 256 -36.61 33.08 -24.93
N ASP I 257 -35.66 33.28 -24.00
CA ASP I 257 -34.89 34.51 -23.99
C ASP I 257 -33.52 34.22 -23.38
N ASN I 258 -32.60 35.20 -23.49
CA ASN I 258 -31.19 34.91 -23.19
C ASN I 258 -30.84 35.04 -21.71
N ILE I 259 -30.97 36.24 -21.14
CA ILE I 259 -30.46 36.57 -19.79
C ILE I 259 -29.05 36.02 -19.53
N THR I 260 -28.62 36.06 -18.27
CA THR I 260 -27.30 35.57 -17.87
C THR I 260 -27.37 34.98 -16.46
N CYS I 261 -26.40 34.13 -16.13
CA CYS I 261 -26.43 33.31 -14.94
C CYS I 261 -25.12 33.46 -14.17
N ARG I 262 -25.20 33.42 -12.85
CA ARG I 262 -24.02 33.58 -11.99
C ARG I 262 -23.54 32.21 -11.54
N VAL I 263 -22.26 31.94 -11.71
CA VAL I 263 -21.71 30.63 -11.39
C VAL I 263 -20.50 30.79 -10.45
N PRO I 264 -20.24 29.82 -9.59
CA PRO I 264 -19.07 29.91 -8.71
C PRO I 264 -17.79 29.63 -9.48
N MET I 265 -16.67 29.89 -8.82
CA MET I 265 -15.36 29.55 -9.35
C MET I 265 -14.61 28.74 -8.30
N ALA I 266 -14.08 27.59 -8.71
CA ALA I 266 -13.43 26.69 -7.77
C ALA I 266 -12.17 27.34 -7.19
N ARG I 267 -11.86 26.98 -5.95
CA ARG I 267 -10.67 27.48 -5.30
C ARG I 267 -9.43 26.89 -5.96
N GLU I 268 -8.37 27.68 -5.95
CA GLU I 268 -7.14 27.29 -6.65
C GLU I 268 -6.54 26.04 -6.03
N PRO I 269 -6.24 25.02 -6.81
CA PRO I 269 -5.64 23.81 -6.25
C PRO I 269 -4.26 24.09 -5.69
N THR I 270 -3.82 23.26 -4.75
CA THR I 270 -2.49 23.50 -4.20
C THR I 270 -1.47 22.71 -5.00
N VAL I 271 -0.41 23.40 -5.43
CA VAL I 271 0.48 22.93 -6.49
C VAL I 271 1.85 22.63 -5.90
N ILE I 272 2.42 21.49 -6.26
CA ILE I 272 3.70 21.05 -5.72
C ILE I 272 4.60 20.74 -6.89
N HIS I 273 5.73 21.43 -6.97
CA HIS I 273 6.63 21.30 -8.12
C HIS I 273 7.58 20.14 -7.93
N GLY I 274 7.70 19.33 -8.97
CA GLY I 274 8.63 18.21 -8.96
C GLY I 274 9.50 18.25 -10.19
N LYS I 275 10.25 17.20 -10.45
CA LYS I 275 11.14 17.19 -11.61
C LYS I 275 10.34 16.82 -12.84
N ARG I 276 9.96 17.82 -13.62
CA ARG I 276 9.17 17.63 -14.84
C ARG I 276 7.85 16.94 -14.55
N GLU I 277 7.26 17.30 -13.41
CA GLU I 277 5.97 16.84 -12.94
C GLU I 277 5.34 17.96 -12.15
N VAL I 278 4.04 17.87 -11.93
CA VAL I 278 3.35 18.72 -10.97
C VAL I 278 2.38 17.84 -10.22
N THR I 279 2.26 18.05 -8.91
CA THR I 279 1.25 17.37 -8.11
C THR I 279 0.21 18.39 -7.68
N LEU I 280 -1.05 18.14 -8.04
CA LEU I 280 -2.16 19.02 -7.72
C LEU I 280 -2.98 18.37 -6.62
N HIS I 281 -3.30 19.11 -5.57
CA HIS I 281 -4.30 18.66 -4.62
C HIS I 281 -5.57 19.46 -4.88
N LEU I 282 -6.69 18.75 -5.07
CA LEU I 282 -7.94 19.32 -5.55
C LEU I 282 -9.02 19.08 -4.49
N HIS I 283 -9.69 20.17 -4.08
CA HIS I 283 -10.70 20.16 -3.03
C HIS I 283 -11.99 20.74 -3.58
N PRO I 284 -12.97 19.93 -3.96
CA PRO I 284 -14.23 20.46 -4.49
C PRO I 284 -15.36 20.56 -3.47
N ASP I 285 -16.16 21.61 -3.61
CA ASP I 285 -17.43 21.72 -2.91
C ASP I 285 -18.52 20.85 -3.52
N HIS I 286 -18.43 20.62 -4.82
CA HIS I 286 -19.45 20.01 -5.64
C HIS I 286 -18.78 19.52 -6.92
N PRO I 287 -19.41 18.59 -7.65
CA PRO I 287 -18.74 18.02 -8.83
C PRO I 287 -18.16 19.06 -9.78
N THR I 288 -16.86 19.02 -9.98
CA THR I 288 -16.12 20.01 -10.74
C THR I 288 -15.36 19.31 -11.86
N LEU I 289 -15.20 19.97 -13.00
CA LEU I 289 -14.57 19.35 -14.16
C LEU I 289 -13.10 19.74 -14.23
N PHE I 290 -12.22 18.75 -14.23
CA PHE I 290 -10.77 18.95 -14.30
C PHE I 290 -10.26 18.35 -15.60
N SER I 291 -9.55 19.15 -16.39
CA SER I 291 -8.93 18.64 -17.60
C SER I 291 -7.54 19.24 -17.73
N TYR I 292 -6.69 18.55 -18.48
CA TYR I 292 -5.36 19.06 -18.79
C TYR I 292 -4.89 18.54 -20.13
N ARG I 293 -3.90 19.23 -20.69
CA ARG I 293 -3.27 18.81 -21.94
C ARG I 293 -1.85 19.34 -22.03
N THR I 294 -0.99 18.52 -22.60
CA THR I 294 0.38 18.90 -22.90
C THR I 294 0.42 19.68 -24.20
N LEU I 295 0.93 20.89 -24.16
CA LEU I 295 0.87 21.76 -25.34
C LEU I 295 2.11 21.65 -26.22
N GLY I 296 2.45 20.41 -26.57
CA GLY I 296 3.47 20.12 -27.55
C GLY I 296 2.89 19.67 -28.88
N GLU I 297 3.47 18.63 -29.49
CA GLU I 297 3.05 18.18 -30.81
C GLU I 297 2.02 17.05 -30.79
N ASP I 298 2.23 16.02 -29.97
CA ASP I 298 1.25 14.96 -29.77
C ASP I 298 0.83 15.04 -28.31
N PRO I 299 -0.26 15.76 -28.01
CA PRO I 299 -0.57 16.08 -26.62
C PRO I 299 -1.08 14.88 -25.85
N GLN I 300 -1.06 15.03 -24.53
CA GLN I 300 -1.65 14.06 -23.61
C GLN I 300 -2.90 14.68 -22.99
N TYR I 301 -4.02 14.50 -23.68
CA TYR I 301 -5.36 14.81 -23.21
C TYR I 301 -5.69 14.11 -21.89
N HIS I 302 -6.50 14.78 -21.07
CA HIS I 302 -7.27 14.07 -20.03
C HIS I 302 -8.37 14.98 -19.50
N GLU I 303 -9.53 14.38 -19.21
CA GLU I 303 -10.71 15.07 -18.71
C GLU I 303 -11.41 14.20 -17.67
N GLU I 304 -12.00 14.84 -16.65
CA GLU I 304 -12.50 14.09 -15.52
C GLU I 304 -13.48 14.94 -14.73
N TRP I 305 -14.36 14.26 -13.98
CA TRP I 305 -15.32 14.90 -13.08
C TRP I 305 -14.90 14.55 -11.66
N VAL I 306 -14.31 15.52 -10.96
CA VAL I 306 -13.84 15.35 -9.60
C VAL I 306 -14.97 15.62 -8.63
N THR I 307 -15.21 14.69 -7.72
CA THR I 307 -16.32 14.72 -6.78
C THR I 307 -15.87 14.80 -5.33
N ALA I 308 -14.75 14.17 -4.99
CA ALA I 308 -14.13 14.19 -3.67
C ALA I 308 -12.78 14.90 -3.75
N ALA I 309 -12.15 15.07 -2.59
CA ALA I 309 -10.82 15.66 -2.55
C ALA I 309 -9.79 14.63 -2.98
N VAL I 310 -9.02 14.93 -4.03
CA VAL I 310 -8.09 13.99 -4.61
C VAL I 310 -6.76 14.69 -4.89
N GLU I 311 -5.81 13.94 -5.42
CA GLU I 311 -4.56 14.53 -5.88
C GLU I 311 -4.06 13.83 -7.12
N ARG I 312 -3.55 14.62 -8.06
CA ARG I 312 -3.24 14.16 -9.40
C ARG I 312 -1.84 14.59 -9.80
N THR I 313 -1.05 13.66 -10.31
CA THR I 313 0.31 13.92 -10.75
C THR I 313 0.32 13.98 -12.27
N ILE I 314 0.64 15.14 -12.81
CA ILE I 314 0.55 15.31 -14.26
C ILE I 314 1.88 15.82 -14.79
N PRO I 315 2.31 15.36 -15.96
CA PRO I 315 3.64 15.74 -16.45
C PRO I 315 3.67 17.09 -17.13
N VAL I 316 4.82 17.74 -17.04
CA VAL I 316 5.07 19.04 -17.63
C VAL I 316 6.35 18.94 -18.43
N PRO I 317 6.28 18.60 -19.68
CA PRO I 317 7.50 18.52 -20.47
C PRO I 317 8.09 19.90 -20.70
N VAL I 318 9.19 19.95 -21.44
CA VAL I 318 9.81 21.23 -21.74
C VAL I 318 8.86 22.12 -22.52
N ASP I 319 7.96 21.54 -23.31
CA ASP I 319 6.98 22.31 -24.06
C ASP I 319 5.97 23.00 -23.15
N GLY I 320 5.65 22.41 -22.00
CA GLY I 320 4.68 22.94 -21.08
C GLY I 320 3.42 22.09 -21.03
N MET I 321 2.48 22.53 -20.21
CA MET I 321 1.11 22.02 -20.26
C MET I 321 0.21 23.19 -19.95
N GLU I 322 -1.10 22.92 -20.02
CA GLU I 322 -2.07 23.76 -19.33
C GLU I 322 -3.12 22.88 -18.71
N TYR I 323 -3.66 23.35 -17.59
CA TYR I 323 -4.75 22.66 -16.94
C TYR I 323 -5.89 23.65 -16.71
N HIS I 324 -7.08 23.11 -16.60
CA HIS I 324 -8.31 23.88 -16.52
C HIS I 324 -9.21 23.20 -15.51
N TRP I 325 -9.57 23.91 -14.45
CA TRP I 325 -10.17 23.33 -13.26
C TRP I 325 -11.35 24.17 -12.82
N GLY I 326 -12.56 23.76 -13.19
CA GLY I 326 -13.71 24.53 -12.74
C GLY I 326 -14.06 25.61 -13.73
N ASN I 327 -14.72 26.65 -13.25
CA ASN I 327 -15.07 27.78 -14.10
C ASN I 327 -13.97 28.80 -14.28
N ASN I 328 -12.90 28.72 -13.49
CA ASN I 328 -11.84 29.71 -13.68
C ASN I 328 -10.93 29.31 -14.84
N ASP I 329 -10.09 30.26 -15.25
CA ASP I 329 -9.39 30.27 -16.51
C ASP I 329 -8.32 29.19 -16.58
N PRO I 330 -7.94 28.76 -17.78
CA PRO I 330 -6.86 27.78 -17.91
C PRO I 330 -5.51 28.39 -17.56
N VAL I 331 -4.62 27.54 -17.04
CA VAL I 331 -3.31 27.96 -16.54
C VAL I 331 -2.22 27.17 -17.25
N ARG I 332 -1.26 27.89 -17.81
CA ARG I 332 -0.15 27.30 -18.56
C ARG I 332 1.10 27.27 -17.69
N LEU I 333 1.88 26.21 -17.82
CA LEU I 333 2.96 25.97 -16.87
C LEU I 333 4.09 25.22 -17.59
N TRP I 334 5.32 25.74 -17.48
CA TRP I 334 6.45 25.26 -18.28
C TRP I 334 7.57 24.76 -17.39
N SER I 335 8.19 23.66 -17.79
CA SER I 335 9.33 23.12 -17.05
C SER I 335 10.61 23.86 -17.44
N GLN I 336 11.68 23.59 -16.69
CA GLN I 336 12.91 24.35 -16.82
C GLN I 336 14.08 23.39 -16.77
N LEU I 337 15.15 23.74 -17.48
CA LEU I 337 16.25 22.81 -17.73
C LEU I 337 17.09 22.58 -16.48
N THR I 338 16.58 21.78 -15.55
CA THR I 338 17.25 21.61 -14.26
C THR I 338 17.64 20.15 -14.08
N THR I 339 18.73 19.95 -13.35
CA THR I 339 19.30 18.62 -13.14
C THR I 339 20.12 18.62 -11.86
N GLU I 340 20.78 17.51 -11.58
CA GLU I 340 21.44 17.28 -10.30
C GLU I 340 22.92 17.01 -10.38
N GLY I 341 23.49 16.84 -11.57
CA GLY I 341 24.92 16.69 -11.71
C GLY I 341 25.62 18.01 -11.52
N LYS I 342 26.91 18.02 -11.86
CA LYS I 342 27.71 19.24 -11.81
C LYS I 342 28.42 19.45 -13.13
N PRO I 343 28.07 20.50 -13.88
CA PRO I 343 28.86 20.85 -15.06
C PRO I 343 30.16 21.53 -14.62
N HIS I 344 31.11 21.58 -15.56
CA HIS I 344 32.36 22.29 -15.33
C HIS I 344 33.09 21.74 -14.11
N GLY I 345 32.98 20.43 -13.90
CA GLY I 345 33.63 19.81 -12.77
C GLY I 345 34.43 18.58 -13.17
N TRP I 346 34.49 17.59 -12.28
CA TRP I 346 35.23 16.38 -12.58
C TRP I 346 34.55 15.62 -13.71
N PRO I 347 35.30 14.83 -14.48
CA PRO I 347 34.71 14.15 -15.64
C PRO I 347 33.53 13.26 -15.30
N HIS I 348 33.48 12.67 -14.11
CA HIS I 348 32.35 11.81 -13.78
C HIS I 348 31.13 12.60 -13.34
N GLN I 349 31.24 13.92 -13.24
CA GLN I 349 30.13 14.79 -12.91
C GLN I 349 29.52 15.46 -14.13
N ILE I 350 30.30 15.69 -15.18
CA ILE I 350 29.71 16.16 -16.43
C ILE I 350 28.77 15.12 -17.00
N VAL I 351 29.10 13.83 -16.84
CA VAL I 351 28.21 12.77 -17.28
C VAL I 351 26.90 12.81 -16.49
N GLN I 352 26.98 13.05 -15.19
CA GLN I 352 25.76 13.21 -14.41
C GLN I 352 24.95 14.40 -14.88
N TYR I 353 25.61 15.52 -15.15
CA TYR I 353 24.88 16.70 -15.60
C TYR I 353 24.14 16.42 -16.89
N TYR I 354 24.80 15.77 -17.84
CA TYR I 354 24.16 15.52 -19.12
C TYR I 354 23.28 14.28 -19.10
N TYR I 355 23.26 13.53 -18.01
CA TYR I 355 22.35 12.42 -17.84
C TYR I 355 21.08 12.80 -17.09
N GLY I 356 21.13 13.85 -16.27
CA GLY I 356 19.91 14.34 -15.65
C GLY I 356 18.93 14.88 -16.67
N LEU I 357 19.43 15.62 -17.64
CA LEU I 357 18.63 16.08 -18.76
C LEU I 357 19.14 15.45 -20.05
N TYR I 358 18.22 14.88 -20.82
CA TYR I 358 18.48 13.96 -21.93
C TYR I 358 19.12 12.67 -21.42
N PRO I 359 18.38 11.84 -20.68
CA PRO I 359 19.00 10.68 -20.02
C PRO I 359 19.16 9.47 -20.90
N ALA I 360 18.88 9.60 -22.20
CA ALA I 360 18.90 8.44 -23.08
C ALA I 360 19.97 8.50 -24.16
N ALA I 361 20.40 9.67 -24.60
CA ALA I 361 21.50 9.78 -25.54
C ALA I 361 22.84 9.93 -24.86
N THR I 362 22.87 10.29 -23.57
CA THR I 362 24.13 10.38 -22.86
C THR I 362 24.79 9.02 -22.72
N VAL I 363 24.01 7.99 -22.37
CA VAL I 363 24.57 6.65 -22.22
C VAL I 363 25.10 6.16 -23.56
N SER I 364 24.36 6.38 -24.64
CA SER I 364 24.80 5.95 -25.96
C SER I 364 26.09 6.64 -26.35
N ALA I 365 26.18 7.95 -26.14
CA ALA I 365 27.39 8.69 -26.51
C ALA I 365 28.58 8.24 -25.68
N VAL I 366 28.39 8.03 -24.38
CA VAL I 366 29.49 7.56 -23.53
C VAL I 366 29.98 6.21 -24.01
N VAL I 367 29.07 5.27 -24.27
CA VAL I 367 29.47 3.94 -24.71
C VAL I 367 30.19 4.00 -26.05
N GLY I 368 29.68 4.82 -26.98
CA GLY I 368 30.33 4.93 -28.28
C GLY I 368 31.74 5.48 -28.18
N MET I 369 31.93 6.56 -27.42
CA MET I 369 33.26 7.13 -27.28
C MET I 369 34.21 6.15 -26.59
N SER I 370 33.73 5.46 -25.54
CA SER I 370 34.58 4.49 -24.86
C SER I 370 34.99 3.36 -25.79
N LEU I 371 34.04 2.86 -26.59
CA LEU I 371 34.35 1.75 -27.48
C LEU I 371 35.35 2.16 -28.55
N LEU I 372 35.20 3.37 -29.10
CA LEU I 372 36.20 3.85 -30.06
C LEU I 372 37.58 4.00 -29.40
N ALA I 373 37.61 4.48 -28.15
CA ALA I 373 38.90 4.60 -27.47
C ALA I 373 39.56 3.24 -27.28
N LEU I 374 38.78 2.23 -26.91
CA LEU I 374 39.35 0.88 -26.76
C LEU I 374 39.84 0.34 -28.10
N ILE I 375 39.08 0.58 -29.18
CA ILE I 375 39.55 0.14 -30.49
C ILE I 375 40.88 0.79 -30.84
N SER I 376 40.98 2.10 -30.60
CA SER I 376 42.23 2.81 -30.90
C SER I 376 43.39 2.22 -30.11
N ILE I 377 43.22 2.03 -28.81
CA ILE I 377 44.34 1.59 -27.99
C ILE I 377 44.75 0.15 -28.35
N PHE I 378 43.77 -0.73 -28.55
CA PHE I 378 44.10 -2.11 -28.93
C PHE I 378 44.79 -2.17 -30.28
N ALA I 379 44.27 -1.44 -31.28
CA ALA I 379 44.88 -1.47 -32.60
C ALA I 379 46.31 -0.95 -32.55
N SER I 380 46.53 0.16 -31.84
CA SER I 380 47.88 0.70 -31.75
C SER I 380 48.83 -0.27 -31.07
N CYS I 381 48.44 -0.84 -29.93
CA CYS I 381 49.34 -1.74 -29.22
C CYS I 381 49.64 -2.98 -30.05
N TYR I 382 48.61 -3.54 -30.70
CA TYR I 382 48.83 -4.68 -31.58
C TYR I 382 49.79 -4.34 -32.71
N MET I 383 49.67 -3.15 -33.28
CA MET I 383 50.51 -2.82 -34.42
C MET I 383 51.94 -2.55 -33.99
N LEU I 384 52.15 -2.03 -32.76
CA LEU I 384 53.51 -2.02 -32.22
C LEU I 384 54.07 -3.43 -32.07
N VAL I 385 53.26 -4.37 -31.59
CA VAL I 385 53.75 -5.73 -31.44
C VAL I 385 54.15 -6.32 -32.80
N ALA I 386 53.34 -6.06 -33.82
CA ALA I 386 53.67 -6.52 -35.17
C ALA I 386 54.97 -5.89 -35.66
N ALA I 387 55.16 -4.59 -35.40
CA ALA I 387 56.41 -3.94 -35.79
C ALA I 387 57.60 -4.57 -35.07
N ARG I 388 57.43 -4.89 -33.79
CA ARG I 388 58.49 -5.55 -33.04
C ARG I 388 58.87 -6.88 -33.67
N SER I 389 57.87 -7.72 -33.93
CA SER I 389 58.18 -9.04 -34.51
C SER I 389 58.82 -8.91 -35.88
N LYS I 390 58.33 -7.99 -36.71
CA LYS I 390 58.91 -7.83 -38.05
C LYS I 390 60.33 -7.32 -37.98
N CYS I 391 60.64 -6.41 -37.06
CA CYS I 391 62.02 -5.92 -36.95
C CYS I 391 62.94 -6.99 -36.40
N LEU I 392 62.45 -7.83 -35.49
CA LEU I 392 63.29 -8.80 -34.81
C LEU I 392 63.28 -10.18 -35.48
N THR I 393 62.46 -10.38 -36.52
CA THR I 393 62.33 -11.71 -37.10
C THR I 393 63.61 -12.28 -37.72
N PRO I 394 64.42 -11.52 -38.47
CA PRO I 394 65.57 -12.16 -39.13
C PRO I 394 66.61 -12.69 -38.14
N TYR I 395 66.67 -12.15 -36.93
CA TYR I 395 67.68 -12.57 -35.96
C TYR I 395 67.38 -13.92 -35.34
N ALA I 396 66.14 -14.39 -35.42
CA ALA I 396 65.76 -15.69 -34.90
C ALA I 396 66.00 -16.82 -35.89
N LEU I 397 66.50 -16.51 -37.08
CA LEU I 397 66.76 -17.51 -38.11
C LEU I 397 68.26 -17.77 -38.31
N THR I 398 69.11 -17.08 -37.57
CA THR I 398 70.55 -17.31 -37.61
C THR I 398 71.04 -17.60 -36.21
N PRO I 399 72.11 -18.37 -36.07
CA PRO I 399 72.79 -18.53 -34.78
C PRO I 399 73.67 -17.34 -34.43
N GLY I 400 73.06 -16.15 -34.35
CA GLY I 400 73.77 -14.92 -34.10
C GLY I 400 73.37 -14.26 -32.79
N ALA I 401 73.98 -13.09 -32.57
CA ALA I 401 73.75 -12.30 -31.37
C ALA I 401 72.55 -11.38 -31.54
N ALA I 402 72.05 -10.88 -30.41
CA ALA I 402 70.86 -10.07 -30.38
C ALA I 402 71.16 -8.56 -30.43
N VAL I 403 72.43 -8.18 -30.42
CA VAL I 403 72.83 -6.78 -30.52
C VAL I 403 72.19 -5.97 -29.40
N PRO I 404 72.70 -6.07 -28.15
CA PRO I 404 72.05 -5.42 -27.01
C PRO I 404 71.59 -3.98 -27.23
N TRP I 405 72.19 -3.28 -28.20
CA TRP I 405 71.69 -1.96 -28.55
C TRP I 405 70.26 -2.04 -29.06
N THR I 406 69.95 -3.06 -29.85
CA THR I 406 68.56 -3.33 -30.25
C THR I 406 67.74 -3.90 -29.12
N LEU I 407 68.32 -4.78 -28.30
CA LEU I 407 67.54 -5.44 -27.26
C LEU I 407 67.07 -4.46 -26.18
N GLY I 408 67.93 -3.52 -25.79
CA GLY I 408 67.56 -2.57 -24.74
C GLY I 408 66.40 -1.68 -25.14
N ILE I 409 66.47 -1.12 -26.34
CA ILE I 409 65.37 -0.31 -26.85
C ILE I 409 64.15 -1.18 -27.12
N LEU I 410 64.37 -2.35 -27.71
CA LEU I 410 63.29 -3.21 -28.16
C LEU I 410 63.38 -4.52 -27.38
N CYS I 411 62.53 -4.66 -26.37
CA CYS I 411 62.54 -5.85 -25.54
C CYS I 411 62.01 -7.06 -26.32
N CYS I 412 62.41 -8.26 -25.87
CA CYS I 412 62.03 -9.49 -26.53
C CYS I 412 61.77 -10.58 -25.50
N ALA I 413 61.21 -11.69 -25.98
CA ALA I 413 60.99 -12.84 -25.11
C ALA I 413 62.28 -13.41 -24.52
N PRO I 414 63.37 -13.62 -25.30
CA PRO I 414 64.63 -14.03 -24.67
C PRO I 414 65.25 -12.91 -23.85
N ARG I 415 65.14 -12.98 -22.52
CA ARG I 415 65.67 -11.92 -21.68
C ARG I 415 67.20 -11.95 -21.63
N ALA I 416 67.78 -13.13 -21.46
CA ALA I 416 69.22 -13.29 -21.39
C ALA I 416 69.78 -14.30 -22.37
N HIS I 417 69.10 -15.40 -22.62
CA HIS I 417 69.59 -16.42 -23.54
C HIS I 417 69.50 -15.92 -24.97
N ALA I 418 70.53 -16.20 -25.76
CA ALA I 418 70.58 -15.83 -27.17
C ALA I 418 70.37 -14.33 -27.37
N HIS J 1 -16.10 35.60 71.54
CA HIS J 1 -15.60 34.90 70.35
C HIS J 1 -15.06 33.52 70.70
N PHE J 2 -13.84 33.22 70.26
CA PHE J 2 -13.28 31.87 70.36
C PHE J 2 -12.18 31.81 71.42
N ASN J 3 -12.31 30.84 72.32
CA ASN J 3 -11.37 30.62 73.41
C ASN J 3 -11.15 29.13 73.64
N VAL J 4 -10.73 28.42 72.59
CA VAL J 4 -10.53 26.96 72.62
C VAL J 4 -9.78 26.49 73.86
N TYR J 5 -9.04 27.39 74.50
CA TYR J 5 -8.25 27.01 75.66
C TYR J 5 -9.07 26.92 76.93
N LYS J 6 -10.40 27.06 76.84
CA LYS J 6 -11.27 26.90 77.99
C LYS J 6 -11.61 25.44 78.27
N ALA J 7 -11.46 24.56 77.28
CA ALA J 7 -11.79 23.15 77.43
C ALA J 7 -10.58 22.28 77.72
N THR J 8 -9.42 22.90 78.00
CA THR J 8 -8.19 22.17 78.28
C THR J 8 -7.54 22.71 79.54
N ARG J 9 -6.73 21.87 80.17
CA ARG J 9 -6.13 22.16 81.46
C ARG J 9 -4.67 21.76 81.46
N PRO J 10 -3.84 22.41 82.27
CA PRO J 10 -2.47 21.94 82.46
C PRO J 10 -2.45 20.66 83.27
N TYR J 11 -1.35 19.94 83.16
CA TYR J 11 -1.24 18.63 83.78
C TYR J 11 0.16 18.46 84.35
N ILE J 12 0.32 17.41 85.14
CA ILE J 12 1.52 17.16 85.91
C ILE J 12 2.06 15.78 85.53
N ALA J 13 3.31 15.73 85.09
CA ALA J 13 3.94 14.52 84.58
C ALA J 13 5.30 14.31 85.24
N TYR J 14 6.04 13.33 84.72
CA TYR J 14 7.28 12.87 85.34
C TYR J 14 8.47 13.44 84.57
N CYS J 15 9.36 14.12 85.29
CA CYS J 15 10.59 14.65 84.73
C CYS J 15 11.78 13.93 85.35
N ALA J 16 12.70 13.47 84.50
CA ALA J 16 13.76 12.58 84.94
C ALA J 16 14.73 13.28 85.89
N ASP J 17 15.04 14.55 85.64
CA ASP J 17 15.74 15.32 86.65
C ASP J 17 15.37 16.79 86.54
N CYS J 18 15.19 17.41 87.69
CA CYS J 18 14.61 18.76 87.78
C CYS J 18 15.67 19.80 88.09
N GLY J 19 16.82 19.69 87.44
CA GLY J 19 17.89 20.63 87.64
C GLY J 19 18.88 20.27 88.72
N ALA J 20 18.60 19.23 89.51
CA ALA J 20 19.50 18.80 90.56
C ALA J 20 19.89 17.33 90.43
N GLY J 21 19.51 16.66 89.35
CA GLY J 21 19.80 15.27 89.19
C GLY J 21 18.81 14.32 89.84
N HIS J 22 17.69 14.82 90.34
CA HIS J 22 16.69 14.02 91.01
C HIS J 22 15.37 14.09 90.25
N SER J 23 14.64 12.98 90.23
CA SER J 23 13.41 12.87 89.49
C SER J 23 12.24 13.27 90.38
N CYS J 24 11.26 13.95 89.80
CA CYS J 24 10.01 14.21 90.51
C CYS J 24 8.93 14.51 89.50
N HIS J 25 7.69 14.49 89.98
CA HIS J 25 6.56 14.87 89.14
C HIS J 25 6.45 16.39 89.11
N SER J 26 6.56 16.98 87.93
CA SER J 26 6.68 18.42 87.84
C SER J 26 5.63 18.99 86.91
N PRO J 27 5.22 20.25 87.12
CA PRO J 27 4.29 20.90 86.20
C PRO J 27 4.95 21.51 84.98
N VAL J 28 6.23 21.31 84.78
CA VAL J 28 6.95 21.94 83.66
C VAL J 28 7.65 20.83 82.88
N ALA J 29 7.06 19.65 82.82
CA ALA J 29 7.67 18.55 82.10
C ALA J 29 7.78 18.89 80.62
N ILE J 30 8.89 18.51 80.00
CA ILE J 30 9.14 18.80 78.60
C ILE J 30 8.76 17.59 77.77
N GLU J 31 7.86 17.79 76.83
CA GLU J 31 7.58 16.83 75.78
C GLU J 31 8.47 17.18 74.59
N ALA J 32 8.14 16.72 73.39
CA ALA J 32 9.02 16.82 72.24
C ALA J 32 9.57 18.23 72.05
N VAL J 33 10.79 18.31 71.54
CA VAL J 33 11.41 19.55 71.06
C VAL J 33 11.56 19.42 69.56
N ARG J 34 11.09 20.42 68.81
CA ARG J 34 11.13 20.41 67.35
C ARG J 34 12.15 21.42 66.85
N SER J 35 13.00 20.98 65.92
CA SER J 35 14.08 21.83 65.41
C SER J 35 14.14 21.75 63.90
N GLU J 36 13.00 21.92 63.25
CA GLU J 36 12.85 21.73 61.82
C GLU J 36 12.73 23.05 61.06
N ALA J 37 13.17 24.16 61.66
CA ALA J 37 13.29 25.43 60.99
C ALA J 37 14.76 25.72 60.68
N THR J 38 15.01 26.21 59.48
CA THR J 38 16.38 26.32 58.99
C THR J 38 17.11 27.51 59.63
N ASP J 39 16.38 28.53 60.07
CA ASP J 39 17.06 29.67 60.67
C ASP J 39 17.59 29.38 62.07
N GLY J 40 17.27 28.23 62.65
CA GLY J 40 17.85 27.83 63.92
C GLY J 40 16.96 28.07 65.13
N MET J 41 15.67 27.86 64.98
CA MET J 41 14.67 28.13 66.00
C MET J 41 14.16 26.82 66.57
N LEU J 42 13.98 26.76 67.89
CA LEU J 42 13.39 25.60 68.53
C LEU J 42 11.95 25.88 68.97
N LYS J 43 11.16 24.80 69.03
CA LYS J 43 9.78 24.89 69.50
C LYS J 43 9.57 23.87 70.61
N ILE J 44 9.74 24.33 71.85
CA ILE J 44 9.62 23.46 73.02
C ILE J 44 8.16 23.35 73.43
N GLN J 45 7.82 22.27 74.12
CA GLN J 45 6.44 22.00 74.55
C GLN J 45 6.41 21.71 76.06
N PHE J 46 5.76 22.57 76.84
CA PHE J 46 5.54 22.30 78.26
C PHE J 46 4.57 21.18 78.57
N SER J 47 4.21 21.13 79.85
CA SER J 47 2.94 20.63 80.35
C SER J 47 1.98 21.73 80.77
N ALA J 48 2.43 22.97 80.91
CA ALA J 48 1.65 24.06 81.47
C ALA J 48 1.30 25.04 80.35
N GLN J 49 0.04 25.50 80.30
CA GLN J 49 -0.27 26.58 79.38
C GLN J 49 0.42 27.87 79.77
N ILE J 50 0.79 28.64 78.76
CA ILE J 50 1.60 29.84 78.90
C ILE J 50 0.82 30.98 78.27
N GLY J 51 0.57 32.01 79.08
CA GLY J 51 -0.18 33.15 78.60
C GLY J 51 -1.69 33.07 78.77
N ILE J 52 -2.17 32.25 79.69
CA ILE J 52 -3.58 32.14 80.04
C ILE J 52 -3.70 31.93 81.55
N ASP J 53 -4.75 32.47 82.16
CA ASP J 53 -4.89 32.33 83.60
C ASP J 53 -6.01 31.33 83.94
N LYS J 54 -6.38 31.32 85.22
CA LYS J 54 -7.38 30.38 85.72
C LYS J 54 -8.75 30.66 85.13
N SER J 55 -9.11 31.94 84.98
CA SER J 55 -10.44 32.32 84.52
C SER J 55 -10.61 32.12 83.02
N ASP J 56 -9.61 31.54 82.35
CA ASP J 56 -9.68 31.18 80.94
C ASP J 56 -9.87 32.40 80.04
N ASN J 57 -9.21 33.50 80.37
CA ASN J 57 -9.22 34.67 79.50
C ASN J 57 -7.79 35.07 79.20
N HIS J 58 -7.51 35.35 77.92
CA HIS J 58 -6.14 35.52 77.46
C HIS J 58 -5.46 36.66 78.20
N ASP J 59 -4.52 36.33 79.08
CA ASP J 59 -3.70 37.31 79.76
C ASP J 59 -2.25 37.09 79.37
N TYR J 60 -1.50 38.17 79.27
CA TYR J 60 -0.13 38.08 78.77
C TYR J 60 0.89 38.15 79.90
N THR J 61 0.46 37.98 81.14
CA THR J 61 1.37 38.06 82.26
C THR J 61 1.15 36.93 83.24
N LYS J 62 0.01 36.26 83.13
CA LYS J 62 -0.32 35.11 83.94
C LYS J 62 -0.12 33.85 83.12
N ILE J 63 0.27 32.77 83.78
CA ILE J 63 0.44 31.49 83.11
C ILE J 63 -0.12 30.42 84.02
N ARG J 64 -0.87 29.49 83.44
CA ARG J 64 -1.51 28.42 84.19
C ARG J 64 -0.53 27.29 84.47
N TYR J 65 -0.75 26.57 85.56
CA TYR J 65 -0.04 25.32 85.80
C TYR J 65 -0.75 24.53 86.87
N ALA J 66 -0.68 23.21 86.76
CA ALA J 66 -1.38 22.32 87.68
C ALA J 66 -0.58 22.15 88.95
N ASP J 67 -1.29 22.14 90.08
CA ASP J 67 -0.66 21.98 91.40
C ASP J 67 -1.57 21.08 92.22
N GLY J 68 -1.40 19.77 92.05
CA GLY J 68 -2.25 18.80 92.71
C GLY J 68 -3.71 19.00 92.42
N HIS J 69 -4.11 18.78 91.17
CA HIS J 69 -5.48 19.02 90.69
C HIS J 69 -6.07 20.32 91.27
N ALA J 70 -5.32 21.41 91.08
CA ALA J 70 -5.83 22.76 91.36
C ALA J 70 -5.01 23.73 90.51
N ILE J 71 -5.57 24.12 89.35
CA ILE J 71 -4.86 24.99 88.42
C ILE J 71 -4.58 26.33 89.10
N GLU J 72 -3.37 26.86 88.92
CA GLU J 72 -2.99 28.09 89.59
C GLU J 72 -2.08 28.91 88.68
N ASN J 73 -1.80 30.16 89.06
CA ASN J 73 -1.17 31.15 88.19
C ASN J 73 0.25 31.45 88.63
N ALA J 74 1.11 31.69 87.65
CA ALA J 74 2.46 32.19 87.89
C ALA J 74 2.74 33.33 86.91
N VAL J 75 3.67 34.21 87.28
CA VAL J 75 3.99 35.34 86.40
C VAL J 75 4.63 34.83 85.12
N ARG J 76 4.33 35.51 84.00
CA ARG J 76 4.98 35.15 82.75
C ARG J 76 6.42 35.65 82.70
N SER J 77 6.74 36.72 83.39
CA SER J 77 8.13 36.93 83.76
C SER J 77 8.58 35.74 84.59
N SER J 78 9.90 35.59 84.70
CA SER J 78 10.51 34.46 85.40
C SER J 78 10.32 33.14 84.66
N LEU J 79 9.79 33.15 83.45
CA LEU J 79 10.01 32.05 82.52
C LEU J 79 11.44 32.16 82.01
N LYS J 80 12.22 31.09 82.15
CA LYS J 80 13.53 31.08 81.54
C LYS J 80 13.81 29.71 80.93
N VAL J 81 14.10 29.71 79.64
CA VAL J 81 14.58 28.55 78.91
C VAL J 81 16.07 28.74 78.67
N ALA J 82 16.86 27.70 78.91
CA ALA J 82 18.30 27.83 78.87
C ALA J 82 18.95 26.56 78.34
N THR J 83 20.18 26.74 77.88
CA THR J 83 21.05 25.72 77.30
C THR J 83 22.42 26.00 77.92
N SER J 84 23.49 25.64 77.21
CA SER J 84 24.82 26.12 77.60
C SER J 84 24.79 27.55 78.12
N GLY J 85 24.05 28.44 77.47
CA GLY J 85 23.90 29.81 77.95
C GLY J 85 22.47 30.16 78.29
N ASP J 86 21.96 31.26 77.73
CA ASP J 86 20.55 31.61 77.94
C ASP J 86 19.88 31.77 76.58
N CYS J 87 18.75 31.11 76.41
CA CYS J 87 17.99 31.21 75.18
C CYS J 87 17.34 32.59 75.12
N PHE J 88 16.91 32.99 73.92
CA PHE J 88 16.07 34.17 73.76
C PHE J 88 14.68 33.72 73.40
N VAL J 89 13.70 34.02 74.25
CA VAL J 89 12.34 33.56 74.05
C VAL J 89 11.67 34.49 73.05
N HIS J 90 11.31 33.94 71.89
CA HIS J 90 10.66 34.72 70.85
C HIS J 90 9.15 34.60 70.92
N GLY J 91 8.64 33.37 70.90
CA GLY J 91 7.22 33.12 70.81
C GLY J 91 6.69 32.33 72.00
N THR J 92 5.41 32.51 72.26
CA THR J 92 4.80 31.94 73.45
C THR J 92 3.29 31.80 73.34
N MET J 93 2.77 30.56 73.36
CA MET J 93 1.33 30.38 73.35
C MET J 93 0.98 28.98 73.82
N GLY J 94 0.18 28.90 74.87
CA GLY J 94 -0.34 27.60 75.29
C GLY J 94 0.75 26.69 75.80
N HIS J 95 0.92 25.55 75.15
CA HIS J 95 1.98 24.65 75.54
C HIS J 95 3.32 24.97 74.90
N PHE J 96 3.36 25.90 73.94
CA PHE J 96 4.48 25.98 73.01
C PHE J 96 5.31 27.24 73.23
N ILE J 97 6.63 27.06 73.13
CA ILE J 97 7.63 28.10 73.30
C ILE J 97 8.51 28.13 72.07
N LEU J 98 8.85 29.33 71.61
CA LEU J 98 9.82 29.55 70.54
C LEU J 98 11.02 30.30 71.06
N ALA J 99 12.20 29.65 71.03
CA ALA J 99 13.44 30.23 71.49
C ALA J 99 14.57 29.93 70.50
N LYS J 100 15.56 30.82 70.48
CA LYS J 100 16.79 30.67 69.70
C LYS J 100 17.96 30.54 70.66
N CYS J 101 18.74 29.48 70.53
CA CYS J 101 19.50 29.30 71.75
C CYS J 101 20.91 28.79 71.44
N PRO J 102 21.92 29.15 72.21
CA PRO J 102 23.31 28.83 71.84
C PRO J 102 23.55 27.34 71.87
N PRO J 103 24.61 26.85 71.19
CA PRO J 103 24.83 25.41 71.14
C PRO J 103 25.13 24.84 72.51
N GLY J 104 24.69 23.61 72.72
CA GLY J 104 24.87 22.97 74.01
C GLY J 104 24.45 21.53 73.96
N GLU J 105 24.43 20.91 75.13
CA GLU J 105 24.22 19.47 75.25
C GLU J 105 22.94 19.10 75.97
N PHE J 106 22.25 20.06 76.58
CA PHE J 106 20.99 19.81 77.24
C PHE J 106 20.12 21.03 77.04
N LEU J 107 18.96 21.06 77.69
CA LEU J 107 18.27 22.32 77.90
C LEU J 107 17.25 22.17 79.01
N GLN J 108 17.03 23.25 79.76
CA GLN J 108 15.98 23.23 80.76
C GLN J 108 15.05 24.40 80.57
N VAL J 109 13.82 24.23 81.05
CA VAL J 109 12.84 25.30 81.14
C VAL J 109 12.40 25.38 82.59
N SER J 110 12.27 26.60 83.10
CA SER J 110 11.87 26.76 84.49
C SER J 110 10.99 27.98 84.65
N ILE J 111 10.09 27.90 85.62
CA ILE J 111 9.19 28.99 85.99
C ILE J 111 9.25 29.16 87.50
N GLN J 112 8.59 30.20 87.99
CA GLN J 112 8.51 30.47 89.42
C GLN J 112 7.15 30.08 89.94
N ASP J 113 7.14 29.30 91.01
CA ASP J 113 5.89 28.81 91.59
C ASP J 113 5.19 29.97 92.30
N THR J 114 3.98 29.71 92.80
CA THR J 114 3.22 30.76 93.45
C THR J 114 3.95 31.31 94.66
N ARG J 115 4.55 30.45 95.45
CA ARG J 115 5.28 30.85 96.65
C ARG J 115 6.73 31.18 96.38
N ASN J 116 7.05 31.54 95.13
CA ASN J 116 8.39 31.95 94.72
C ASN J 116 9.42 30.86 94.96
N ALA J 117 9.10 29.66 94.49
CA ALA J 117 10.04 28.55 94.43
C ALA J 117 10.22 28.18 92.97
N VAL J 118 11.47 28.05 92.53
CA VAL J 118 11.74 27.76 91.13
C VAL J 118 11.42 26.30 90.83
N ARG J 119 10.71 26.06 89.73
CA ARG J 119 10.41 24.71 89.26
C ARG J 119 10.99 24.57 87.87
N ALA J 120 11.84 23.57 87.69
CA ALA J 120 12.64 23.41 86.48
C ALA J 120 12.53 21.99 85.95
N CYS J 121 12.92 21.82 84.69
CA CYS J 121 13.11 20.48 84.14
C CYS J 121 14.08 20.59 82.99
N ARG J 122 15.09 19.71 82.96
CA ARG J 122 16.06 19.70 81.88
C ARG J 122 16.11 18.32 81.25
N ILE J 123 16.39 18.30 79.95
CA ILE J 123 16.52 17.07 79.19
C ILE J 123 17.81 17.14 78.40
N GLN J 124 18.30 15.96 77.99
CA GLN J 124 19.44 15.89 77.11
C GLN J 124 19.00 16.14 75.68
N TYR J 125 19.62 17.12 75.03
CA TYR J 125 19.26 17.49 73.67
C TYR J 125 20.50 18.07 73.01
N HIS J 126 20.97 17.45 71.94
CA HIS J 126 22.18 17.90 71.27
C HIS J 126 21.83 18.97 70.26
N HIS J 127 22.19 20.20 70.56
CA HIS J 127 21.86 21.36 69.74
C HIS J 127 23.10 21.87 69.04
N ASP J 128 23.07 21.89 67.70
CA ASP J 128 24.20 22.36 66.91
C ASP J 128 23.66 22.96 65.63
N PRO J 129 23.22 24.21 65.67
CA PRO J 129 22.61 24.82 64.49
C PRO J 129 23.66 25.27 63.49
N GLN J 130 23.36 25.03 62.21
CA GLN J 130 24.25 25.43 61.12
C GLN J 130 23.48 26.34 60.18
N PRO J 131 24.01 27.53 59.88
CA PRO J 131 23.27 28.47 59.03
C PRO J 131 23.19 27.96 57.61
N VAL J 132 22.25 28.52 56.86
CA VAL J 132 22.06 28.11 55.48
C VAL J 132 23.07 28.82 54.59
N GLY J 133 23.64 28.09 53.65
CA GLY J 133 24.64 28.67 52.77
C GLY J 133 25.90 27.85 52.67
N ARG J 134 27.04 28.52 52.44
CA ARG J 134 28.33 27.84 52.35
C ARG J 134 29.37 28.43 53.27
N GLU J 135 28.97 29.18 54.28
CA GLU J 135 29.83 29.64 55.35
C GLU J 135 29.12 29.43 56.68
N LYS J 136 29.90 29.16 57.72
CA LYS J 136 29.35 28.94 59.06
C LYS J 136 29.54 30.18 59.92
N PHE J 137 28.75 31.21 59.64
CA PHE J 137 28.89 32.46 60.36
C PHE J 137 28.10 32.41 61.66
N THR J 138 28.28 33.43 62.49
CA THR J 138 27.67 33.47 63.82
C THR J 138 26.68 34.62 63.95
N ILE J 139 27.03 35.81 63.47
CA ILE J 139 26.16 36.98 63.51
C ILE J 139 25.97 37.46 62.07
N ARG J 140 24.79 38.00 61.78
CA ARG J 140 24.54 38.46 60.42
C ARG J 140 25.32 39.75 60.14
N PRO J 141 25.77 39.94 58.90
CA PRO J 141 26.58 41.12 58.61
C PRO J 141 25.73 42.32 58.20
N HIS J 142 26.37 43.48 58.05
CA HIS J 142 25.71 44.65 57.48
C HIS J 142 25.84 44.69 55.96
N TYR J 143 26.47 43.69 55.36
CA TYR J 143 26.60 43.60 53.90
C TYR J 143 26.68 42.15 53.50
N GLY J 144 25.75 41.69 52.66
CA GLY J 144 25.82 40.33 52.16
C GLY J 144 24.63 40.01 51.27
N LYS J 145 24.51 38.74 50.93
CA LYS J 145 23.42 38.22 50.11
C LYS J 145 22.19 37.89 50.93
N GLU J 146 21.10 37.65 50.23
CA GLU J 146 19.87 37.11 50.80
C GLU J 146 19.73 35.69 50.27
N ILE J 147 19.53 34.73 51.15
CA ILE J 147 19.27 33.33 50.78
C ILE J 147 17.98 32.89 51.43
N PRO J 148 17.12 32.15 50.75
CA PRO J 148 15.91 31.63 51.41
C PRO J 148 16.23 30.62 52.49
N CYS J 149 15.40 30.62 53.52
CA CYS J 149 15.43 29.67 54.63
C CYS J 149 13.98 29.46 55.07
N THR J 150 13.77 29.00 56.31
CA THR J 150 12.43 28.87 56.88
C THR J 150 12.47 29.22 58.36
N THR J 151 11.31 29.51 58.93
CA THR J 151 11.22 29.92 60.34
C THR J 151 9.83 29.59 60.86
N TYR J 152 9.65 29.77 62.17
CA TYR J 152 8.34 29.67 62.80
C TYR J 152 7.79 31.07 63.03
N GLN J 153 6.58 31.33 62.54
CA GLN J 153 5.99 32.65 62.62
C GLN J 153 5.10 32.79 63.84
N GLN J 154 4.89 34.04 64.25
CA GLN J 154 4.12 34.34 65.43
C GLN J 154 2.63 34.27 65.20
N THR J 155 2.19 34.12 63.96
CA THR J 155 0.76 34.14 63.66
C THR J 155 0.05 32.94 64.27
N THR J 156 -1.16 33.18 64.76
CA THR J 156 -2.00 32.11 65.29
C THR J 156 -3.26 31.97 64.45
N ALA J 157 -3.12 32.07 63.13
CA ALA J 157 -4.23 31.89 62.20
C ALA J 157 -4.54 30.40 62.02
N LYS J 158 -5.23 30.06 60.93
CA LYS J 158 -5.42 28.65 60.59
C LYS J 158 -4.07 28.00 60.33
N THR J 159 -3.80 26.89 61.02
CA THR J 159 -2.47 26.29 61.01
C THR J 159 -2.40 24.90 60.39
N VAL J 160 -3.45 24.09 60.49
CA VAL J 160 -3.47 22.73 59.98
C VAL J 160 -2.36 21.90 60.62
N GLU J 161 -2.41 21.78 61.94
CA GLU J 161 -1.57 20.89 62.72
C GLU J 161 -2.39 20.53 63.94
N GLU J 162 -2.29 19.29 64.43
CA GLU J 162 -3.20 18.89 65.48
C GLU J 162 -2.51 18.16 66.62
N ILE J 163 -3.09 18.30 67.81
CA ILE J 163 -2.74 17.55 69.02
C ILE J 163 -3.92 16.69 69.40
N ASP J 164 -3.67 15.42 69.69
CA ASP J 164 -4.67 14.54 70.26
C ASP J 164 -4.77 14.80 71.75
N MET J 165 -6.00 14.93 72.25
CA MET J 165 -6.24 15.08 73.68
C MET J 165 -7.32 14.11 74.15
N HIS J 166 -7.31 13.83 75.45
CA HIS J 166 -8.26 12.89 76.04
C HIS J 166 -8.56 13.35 77.47
N MET J 167 -9.65 12.86 78.01
CA MET J 167 -10.03 13.23 79.36
C MET J 167 -9.07 12.65 80.38
N PRO J 168 -8.77 13.37 81.47
CA PRO J 168 -7.76 12.90 82.39
C PRO J 168 -8.22 11.64 83.11
N PRO J 169 -7.29 10.80 83.54
CA PRO J 169 -7.66 9.63 84.34
C PRO J 169 -7.98 10.03 85.78
N ASP J 170 -8.53 9.07 86.51
CA ASP J 170 -8.86 9.29 87.92
C ASP J 170 -7.58 9.38 88.75
N THR J 171 -7.23 10.59 89.16
CA THR J 171 -6.01 10.82 89.91
C THR J 171 -6.17 10.30 91.33
N PRO J 172 -5.33 9.37 91.78
CA PRO J 172 -5.46 8.89 93.15
C PRO J 172 -4.85 9.87 94.14
N ASP J 173 -5.54 10.02 95.26
CA ASP J 173 -5.11 10.93 96.31
C ASP J 173 -5.33 10.25 97.64
N ARG J 174 -4.61 10.71 98.66
CA ARG J 174 -4.71 10.13 99.98
C ARG J 174 -4.86 11.15 101.08
N THR J 175 -4.55 12.42 100.83
CA THR J 175 -4.73 13.45 101.85
C THR J 175 -6.20 13.77 102.12
N LEU J 176 -7.12 13.41 101.23
CA LEU J 176 -8.50 13.81 101.44
C LEU J 176 -9.17 13.01 102.56
N LEU J 177 -8.98 11.70 102.61
CA LEU J 177 -9.62 10.89 103.63
C LEU J 177 -8.92 11.09 104.96
N SER J 178 -9.69 11.26 106.03
CA SER J 178 -9.17 11.49 107.36
C SER J 178 -9.75 10.45 108.31
N GLN J 179 -8.97 10.08 109.32
CA GLN J 179 -9.39 9.13 110.34
C GLN J 179 -9.64 9.89 111.64
N GLN J 180 -10.91 9.99 112.04
CA GLN J 180 -11.28 10.69 113.26
C GLN J 180 -11.35 9.75 114.46
N SER J 181 -12.26 8.78 114.43
CA SER J 181 -12.35 7.76 115.48
C SER J 181 -13.15 6.59 114.90
N GLY J 182 -12.44 5.55 114.46
CA GLY J 182 -13.11 4.40 113.88
C GLY J 182 -13.95 4.73 112.67
N ASN J 183 -13.53 5.70 111.87
CA ASN J 183 -14.33 6.14 110.73
C ASN J 183 -13.43 6.88 109.76
N VAL J 184 -14.00 7.24 108.60
CA VAL J 184 -13.28 7.99 107.60
C VAL J 184 -13.92 9.37 107.46
N LYS J 185 -13.18 10.28 106.83
CA LYS J 185 -13.67 11.60 106.49
C LYS J 185 -13.16 11.95 105.09
N ILE J 186 -13.94 11.61 104.08
CA ILE J 186 -13.63 11.97 102.71
C ILE J 186 -13.95 13.45 102.52
N THR J 187 -13.05 14.17 101.88
CA THR J 187 -13.18 15.61 101.72
C THR J 187 -13.73 15.94 100.34
N VAL J 188 -14.43 17.07 100.26
CA VAL J 188 -15.00 17.59 99.02
C VAL J 188 -14.70 19.09 98.94
N GLY J 189 -15.41 19.80 98.07
CA GLY J 189 -15.19 21.21 97.88
C GLY J 189 -15.32 21.60 96.43
N GLY J 190 -15.77 20.66 95.62
CA GLY J 190 -15.93 20.88 94.19
C GLY J 190 -15.44 19.66 93.44
N LYS J 191 -14.97 18.68 94.20
CA LYS J 191 -14.38 17.46 93.65
C LYS J 191 -15.33 16.31 93.92
N LYS J 192 -15.56 15.47 92.92
CA LYS J 192 -16.42 14.31 93.09
C LYS J 192 -15.52 13.08 93.16
N VAL J 193 -15.39 12.53 94.36
CA VAL J 193 -14.41 11.49 94.63
C VAL J 193 -15.02 10.13 94.37
N LYS J 194 -14.28 9.27 93.69
CA LYS J 194 -14.65 7.88 93.49
C LYS J 194 -13.83 7.02 94.44
N TYR J 195 -14.53 6.21 95.23
CA TYR J 195 -13.92 5.44 96.31
C TYR J 195 -14.18 3.96 96.10
N ASN J 196 -13.42 3.15 96.82
CA ASN J 196 -13.62 1.70 96.80
C ASN J 196 -13.17 1.15 98.15
N CYS J 197 -14.11 1.07 99.09
CA CYS J 197 -13.84 0.56 100.43
C CYS J 197 -14.57 -0.77 100.57
N THR J 198 -13.82 -1.87 100.50
CA THR J 198 -14.39 -3.21 100.70
C THR J 198 -14.18 -3.66 102.14
N CYS J 199 -15.09 -3.19 103.01
CA CYS J 199 -15.19 -3.66 104.39
C CYS J 199 -16.60 -4.16 104.70
N GLY J 200 -17.28 -4.74 103.71
CA GLY J 200 -18.65 -5.17 103.88
C GLY J 200 -19.68 -4.06 103.84
N THR J 201 -19.27 -2.83 104.13
CA THR J 201 -20.15 -1.66 104.06
C THR J 201 -20.28 -1.21 102.61
N GLY J 202 -20.79 0.03 102.43
CA GLY J 202 -20.99 0.60 101.11
C GLY J 202 -19.94 0.25 100.08
N ASN J 203 -20.39 -0.24 98.93
CA ASN J 203 -19.52 -0.67 97.87
C ASN J 203 -18.99 0.52 97.08
N VAL J 204 -18.40 0.26 95.91
CA VAL J 204 -17.90 1.33 95.07
C VAL J 204 -19.00 2.34 94.78
N GLY J 205 -18.65 3.63 94.83
CA GLY J 205 -19.63 4.66 94.57
C GLY J 205 -18.99 6.01 94.43
N THR J 206 -19.75 6.92 93.83
CA THR J 206 -19.30 8.29 93.62
C THR J 206 -20.08 9.22 94.54
N THR J 207 -19.36 10.18 95.12
CA THR J 207 -19.96 11.14 96.04
C THR J 207 -19.69 12.55 95.57
N ASN J 208 -20.50 13.48 96.06
CA ASN J 208 -20.24 14.90 95.91
C ASN J 208 -20.06 15.63 97.23
N SER J 209 -20.45 15.02 98.35
CA SER J 209 -20.25 15.60 99.67
C SER J 209 -19.60 14.56 100.58
N ASP J 210 -19.35 14.96 101.83
CA ASP J 210 -18.58 14.16 102.76
C ASP J 210 -19.33 12.86 103.09
N MET J 211 -18.58 11.83 103.47
CA MET J 211 -19.17 10.54 103.78
C MET J 211 -18.34 9.84 104.85
N THR J 212 -19.01 9.02 105.67
CA THR J 212 -18.39 8.32 106.78
C THR J 212 -18.66 6.82 106.66
N ILE J 213 -17.67 6.01 107.02
CA ILE J 213 -17.77 4.57 106.81
C ILE J 213 -17.90 3.81 108.14
N ASN J 214 -17.36 4.38 109.21
CA ASN J 214 -17.53 3.90 110.58
C ASN J 214 -17.01 2.47 110.80
N THR J 215 -16.35 1.86 109.82
CA THR J 215 -15.95 0.46 109.95
C THR J 215 -14.44 0.26 109.91
N CYS J 216 -13.76 0.74 108.87
CA CYS J 216 -12.33 0.55 108.71
C CYS J 216 -11.69 1.89 108.40
N LEU J 217 -10.46 2.07 108.89
CA LEU J 217 -9.91 3.42 108.99
C LEU J 217 -9.30 3.91 107.67
N ILE J 218 -8.18 3.33 107.26
CA ILE J 218 -7.39 3.93 106.19
C ILE J 218 -7.08 2.91 105.11
N GLU J 219 -6.97 1.64 105.48
CA GLU J 219 -6.39 0.65 104.58
C GLU J 219 -7.39 0.10 103.59
N GLN J 220 -8.53 0.74 103.43
CA GLN J 220 -9.54 0.25 102.51
C GLN J 220 -10.09 1.36 101.64
N CYS J 221 -10.13 2.58 102.17
CA CYS J 221 -10.76 3.70 101.46
C CYS J 221 -9.74 4.46 100.62
N HIS J 222 -10.26 5.13 99.59
CA HIS J 222 -9.41 5.73 98.57
C HIS J 222 -10.01 7.04 98.11
N VAL J 223 -9.28 7.71 97.22
CA VAL J 223 -9.75 8.91 96.54
C VAL J 223 -9.32 8.81 95.09
N SER J 224 -10.22 9.15 94.17
CA SER J 224 -9.90 9.26 92.76
C SER J 224 -10.89 10.25 92.16
N VAL J 225 -10.50 11.52 92.10
CA VAL J 225 -11.37 12.54 91.55
C VAL J 225 -11.63 12.22 90.08
N THR J 226 -12.87 12.32 89.65
CA THR J 226 -13.26 11.87 88.32
C THR J 226 -14.31 12.82 87.72
N ASP J 227 -14.79 12.44 86.54
CA ASP J 227 -15.87 13.12 85.82
C ASP J 227 -15.57 14.62 85.62
N HIS J 228 -14.51 14.87 84.87
CA HIS J 228 -14.06 16.23 84.62
C HIS J 228 -14.69 16.81 83.37
N LYS J 229 -14.55 18.12 83.23
CA LYS J 229 -15.19 18.90 82.19
C LYS J 229 -14.25 19.30 81.07
N LYS J 230 -13.02 18.77 81.05
CA LYS J 230 -12.01 19.28 80.13
C LYS J 230 -10.96 18.24 79.77
N TRP J 231 -10.46 18.37 78.54
CA TRP J 231 -9.43 17.51 77.96
C TRP J 231 -8.07 17.84 78.54
N GLN J 232 -7.20 16.83 78.68
CA GLN J 232 -5.87 17.15 79.21
C GLN J 232 -4.73 17.19 78.18
N PHE J 233 -4.29 16.02 77.69
CA PHE J 233 -3.31 15.81 76.62
C PHE J 233 -2.99 14.33 76.49
N ASN J 234 -2.50 13.92 75.32
CA ASN J 234 -2.28 12.50 75.05
C ASN J 234 -0.79 12.21 75.20
N SER J 235 -0.34 12.21 76.45
CA SER J 235 1.06 12.07 76.80
C SER J 235 1.35 10.65 77.25
N PRO J 236 2.53 10.10 76.96
CA PRO J 236 2.81 8.72 77.39
C PRO J 236 3.17 8.60 78.86
N PHE J 237 3.12 9.68 79.62
CA PHE J 237 3.46 9.64 81.03
C PHE J 237 2.23 9.62 81.95
N VAL J 238 1.02 9.69 81.40
CA VAL J 238 -0.20 9.59 82.19
C VAL J 238 -1.13 8.59 81.52
N PRO J 239 -1.81 7.71 82.26
CA PRO J 239 -2.54 6.61 81.64
C PRO J 239 -3.84 7.07 80.99
N ARG J 240 -4.44 6.26 80.12
CA ARG J 240 -5.71 6.63 79.52
C ARG J 240 -6.83 6.11 80.40
N ALA J 241 -8.06 6.44 80.03
CA ALA J 241 -9.22 6.09 80.86
C ALA J 241 -9.84 4.76 80.46
N ASP J 242 -10.13 4.57 79.17
CA ASP J 242 -10.85 3.39 78.69
C ASP J 242 -10.23 2.91 77.38
N GLU J 243 -10.68 1.74 76.90
CA GLU J 243 -10.16 1.22 75.65
C GLU J 243 -11.23 0.95 74.60
N PRO J 244 -11.99 1.96 74.19
CA PRO J 244 -12.28 2.14 72.76
C PRO J 244 -11.43 3.25 72.14
N ALA J 245 -10.54 3.86 72.93
CA ALA J 245 -9.81 5.07 72.59
C ALA J 245 -10.77 6.24 72.39
N ARG J 246 -10.55 7.31 73.14
CA ARG J 246 -11.48 8.43 73.18
C ARG J 246 -10.64 9.70 73.11
N LYS J 247 -10.65 10.38 71.96
CA LYS J 247 -9.66 11.41 71.72
C LYS J 247 -10.23 12.54 70.88
N GLY J 248 -9.61 13.71 71.01
CA GLY J 248 -10.01 14.90 70.28
C GLY J 248 -8.88 15.52 69.47
N LYS J 249 -8.97 16.82 69.20
CA LYS J 249 -7.98 17.53 68.40
C LYS J 249 -7.86 18.96 68.91
N VAL J 250 -6.71 19.58 68.63
CA VAL J 250 -6.43 20.99 68.88
C VAL J 250 -5.33 21.43 67.93
N HIS J 251 -5.42 22.64 67.37
CA HIS J 251 -4.33 23.14 66.55
C HIS J 251 -3.22 23.73 67.39
N ILE J 252 -1.98 23.50 66.97
CA ILE J 252 -0.80 24.06 67.62
C ILE J 252 -0.49 25.40 66.96
N PRO J 253 0.03 26.38 67.66
CA PRO J 253 0.38 27.65 67.03
C PRO J 253 1.74 27.55 66.34
N PHE J 254 2.16 28.68 65.77
CA PHE J 254 3.49 28.87 65.20
C PHE J 254 3.79 27.89 64.06
N PRO J 255 3.23 28.08 62.88
CA PRO J 255 3.55 27.21 61.74
C PRO J 255 4.86 27.61 61.08
N LEU J 256 5.20 26.89 60.01
CA LEU J 256 6.45 27.09 59.29
C LEU J 256 6.22 28.00 58.10
N ASP J 257 7.08 29.00 57.92
CA ASP J 257 6.97 29.94 56.82
C ASP J 257 8.35 30.15 56.22
N ASN J 258 8.40 30.87 55.09
CA ASN J 258 9.63 30.89 54.29
C ASN J 258 10.67 31.92 54.73
N ILE J 259 10.34 33.22 54.66
CA ILE J 259 11.28 34.33 54.87
C ILE J 259 12.61 34.17 54.13
N THR J 260 13.53 35.12 54.33
CA THR J 260 14.91 35.05 53.82
C THR J 260 15.87 35.50 54.90
N CYS J 261 17.13 35.09 54.78
CA CYS J 261 18.16 35.48 55.74
C CYS J 261 19.40 35.99 55.03
N ARG J 262 20.16 36.84 55.69
CA ARG J 262 21.29 37.52 55.07
C ARG J 262 22.62 36.92 55.49
N VAL J 263 23.36 36.44 54.50
CA VAL J 263 24.62 35.72 54.69
C VAL J 263 25.77 36.53 54.10
N PRO J 264 27.00 36.40 54.59
CA PRO J 264 28.12 37.15 54.03
C PRO J 264 28.71 36.48 52.81
N MET J 265 29.58 37.22 52.12
CA MET J 265 30.42 36.65 51.07
C MET J 265 31.87 36.70 51.51
N ALA J 266 32.57 35.58 51.37
CA ALA J 266 33.98 35.54 51.72
C ALA J 266 34.78 36.43 50.77
N ARG J 267 35.82 37.05 51.31
CA ARG J 267 36.67 37.92 50.54
C ARG J 267 37.40 37.15 49.45
N GLU J 268 37.73 37.85 48.37
CA GLU J 268 38.33 37.19 47.22
C GLU J 268 39.73 36.68 47.55
N PRO J 269 40.07 35.45 47.14
CA PRO J 269 41.40 34.93 47.41
C PRO J 269 42.46 35.59 46.55
N THR J 270 43.71 35.50 47.01
CA THR J 270 44.81 36.06 46.24
C THR J 270 45.29 35.07 45.21
N VAL J 271 45.32 35.48 43.94
CA VAL J 271 45.52 34.58 42.82
C VAL J 271 46.86 34.85 42.16
N ILE J 272 47.64 33.80 41.97
CA ILE J 272 48.95 33.88 41.34
C ILE J 272 48.97 32.94 40.13
N HIS J 273 49.41 33.46 38.99
CA HIS J 273 49.33 32.74 37.73
C HIS J 273 50.60 31.95 37.46
N GLY J 274 50.46 30.69 37.11
CA GLY J 274 51.59 29.87 36.75
C GLY J 274 51.40 29.19 35.42
N LYS J 275 52.35 28.35 35.00
CA LYS J 275 52.22 27.66 33.73
C LYS J 275 51.22 26.52 33.90
N ARG J 276 49.99 26.77 33.44
CA ARG J 276 48.92 25.78 33.46
C ARG J 276 48.60 25.32 34.87
N GLU J 277 48.67 26.25 35.81
CA GLU J 277 48.21 26.07 37.18
C GLU J 277 47.99 27.45 37.76
N VAL J 278 47.27 27.51 38.87
CA VAL J 278 47.05 28.78 39.56
C VAL J 278 47.10 28.52 41.06
N THR J 279 47.69 29.44 41.82
CA THR J 279 47.85 29.30 43.26
C THR J 279 46.97 30.32 43.97
N LEU J 280 46.15 29.83 44.88
CA LEU J 280 45.14 30.63 45.59
C LEU J 280 45.50 30.72 47.06
N HIS J 281 45.56 31.93 47.60
CA HIS J 281 45.74 32.15 49.02
C HIS J 281 44.37 32.44 49.62
N LEU J 282 43.97 31.63 50.61
CA LEU J 282 42.62 31.63 51.15
C LEU J 282 42.66 32.07 52.61
N HIS J 283 41.91 33.12 52.93
CA HIS J 283 41.92 33.77 54.24
C HIS J 283 40.49 33.82 54.77
N PRO J 284 40.04 32.79 55.50
CA PRO J 284 38.69 32.80 56.04
C PRO J 284 38.57 33.44 57.41
N ASP J 285 37.37 34.01 57.66
CA ASP J 285 36.97 34.43 58.99
C ASP J 285 36.25 33.34 59.77
N HIS J 286 35.62 32.41 59.06
CA HIS J 286 34.86 31.31 59.64
C HIS J 286 34.89 30.17 58.63
N PRO J 287 34.59 28.95 59.03
CA PRO J 287 34.71 27.84 58.08
C PRO J 287 33.94 28.05 56.80
N THR J 288 34.63 28.13 55.67
CA THR J 288 34.00 28.35 54.38
C THR J 288 34.26 27.16 53.47
N LEU J 289 33.33 26.88 52.56
CA LEU J 289 33.45 25.75 51.67
C LEU J 289 34.14 26.16 50.37
N PHE J 290 35.20 25.45 50.02
CA PHE J 290 35.97 25.69 48.81
C PHE J 290 35.91 24.46 47.93
N SER J 291 35.52 24.65 46.68
CA SER J 291 35.46 23.54 45.73
C SER J 291 35.98 24.00 44.39
N TYR J 292 36.40 23.05 43.57
CA TYR J 292 36.80 23.36 42.20
C TYR J 292 36.61 22.14 41.32
N ARG J 293 36.53 22.40 40.01
CA ARG J 293 36.43 21.35 39.02
C ARG J 293 37.03 21.82 37.70
N THR J 294 37.67 20.88 37.02
CA THR J 294 38.19 21.11 35.68
C THR J 294 37.09 20.87 34.66
N LEU J 295 36.74 21.91 33.92
CA LEU J 295 35.54 21.89 33.09
C LEU J 295 35.85 21.37 31.69
N GLY J 296 36.41 20.15 31.67
CA GLY J 296 36.67 19.43 30.45
C GLY J 296 35.86 18.15 30.35
N GLU J 297 36.41 17.19 29.60
CA GLU J 297 35.66 15.98 29.28
C GLU J 297 35.59 15.04 30.48
N ASP J 298 36.69 14.89 31.21
CA ASP J 298 36.74 14.10 32.45
C ASP J 298 37.30 14.98 33.56
N PRO J 299 36.47 15.52 34.44
CA PRO J 299 36.91 16.59 35.34
C PRO J 299 37.76 16.08 36.51
N GLN J 300 38.37 17.05 37.19
CA GLN J 300 39.12 16.83 38.43
C GLN J 300 38.39 17.57 39.55
N TYR J 301 37.47 16.86 40.17
CA TYR J 301 36.66 17.37 41.27
C TYR J 301 37.48 17.52 42.55
N HIS J 302 37.13 18.52 43.37
CA HIS J 302 37.64 18.56 44.74
C HIS J 302 36.81 19.54 45.56
N GLU J 303 36.59 19.23 46.84
CA GLU J 303 35.91 20.17 47.73
C GLU J 303 36.30 19.92 49.19
N GLU J 304 36.21 20.98 50.00
CA GLU J 304 36.88 21.04 51.29
C GLU J 304 36.26 22.15 52.13
N TRP J 305 36.45 22.05 53.44
CA TRP J 305 35.95 23.05 54.40
C TRP J 305 37.16 23.76 55.00
N VAL J 306 37.46 24.95 54.50
CA VAL J 306 38.64 25.69 54.95
C VAL J 306 38.33 26.41 56.27
N THR J 307 39.19 26.22 57.26
CA THR J 307 39.04 26.78 58.59
C THR J 307 40.14 27.78 58.96
N ALA J 308 41.36 27.57 58.49
CA ALA J 308 42.49 28.44 58.74
C ALA J 308 43.02 28.99 57.42
N ALA J 309 43.94 29.94 57.49
CA ALA J 309 44.51 30.52 56.28
C ALA J 309 45.36 29.48 55.58
N VAL J 310 45.05 29.20 54.31
CA VAL J 310 45.74 28.13 53.59
C VAL J 310 46.14 28.59 52.20
N GLU J 311 46.72 27.68 51.43
CA GLU J 311 47.27 28.00 50.11
C GLU J 311 47.16 26.77 49.23
N ARG J 312 46.48 26.89 48.09
CA ARG J 312 46.13 25.73 47.28
C ARG J 312 46.54 25.93 45.84
N THR J 313 47.15 24.91 45.24
CA THR J 313 47.60 24.93 43.85
C THR J 313 46.69 24.05 43.02
N ILE J 314 46.01 24.64 42.04
CA ILE J 314 44.99 23.91 41.31
C ILE J 314 45.22 24.05 39.80
N PRO J 315 45.01 22.99 39.02
CA PRO J 315 45.43 23.00 37.63
C PRO J 315 44.42 23.66 36.71
N VAL J 316 44.93 24.35 35.69
CA VAL J 316 44.10 25.02 34.71
C VAL J 316 44.50 24.54 33.32
N PRO J 317 43.89 23.49 32.80
CA PRO J 317 44.21 23.06 31.44
C PRO J 317 43.68 24.05 30.41
N VAL J 318 43.88 23.78 29.13
CA VAL J 318 43.36 24.70 28.12
C VAL J 318 41.84 24.67 28.04
N ASP J 319 41.22 23.61 28.56
CA ASP J 319 39.77 23.54 28.62
C ASP J 319 39.19 24.53 29.60
N GLY J 320 39.91 24.81 30.69
CA GLY J 320 39.43 25.71 31.71
C GLY J 320 39.32 25.06 33.07
N MET J 321 38.98 25.88 34.05
CA MET J 321 38.86 25.47 35.43
C MET J 321 37.86 26.39 36.09
N GLU J 322 37.18 25.89 37.12
CA GLU J 322 36.17 26.66 37.83
C GLU J 322 36.32 26.44 39.32
N TYR J 323 36.33 27.53 40.07
CA TYR J 323 36.39 27.42 41.52
C TYR J 323 35.31 28.23 42.18
N HIS J 324 34.78 27.69 43.27
CA HIS J 324 33.68 28.25 44.03
C HIS J 324 34.14 28.36 45.46
N TRP J 325 34.10 29.57 46.02
CA TRP J 325 34.73 29.88 47.30
C TRP J 325 33.76 30.67 48.17
N GLY J 326 33.02 29.99 49.03
CA GLY J 326 32.15 30.72 49.94
C GLY J 326 30.76 30.82 49.38
N ASN J 327 30.09 31.95 49.63
CA ASN J 327 28.77 32.19 49.06
C ASN J 327 28.81 32.88 47.71
N ASN J 328 29.89 33.59 47.38
CA ASN J 328 29.92 34.34 46.13
C ASN J 328 30.08 33.40 44.92
N ASP J 329 29.86 33.96 43.74
CA ASP J 329 29.61 33.17 42.54
C ASP J 329 30.87 32.45 42.06
N PRO J 330 30.71 31.31 41.38
CA PRO J 330 31.89 30.58 40.89
C PRO J 330 32.59 31.33 39.77
N VAL J 331 33.90 31.11 39.67
CA VAL J 331 34.76 31.87 38.77
C VAL J 331 35.52 30.90 37.87
N ARG J 332 35.60 31.25 36.59
CA ARG J 332 36.22 30.41 35.58
C ARG J 332 37.51 31.04 35.06
N LEU J 333 38.48 30.19 34.75
CA LEU J 333 39.78 30.64 34.26
C LEU J 333 40.23 29.69 33.15
N TRP J 334 40.86 30.24 32.11
CA TRP J 334 41.36 29.48 30.98
C TRP J 334 42.83 29.75 30.78
N SER J 335 43.55 28.75 30.28
CA SER J 335 44.97 28.91 30.05
C SER J 335 45.28 29.16 28.57
N GLN J 336 46.33 29.92 28.32
CA GLN J 336 46.72 30.30 26.98
C GLN J 336 47.85 29.41 26.50
N LEU J 337 48.08 29.40 25.19
CA LEU J 337 49.07 28.51 24.57
C LEU J 337 50.44 29.15 24.69
N THR J 338 50.89 29.34 25.92
CA THR J 338 52.14 30.03 26.19
C THR J 338 53.26 29.01 26.41
N THR J 339 54.45 29.38 25.98
CA THR J 339 55.61 28.48 26.05
C THR J 339 56.87 29.34 26.08
N GLU J 340 58.02 28.66 26.08
CA GLU J 340 59.29 29.31 26.40
C GLU J 340 60.27 29.43 25.24
N GLY J 341 60.18 28.59 24.22
CA GLY J 341 61.06 28.71 23.08
C GLY J 341 60.64 29.86 22.19
N LYS J 342 61.28 29.94 21.02
CA LYS J 342 60.88 30.90 19.99
C LYS J 342 60.66 30.18 18.68
N PRO J 343 59.48 30.29 18.06
CA PRO J 343 59.29 29.72 16.73
C PRO J 343 59.97 30.59 15.69
N HIS J 344 60.09 30.05 14.49
CA HIS J 344 60.74 30.75 13.39
C HIS J 344 62.17 31.13 13.76
N GLY J 345 62.83 30.23 14.49
CA GLY J 345 64.21 30.44 14.86
C GLY J 345 65.06 29.28 14.40
N TRP J 346 66.17 29.03 15.05
CA TRP J 346 67.02 27.92 14.67
C TRP J 346 66.30 26.60 14.96
N PRO J 347 66.59 25.55 14.19
CA PRO J 347 65.83 24.30 14.33
C PRO J 347 65.88 23.69 15.72
N HIS J 348 66.88 24.01 16.54
CA HIS J 348 66.91 23.50 17.91
C HIS J 348 66.05 24.34 18.85
N GLN J 349 65.49 25.45 18.38
CA GLN J 349 64.54 26.24 19.15
C GLN J 349 63.10 25.99 18.76
N ILE J 350 62.84 25.57 17.52
CA ILE J 350 61.49 25.17 17.14
C ILE J 350 61.06 23.96 17.95
N VAL J 351 61.98 23.02 18.17
CA VAL J 351 61.67 21.85 18.97
C VAL J 351 61.41 22.24 20.42
N GLN J 352 62.16 23.22 20.94
CA GLN J 352 61.86 23.72 22.28
C GLN J 352 60.47 24.33 22.35
N TYR J 353 60.11 25.12 21.33
CA TYR J 353 58.76 25.68 21.26
C TYR J 353 57.72 24.58 21.33
N TYR J 354 57.81 23.60 20.47
CA TYR J 354 56.78 22.56 20.43
C TYR J 354 56.91 21.56 21.54
N TYR J 355 57.97 21.65 22.35
CA TYR J 355 58.09 20.88 23.57
C TYR J 355 57.49 21.59 24.78
N GLY J 356 57.49 22.92 24.79
CA GLY J 356 56.84 23.62 25.87
C GLY J 356 55.36 23.28 25.95
N LEU J 357 54.69 23.25 24.81
CA LEU J 357 53.29 22.86 24.73
C LEU J 357 53.19 21.54 23.97
N TYR J 358 52.37 20.63 24.48
CA TYR J 358 52.30 19.24 24.07
C TYR J 358 53.65 18.55 24.28
N PRO J 359 54.14 18.40 25.52
CA PRO J 359 55.50 17.90 25.73
C PRO J 359 55.60 16.39 25.76
N ALA J 360 54.82 15.68 24.94
CA ALA J 360 54.90 14.22 24.92
C ALA J 360 54.84 13.63 23.54
N ALA J 361 54.25 14.31 22.55
CA ALA J 361 54.29 13.85 21.18
C ALA J 361 55.42 14.48 20.39
N THR J 362 55.96 15.61 20.87
CA THR J 362 57.13 16.19 20.21
C THR J 362 58.32 15.27 20.27
N VAL J 363 58.56 14.65 21.44
CA VAL J 363 59.70 13.76 21.58
C VAL J 363 59.57 12.55 20.65
N SER J 364 58.38 11.94 20.63
CA SER J 364 58.15 10.80 19.76
C SER J 364 58.29 11.18 18.29
N ALA J 365 57.73 12.32 17.91
CA ALA J 365 57.80 12.74 16.50
C ALA J 365 59.23 13.03 16.09
N VAL J 366 60.00 13.71 16.95
CA VAL J 366 61.38 14.02 16.62
C VAL J 366 62.19 12.72 16.49
N VAL J 367 61.99 11.78 17.41
CA VAL J 367 62.71 10.52 17.34
C VAL J 367 62.36 9.77 16.06
N GLY J 368 61.08 9.74 15.70
CA GLY J 368 60.68 9.05 14.49
C GLY J 368 61.23 9.68 13.24
N MET J 369 61.20 11.01 13.14
CA MET J 369 61.75 11.68 11.97
C MET J 369 63.25 11.43 11.84
N SER J 370 63.98 11.55 12.95
CA SER J 370 65.41 11.29 12.90
C SER J 370 65.69 9.84 12.53
N LEU J 371 64.87 8.92 13.02
CA LEU J 371 65.08 7.50 12.71
C LEU J 371 64.85 7.22 11.24
N LEU J 372 63.80 7.80 10.65
CA LEU J 372 63.60 7.65 9.21
C LEU J 372 64.76 8.24 8.42
N ALA J 373 65.26 9.40 8.83
CA ALA J 373 66.38 10.01 8.11
C ALA J 373 67.61 9.11 8.18
N LEU J 374 67.89 8.56 9.36
CA LEU J 374 69.06 7.70 9.53
C LEU J 374 68.93 6.42 8.71
N ILE J 375 67.75 5.80 8.70
CA ILE J 375 67.56 4.60 7.90
C ILE J 375 67.76 4.92 6.42
N SER J 376 67.22 6.04 5.96
CA SER J 376 67.37 6.40 4.56
C SER J 376 68.84 6.60 4.20
N ILE J 377 69.58 7.32 5.02
CA ILE J 377 70.97 7.61 4.69
C ILE J 377 71.80 6.35 4.69
N PHE J 378 71.58 5.46 5.67
CA PHE J 378 72.38 4.24 5.72
C PHE J 378 72.03 3.29 4.59
N ALA J 379 70.75 3.19 4.23
CA ALA J 379 70.38 2.36 3.10
C ALA J 379 71.01 2.88 1.81
N SER J 380 71.01 4.19 1.62
CA SER J 380 71.61 4.76 0.41
C SER J 380 73.12 4.48 0.35
N CYS J 381 73.82 4.67 1.47
CA CYS J 381 75.26 4.43 1.47
C CYS J 381 75.58 2.96 1.26
N TYR J 382 74.83 2.07 1.91
CA TYR J 382 75.05 0.64 1.72
C TYR J 382 74.82 0.23 0.27
N MET J 383 73.79 0.78 -0.36
CA MET J 383 73.51 0.42 -1.74
C MET J 383 74.58 0.97 -2.69
N LEU J 384 75.14 2.15 -2.41
CA LEU J 384 76.29 2.59 -3.18
C LEU J 384 77.47 1.64 -3.02
N VAL J 385 77.72 1.17 -1.80
CA VAL J 385 78.83 0.24 -1.59
C VAL J 385 78.60 -1.05 -2.38
N ALA J 386 77.36 -1.55 -2.37
CA ALA J 386 77.05 -2.75 -3.15
C ALA J 386 77.26 -2.50 -4.64
N ALA J 387 76.87 -1.33 -5.13
CA ALA J 387 77.09 -1.01 -6.54
C ALA J 387 78.58 -0.99 -6.86
N ARG J 388 79.38 -0.40 -5.98
CA ARG J 388 80.82 -0.39 -6.19
C ARG J 388 81.36 -1.80 -6.29
N SER J 389 80.96 -2.67 -5.36
CA SER J 389 81.47 -4.04 -5.37
C SER J 389 81.04 -4.76 -6.65
N LYS J 390 79.79 -4.58 -7.06
CA LYS J 390 79.28 -5.22 -8.26
C LYS J 390 80.04 -4.77 -9.51
N CYS J 391 80.37 -3.49 -9.58
CA CYS J 391 81.13 -2.99 -10.73
C CYS J 391 82.60 -3.36 -10.68
N LEU J 392 83.18 -3.53 -9.50
CA LEU J 392 84.62 -3.69 -9.37
C LEU J 392 85.08 -5.14 -9.33
N THR J 393 84.28 -6.06 -8.79
CA THR J 393 84.74 -7.44 -8.71
C THR J 393 84.96 -8.12 -10.06
N PRO J 394 84.35 -7.67 -11.18
CA PRO J 394 84.78 -8.24 -12.47
C PRO J 394 86.26 -8.09 -12.74
N TYR J 395 86.86 -6.97 -12.36
CA TYR J 395 88.28 -6.74 -12.59
C TYR J 395 89.16 -7.48 -11.59
N ALA J 396 88.58 -7.99 -10.50
CA ALA J 396 89.33 -8.72 -9.49
C ALA J 396 89.53 -10.18 -9.83
N LEU J 397 88.94 -10.66 -10.92
CA LEU J 397 89.10 -12.04 -11.37
C LEU J 397 89.97 -12.16 -12.60
N THR J 398 90.63 -11.07 -13.02
CA THR J 398 91.57 -11.05 -14.13
C THR J 398 92.89 -10.45 -13.65
N PRO J 399 94.00 -10.87 -14.24
CA PRO J 399 95.30 -10.21 -14.00
C PRO J 399 95.45 -8.93 -14.82
N GLY J 400 94.46 -8.04 -14.71
CA GLY J 400 94.40 -6.83 -15.49
C GLY J 400 94.67 -5.57 -14.69
N ALA J 401 94.49 -4.44 -15.37
CA ALA J 401 94.80 -3.14 -14.79
C ALA J 401 93.60 -2.59 -14.01
N ALA J 402 93.65 -1.30 -13.69
CA ALA J 402 92.56 -0.64 -12.99
C ALA J 402 91.90 0.47 -13.79
N VAL J 403 92.31 0.69 -15.04
CA VAL J 403 91.71 1.71 -15.91
C VAL J 403 91.73 3.06 -15.22
N PRO J 404 92.88 3.77 -15.25
CA PRO J 404 93.03 4.98 -14.41
C PRO J 404 91.84 5.92 -14.42
N TRP J 405 91.13 6.03 -15.55
CA TRP J 405 89.93 6.85 -15.57
C TRP J 405 88.87 6.30 -14.62
N THR J 406 88.73 4.98 -14.57
CA THR J 406 87.82 4.34 -13.62
C THR J 406 88.39 4.32 -12.21
N LEU J 407 89.71 4.28 -12.05
CA LEU J 407 90.30 4.34 -10.72
C LEU J 407 90.06 5.70 -10.07
N GLY J 408 90.20 6.78 -10.83
CA GLY J 408 90.04 8.10 -10.27
C GLY J 408 88.62 8.36 -9.78
N ILE J 409 87.63 8.01 -10.60
CA ILE J 409 86.23 8.24 -10.23
C ILE J 409 85.84 7.33 -9.07
N LEU J 410 86.16 6.04 -9.17
CA LEU J 410 85.76 5.05 -8.19
C LEU J 410 86.97 4.66 -7.36
N CYS J 411 86.97 5.03 -6.09
CA CYS J 411 88.08 4.74 -5.18
C CYS J 411 88.04 3.27 -4.80
N CYS J 412 89.08 2.54 -5.15
CA CYS J 412 89.20 1.12 -4.83
C CYS J 412 90.24 0.91 -3.74
N ALA J 413 90.16 -0.27 -3.11
CA ALA J 413 91.12 -0.61 -2.06
C ALA J 413 92.57 -0.59 -2.55
N PRO J 414 92.92 -1.19 -3.71
CA PRO J 414 94.30 -1.04 -4.20
C PRO J 414 94.57 0.37 -4.71
N ARG J 415 95.26 1.19 -3.91
CA ARG J 415 95.52 2.56 -4.31
C ARG J 415 96.48 2.62 -5.50
N ALA J 416 97.57 1.89 -5.42
CA ALA J 416 98.56 1.85 -6.51
C ALA J 416 99.01 0.45 -6.89
N HIS J 417 98.90 -0.54 -6.02
CA HIS J 417 99.35 -1.89 -6.33
C HIS J 417 98.25 -2.61 -7.11
N ALA J 418 98.48 -2.81 -8.40
CA ALA J 418 97.56 -3.51 -9.29
C ALA J 418 96.18 -2.85 -9.32
N MET K 1 -72.45 -26.48 22.07
CA MET K 1 -71.00 -26.63 21.95
C MET K 1 -70.29 -25.74 22.97
N CYS K 2 -70.56 -24.44 22.92
CA CYS K 2 -69.95 -23.52 23.86
C CYS K 2 -70.43 -23.78 25.28
N VAL K 3 -69.53 -23.60 26.23
CA VAL K 3 -69.75 -24.01 27.62
C VAL K 3 -69.65 -22.79 28.53
N LEU K 4 -70.56 -22.71 29.50
CA LEU K 4 -70.54 -21.69 30.55
C LEU K 4 -70.60 -22.42 31.88
N ALA K 5 -69.45 -22.55 32.54
CA ALA K 5 -69.33 -23.34 33.76
C ALA K 5 -69.83 -24.76 33.54
N ASN K 6 -71.12 -25.01 33.74
CA ASN K 6 -71.74 -26.30 33.49
C ASN K 6 -73.02 -26.15 32.71
N ALA K 7 -72.97 -25.39 31.60
CA ALA K 7 -74.14 -25.18 30.75
C ALA K 7 -74.12 -26.06 29.51
N THR K 8 -73.09 -25.92 28.68
CA THR K 8 -72.94 -26.68 27.43
C THR K 8 -74.15 -26.46 26.51
N PHE K 9 -74.30 -25.22 26.08
CA PHE K 9 -75.41 -24.79 25.24
C PHE K 9 -74.96 -24.57 23.81
N PRO K 10 -75.84 -24.71 22.83
CA PRO K 10 -75.48 -24.41 21.44
C PRO K 10 -75.07 -22.95 21.28
N CYS K 11 -74.00 -22.73 20.50
CA CYS K 11 -73.37 -21.42 20.45
C CYS K 11 -74.25 -20.39 19.75
N PHE K 12 -75.18 -20.82 18.90
CA PHE K 12 -76.05 -19.85 18.24
C PHE K 12 -76.95 -19.13 19.23
N GLN K 13 -77.33 -19.80 20.32
CA GLN K 13 -78.24 -19.22 21.32
C GLN K 13 -77.58 -19.23 22.68
N PRO K 14 -76.96 -18.12 23.06
CA PRO K 14 -76.42 -17.99 24.42
C PRO K 14 -77.55 -17.80 25.43
N PRO K 15 -77.32 -18.16 26.69
CA PRO K 15 -78.35 -17.93 27.72
C PRO K 15 -78.50 -16.48 28.15
N CYS K 16 -77.70 -15.57 27.59
CA CYS K 16 -77.77 -14.16 27.96
C CYS K 16 -78.64 -13.33 27.01
N VAL K 17 -79.29 -13.95 26.03
CA VAL K 17 -80.11 -13.20 25.08
C VAL K 17 -81.27 -12.55 25.81
N PRO K 18 -81.55 -11.26 25.59
CA PRO K 18 -80.80 -10.38 24.69
C PRO K 18 -79.83 -9.44 25.40
N CYS K 19 -79.04 -8.71 24.63
CA CYS K 19 -78.13 -7.69 25.14
C CYS K 19 -77.20 -8.26 26.20
N CYS K 20 -76.36 -9.22 25.77
CA CYS K 20 -75.42 -9.85 26.69
C CYS K 20 -74.42 -8.84 27.23
N TYR K 21 -73.88 -7.98 26.37
CA TYR K 21 -72.87 -7.03 26.82
C TYR K 21 -73.50 -5.89 27.59
N GLU K 22 -74.69 -5.44 27.19
CA GLU K 22 -75.33 -4.34 27.88
C GLU K 22 -75.67 -4.73 29.32
N ASN K 23 -76.18 -5.94 29.52
CA ASN K 23 -76.55 -6.39 30.87
C ASN K 23 -75.30 -6.63 31.72
N ASN K 24 -74.31 -7.34 31.19
CA ASN K 24 -73.11 -7.66 31.96
C ASN K 24 -71.93 -7.71 31.00
N ALA K 25 -71.13 -6.64 30.99
CA ALA K 25 -69.98 -6.57 30.11
C ALA K 25 -68.89 -7.55 30.55
N GLU K 26 -68.52 -7.50 31.83
CA GLU K 26 -67.42 -8.30 32.33
C GLU K 26 -67.72 -9.79 32.23
N ALA K 27 -68.95 -10.19 32.56
CA ALA K 27 -69.32 -11.59 32.46
C ALA K 27 -69.27 -12.06 31.02
N THR K 28 -69.71 -11.23 30.07
CA THR K 28 -69.62 -11.61 28.67
C THR K 28 -68.18 -11.81 28.23
N LEU K 29 -67.29 -10.91 28.66
CA LEU K 29 -65.89 -11.06 28.28
C LEU K 29 -65.28 -12.33 28.87
N ARG K 30 -65.57 -12.63 30.14
CA ARG K 30 -65.10 -13.87 30.71
C ARG K 30 -65.71 -15.07 29.99
N MET K 31 -66.95 -14.93 29.53
CA MET K 31 -67.61 -15.97 28.74
C MET K 31 -66.84 -16.26 27.47
N LEU K 32 -66.39 -15.21 26.78
CA LEU K 32 -65.65 -15.42 25.52
C LEU K 32 -64.22 -15.89 25.75
N GLU K 33 -63.56 -15.46 26.82
CA GLU K 33 -62.14 -15.69 27.01
C GLU K 33 -61.76 -17.14 27.24
N ASP K 34 -62.72 -18.04 27.47
CA ASP K 34 -62.41 -19.44 27.71
C ASP K 34 -62.99 -20.39 26.68
N ASN K 35 -63.51 -19.86 25.56
CA ASN K 35 -63.89 -20.67 24.42
C ASN K 35 -63.02 -20.41 23.20
N VAL K 36 -61.83 -19.86 23.38
CA VAL K 36 -60.99 -19.49 22.24
C VAL K 36 -60.58 -20.73 21.45
N ASP K 37 -60.39 -21.86 22.13
CA ASP K 37 -60.08 -23.10 21.43
C ASP K 37 -61.32 -23.79 20.86
N ARG K 38 -62.51 -23.32 21.19
CA ARG K 38 -63.74 -23.91 20.66
C ARG K 38 -63.97 -23.43 19.24
N PRO K 39 -64.16 -24.34 18.27
CA PRO K 39 -64.40 -23.92 16.89
C PRO K 39 -65.62 -23.03 16.72
N GLY K 40 -66.61 -23.15 17.59
CA GLY K 40 -67.73 -22.23 17.55
C GLY K 40 -67.44 -20.96 18.32
N TYR K 41 -66.28 -20.35 18.09
CA TYR K 41 -65.92 -19.14 18.82
C TYR K 41 -66.54 -17.91 18.17
N TYR K 42 -66.51 -17.85 16.84
CA TYR K 42 -66.91 -16.63 16.14
C TYR K 42 -68.42 -16.44 16.12
N ASP K 43 -69.18 -17.53 15.97
CA ASP K 43 -70.62 -17.41 16.07
C ASP K 43 -71.06 -17.12 17.50
N LEU K 44 -70.36 -17.67 18.50
CA LEU K 44 -70.59 -17.25 19.88
C LEU K 44 -70.33 -15.77 20.05
N LEU K 45 -69.24 -15.28 19.45
CA LEU K 45 -68.90 -13.86 19.52
C LEU K 45 -69.96 -13.01 18.85
N GLN K 46 -70.50 -13.46 17.72
CA GLN K 46 -71.57 -12.75 17.04
C GLN K 46 -72.83 -12.71 17.90
N ALA K 47 -73.13 -13.81 18.59
CA ALA K 47 -74.31 -13.86 19.44
C ALA K 47 -74.17 -13.00 20.69
N ALA K 48 -72.97 -12.94 21.26
CA ALA K 48 -72.80 -12.23 22.52
C ALA K 48 -72.81 -10.71 22.33
N LEU K 49 -72.45 -10.23 21.15
CA LEU K 49 -72.31 -8.81 20.89
C LEU K 49 -73.28 -8.30 19.83
N THR K 50 -74.57 -8.59 20.00
CA THR K 50 -75.62 -8.07 19.13
C THR K 50 -76.91 -7.91 19.91
N CYS K 51 -77.48 -6.71 19.87
CA CYS K 51 -78.87 -6.51 20.31
C CYS K 51 -79.32 -5.11 19.93
N ARG K 52 -80.64 -4.97 19.75
CA ARG K 52 -81.24 -3.68 19.43
C ARG K 52 -81.99 -3.10 20.63
N MET L 1 -57.08 40.61 -48.37
CA MET L 1 -56.53 39.44 -49.05
C MET L 1 -57.12 38.16 -48.45
N CYS L 2 -57.87 38.31 -47.36
CA CYS L 2 -58.67 37.24 -46.82
C CYS L 2 -59.97 37.09 -47.63
N VAL L 3 -60.52 35.89 -47.62
CA VAL L 3 -61.68 35.57 -48.46
C VAL L 3 -62.81 35.01 -47.60
N LEU L 4 -64.03 35.48 -47.88
CA LEU L 4 -65.26 34.96 -47.28
C LEU L 4 -66.23 34.69 -48.44
N ALA L 5 -66.35 33.42 -48.82
CA ALA L 5 -67.19 33.00 -49.94
C ALA L 5 -66.80 33.70 -51.23
N ASN L 6 -67.35 34.89 -51.47
CA ASN L 6 -67.07 35.65 -52.69
C ASN L 6 -66.83 37.12 -52.38
N ALA L 7 -66.13 37.39 -51.29
CA ALA L 7 -65.82 38.77 -50.90
C ALA L 7 -64.41 39.17 -51.29
N THR L 8 -63.40 38.43 -50.82
CA THR L 8 -61.99 38.70 -51.09
C THR L 8 -61.64 40.15 -50.76
N PHE L 9 -61.74 40.44 -49.47
CA PHE L 9 -61.57 41.75 -48.88
C PHE L 9 -60.23 41.88 -48.17
N PRO L 10 -59.69 43.09 -48.07
CA PRO L 10 -58.49 43.28 -47.23
C PRO L 10 -58.78 42.91 -45.79
N CYS L 11 -57.84 42.22 -45.16
CA CYS L 11 -58.07 41.66 -43.83
C CYS L 11 -58.13 42.73 -42.75
N PHE L 12 -57.69 43.94 -43.04
CA PHE L 12 -57.79 45.03 -42.06
C PHE L 12 -59.20 45.56 -41.89
N GLN L 13 -60.06 45.41 -42.90
CA GLN L 13 -61.43 45.93 -42.86
C GLN L 13 -62.40 44.83 -43.23
N PRO L 14 -62.65 43.87 -42.32
CA PRO L 14 -63.65 42.86 -42.58
C PRO L 14 -65.04 43.46 -42.59
N PRO L 15 -66.00 42.84 -43.29
CA PRO L 15 -67.35 43.42 -43.37
C PRO L 15 -68.11 43.43 -42.05
N CYS L 16 -67.65 42.69 -41.05
CA CYS L 16 -68.38 42.54 -39.79
C CYS L 16 -68.08 43.64 -38.79
N VAL L 17 -67.28 44.65 -39.15
CA VAL L 17 -66.98 45.74 -38.21
C VAL L 17 -68.27 46.48 -37.89
N PRO L 18 -68.60 46.73 -36.61
CA PRO L 18 -67.81 46.32 -35.44
C PRO L 18 -68.36 45.09 -34.73
N CYS L 19 -67.61 44.58 -33.77
CA CYS L 19 -68.05 43.48 -32.90
C CYS L 19 -68.41 42.24 -33.71
N CYS L 20 -67.41 41.71 -34.41
CA CYS L 20 -67.63 40.53 -35.25
C CYS L 20 -68.06 39.32 -34.44
N TYR L 21 -67.41 39.10 -33.29
CA TYR L 21 -67.73 37.92 -32.49
C TYR L 21 -69.10 38.03 -31.83
N GLU L 22 -69.39 39.16 -31.21
CA GLU L 22 -70.64 39.30 -30.48
C GLU L 22 -71.84 39.19 -31.41
N ASN L 23 -71.76 39.80 -32.59
CA ASN L 23 -72.85 39.73 -33.54
C ASN L 23 -73.09 38.30 -34.02
N ASN L 24 -72.01 37.56 -34.26
CA ASN L 24 -72.12 36.17 -34.70
C ASN L 24 -70.80 35.46 -34.37
N ALA L 25 -70.87 34.43 -33.53
CA ALA L 25 -69.66 33.74 -33.09
C ALA L 25 -69.29 32.59 -34.02
N GLU L 26 -70.26 31.71 -34.31
CA GLU L 26 -69.98 30.53 -35.11
C GLU L 26 -69.52 30.90 -36.52
N ALA L 27 -70.17 31.90 -37.12
CA ALA L 27 -69.74 32.37 -38.43
C ALA L 27 -68.33 32.93 -38.37
N THR L 28 -68.00 33.65 -37.29
CA THR L 28 -66.66 34.19 -37.14
C THR L 28 -65.62 33.08 -37.08
N LEU L 29 -65.89 32.02 -36.31
CA LEU L 29 -64.94 30.93 -36.20
C LEU L 29 -64.80 30.17 -37.51
N ARG L 30 -65.91 29.98 -38.22
CA ARG L 30 -65.84 29.35 -39.53
C ARG L 30 -64.98 30.16 -40.49
N MET L 31 -65.18 31.48 -40.49
CA MET L 31 -64.42 32.35 -41.38
C MET L 31 -62.93 32.32 -41.03
N LEU L 32 -62.62 32.24 -39.72
CA LEU L 32 -61.23 32.10 -39.31
C LEU L 32 -60.62 30.79 -39.76
N GLU L 33 -61.35 29.68 -39.63
CA GLU L 33 -60.80 28.40 -40.02
C GLU L 33 -60.62 28.27 -41.53
N ASP L 34 -61.46 28.94 -42.31
CA ASP L 34 -61.28 28.92 -43.76
C ASP L 34 -59.98 29.56 -44.19
N ASN L 35 -59.57 30.65 -43.54
CA ASN L 35 -58.44 31.46 -43.96
C ASN L 35 -57.19 31.24 -43.11
N VAL L 36 -56.92 30.01 -42.68
CA VAL L 36 -55.78 29.78 -41.80
C VAL L 36 -54.46 29.94 -42.54
N ASP L 37 -54.37 29.49 -43.78
CA ASP L 37 -53.08 29.45 -44.46
C ASP L 37 -52.64 30.81 -44.98
N ARG L 38 -53.55 31.77 -45.08
CA ARG L 38 -53.18 33.08 -45.58
C ARG L 38 -52.19 33.76 -44.63
N PRO L 39 -51.18 34.45 -45.17
CA PRO L 39 -50.23 35.15 -44.29
C PRO L 39 -50.85 36.27 -43.49
N GLY L 40 -52.00 36.80 -43.91
CA GLY L 40 -52.66 37.86 -43.17
C GLY L 40 -53.62 37.28 -42.14
N TYR L 41 -53.36 36.04 -41.74
CA TYR L 41 -54.26 35.35 -40.81
C TYR L 41 -54.32 36.06 -39.46
N TYR L 42 -53.18 36.56 -38.98
CA TYR L 42 -53.15 37.13 -37.64
C TYR L 42 -53.74 38.53 -37.60
N ASP L 43 -53.60 39.32 -38.67
CA ASP L 43 -54.36 40.56 -38.74
C ASP L 43 -55.85 40.27 -38.75
N LEU L 44 -56.26 39.23 -39.47
CA LEU L 44 -57.67 38.84 -39.47
C LEU L 44 -58.13 38.44 -38.08
N LEU L 45 -57.32 37.65 -37.37
CA LEU L 45 -57.68 37.24 -36.01
C LEU L 45 -57.76 38.44 -35.08
N GLN L 46 -56.84 39.39 -35.21
CA GLN L 46 -56.89 40.60 -34.40
C GLN L 46 -58.15 41.40 -34.68
N ALA L 47 -58.52 41.53 -35.95
CA ALA L 47 -59.70 42.30 -36.31
C ALA L 47 -60.99 41.59 -35.89
N ALA L 48 -60.94 40.26 -35.78
CA ALA L 48 -62.17 39.51 -35.52
C ALA L 48 -62.62 39.60 -34.05
N LEU L 49 -61.70 39.88 -33.14
CA LEU L 49 -61.97 39.80 -31.71
C LEU L 49 -61.70 41.12 -30.99
N THR L 50 -62.14 42.25 -31.56
CA THR L 50 -61.84 43.55 -30.96
C THR L 50 -62.98 44.51 -31.24
N CYS L 51 -63.63 45.00 -30.19
CA CYS L 51 -64.62 46.05 -30.29
C CYS L 51 -64.98 46.54 -28.90
N ARG L 52 -65.47 47.77 -28.81
CA ARG L 52 -65.95 48.32 -27.54
C ARG L 52 -67.43 48.67 -27.63
N MET M 1 -23.13 18.00 58.77
CA MET M 1 -23.06 16.56 58.55
C MET M 1 -22.53 15.84 59.79
N CYS M 2 -22.34 16.57 60.87
CA CYS M 2 -21.94 16.00 62.14
C CYS M 2 -23.07 15.14 62.70
N VAL M 3 -22.72 14.29 63.67
CA VAL M 3 -23.63 13.28 64.20
C VAL M 3 -23.66 13.38 65.72
N LEU M 4 -24.86 13.46 66.29
CA LEU M 4 -25.08 13.34 67.73
C LEU M 4 -26.17 12.29 67.93
N ALA M 5 -25.79 11.09 68.37
CA ALA M 5 -26.71 10.00 68.61
C ALA M 5 -27.51 9.69 67.35
N ASN M 6 -28.60 10.42 67.14
CA ASN M 6 -29.41 10.28 65.94
C ASN M 6 -29.87 11.64 65.44
N ALA M 7 -28.95 12.58 65.33
CA ALA M 7 -29.27 13.93 64.88
C ALA M 7 -28.94 14.13 63.40
N THR M 8 -27.69 13.90 63.01
CA THR M 8 -27.22 14.11 61.64
C THR M 8 -27.60 15.51 61.15
N PHE M 9 -27.05 16.50 61.83
CA PHE M 9 -27.36 17.90 61.66
C PHE M 9 -26.18 18.65 61.03
N PRO M 10 -26.43 19.76 60.35
CA PRO M 10 -25.32 20.55 59.82
C PRO M 10 -24.44 21.09 60.93
N CYS M 11 -23.13 20.96 60.75
CA CYS M 11 -22.19 21.35 61.79
C CYS M 11 -22.18 22.86 62.00
N PHE M 12 -22.50 23.63 60.96
CA PHE M 12 -22.61 25.08 61.08
C PHE M 12 -23.66 25.51 62.08
N GLN M 13 -24.68 24.68 62.31
CA GLN M 13 -25.83 25.04 63.14
C GLN M 13 -26.00 23.99 64.23
N PRO M 14 -25.24 24.09 65.31
CA PRO M 14 -25.40 23.14 66.41
C PRO M 14 -26.71 23.38 67.14
N PRO M 15 -27.26 22.38 67.81
CA PRO M 15 -28.53 22.55 68.53
C PRO M 15 -28.42 23.30 69.85
N CYS M 16 -27.24 23.77 70.24
CA CYS M 16 -27.07 24.43 71.52
C CYS M 16 -27.46 25.90 71.51
N VAL M 17 -27.60 26.49 70.32
CA VAL M 17 -27.51 27.96 70.14
C VAL M 17 -28.27 28.68 71.24
N PRO M 18 -27.59 29.43 72.12
CA PRO M 18 -26.13 29.57 72.12
C PRO M 18 -25.43 28.82 73.26
N CYS M 19 -24.11 28.94 73.32
CA CYS M 19 -23.32 28.46 74.46
C CYS M 19 -23.45 26.95 74.68
N CYS M 20 -22.91 26.16 73.73
CA CYS M 20 -22.82 24.72 73.94
C CYS M 20 -22.13 24.38 75.24
N TYR M 21 -20.93 24.93 75.47
CA TYR M 21 -20.08 24.43 76.55
C TYR M 21 -20.58 24.90 77.91
N GLU M 22 -20.99 26.17 78.02
CA GLU M 22 -21.40 26.70 79.31
C GLU M 22 -22.65 25.99 79.83
N ASN M 23 -23.58 25.64 78.95
CA ASN M 23 -24.78 24.92 79.39
C ASN M 23 -24.44 23.54 79.92
N ASN M 24 -23.63 22.78 79.18
CA ASN M 24 -23.30 21.40 79.55
C ASN M 24 -21.91 21.08 79.04
N ALA M 25 -20.91 21.17 79.93
CA ALA M 25 -19.53 21.06 79.50
C ALA M 25 -19.18 19.66 79.02
N GLU M 26 -19.52 18.65 79.83
CA GLU M 26 -19.08 17.29 79.54
C GLU M 26 -19.79 16.73 78.32
N ALA M 27 -21.10 17.00 78.21
CA ALA M 27 -21.84 16.56 77.03
C ALA M 27 -21.34 17.26 75.76
N THR M 28 -21.06 18.57 75.85
CA THR M 28 -20.49 19.27 74.71
C THR M 28 -19.17 18.66 74.30
N LEU M 29 -18.33 18.34 75.27
CA LEU M 29 -17.00 17.83 74.98
C LEU M 29 -17.09 16.45 74.33
N ARG M 30 -17.99 15.60 74.84
CA ARG M 30 -18.28 14.33 74.20
C ARG M 30 -18.82 14.49 72.78
N MET M 31 -19.71 15.45 72.55
CA MET M 31 -20.25 15.64 71.20
C MET M 31 -19.17 16.09 70.23
N LEU M 32 -18.24 16.93 70.69
CA LEU M 32 -17.08 17.28 69.88
C LEU M 32 -16.24 16.04 69.58
N GLU M 33 -16.08 15.19 70.58
CA GLU M 33 -15.24 14.01 70.48
C GLU M 33 -15.80 12.93 69.57
N ASP M 34 -17.12 12.88 69.40
CA ASP M 34 -17.75 11.79 68.65
C ASP M 34 -17.50 11.87 67.15
N ASN M 35 -17.07 13.02 66.63
CA ASN M 35 -17.02 13.27 65.20
C ASN M 35 -15.63 13.67 64.74
N VAL M 36 -14.57 13.10 65.33
CA VAL M 36 -13.22 13.48 64.96
C VAL M 36 -12.92 13.12 63.51
N ASP M 37 -13.54 12.05 63.01
CA ASP M 37 -13.29 11.63 61.64
C ASP M 37 -14.09 12.41 60.61
N ARG M 38 -15.10 13.17 61.02
CA ARG M 38 -15.85 13.97 60.07
C ARG M 38 -15.00 15.15 59.60
N PRO M 39 -14.93 15.42 58.30
CA PRO M 39 -14.14 16.55 57.82
C PRO M 39 -14.66 17.90 58.30
N GLY M 40 -15.90 17.97 58.76
CA GLY M 40 -16.41 19.18 59.36
C GLY M 40 -16.19 19.19 60.86
N TYR M 41 -15.14 18.50 61.32
CA TYR M 41 -14.86 18.45 62.75
C TYR M 41 -14.52 19.83 63.29
N TYR M 42 -13.66 20.57 62.58
CA TYR M 42 -13.26 21.87 63.10
C TYR M 42 -14.37 22.90 62.97
N ASP M 43 -15.24 22.75 61.98
CA ASP M 43 -16.44 23.57 61.94
C ASP M 43 -17.30 23.33 63.17
N LEU M 44 -17.45 22.06 63.56
CA LEU M 44 -18.16 21.72 64.78
C LEU M 44 -17.45 22.31 66.01
N LEU M 45 -16.12 22.26 66.03
CA LEU M 45 -15.39 22.83 67.16
C LEU M 45 -15.61 24.33 67.27
N GLN M 46 -15.63 25.02 66.13
CA GLN M 46 -15.91 26.44 66.15
C GLN M 46 -17.33 26.72 66.61
N ALA M 47 -18.29 25.92 66.14
CA ALA M 47 -19.68 26.16 66.47
C ALA M 47 -19.99 25.85 67.92
N ALA M 48 -19.25 24.92 68.53
CA ALA M 48 -19.53 24.45 69.87
C ALA M 48 -18.78 25.20 70.96
N LEU M 49 -18.05 26.25 70.62
CA LEU M 49 -17.29 26.98 71.64
C LEU M 49 -17.30 28.48 71.42
N THR M 50 -18.40 29.01 70.89
CA THR M 50 -18.51 30.44 70.58
C THR M 50 -19.88 30.93 71.01
N CYS M 51 -19.91 31.92 71.93
CA CYS M 51 -21.14 32.60 72.27
C CYS M 51 -20.82 33.85 73.08
N ARG M 52 -21.66 34.87 72.95
CA ARG M 52 -21.50 36.10 73.72
C ARG M 52 -22.54 36.18 74.83
N LYS N 1 57.78 -70.42 -64.77
CA LYS N 1 57.87 -69.09 -65.37
C LYS N 1 56.65 -68.25 -65.04
N ARG N 2 55.47 -68.88 -65.13
CA ARG N 2 54.23 -68.13 -64.97
C ARG N 2 54.10 -67.58 -63.57
N GLU N 3 54.59 -68.32 -62.57
CA GLU N 3 54.48 -67.90 -61.18
C GLU N 3 55.21 -66.59 -60.94
N ARG N 4 56.31 -66.35 -61.66
CA ARG N 4 57.10 -65.16 -61.42
C ARG N 4 56.30 -63.88 -61.71
N MET N 5 55.87 -63.73 -62.96
CA MET N 5 55.05 -62.57 -63.31
C MET N 5 53.71 -62.60 -62.59
N CYS N 6 53.22 -63.79 -62.26
CA CYS N 6 51.99 -63.89 -61.47
C CYS N 6 52.16 -63.21 -60.11
N MET N 7 53.22 -63.56 -59.38
CA MET N 7 53.46 -62.96 -58.06
C MET N 7 53.80 -61.48 -58.18
N LYS N 8 54.50 -61.10 -59.26
CA LYS N 8 54.76 -59.69 -59.51
C LYS N 8 53.46 -58.89 -59.61
N ILE N 9 52.55 -59.35 -60.48
CA ILE N 9 51.27 -58.65 -60.65
C ILE N 9 50.46 -58.72 -59.36
N GLU N 10 50.56 -59.83 -58.62
CA GLU N 10 49.84 -59.95 -57.37
C GLU N 10 50.27 -58.88 -56.38
N ASN N 11 51.57 -58.76 -56.15
CA ASN N 11 52.07 -57.74 -55.22
C ASN N 11 51.81 -56.34 -55.74
N ASP N 12 51.75 -56.17 -57.06
CA ASP N 12 51.40 -54.89 -57.66
C ASP N 12 49.89 -54.64 -57.70
N CYS N 13 49.06 -55.63 -57.38
CA CYS N 13 47.62 -55.47 -57.49
C CYS N 13 46.86 -56.07 -56.31
N ILE N 14 47.48 -56.20 -55.14
CA ILE N 14 46.80 -56.71 -53.96
C ILE N 14 47.15 -55.85 -52.76
N PHE N 15 46.15 -55.48 -51.98
CA PHE N 15 46.32 -54.80 -50.71
C PHE N 15 45.43 -55.50 -49.70
N GLU N 16 45.99 -55.88 -48.55
CA GLU N 16 45.22 -56.63 -47.58
C GLU N 16 44.16 -55.75 -46.92
N VAL N 17 43.16 -56.39 -46.31
CA VAL N 17 42.09 -55.72 -45.61
C VAL N 17 42.31 -55.90 -44.12
N LYS N 18 42.53 -54.80 -43.41
CA LYS N 18 42.68 -54.79 -41.97
C LYS N 18 41.32 -54.64 -41.30
N HIS N 19 41.16 -55.29 -40.14
CA HIS N 19 40.04 -55.04 -39.26
C HIS N 19 40.38 -55.55 -37.86
N GLU N 20 40.24 -54.67 -36.87
CA GLU N 20 40.58 -55.00 -35.48
C GLU N 20 41.99 -55.55 -35.38
N GLY N 21 42.91 -54.98 -36.16
CA GLY N 21 44.29 -55.42 -36.14
C GLY N 21 44.54 -56.76 -36.78
N LYS N 22 43.58 -57.32 -37.50
CA LYS N 22 43.72 -58.64 -38.09
C LYS N 22 43.33 -58.61 -39.55
N VAL N 23 44.04 -59.37 -40.37
CA VAL N 23 43.74 -59.46 -41.79
C VAL N 23 42.43 -60.22 -41.97
N THR N 24 41.59 -59.75 -42.90
CA THR N 24 40.30 -60.35 -43.16
C THR N 24 40.03 -60.65 -44.63
N GLY N 25 40.67 -59.95 -45.55
CA GLY N 25 40.45 -60.17 -46.98
C GLY N 25 41.46 -59.40 -47.79
N TYR N 26 41.15 -59.22 -49.07
CA TYR N 26 42.01 -58.50 -49.99
C TYR N 26 41.18 -57.70 -50.98
N ALA N 27 41.62 -56.48 -51.26
CA ALA N 27 41.03 -55.64 -52.29
C ALA N 27 42.05 -55.47 -53.41
N CYS N 28 41.65 -55.77 -54.63
CA CYS N 28 42.62 -55.83 -55.72
C CYS N 28 42.33 -54.80 -56.81
N LEU N 29 43.37 -54.47 -57.56
CA LEU N 29 43.30 -53.49 -58.64
C LEU N 29 43.09 -54.24 -59.96
N VAL N 30 41.97 -53.99 -60.62
CA VAL N 30 41.72 -54.59 -61.94
C VAL N 30 41.30 -53.47 -62.88
N GLY N 31 41.95 -53.41 -64.05
CA GLY N 31 41.65 -52.37 -65.00
C GLY N 31 41.88 -50.98 -64.43
N ASP N 32 40.79 -50.25 -64.16
CA ASP N 32 40.87 -48.97 -63.47
C ASP N 32 39.88 -48.94 -62.31
N LYS N 33 39.77 -50.05 -61.59
CA LYS N 33 38.83 -50.15 -60.48
C LYS N 33 39.40 -50.99 -59.36
N VAL N 34 39.30 -50.46 -58.15
CA VAL N 34 39.60 -51.18 -56.91
C VAL N 34 38.37 -51.99 -56.57
N MET N 35 38.51 -53.29 -56.40
CA MET N 35 37.35 -54.11 -56.13
C MET N 35 37.61 -55.09 -55.00
N LYS N 36 36.60 -55.25 -54.14
CA LYS N 36 36.69 -55.94 -52.86
C LYS N 36 35.41 -56.73 -52.56
N PRO N 37 35.50 -57.89 -51.92
CA PRO N 37 34.29 -58.58 -51.49
C PRO N 37 33.53 -57.77 -50.45
N ALA N 38 32.21 -57.96 -50.43
CA ALA N 38 31.36 -57.15 -49.56
C ALA N 38 31.08 -57.83 -48.22
N HIS N 39 31.17 -59.16 -48.16
CA HIS N 39 30.93 -59.84 -46.90
C HIS N 39 32.03 -59.54 -45.88
N VAL N 40 33.21 -59.17 -46.34
CA VAL N 40 34.33 -58.86 -45.45
C VAL N 40 34.24 -57.41 -45.02
N LYS N 41 34.63 -57.15 -43.78
CA LYS N 41 34.55 -55.80 -43.20
C LYS N 41 35.91 -55.36 -42.69
N GLY N 42 36.15 -54.06 -42.75
CA GLY N 42 37.40 -53.49 -42.31
C GLY N 42 37.76 -52.28 -43.16
N VAL N 43 39.05 -51.92 -43.10
CA VAL N 43 39.59 -50.81 -43.86
C VAL N 43 40.84 -51.30 -44.59
N ILE N 44 41.07 -50.79 -45.80
CA ILE N 44 42.25 -51.17 -46.56
C ILE N 44 43.44 -50.35 -46.08
N ASP N 45 44.63 -50.96 -46.13
CA ASP N 45 45.84 -50.36 -45.57
C ASP N 45 46.47 -49.35 -46.53
N ASN N 46 45.72 -48.30 -46.84
CA ASN N 46 46.25 -47.22 -47.66
C ASN N 46 45.41 -45.96 -47.44
N ALA N 47 46.10 -44.84 -47.22
CA ALA N 47 45.41 -43.57 -47.02
C ALA N 47 44.69 -43.15 -48.29
N ASP N 48 45.30 -43.41 -49.46
CA ASP N 48 44.66 -43.05 -50.72
C ASP N 48 43.36 -43.81 -50.92
N LEU N 49 43.35 -45.10 -50.60
CA LEU N 49 42.15 -45.91 -50.79
C LEU N 49 41.12 -45.70 -49.68
N ALA N 50 41.56 -45.42 -48.46
CA ALA N 50 40.63 -45.36 -47.34
C ALA N 50 39.64 -44.22 -47.47
N LYS N 51 40.04 -43.14 -48.14
CA LYS N 51 39.16 -41.99 -48.31
C LYS N 51 38.26 -42.10 -49.53
N LEU N 52 38.40 -43.16 -50.32
CA LEU N 52 37.64 -43.28 -51.55
C LEU N 52 36.16 -43.56 -51.28
N ALA N 53 35.30 -43.03 -52.15
CA ALA N 53 33.89 -43.36 -52.13
C ALA N 53 33.67 -44.67 -52.86
N PHE N 54 33.05 -45.63 -52.18
CA PHE N 54 32.90 -46.99 -52.69
C PHE N 54 31.45 -47.22 -53.10
N LYS N 55 31.25 -47.87 -54.24
CA LYS N 55 29.93 -48.33 -54.62
C LYS N 55 29.78 -49.78 -54.23
N LYS N 56 28.78 -50.06 -53.41
CA LYS N 56 28.60 -51.35 -52.77
C LYS N 56 27.31 -52.00 -53.27
N SER N 57 27.35 -53.31 -53.49
CA SER N 57 26.14 -54.04 -53.89
C SER N 57 26.20 -55.43 -53.28
N SER N 58 25.20 -55.76 -52.46
CA SER N 58 25.11 -57.07 -51.85
C SER N 58 24.55 -58.13 -52.80
N LYS N 59 23.79 -57.72 -53.80
CA LYS N 59 23.25 -58.69 -54.76
C LYS N 59 24.38 -59.38 -55.50
N TYR N 60 25.47 -58.65 -55.77
CA TYR N 60 26.66 -59.22 -56.36
C TYR N 60 27.79 -59.42 -55.36
N ASP N 61 27.62 -58.94 -54.13
CA ASP N 61 28.60 -59.12 -53.06
C ASP N 61 29.94 -58.48 -53.44
N LEU N 62 29.92 -57.17 -53.65
CA LEU N 62 31.12 -56.53 -54.18
C LEU N 62 31.07 -55.02 -53.97
N GLU N 63 32.23 -54.44 -53.66
CA GLU N 63 32.46 -53.00 -53.69
C GLU N 63 33.46 -52.67 -54.78
N CYS N 64 33.24 -51.53 -55.44
CA CYS N 64 34.14 -50.99 -56.44
C CYS N 64 34.48 -49.55 -56.09
N ALA N 65 35.60 -49.09 -56.60
CA ALA N 65 35.99 -47.69 -56.46
C ALA N 65 36.86 -47.29 -57.63
N GLN N 66 36.85 -46.00 -57.95
CA GLN N 66 37.70 -45.45 -58.98
C GLN N 66 39.10 -45.26 -58.42
N ILE N 67 40.09 -45.87 -59.08
CA ILE N 67 41.48 -45.79 -58.64
C ILE N 67 42.00 -44.38 -58.92
N PRO N 68 42.92 -43.87 -58.11
CA PRO N 68 43.49 -42.54 -58.39
C PRO N 68 44.32 -42.58 -59.65
N VAL N 69 44.45 -41.39 -60.26
CA VAL N 69 45.10 -41.29 -61.57
C VAL N 69 46.55 -41.72 -61.48
N HIS N 70 47.26 -41.28 -60.43
CA HIS N 70 48.67 -41.58 -60.29
C HIS N 70 48.95 -43.07 -60.05
N MET N 71 47.95 -43.86 -59.70
CA MET N 71 48.10 -45.29 -59.53
C MET N 71 47.53 -46.08 -60.70
N ARG N 72 47.14 -45.40 -61.78
CA ARG N 72 46.49 -46.09 -62.90
C ARG N 72 47.43 -47.05 -63.62
N SER N 73 48.73 -46.86 -63.50
CA SER N 73 49.70 -47.68 -64.21
C SER N 73 50.09 -48.94 -63.43
N ASP N 74 49.58 -49.12 -62.22
CA ASP N 74 49.97 -50.22 -61.35
C ASP N 74 48.87 -51.26 -61.20
N ALA N 75 48.01 -51.39 -62.22
CA ALA N 75 46.88 -52.29 -62.18
C ALA N 75 47.00 -53.35 -63.27
N SER N 76 46.23 -54.41 -63.12
CA SER N 76 46.32 -55.56 -64.02
C SER N 76 45.61 -55.27 -65.34
N LYS N 77 45.44 -56.32 -66.15
CA LYS N 77 44.60 -56.28 -67.33
C LYS N 77 43.54 -57.38 -67.24
N TYR N 78 42.34 -57.05 -67.68
CA TYR N 78 41.17 -57.90 -67.55
C TYR N 78 40.89 -58.64 -68.85
N THR N 79 39.95 -59.58 -68.78
CA THR N 79 39.47 -60.27 -69.97
C THR N 79 38.08 -60.82 -69.69
N HIS N 80 37.38 -61.17 -70.77
CA HIS N 80 36.08 -61.81 -70.68
C HIS N 80 36.03 -63.18 -71.33
N GLU N 81 37.01 -63.54 -72.14
CA GLU N 81 37.04 -64.86 -72.77
C GLU N 81 37.25 -65.93 -71.72
N LYS N 82 36.51 -67.03 -71.82
CA LYS N 82 36.52 -68.08 -70.82
C LYS N 82 36.69 -69.44 -71.48
N PRO N 83 37.86 -69.72 -72.05
CA PRO N 83 38.10 -71.04 -72.62
C PRO N 83 38.27 -72.09 -71.53
N GLU N 84 37.74 -73.27 -71.79
CA GLU N 84 37.76 -74.36 -70.83
C GLU N 84 39.20 -74.80 -70.56
N GLY N 85 39.48 -75.22 -69.34
CA GLY N 85 40.77 -75.81 -69.10
C GLY N 85 41.34 -75.42 -67.73
N HIS N 86 42.56 -74.88 -67.75
CA HIS N 86 43.39 -74.73 -66.56
C HIS N 86 43.77 -73.27 -66.37
N TYR N 87 43.82 -72.82 -65.11
CA TYR N 87 44.14 -71.45 -64.78
C TYR N 87 44.93 -71.42 -63.47
N ASN N 88 45.60 -70.32 -63.20
CA ASN N 88 46.50 -70.21 -62.05
C ASN N 88 45.83 -69.49 -60.89
N TRP N 89 46.43 -69.64 -59.71
CA TRP N 89 45.90 -68.99 -58.51
C TRP N 89 47.02 -68.84 -57.50
N HIS N 90 46.82 -67.93 -56.54
CA HIS N 90 47.86 -67.63 -55.56
C HIS N 90 48.25 -68.86 -54.73
N HIS N 91 47.34 -69.83 -54.61
CA HIS N 91 47.62 -71.07 -53.88
C HIS N 91 47.69 -72.28 -54.81
N GLY N 92 47.96 -72.07 -56.09
CA GLY N 92 48.19 -73.20 -56.98
C GLY N 92 47.41 -73.19 -58.28
N ALA N 93 46.61 -74.22 -58.51
CA ALA N 93 45.94 -74.45 -59.78
C ALA N 93 44.43 -74.45 -59.60
N VAL N 94 43.72 -73.97 -60.62
CA VAL N 94 42.27 -74.00 -60.65
C VAL N 94 41.83 -74.53 -62.01
N GLN N 95 40.64 -75.12 -62.06
CA GLN N 95 40.13 -75.72 -63.29
C GLN N 95 38.77 -75.13 -63.66
N TYR N 96 38.62 -74.76 -64.92
CA TYR N 96 37.37 -74.24 -65.46
C TYR N 96 36.74 -75.35 -66.30
N SER N 97 35.72 -75.99 -65.75
CA SER N 97 35.00 -77.07 -66.41
C SER N 97 33.50 -76.92 -66.17
N GLY N 98 32.73 -77.05 -67.24
CA GLY N 98 31.28 -76.95 -67.13
C GLY N 98 30.81 -75.62 -66.60
N GLY N 99 31.49 -74.54 -66.97
CA GLY N 99 31.14 -73.24 -66.42
C GLY N 99 31.46 -73.07 -64.96
N ARG N 100 32.21 -74.00 -64.37
CA ARG N 100 32.47 -73.99 -62.94
C ARG N 100 33.96 -73.99 -62.67
N PHE N 101 34.36 -73.17 -61.70
CA PHE N 101 35.74 -73.09 -61.25
C PHE N 101 35.91 -74.05 -60.08
N THR N 102 36.95 -74.86 -60.11
CA THR N 102 37.16 -75.84 -59.06
C THR N 102 38.61 -75.83 -58.58
N ILE N 103 38.74 -75.95 -57.26
CA ILE N 103 40.01 -76.20 -56.58
C ILE N 103 40.11 -77.70 -56.36
N PRO N 104 41.07 -78.38 -57.00
CA PRO N 104 41.25 -79.82 -56.71
C PRO N 104 41.65 -80.09 -55.27
N THR N 105 42.44 -79.22 -54.65
CA THR N 105 43.03 -79.51 -53.36
C THR N 105 42.05 -79.37 -52.20
N GLY N 106 41.13 -78.41 -52.25
CA GLY N 106 40.39 -78.07 -51.06
C GLY N 106 41.24 -77.43 -49.99
N ALA N 107 42.16 -76.55 -50.37
CA ALA N 107 43.06 -75.88 -49.46
C ALA N 107 42.57 -74.50 -49.05
N GLY N 108 41.38 -74.08 -49.50
CA GLY N 108 40.84 -72.79 -49.15
C GLY N 108 40.50 -72.63 -47.69
N LYS N 109 40.60 -71.40 -47.19
CA LYS N 109 40.37 -71.08 -45.79
C LYS N 109 39.80 -69.69 -45.65
N PRO N 110 39.18 -69.36 -44.51
CA PRO N 110 38.76 -67.98 -44.28
C PRO N 110 39.92 -67.01 -44.36
N GLY N 111 39.66 -65.83 -44.89
CA GLY N 111 40.68 -64.85 -45.16
C GLY N 111 41.26 -64.91 -46.55
N ASP N 112 40.89 -65.91 -47.36
CA ASP N 112 41.34 -66.02 -48.74
C ASP N 112 40.40 -65.35 -49.72
N SER N 113 39.34 -64.71 -49.25
CA SER N 113 38.41 -64.03 -50.14
C SER N 113 39.09 -62.81 -50.78
N GLY N 114 38.81 -62.59 -52.05
CA GLY N 114 39.36 -61.46 -52.76
C GLY N 114 40.65 -61.73 -53.51
N ARG N 115 41.16 -62.96 -53.46
CA ARG N 115 42.40 -63.28 -54.16
C ARG N 115 42.07 -63.61 -55.61
N PRO N 116 42.56 -62.84 -56.57
CA PRO N 116 42.11 -63.02 -57.96
C PRO N 116 42.68 -64.28 -58.59
N ILE N 117 41.97 -64.76 -59.61
CA ILE N 117 42.38 -65.89 -60.42
C ILE N 117 42.86 -65.34 -61.77
N PHE N 118 43.98 -65.86 -62.28
CA PHE N 118 44.60 -65.34 -63.48
C PHE N 118 44.52 -66.33 -64.65
N ASP N 119 44.67 -65.78 -65.84
CA ASP N 119 44.74 -66.52 -67.09
C ASP N 119 46.19 -66.83 -67.45
N ASN N 120 46.40 -67.40 -68.65
CA ASN N 120 47.74 -67.72 -69.13
C ASN N 120 48.61 -66.49 -69.37
N LYS N 121 48.02 -65.36 -69.75
CA LYS N 121 48.79 -64.16 -70.00
C LYS N 121 48.87 -63.25 -68.78
N GLY N 122 48.45 -63.75 -67.62
CA GLY N 122 48.43 -62.97 -66.41
C GLY N 122 47.18 -62.15 -66.20
N ARG N 123 46.25 -62.17 -67.16
CA ARG N 123 45.05 -61.36 -67.04
C ARG N 123 44.09 -61.96 -66.02
N VAL N 124 43.50 -61.09 -65.21
CA VAL N 124 42.58 -61.51 -64.16
C VAL N 124 41.27 -61.94 -64.82
N VAL N 125 40.76 -63.10 -64.41
CA VAL N 125 39.61 -63.71 -65.05
C VAL N 125 38.43 -63.80 -64.08
N ALA N 126 38.70 -63.85 -62.78
CA ALA N 126 37.66 -63.96 -61.78
C ALA N 126 38.21 -63.47 -60.44
N ILE N 127 37.34 -63.43 -59.43
CA ILE N 127 37.77 -63.21 -58.05
C ILE N 127 37.01 -64.16 -57.15
N VAL N 128 37.72 -64.87 -56.29
CA VAL N 128 37.13 -65.88 -55.42
C VAL N 128 36.40 -65.19 -54.26
N LEU N 129 35.11 -65.50 -54.13
CA LEU N 129 34.31 -65.06 -53.00
C LEU N 129 34.25 -66.10 -51.90
N GLY N 130 33.98 -67.36 -52.26
CA GLY N 130 33.90 -68.41 -51.27
C GLY N 130 34.09 -69.77 -51.92
N GLY N 131 34.07 -70.80 -51.09
CA GLY N 131 34.24 -72.15 -51.57
C GLY N 131 33.16 -73.08 -51.04
N ALA N 132 32.91 -74.14 -51.79
CA ALA N 132 31.95 -75.17 -51.44
C ALA N 132 32.63 -76.53 -51.51
N ASN N 133 32.61 -77.27 -50.41
CA ASN N 133 33.28 -78.56 -50.30
C ASN N 133 32.41 -79.64 -50.94
N GLU N 134 32.78 -80.07 -52.14
CA GLU N 134 32.06 -81.13 -52.85
C GLU N 134 33.03 -82.30 -52.96
N GLY N 135 32.85 -83.29 -52.09
CA GLY N 135 33.75 -84.43 -52.09
C GLY N 135 35.16 -84.00 -51.76
N SER N 136 36.11 -84.34 -52.64
CA SER N 136 37.49 -83.93 -52.48
C SER N 136 37.79 -82.59 -53.14
N ARG N 137 36.82 -81.98 -53.80
CA ARG N 137 37.02 -80.76 -54.57
C ARG N 137 36.34 -79.59 -53.87
N THR N 138 36.65 -78.38 -54.35
CA THR N 138 36.00 -77.18 -53.85
C THR N 138 35.49 -76.36 -55.03
N ALA N 139 34.19 -76.31 -55.21
CA ALA N 139 33.59 -75.44 -56.21
C ALA N 139 33.69 -73.99 -55.74
N LEU N 140 34.10 -73.10 -56.62
CA LEU N 140 34.41 -71.74 -56.23
C LEU N 140 33.27 -70.79 -56.57
N SER N 141 32.66 -70.21 -55.53
CA SER N 141 31.66 -69.16 -55.72
C SER N 141 32.41 -67.86 -55.98
N VAL N 142 32.30 -67.34 -57.20
CA VAL N 142 33.12 -66.23 -57.65
C VAL N 142 32.25 -65.22 -58.40
N VAL N 143 32.80 -64.02 -58.58
CA VAL N 143 32.20 -62.99 -59.44
C VAL N 143 33.07 -62.87 -60.69
N THR N 144 32.46 -63.07 -61.84
CA THR N 144 33.18 -63.03 -63.10
C THR N 144 32.51 -62.03 -64.05
N TRP N 145 33.13 -61.87 -65.21
CA TRP N 145 32.75 -60.82 -66.15
C TRP N 145 32.30 -61.42 -67.47
N ASN N 146 31.18 -60.92 -67.98
CA ASN N 146 30.83 -61.11 -69.37
C ASN N 146 31.40 -59.95 -70.17
N LYS N 147 30.96 -59.80 -71.43
CA LYS N 147 31.46 -58.69 -72.23
C LYS N 147 31.10 -57.35 -71.61
N ASP N 148 29.89 -57.22 -71.07
CA ASP N 148 29.41 -55.95 -70.55
C ASP N 148 28.84 -56.12 -69.15
N MET N 149 28.63 -57.36 -68.74
CA MET N 149 27.80 -57.68 -67.58
C MET N 149 28.65 -58.39 -66.53
N VAL N 150 28.31 -58.18 -65.26
CA VAL N 150 28.99 -58.83 -64.14
C VAL N 150 28.06 -59.91 -63.59
N THR N 151 28.55 -61.13 -63.46
CA THR N 151 27.75 -62.25 -63.00
C THR N 151 28.41 -62.91 -61.80
N ARG N 152 27.61 -63.62 -61.01
CA ARG N 152 28.08 -64.31 -59.82
C ARG N 152 27.63 -65.76 -59.87
N VAL N 153 28.55 -66.67 -59.56
CA VAL N 153 28.24 -68.10 -59.46
C VAL N 153 28.46 -68.52 -58.03
N THR N 154 27.44 -69.18 -57.45
CA THR N 154 27.47 -69.64 -56.07
C THR N 154 26.85 -71.03 -56.00
N PRO N 155 27.65 -72.08 -56.05
CA PRO N 155 27.11 -73.43 -55.93
C PRO N 155 26.61 -73.69 -54.51
N GLU N 156 25.72 -74.68 -54.40
CA GLU N 156 25.10 -74.97 -53.11
C GLU N 156 26.14 -75.45 -52.11
N GLY N 157 25.92 -75.08 -50.84
CA GLY N 157 26.84 -75.45 -49.79
C GLY N 157 28.05 -74.56 -49.65
N SER N 158 28.10 -73.46 -50.41
CA SER N 158 29.24 -72.55 -50.33
C SER N 158 29.21 -71.78 -49.01
N GLU N 159 30.37 -71.26 -48.63
CA GLU N 159 30.48 -70.44 -47.43
C GLU N 159 31.44 -69.28 -47.69
N GLU N 160 31.07 -68.10 -47.18
CA GLU N 160 31.86 -66.90 -47.35
C GLU N 160 33.15 -67.02 -46.54
N TRP N 161 34.26 -66.64 -47.14
CA TRP N 161 35.55 -66.72 -46.44
C TRP N 161 35.98 -65.35 -45.91
N LYS O 1 85.15 -39.60 -50.54
CA LYS O 1 85.47 -38.98 -49.26
C LYS O 1 84.53 -37.81 -48.97
N ARG O 2 84.56 -36.80 -49.84
CA ARG O 2 83.63 -35.68 -49.69
C ARG O 2 82.19 -36.15 -49.83
N GLU O 3 81.93 -37.04 -50.79
CA GLU O 3 80.59 -37.57 -50.96
C GLU O 3 80.15 -38.37 -49.74
N ARG O 4 81.07 -39.17 -49.18
CA ARG O 4 80.75 -39.92 -47.97
C ARG O 4 80.43 -39.00 -46.80
N MET O 5 81.26 -37.97 -46.59
CA MET O 5 81.00 -37.03 -45.52
C MET O 5 79.67 -36.33 -45.70
N CYS O 6 79.39 -35.91 -46.93
CA CYS O 6 78.09 -35.30 -47.23
C CYS O 6 76.95 -36.27 -46.93
N MET O 7 77.15 -37.56 -47.25
CA MET O 7 76.08 -38.53 -47.05
C MET O 7 75.77 -38.74 -45.57
N LYS O 8 76.80 -38.99 -44.74
CA LYS O 8 76.53 -39.15 -43.31
C LYS O 8 76.02 -37.86 -42.66
N ILE O 9 76.57 -36.72 -43.05
CA ILE O 9 76.08 -35.46 -42.49
C ILE O 9 74.61 -35.27 -42.83
N GLU O 10 74.24 -35.55 -44.09
CA GLU O 10 72.84 -35.44 -44.49
C GLU O 10 71.96 -36.40 -43.72
N ASN O 11 72.41 -37.65 -43.55
CA ASN O 11 71.58 -38.63 -42.86
C ASN O 11 71.37 -38.26 -41.40
N ASP O 12 72.40 -37.72 -40.75
CA ASP O 12 72.26 -37.29 -39.37
C ASP O 12 71.59 -35.93 -39.25
N CYS O 13 71.39 -35.21 -40.35
CA CYS O 13 70.87 -33.85 -40.28
C CYS O 13 69.67 -33.60 -41.18
N ILE O 14 69.04 -34.62 -41.75
CA ILE O 14 67.88 -34.43 -42.61
C ILE O 14 66.78 -35.39 -42.21
N PHE O 15 65.54 -34.89 -42.16
CA PHE O 15 64.36 -35.69 -41.89
C PHE O 15 63.25 -35.29 -42.86
N GLU O 16 62.53 -36.28 -43.38
CA GLU O 16 61.50 -35.99 -44.37
C GLU O 16 60.24 -35.41 -43.71
N VAL O 17 59.42 -34.78 -44.53
CA VAL O 17 58.17 -34.17 -44.10
C VAL O 17 57.02 -34.95 -44.73
N LYS O 18 56.07 -35.37 -43.91
CA LYS O 18 54.96 -36.19 -44.35
C LYS O 18 53.69 -35.35 -44.43
N HIS O 19 52.98 -35.44 -45.55
CA HIS O 19 51.69 -34.77 -45.71
C HIS O 19 50.84 -35.61 -46.66
N GLU O 20 49.69 -36.06 -46.18
CA GLU O 20 48.75 -36.86 -46.98
C GLU O 20 49.41 -38.13 -47.51
N GLY O 21 50.35 -38.69 -46.75
CA GLY O 21 51.04 -39.90 -47.14
C GLY O 21 52.14 -39.72 -48.16
N LYS O 22 52.45 -38.47 -48.55
CA LYS O 22 53.47 -38.19 -49.54
C LYS O 22 54.49 -37.24 -48.95
N VAL O 23 55.74 -37.36 -49.41
CA VAL O 23 56.80 -36.48 -48.96
C VAL O 23 56.65 -35.12 -49.63
N THR O 24 56.73 -34.05 -48.83
CA THR O 24 56.67 -32.70 -49.35
C THR O 24 58.00 -31.97 -49.33
N GLY O 25 58.92 -32.36 -48.44
CA GLY O 25 60.20 -31.68 -48.35
C GLY O 25 61.06 -32.30 -47.27
N TYR O 26 62.18 -31.63 -47.01
CA TYR O 26 63.15 -32.09 -46.03
C TYR O 26 63.41 -30.99 -45.01
N ALA O 27 63.69 -31.38 -43.77
CA ALA O 27 64.05 -30.48 -42.70
C ALA O 27 65.46 -30.80 -42.23
N CYS O 28 66.30 -29.79 -42.13
CA CYS O 28 67.72 -29.95 -41.83
C CYS O 28 68.07 -29.29 -40.50
N LEU O 29 69.10 -29.83 -39.85
CA LEU O 29 69.61 -29.32 -38.58
C LEU O 29 70.97 -28.69 -38.84
N VAL O 30 71.04 -27.36 -38.76
CA VAL O 30 72.28 -26.61 -38.97
C VAL O 30 72.51 -25.73 -37.75
N GLY O 31 73.68 -25.86 -37.14
CA GLY O 31 74.03 -25.03 -36.00
C GLY O 31 73.10 -25.26 -34.83
N ASP O 32 72.21 -24.29 -34.58
CA ASP O 32 71.22 -24.40 -33.51
C ASP O 32 69.83 -24.00 -33.98
N LYS O 33 69.48 -24.24 -35.23
CA LYS O 33 68.16 -23.92 -35.75
C LYS O 33 67.70 -25.01 -36.71
N VAL O 34 66.47 -25.50 -36.51
CA VAL O 34 65.82 -26.34 -37.50
C VAL O 34 65.10 -25.46 -38.51
N MET O 35 65.32 -25.74 -39.79
CA MET O 35 64.74 -24.97 -40.88
C MET O 35 63.76 -25.82 -41.67
N LYS O 36 62.73 -25.16 -42.20
CA LYS O 36 61.76 -25.81 -43.07
C LYS O 36 61.20 -24.80 -44.07
N PRO O 37 61.13 -25.12 -45.35
CA PRO O 37 60.53 -24.18 -46.30
C PRO O 37 59.07 -23.89 -45.96
N ALA O 38 58.76 -22.60 -45.83
CA ALA O 38 57.42 -22.21 -45.40
C ALA O 38 56.37 -22.61 -46.43
N HIS O 39 56.69 -22.48 -47.72
CA HIS O 39 55.75 -22.88 -48.76
C HIS O 39 55.45 -24.37 -48.71
N VAL O 40 56.38 -25.18 -48.23
CA VAL O 40 56.15 -26.61 -48.07
C VAL O 40 55.18 -26.82 -46.92
N LYS O 41 54.09 -27.53 -47.19
CA LYS O 41 53.09 -27.84 -46.18
C LYS O 41 53.23 -29.30 -45.75
N GLY O 42 53.10 -29.53 -44.45
CA GLY O 42 53.20 -30.87 -43.92
C GLY O 42 53.66 -30.83 -42.47
N VAL O 43 54.08 -31.99 -41.99
CA VAL O 43 54.58 -32.13 -40.63
C VAL O 43 55.89 -32.91 -40.67
N ILE O 44 56.85 -32.49 -39.85
CA ILE O 44 58.15 -33.15 -39.81
C ILE O 44 57.98 -34.56 -39.25
N ASP O 45 58.63 -35.53 -39.88
CA ASP O 45 58.54 -36.93 -39.47
C ASP O 45 59.42 -37.20 -38.26
N ASN O 46 59.06 -36.58 -37.14
CA ASN O 46 59.74 -36.81 -35.87
C ASN O 46 58.87 -36.28 -34.75
N ALA O 47 58.66 -37.09 -33.71
CA ALA O 47 57.80 -36.69 -32.61
C ALA O 47 58.36 -35.48 -31.88
N ASP O 48 59.67 -35.48 -31.60
CA ASP O 48 60.29 -34.36 -30.90
C ASP O 48 60.21 -33.09 -31.74
N LEU O 49 60.48 -33.20 -33.04
CA LEU O 49 60.40 -32.05 -33.93
C LEU O 49 58.96 -31.71 -34.30
N ALA O 50 57.99 -32.55 -33.95
CA ALA O 50 56.60 -32.23 -34.25
C ALA O 50 56.01 -31.19 -33.29
N LYS O 51 56.39 -31.24 -32.02
CA LYS O 51 55.78 -30.39 -31.01
C LYS O 51 56.49 -29.06 -30.82
N LEU O 52 57.62 -28.84 -31.47
CA LEU O 52 58.38 -27.61 -31.28
C LEU O 52 57.60 -26.40 -31.81
N ALA O 53 57.85 -25.25 -31.19
CA ALA O 53 57.27 -23.99 -31.65
C ALA O 53 58.07 -23.47 -32.83
N PHE O 54 57.37 -23.20 -33.93
CA PHE O 54 58.00 -22.77 -35.17
C PHE O 54 57.68 -21.31 -35.43
N LYS O 55 58.72 -20.52 -35.71
CA LYS O 55 58.57 -19.11 -36.00
C LYS O 55 58.73 -18.94 -37.51
N LYS O 56 57.71 -18.35 -38.14
CA LYS O 56 57.61 -18.27 -39.59
C LYS O 56 57.94 -16.86 -40.07
N SER O 57 58.58 -16.78 -41.25
CA SER O 57 58.85 -15.49 -41.86
C SER O 57 58.59 -15.61 -43.36
N SER O 58 57.38 -15.25 -43.78
CA SER O 58 56.95 -15.43 -45.16
C SER O 58 57.78 -14.61 -46.14
N LYS O 59 58.24 -13.42 -45.74
CA LYS O 59 59.08 -12.64 -46.64
C LYS O 59 60.44 -13.28 -46.84
N TYR O 60 60.77 -14.27 -46.01
CA TYR O 60 61.97 -15.08 -46.17
C TYR O 60 61.65 -16.50 -46.63
N ASP O 61 60.38 -16.88 -46.61
CA ASP O 61 59.93 -18.22 -47.01
C ASP O 61 60.63 -19.30 -46.20
N LEU O 62 60.55 -19.17 -44.88
CA LEU O 62 61.27 -20.08 -44.00
C LEU O 62 60.59 -20.14 -42.63
N GLU O 63 60.59 -21.33 -42.03
CA GLU O 63 60.12 -21.53 -40.68
C GLU O 63 61.26 -22.13 -39.87
N CYS O 64 61.59 -21.49 -38.74
CA CYS O 64 62.75 -21.88 -37.95
C CYS O 64 62.30 -22.22 -36.53
N ALA O 65 63.00 -23.19 -35.93
CA ALA O 65 62.70 -23.63 -34.58
C ALA O 65 63.98 -23.94 -33.84
N GLN O 66 63.87 -24.09 -32.53
CA GLN O 66 65.01 -24.40 -31.68
C GLN O 66 64.99 -25.89 -31.32
N ILE O 67 66.13 -26.55 -31.52
CA ILE O 67 66.26 -28.00 -31.37
C ILE O 67 66.19 -28.40 -29.90
N PRO O 68 65.58 -29.54 -29.56
CA PRO O 68 65.77 -30.10 -28.22
C PRO O 68 67.24 -30.43 -27.99
N VAL O 69 67.64 -30.39 -26.72
CA VAL O 69 69.06 -30.48 -26.40
C VAL O 69 69.65 -31.81 -26.85
N HIS O 70 68.92 -32.92 -26.66
CA HIS O 70 69.46 -34.24 -26.95
C HIS O 70 69.77 -34.46 -28.42
N MET O 71 69.52 -33.48 -29.28
CA MET O 71 69.82 -33.59 -30.71
C MET O 71 70.75 -32.50 -31.20
N ARG O 72 71.16 -31.55 -30.35
CA ARG O 72 72.02 -30.47 -30.83
C ARG O 72 73.36 -30.98 -31.33
N SER O 73 73.79 -32.16 -30.88
CA SER O 73 75.03 -32.74 -31.36
C SER O 73 74.91 -33.31 -32.77
N ASP O 74 73.70 -33.53 -33.26
CA ASP O 74 73.47 -34.10 -34.58
C ASP O 74 73.22 -33.03 -35.63
N ALA O 75 73.85 -31.87 -35.48
CA ALA O 75 73.65 -30.75 -36.37
C ALA O 75 74.96 -30.37 -37.06
N SER O 76 74.84 -30.01 -38.33
CA SER O 76 76.01 -29.59 -39.09
C SER O 76 76.45 -28.20 -38.64
N LYS O 77 77.68 -27.84 -39.00
CA LYS O 77 78.21 -26.53 -38.67
C LYS O 77 78.26 -25.67 -39.93
N TYR O 78 78.03 -24.38 -39.76
CA TYR O 78 77.70 -23.47 -40.84
C TYR O 78 78.88 -22.55 -41.15
N THR O 79 78.69 -21.73 -42.17
CA THR O 79 79.67 -20.71 -42.54
C THR O 79 78.94 -19.60 -43.28
N HIS O 80 79.61 -18.45 -43.39
CA HIS O 80 79.02 -17.27 -44.00
C HIS O 80 79.82 -16.79 -45.20
N GLU O 81 80.83 -17.53 -45.62
CA GLU O 81 81.72 -17.13 -46.71
C GLU O 81 81.34 -17.90 -47.96
N LYS O 82 81.22 -17.18 -49.08
CA LYS O 82 80.84 -17.77 -50.36
C LYS O 82 81.87 -17.38 -51.42
N PRO O 83 83.04 -18.01 -51.40
CA PRO O 83 83.99 -17.82 -52.49
C PRO O 83 83.46 -18.42 -53.80
N GLU O 84 83.86 -17.81 -54.90
CA GLU O 84 83.39 -18.23 -56.22
C GLU O 84 83.89 -19.65 -56.53
N GLY O 85 83.07 -20.39 -57.25
CA GLY O 85 83.52 -21.71 -57.68
C GLY O 85 82.35 -22.69 -57.73
N HIS O 86 82.54 -23.85 -57.09
CA HIS O 86 81.56 -24.92 -57.11
C HIS O 86 81.47 -25.58 -55.74
N TYR O 87 80.31 -26.16 -55.47
CA TYR O 87 79.98 -26.70 -54.16
C TYR O 87 79.22 -28.01 -54.32
N ASN O 88 79.09 -28.74 -53.23
CA ASN O 88 78.47 -30.06 -53.27
C ASN O 88 76.97 -29.98 -52.97
N TRP O 89 76.26 -31.02 -53.39
CA TRP O 89 74.83 -31.13 -53.15
C TRP O 89 74.42 -32.58 -53.32
N HIS O 90 73.24 -32.92 -52.78
CA HIS O 90 72.75 -34.29 -52.81
C HIS O 90 72.64 -34.87 -54.21
N HIS O 91 72.51 -34.02 -55.23
CA HIS O 91 72.41 -34.46 -56.61
C HIS O 91 73.67 -34.13 -57.42
N GLY O 92 74.81 -33.96 -56.77
CA GLY O 92 76.08 -33.77 -57.45
C GLY O 92 76.73 -32.45 -57.07
N ALA O 93 76.91 -31.59 -58.07
CA ALA O 93 77.64 -30.34 -57.92
C ALA O 93 76.77 -29.15 -58.32
N VAL O 94 77.02 -28.02 -57.68
CA VAL O 94 76.35 -26.75 -57.97
C VAL O 94 77.41 -25.71 -58.27
N GLN O 95 77.08 -24.76 -59.14
CA GLN O 95 78.03 -23.74 -59.58
C GLN O 95 77.64 -22.39 -58.97
N TYR O 96 78.52 -21.83 -58.13
CA TYR O 96 78.31 -20.51 -57.57
C TYR O 96 79.17 -19.53 -58.34
N SER O 97 78.53 -18.73 -59.19
CA SER O 97 79.22 -17.72 -60.00
C SER O 97 78.36 -16.47 -60.08
N GLY O 98 78.97 -15.32 -59.85
CA GLY O 98 78.28 -14.06 -59.97
C GLY O 98 77.06 -13.93 -59.09
N GLY O 99 77.14 -14.45 -57.87
CA GLY O 99 76.00 -14.43 -56.98
C GLY O 99 74.86 -15.31 -57.43
N ARG O 100 75.13 -16.30 -58.27
CA ARG O 100 74.10 -17.19 -58.79
C ARG O 100 74.52 -18.64 -58.53
N PHE O 101 73.60 -19.41 -57.95
CA PHE O 101 73.76 -20.84 -57.79
C PHE O 101 73.03 -21.54 -58.93
N THR O 102 73.77 -22.33 -59.70
CA THR O 102 73.24 -22.94 -60.90
C THR O 102 73.40 -24.45 -60.83
N ILE O 103 72.34 -25.15 -61.23
CA ILE O 103 72.36 -26.59 -61.42
C ILE O 103 72.76 -26.86 -62.86
N PRO O 104 73.92 -27.45 -63.13
CA PRO O 104 74.30 -27.72 -64.53
C PRO O 104 73.33 -28.63 -65.25
N THR O 105 72.66 -29.52 -64.52
CA THR O 105 71.88 -30.59 -65.13
C THR O 105 70.38 -30.31 -65.20
N GLY O 106 69.87 -29.44 -64.34
CA GLY O 106 68.42 -29.27 -64.29
C GLY O 106 67.71 -30.52 -63.83
N ALA O 107 68.25 -31.21 -62.84
CA ALA O 107 67.72 -32.47 -62.35
C ALA O 107 66.81 -32.30 -61.13
N GLY O 108 66.59 -31.08 -60.66
CA GLY O 108 65.73 -30.88 -59.52
C GLY O 108 64.27 -31.20 -59.83
N LYS O 109 63.58 -31.73 -58.83
CA LYS O 109 62.18 -32.07 -58.96
C LYS O 109 61.38 -31.48 -57.79
N PRO O 110 60.11 -31.16 -58.00
CA PRO O 110 59.31 -30.58 -56.91
C PRO O 110 59.19 -31.53 -55.74
N GLY O 111 59.30 -30.98 -54.54
CA GLY O 111 59.38 -31.76 -53.33
C GLY O 111 60.78 -31.94 -52.77
N ASP O 112 61.79 -31.41 -53.45
CA ASP O 112 63.17 -31.45 -52.96
C ASP O 112 63.56 -30.19 -52.21
N SER O 113 62.62 -29.29 -51.93
CA SER O 113 62.94 -28.10 -51.17
C SER O 113 63.38 -28.48 -49.76
N GLY O 114 64.40 -27.80 -49.26
CA GLY O 114 64.92 -28.05 -47.94
C GLY O 114 66.18 -28.90 -47.88
N ARG O 115 66.78 -29.22 -49.01
CA ARG O 115 68.01 -30.01 -49.03
C ARG O 115 69.22 -29.08 -48.95
N PRO O 116 70.12 -29.26 -47.99
CA PRO O 116 71.22 -28.31 -47.82
C PRO O 116 72.20 -28.34 -48.97
N ILE O 117 72.84 -27.19 -49.19
CA ILE O 117 73.99 -27.08 -50.08
C ILE O 117 75.24 -27.05 -49.22
N PHE O 118 76.22 -27.87 -49.59
CA PHE O 118 77.39 -28.07 -48.74
C PHE O 118 78.58 -27.29 -49.26
N ASP O 119 79.48 -26.96 -48.33
CA ASP O 119 80.76 -26.37 -48.68
C ASP O 119 81.73 -27.48 -49.04
N ASN O 120 82.90 -27.09 -49.56
CA ASN O 120 83.94 -28.07 -49.84
C ASN O 120 84.49 -28.68 -48.55
N LYS O 121 84.19 -28.08 -47.40
CA LYS O 121 84.56 -28.60 -46.10
C LYS O 121 83.45 -29.42 -45.45
N GLY O 122 82.32 -29.60 -46.14
CA GLY O 122 81.17 -30.25 -45.56
C GLY O 122 80.26 -29.33 -44.76
N ARG O 123 80.62 -28.05 -44.62
CA ARG O 123 79.78 -27.10 -43.92
C ARG O 123 78.61 -26.68 -44.80
N VAL O 124 77.52 -26.32 -44.14
CA VAL O 124 76.30 -25.92 -44.83
C VAL O 124 76.41 -24.45 -45.21
N VAL O 125 76.02 -24.12 -46.44
CA VAL O 125 76.05 -22.76 -46.93
C VAL O 125 74.64 -22.22 -47.18
N ALA O 126 73.77 -23.02 -47.78
CA ALA O 126 72.46 -22.53 -48.17
C ALA O 126 71.46 -23.68 -48.20
N ILE O 127 70.19 -23.34 -48.15
CA ILE O 127 69.08 -24.29 -48.22
C ILE O 127 68.24 -23.94 -49.43
N VAL O 128 68.10 -24.88 -50.35
CA VAL O 128 67.43 -24.61 -51.62
C VAL O 128 65.93 -24.46 -51.40
N LEU O 129 65.31 -23.58 -52.18
CA LEU O 129 63.86 -23.46 -52.23
C LEU O 129 63.29 -23.90 -53.57
N GLY O 130 63.88 -23.47 -54.67
CA GLY O 130 63.36 -23.85 -55.97
C GLY O 130 64.37 -23.59 -57.06
N GLY O 131 63.96 -23.88 -58.29
CA GLY O 131 64.80 -23.69 -59.44
C GLY O 131 64.07 -22.97 -60.55
N ALA O 132 64.82 -22.16 -61.29
CA ALA O 132 64.32 -21.44 -62.46
C ALA O 132 65.05 -21.96 -63.69
N ASN O 133 64.27 -22.43 -64.66
CA ASN O 133 64.82 -23.03 -65.87
C ASN O 133 65.12 -21.94 -66.89
N GLU O 134 66.39 -21.57 -67.01
CA GLU O 134 66.85 -20.64 -68.03
C GLU O 134 67.67 -21.45 -69.03
N GLY O 135 67.14 -21.59 -70.24
CA GLY O 135 67.82 -22.39 -71.23
C GLY O 135 68.00 -23.81 -70.74
N SER O 136 69.23 -24.31 -70.84
CA SER O 136 69.54 -25.64 -70.36
C SER O 136 69.95 -25.65 -68.89
N ARG O 137 70.10 -24.49 -68.26
CA ARG O 137 70.53 -24.41 -66.88
C ARG O 137 69.37 -24.10 -65.95
N THR O 138 69.62 -24.29 -64.66
CA THR O 138 68.61 -24.08 -63.62
C THR O 138 69.26 -23.22 -62.53
N ALA O 139 68.92 -21.93 -62.54
CA ALA O 139 69.34 -21.05 -61.45
C ALA O 139 68.58 -21.42 -60.18
N LEU O 140 69.21 -21.21 -59.03
CA LEU O 140 68.65 -21.66 -57.77
C LEU O 140 68.08 -20.49 -56.99
N SER O 141 66.76 -20.53 -56.73
CA SER O 141 66.14 -19.65 -55.75
C SER O 141 66.37 -20.29 -54.38
N VAL O 142 67.27 -19.67 -53.59
CA VAL O 142 67.85 -20.30 -52.42
C VAL O 142 67.99 -19.27 -51.31
N VAL O 143 68.00 -19.75 -50.07
CA VAL O 143 68.16 -18.92 -48.88
C VAL O 143 69.60 -19.07 -48.39
N THR O 144 70.30 -17.95 -48.24
CA THR O 144 71.69 -17.93 -47.81
C THR O 144 71.86 -16.94 -46.66
N TRP O 145 73.11 -16.82 -46.19
CA TRP O 145 73.42 -16.05 -45.00
C TRP O 145 74.45 -14.97 -45.27
N ASN O 146 74.24 -13.80 -44.69
CA ASN O 146 75.27 -12.78 -44.55
C ASN O 146 76.02 -13.04 -43.25
N LYS O 147 76.78 -12.04 -42.80
CA LYS O 147 77.42 -12.15 -41.49
C LYS O 147 76.40 -12.50 -40.41
N ASP O 148 75.25 -11.83 -40.42
CA ASP O 148 74.16 -12.17 -39.52
C ASP O 148 72.77 -12.06 -40.16
N MET O 149 72.68 -11.79 -41.45
CA MET O 149 71.40 -11.56 -42.11
C MET O 149 71.06 -12.69 -43.07
N VAL O 150 69.84 -13.16 -42.98
CA VAL O 150 69.30 -14.15 -43.91
C VAL O 150 68.82 -13.43 -45.16
N THR O 151 69.22 -13.92 -46.32
CA THR O 151 68.80 -13.35 -47.59
C THR O 151 68.30 -14.44 -48.51
N ARG O 152 67.09 -14.23 -49.05
CA ARG O 152 66.48 -15.16 -49.98
C ARG O 152 66.69 -14.62 -51.39
N VAL O 153 67.62 -15.23 -52.14
CA VAL O 153 67.89 -14.83 -53.51
C VAL O 153 67.01 -15.67 -54.43
N THR O 154 66.41 -15.02 -55.42
CA THR O 154 65.41 -15.66 -56.28
C THR O 154 65.51 -15.10 -57.69
N PRO O 155 65.87 -15.92 -58.67
CA PRO O 155 65.87 -15.46 -60.06
C PRO O 155 64.46 -15.34 -60.60
N GLU O 156 64.36 -14.58 -61.70
CA GLU O 156 63.08 -14.48 -62.41
C GLU O 156 62.67 -15.84 -62.95
N GLY O 157 61.38 -16.14 -62.85
CA GLY O 157 60.86 -17.39 -63.35
C GLY O 157 61.05 -18.58 -62.43
N SER O 158 61.52 -18.36 -61.21
CA SER O 158 61.70 -19.46 -60.27
C SER O 158 60.35 -20.06 -59.90
N GLU O 159 60.34 -21.38 -59.69
CA GLU O 159 59.14 -22.09 -59.30
C GLU O 159 59.39 -22.74 -57.94
N GLU O 160 58.46 -22.55 -57.02
CA GLU O 160 58.58 -23.12 -55.67
C GLU O 160 58.38 -24.62 -55.74
N TRP O 161 59.46 -25.37 -55.54
CA TRP O 161 59.37 -26.83 -55.58
C TRP O 161 58.57 -27.36 -54.39
N LYS P 1 104.10 -36.50 -24.32
CA LYS P 1 104.82 -35.23 -24.21
C LYS P 1 103.87 -34.12 -23.76
N ARG P 2 102.94 -33.76 -24.66
CA ARG P 2 101.93 -32.76 -24.30
C ARG P 2 101.08 -33.24 -23.13
N GLU P 3 100.66 -34.51 -23.17
CA GLU P 3 99.88 -35.07 -22.07
C GLU P 3 100.69 -35.09 -20.78
N ARG P 4 101.98 -35.40 -20.87
CA ARG P 4 102.81 -35.47 -19.67
C ARG P 4 102.98 -34.10 -19.03
N MET P 5 103.25 -33.08 -19.83
CA MET P 5 103.39 -31.74 -19.27
C MET P 5 102.07 -31.22 -18.73
N CYS P 6 100.97 -31.53 -19.43
CA CYS P 6 99.65 -31.23 -18.89
C CYS P 6 99.45 -31.86 -17.52
N MET P 7 99.78 -33.14 -17.39
CA MET P 7 99.61 -33.84 -16.13
C MET P 7 100.49 -33.27 -15.02
N LYS P 8 101.76 -32.95 -15.32
CA LYS P 8 102.61 -32.48 -14.23
C LYS P 8 102.25 -31.05 -13.82
N ILE P 9 101.84 -30.21 -14.78
CA ILE P 9 101.35 -28.89 -14.41
C ILE P 9 100.08 -29.01 -13.58
N GLU P 10 99.24 -30.01 -13.89
CA GLU P 10 98.09 -30.28 -13.03
C GLU P 10 98.54 -30.69 -11.64
N ASN P 11 99.59 -31.52 -11.55
CA ASN P 11 100.13 -31.92 -10.26
C ASN P 11 100.60 -30.72 -9.46
N ASP P 12 101.18 -29.73 -10.14
CA ASP P 12 101.68 -28.55 -9.46
C ASP P 12 100.64 -27.44 -9.29
N CYS P 13 99.45 -27.59 -9.86
CA CYS P 13 98.45 -26.53 -9.79
C CYS P 13 97.05 -27.08 -9.57
N ILE P 14 96.92 -28.20 -8.87
CA ILE P 14 95.62 -28.75 -8.48
C ILE P 14 95.70 -29.20 -7.04
N PHE P 15 94.68 -28.85 -6.26
CA PHE P 15 94.59 -29.25 -4.85
C PHE P 15 93.20 -29.85 -4.63
N GLU P 16 93.13 -30.89 -3.81
CA GLU P 16 91.86 -31.55 -3.59
C GLU P 16 91.02 -30.77 -2.59
N VAL P 17 89.70 -30.83 -2.76
CA VAL P 17 88.75 -30.20 -1.85
C VAL P 17 87.90 -31.28 -1.21
N LYS P 18 87.93 -31.34 0.12
CA LYS P 18 87.25 -32.37 0.89
C LYS P 18 86.00 -31.79 1.55
N HIS P 19 84.97 -32.63 1.74
CA HIS P 19 83.79 -32.26 2.50
C HIS P 19 83.03 -33.52 2.87
N GLU P 20 82.67 -33.64 4.15
CA GLU P 20 82.03 -34.84 4.70
C GLU P 20 82.76 -36.12 4.32
N GLY P 21 84.08 -36.04 4.15
CA GLY P 21 84.88 -37.20 3.83
C GLY P 21 84.94 -37.57 2.38
N LYS P 22 84.25 -36.86 1.50
CA LYS P 22 84.27 -37.13 0.07
C LYS P 22 84.82 -35.93 -0.69
N VAL P 23 85.43 -36.22 -1.85
CA VAL P 23 85.93 -35.16 -2.73
C VAL P 23 84.75 -34.36 -3.26
N THR P 24 84.97 -33.06 -3.45
CA THR P 24 83.93 -32.20 -4.02
C THR P 24 84.39 -31.38 -5.21
N GLY P 25 85.65 -30.93 -5.27
CA GLY P 25 86.12 -30.11 -6.36
C GLY P 25 87.62 -29.93 -6.26
N TYR P 26 88.12 -28.98 -7.04
CA TYR P 26 89.54 -28.65 -7.03
C TYR P 26 89.73 -27.16 -7.24
N ALA P 27 90.74 -26.60 -6.58
CA ALA P 27 91.13 -25.21 -6.76
C ALA P 27 92.44 -25.16 -7.51
N CYS P 28 92.52 -24.33 -8.54
CA CYS P 28 93.70 -24.25 -9.39
C CYS P 28 94.33 -22.88 -9.29
N LEU P 29 95.65 -22.85 -9.29
CA LEU P 29 96.41 -21.60 -9.15
C LEU P 29 96.91 -21.19 -10.53
N VAL P 30 96.47 -20.02 -11.00
CA VAL P 30 96.86 -19.50 -12.30
C VAL P 30 97.42 -18.09 -12.10
N GLY P 31 98.48 -17.77 -12.84
CA GLY P 31 99.02 -16.44 -12.78
C GLY P 31 99.54 -16.10 -11.40
N ASP P 32 98.82 -15.25 -10.67
CA ASP P 32 99.18 -14.93 -9.30
C ASP P 32 97.98 -15.10 -8.36
N LYS P 33 96.99 -15.88 -8.76
CA LYS P 33 95.81 -16.05 -7.91
C LYS P 33 95.24 -17.45 -8.00
N VAL P 34 94.67 -17.90 -6.89
CA VAL P 34 93.98 -19.18 -6.80
C VAL P 34 92.52 -18.96 -7.16
N MET P 35 91.94 -19.90 -7.91
CA MET P 35 90.56 -19.82 -8.31
C MET P 35 89.87 -21.16 -8.12
N LYS P 36 88.64 -21.09 -7.61
CA LYS P 36 87.81 -22.19 -7.16
C LYS P 36 86.40 -22.05 -7.71
N PRO P 37 85.70 -23.15 -7.96
CA PRO P 37 84.28 -23.04 -8.28
C PRO P 37 83.49 -22.55 -7.08
N ALA P 38 82.69 -21.51 -7.31
CA ALA P 38 81.92 -20.94 -6.22
C ALA P 38 80.75 -21.82 -5.82
N HIS P 39 80.16 -22.54 -6.77
CA HIS P 39 78.99 -23.35 -6.45
C HIS P 39 79.32 -24.50 -5.52
N VAL P 40 80.51 -25.10 -5.66
CA VAL P 40 80.88 -26.22 -4.82
C VAL P 40 81.33 -25.72 -3.45
N LYS P 41 81.08 -26.51 -2.43
CA LYS P 41 81.47 -26.19 -1.07
C LYS P 41 82.50 -27.20 -0.57
N GLY P 42 83.38 -26.73 0.31
CA GLY P 42 84.42 -27.57 0.87
C GLY P 42 85.54 -26.72 1.41
N VAL P 43 86.67 -27.37 1.69
CA VAL P 43 87.85 -26.72 2.21
C VAL P 43 89.06 -27.15 1.40
N ILE P 44 89.97 -26.22 1.17
CA ILE P 44 91.19 -26.49 0.42
C ILE P 44 92.17 -27.24 1.31
N ASP P 45 92.90 -28.19 0.72
CA ASP P 45 93.85 -29.02 1.45
C ASP P 45 95.19 -28.30 1.60
N ASN P 46 95.15 -27.14 2.26
CA ASN P 46 96.36 -26.36 2.50
C ASN P 46 96.07 -25.31 3.56
N ALA P 47 96.92 -25.24 4.59
CA ALA P 47 96.72 -24.30 5.67
C ALA P 47 96.88 -22.86 5.21
N ASP P 48 97.87 -22.59 4.36
CA ASP P 48 98.06 -21.23 3.84
C ASP P 48 96.88 -20.79 2.99
N LEU P 49 96.39 -21.68 2.12
CA LEU P 49 95.31 -21.29 1.21
C LEU P 49 93.98 -21.17 1.95
N ALA P 50 93.72 -22.08 2.90
CA ALA P 50 92.44 -22.07 3.60
C ALA P 50 92.22 -20.80 4.41
N LYS P 51 93.29 -20.10 4.78
CA LYS P 51 93.17 -18.88 5.56
C LYS P 51 92.99 -17.63 4.71
N LEU P 52 93.11 -17.75 3.39
CA LEU P 52 92.96 -16.59 2.52
C LEU P 52 91.51 -16.15 2.43
N ALA P 53 91.31 -14.86 2.21
CA ALA P 53 89.98 -14.28 2.06
C ALA P 53 89.55 -14.45 0.61
N PHE P 54 88.49 -15.23 0.39
CA PHE P 54 88.05 -15.55 -0.96
C PHE P 54 87.03 -14.51 -1.43
N LYS P 55 87.41 -13.74 -2.44
CA LYS P 55 86.45 -12.84 -3.06
C LYS P 55 85.46 -13.68 -3.85
N LYS P 56 84.18 -13.47 -3.55
CA LYS P 56 83.09 -14.31 -4.06
C LYS P 56 82.38 -13.61 -5.21
N SER P 57 81.97 -14.41 -6.19
CA SER P 57 81.18 -13.91 -7.30
C SER P 57 80.22 -15.01 -7.74
N SER P 58 78.93 -14.83 -7.45
CA SER P 58 77.94 -15.84 -7.81
C SER P 58 77.46 -15.70 -9.25
N LYS P 59 77.52 -14.51 -9.83
CA LYS P 59 77.07 -14.37 -11.21
C LYS P 59 78.08 -14.97 -12.16
N TYR P 60 79.35 -14.98 -11.78
CA TYR P 60 80.39 -15.71 -12.50
C TYR P 60 80.59 -17.12 -11.98
N ASP P 61 79.98 -17.47 -10.85
CA ASP P 61 80.16 -18.78 -10.21
C ASP P 61 81.64 -19.08 -9.99
N LEU P 62 82.36 -18.13 -9.39
CA LEU P 62 83.79 -18.28 -9.15
C LEU P 62 84.16 -17.69 -7.80
N GLU P 63 85.23 -18.23 -7.21
CA GLU P 63 85.83 -17.70 -6.00
C GLU P 63 87.31 -17.49 -6.27
N CYS P 64 87.86 -16.37 -5.80
CA CYS P 64 89.25 -16.05 -6.06
C CYS P 64 89.98 -15.72 -4.77
N ALA P 65 91.31 -15.87 -4.82
CA ALA P 65 92.13 -15.50 -3.67
C ALA P 65 93.51 -15.12 -4.19
N GLN P 66 94.12 -14.14 -3.51
CA GLN P 66 95.47 -13.69 -3.86
C GLN P 66 96.47 -14.57 -3.14
N ILE P 67 97.38 -15.16 -3.91
CA ILE P 67 98.28 -16.20 -3.40
C ILE P 67 99.37 -15.62 -2.51
N PRO P 68 99.93 -16.40 -1.59
CA PRO P 68 101.18 -16.00 -0.95
C PRO P 68 102.31 -16.02 -1.96
N VAL P 69 103.33 -15.21 -1.69
CA VAL P 69 104.41 -15.03 -2.65
C VAL P 69 105.20 -16.33 -2.84
N HIS P 70 105.26 -17.16 -1.81
CA HIS P 70 106.13 -18.34 -1.87
C HIS P 70 105.56 -19.50 -2.69
N MET P 71 104.33 -19.41 -3.18
CA MET P 71 103.87 -20.28 -4.26
C MET P 71 103.81 -19.57 -5.61
N ARG P 72 104.26 -18.32 -5.69
CA ARG P 72 104.26 -17.62 -6.97
C ARG P 72 105.10 -18.36 -8.00
N SER P 73 106.14 -19.04 -7.54
CA SER P 73 107.01 -19.79 -8.44
C SER P 73 106.37 -21.06 -8.98
N ASP P 74 105.21 -21.45 -8.45
CA ASP P 74 104.50 -22.64 -8.90
C ASP P 74 103.24 -22.30 -9.67
N ALA P 75 103.33 -21.31 -10.55
CA ALA P 75 102.17 -20.71 -11.19
C ALA P 75 102.09 -21.10 -12.66
N SER P 76 100.91 -21.55 -13.07
CA SER P 76 100.66 -21.85 -14.47
C SER P 76 100.54 -20.55 -15.26
N LYS P 77 100.54 -20.68 -16.58
CA LYS P 77 100.56 -19.53 -17.48
C LYS P 77 99.22 -19.38 -18.16
N TYR P 78 98.71 -18.16 -18.19
CA TYR P 78 97.39 -17.85 -18.72
C TYR P 78 97.47 -17.33 -20.14
N THR P 79 96.31 -17.26 -20.79
CA THR P 79 96.18 -16.65 -22.10
C THR P 79 94.72 -16.27 -22.32
N HIS P 80 94.51 -15.37 -23.28
CA HIS P 80 93.16 -14.96 -23.64
C HIS P 80 92.72 -15.46 -25.00
N GLU P 81 93.64 -15.97 -25.82
CA GLU P 81 93.30 -16.39 -27.16
C GLU P 81 92.76 -17.82 -27.17
N LYS P 82 91.71 -18.02 -27.95
CA LYS P 82 91.04 -19.31 -28.06
C LYS P 82 90.90 -19.68 -29.52
N PRO P 83 92.00 -20.06 -30.17
CA PRO P 83 91.91 -20.47 -31.57
C PRO P 83 91.08 -21.74 -31.74
N GLU P 84 90.39 -21.81 -32.87
CA GLU P 84 89.50 -22.92 -33.18
C GLU P 84 90.26 -24.23 -33.20
N GLY P 85 89.68 -25.27 -32.59
CA GLY P 85 90.33 -26.57 -32.69
C GLY P 85 90.25 -27.49 -31.48
N HIS P 86 91.39 -27.98 -31.02
CA HIS P 86 91.46 -28.97 -29.95
C HIS P 86 92.33 -28.46 -28.81
N TYR P 87 92.03 -28.91 -27.60
CA TYR P 87 92.80 -28.55 -26.42
C TYR P 87 92.91 -29.75 -25.49
N ASN P 88 93.86 -29.69 -24.56
CA ASN P 88 94.12 -30.79 -23.66
C ASN P 88 93.13 -30.78 -22.50
N TRP P 89 93.01 -31.93 -21.83
CA TRP P 89 92.23 -32.02 -20.60
C TRP P 89 92.69 -33.26 -19.84
N HIS P 90 92.45 -33.25 -18.54
CA HIS P 90 92.90 -34.33 -17.67
C HIS P 90 92.34 -35.68 -18.08
N HIS P 91 91.21 -35.69 -18.79
CA HIS P 91 90.60 -36.93 -19.27
C HIS P 91 90.63 -37.04 -20.80
N GLY P 92 91.55 -36.35 -21.46
CA GLY P 92 91.70 -36.51 -22.90
C GLY P 92 91.79 -35.22 -23.68
N ALA P 93 90.96 -35.08 -24.69
CA ALA P 93 90.96 -33.91 -25.55
C ALA P 93 89.58 -33.27 -25.58
N VAL P 94 89.54 -31.94 -25.61
CA VAL P 94 88.32 -31.17 -25.69
C VAL P 94 88.30 -30.45 -27.03
N GLN P 95 87.11 -30.25 -27.58
CA GLN P 95 86.96 -29.63 -28.88
C GLN P 95 86.28 -28.27 -28.74
N TYR P 96 86.93 -27.25 -29.27
CA TYR P 96 86.40 -25.89 -29.29
C TYR P 96 86.01 -25.57 -30.72
N SER P 97 84.70 -25.47 -30.96
CA SER P 97 84.13 -25.20 -32.27
C SER P 97 82.86 -24.39 -32.10
N GLY P 98 82.75 -23.28 -32.82
CA GLY P 98 81.54 -22.49 -32.79
C GLY P 98 81.23 -21.88 -31.43
N GLY P 99 82.26 -21.47 -30.70
CA GLY P 99 82.05 -20.80 -29.43
C GLY P 99 81.67 -21.70 -28.27
N ARG P 100 81.77 -23.02 -28.43
CA ARG P 100 81.38 -23.94 -27.37
C ARG P 100 82.45 -25.00 -27.18
N PHE P 101 82.62 -25.43 -25.93
CA PHE P 101 83.51 -26.53 -25.57
C PHE P 101 82.70 -27.81 -25.50
N THR P 102 83.18 -28.86 -26.17
CA THR P 102 82.51 -30.14 -26.11
C THR P 102 83.51 -31.24 -25.78
N ILE P 103 83.02 -32.25 -25.08
CA ILE P 103 83.80 -33.45 -24.74
C ILE P 103 83.40 -34.54 -25.73
N PRO P 104 84.30 -34.99 -26.61
CA PRO P 104 83.94 -36.07 -27.52
C PRO P 104 83.50 -37.34 -26.82
N THR P 105 84.08 -37.64 -25.66
CA THR P 105 83.81 -38.90 -24.99
C THR P 105 82.45 -38.93 -24.31
N GLY P 106 82.02 -37.81 -23.73
CA GLY P 106 80.76 -37.82 -23.00
C GLY P 106 80.79 -38.64 -21.73
N ALA P 107 81.88 -38.57 -20.97
CA ALA P 107 82.01 -39.29 -19.70
C ALA P 107 82.07 -38.35 -18.50
N GLY P 108 81.47 -37.17 -18.61
CA GLY P 108 81.48 -36.21 -17.51
C GLY P 108 80.79 -36.69 -16.25
N LYS P 109 81.34 -36.34 -15.10
CA LYS P 109 80.78 -36.72 -13.81
C LYS P 109 80.85 -35.55 -12.83
N PRO P 110 79.96 -35.52 -11.85
CA PRO P 110 80.05 -34.51 -10.80
C PRO P 110 81.31 -34.68 -9.97
N GLY P 111 81.83 -33.57 -9.47
CA GLY P 111 82.99 -33.59 -8.59
C GLY P 111 84.30 -33.25 -9.26
N ASP P 112 84.32 -33.07 -10.58
CA ASP P 112 85.53 -32.71 -11.31
C ASP P 112 85.60 -31.21 -11.64
N SER P 113 84.65 -30.42 -11.15
CA SER P 113 84.67 -29.00 -11.46
C SER P 113 85.92 -28.36 -10.87
N GLY P 114 86.54 -27.48 -11.64
CA GLY P 114 87.78 -26.84 -11.25
C GLY P 114 89.03 -27.41 -11.91
N ARG P 115 88.89 -28.45 -12.73
CA ARG P 115 90.05 -28.99 -13.44
C ARG P 115 90.40 -28.09 -14.61
N PRO P 116 91.62 -27.57 -14.66
CA PRO P 116 92.00 -26.65 -15.75
C PRO P 116 91.99 -27.34 -17.10
N ILE P 117 91.73 -26.57 -18.14
CA ILE P 117 91.89 -27.00 -19.52
C ILE P 117 93.06 -26.23 -20.10
N PHE P 118 93.94 -26.94 -20.80
CA PHE P 118 95.23 -26.41 -21.22
C PHE P 118 95.24 -26.04 -22.70
N ASP P 119 96.22 -25.23 -23.08
CA ASP P 119 96.52 -24.93 -24.47
C ASP P 119 97.58 -25.90 -24.97
N ASN P 120 97.95 -25.76 -26.25
CA ASN P 120 98.96 -26.64 -26.83
C ASN P 120 100.30 -26.47 -26.14
N LYS P 121 100.68 -25.23 -25.82
CA LYS P 121 101.97 -24.94 -25.21
C LYS P 121 101.94 -25.04 -23.69
N GLY P 122 100.90 -25.63 -23.12
CA GLY P 122 100.79 -25.75 -21.68
C GLY P 122 100.13 -24.59 -20.98
N ARG P 123 99.79 -23.53 -21.70
CA ARG P 123 99.05 -22.43 -21.10
C ARG P 123 97.61 -22.88 -20.81
N VAL P 124 97.01 -22.27 -19.81
CA VAL P 124 95.65 -22.59 -19.43
C VAL P 124 94.69 -21.67 -20.17
N VAL P 125 93.58 -22.21 -20.62
CA VAL P 125 92.59 -21.45 -21.38
C VAL P 125 91.31 -21.23 -20.59
N ALA P 126 90.85 -22.24 -19.85
CA ALA P 126 89.55 -22.15 -19.20
C ALA P 126 89.49 -23.19 -18.10
N ILE P 127 88.39 -23.18 -17.33
CA ILE P 127 88.20 -24.08 -16.19
C ILE P 127 86.83 -24.71 -16.27
N VAL P 128 86.78 -26.03 -16.14
CA VAL P 128 85.52 -26.76 -16.25
C VAL P 128 84.67 -26.48 -15.02
N LEU P 129 83.39 -26.19 -15.25
CA LEU P 129 82.42 -26.00 -14.18
C LEU P 129 81.30 -27.03 -14.23
N GLY P 130 80.64 -27.19 -15.37
CA GLY P 130 79.56 -28.17 -15.43
C GLY P 130 79.42 -28.72 -16.82
N GLY P 131 78.54 -29.71 -16.95
CA GLY P 131 78.33 -30.37 -18.23
C GLY P 131 76.86 -30.66 -18.47
N ALA P 132 76.51 -30.63 -19.75
CA ALA P 132 75.17 -30.94 -20.23
C ALA P 132 75.24 -32.18 -21.10
N ASN P 133 74.36 -33.14 -20.85
CA ASN P 133 74.37 -34.40 -21.59
C ASN P 133 73.86 -34.12 -23.00
N GLU P 134 74.77 -33.82 -23.91
CA GLU P 134 74.44 -33.58 -25.31
C GLU P 134 74.48 -34.89 -26.08
N GLY P 135 73.54 -35.76 -25.74
CA GLY P 135 73.46 -37.07 -26.36
C GLY P 135 74.70 -37.91 -26.11
N SER P 136 75.41 -38.27 -27.17
CA SER P 136 76.65 -39.02 -27.04
C SER P 136 77.81 -38.15 -26.59
N ARG P 137 77.61 -36.84 -26.51
CA ARG P 137 78.62 -35.89 -26.09
C ARG P 137 78.20 -35.21 -24.79
N THR P 138 79.07 -34.35 -24.29
CA THR P 138 78.72 -33.45 -23.20
C THR P 138 79.22 -32.06 -23.54
N ALA P 139 78.33 -31.08 -23.47
CA ALA P 139 78.69 -29.70 -23.72
C ALA P 139 79.06 -29.02 -22.40
N LEU P 140 80.09 -28.20 -22.41
CA LEU P 140 80.65 -27.68 -21.17
C LEU P 140 80.16 -26.27 -20.86
N SER P 141 79.74 -26.07 -19.61
CA SER P 141 79.55 -24.75 -19.04
C SER P 141 80.84 -24.41 -18.32
N VAL P 142 81.54 -23.40 -18.83
CA VAL P 142 82.93 -23.13 -18.49
C VAL P 142 83.14 -21.63 -18.34
N VAL P 143 84.04 -21.28 -17.42
CA VAL P 143 84.45 -19.90 -17.20
C VAL P 143 85.74 -19.66 -18.00
N THR P 144 85.70 -18.69 -18.89
CA THR P 144 86.84 -18.35 -19.74
C THR P 144 87.13 -16.86 -19.62
N TRP P 145 88.13 -16.41 -20.38
CA TRP P 145 88.69 -15.07 -20.19
C TRP P 145 88.68 -14.29 -21.49
N ASN P 146 88.29 -13.02 -21.39
CA ASN P 146 88.48 -12.07 -22.47
C ASN P 146 89.83 -11.39 -22.30
N LYS P 147 90.07 -10.30 -23.03
CA LYS P 147 91.35 -9.61 -22.93
C LYS P 147 91.59 -9.11 -21.51
N ASP P 148 90.56 -8.55 -20.88
CA ASP P 148 90.70 -8.08 -19.51
C ASP P 148 89.46 -8.38 -18.67
N MET P 149 88.57 -9.25 -19.13
CA MET P 149 87.31 -9.52 -18.47
C MET P 149 87.10 -11.02 -18.36
N VAL P 150 86.25 -11.42 -17.42
CA VAL P 150 85.87 -12.82 -17.23
C VAL P 150 84.51 -13.04 -17.84
N THR P 151 84.31 -14.20 -18.47
CA THR P 151 83.02 -14.57 -19.04
C THR P 151 82.70 -16.00 -18.64
N ARG P 152 81.42 -16.32 -18.61
CA ARG P 152 80.95 -17.67 -18.32
C ARG P 152 80.00 -18.09 -19.43
N VAL P 153 80.18 -19.31 -19.95
CA VAL P 153 79.31 -19.85 -20.97
C VAL P 153 78.58 -21.05 -20.38
N THR P 154 77.26 -21.03 -20.48
CA THR P 154 76.42 -22.08 -19.88
C THR P 154 75.41 -22.58 -20.90
N PRO P 155 75.62 -23.73 -21.52
CA PRO P 155 74.63 -24.26 -22.47
C PRO P 155 73.34 -24.64 -21.76
N GLU P 156 72.24 -24.56 -22.50
CA GLU P 156 70.95 -24.89 -21.93
C GLU P 156 70.93 -26.36 -21.50
N GLY P 157 70.37 -26.60 -20.32
CA GLY P 157 70.33 -27.94 -19.78
C GLY P 157 71.57 -28.38 -19.06
N SER P 158 72.59 -27.53 -18.97
CA SER P 158 73.79 -27.89 -18.23
C SER P 158 73.52 -27.90 -16.74
N GLU P 159 74.12 -28.88 -16.06
CA GLU P 159 73.99 -29.00 -14.62
C GLU P 159 75.37 -28.98 -13.98
N GLU P 160 75.48 -28.28 -12.85
CA GLU P 160 76.77 -28.09 -12.22
C GLU P 160 77.31 -29.41 -11.68
N TRP P 161 78.61 -29.65 -11.89
CA TRP P 161 79.26 -30.84 -11.38
C TRP P 161 79.82 -30.60 -9.99
#